data_7BUT
#
_entry.id   7BUT
#
_entity_poly.entity_id   1
_entity_poly.type   'polypeptide(L)'
_entity_poly.pdbx_seq_one_letter_code
;GSMSSKSPWANPKKANAFMKCLIQKISVSPVFPQQEKEDMESIVETMMSAISGVSTSRGSSEATLQAMNMAFASSMAELV
IAEDVNNPDSIAEKTEALSQALKQCFRSTMGTVNRQFITEIKHLMTMFAAEAAQEAAAGDNE
;
_entity_poly.pdbx_strand_id   A
#
# COMPACT_ATOMS: atom_id res chain seq x y z
N GLY A 1 -17.15 12.26 -3.36
CA GLY A 1 -18.08 13.21 -4.01
C GLY A 1 -18.14 14.47 -3.22
N SER A 2 -19.24 15.26 -3.39
CA SER A 2 -19.39 16.49 -2.65
C SER A 2 -19.45 16.15 -1.19
N MET A 3 -20.24 15.09 -0.86
CA MET A 3 -20.35 14.67 0.51
C MET A 3 -20.21 13.18 0.48
N SER A 4 -19.18 12.65 1.18
CA SER A 4 -18.98 11.22 1.21
C SER A 4 -18.46 10.88 2.56
N SER A 5 -18.78 9.65 3.04
CA SER A 5 -18.31 9.22 4.32
C SER A 5 -16.89 8.77 4.16
N LYS A 6 -16.02 9.16 5.11
CA LYS A 6 -14.63 8.77 5.03
C LYS A 6 -14.51 7.45 5.72
N SER A 7 -14.64 6.35 4.96
CA SER A 7 -14.54 5.03 5.55
C SER A 7 -13.61 4.22 4.70
N PRO A 8 -12.32 4.48 4.82
CA PRO A 8 -11.33 3.76 4.05
C PRO A 8 -11.15 2.34 4.51
N TRP A 9 -10.52 2.15 5.69
CA TRP A 9 -10.31 0.83 6.21
C TRP A 9 -11.38 0.55 7.24
N ALA A 10 -12.20 1.57 7.56
CA ALA A 10 -13.24 1.43 8.54
C ALA A 10 -14.24 0.39 8.10
N ASN A 11 -14.58 0.37 6.79
CA ASN A 11 -15.53 -0.59 6.29
C ASN A 11 -14.77 -1.59 5.45
N PRO A 12 -14.66 -2.82 5.94
CA PRO A 12 -13.96 -3.88 5.22
C PRO A 12 -14.51 -4.19 3.87
N LYS A 13 -15.83 -3.98 3.68
CA LYS A 13 -16.45 -4.29 2.41
C LYS A 13 -15.88 -3.41 1.34
N LYS A 14 -15.70 -2.11 1.65
CA LYS A 14 -15.15 -1.20 0.66
C LYS A 14 -13.66 -1.37 0.65
N ALA A 15 -13.08 -1.79 1.80
CA ALA A 15 -11.66 -1.97 1.88
C ALA A 15 -11.25 -3.07 0.94
N ASN A 16 -12.05 -4.16 0.87
CA ASN A 16 -11.71 -5.27 0.01
C ASN A 16 -11.70 -4.81 -1.43
N ALA A 17 -12.72 -4.01 -1.83
CA ALA A 17 -12.79 -3.55 -3.19
C ALA A 17 -11.60 -2.64 -3.48
N PHE A 18 -11.29 -1.74 -2.52
CA PHE A 18 -10.19 -0.83 -2.70
C PHE A 18 -8.89 -1.59 -2.83
N MET A 19 -8.65 -2.53 -1.91
CA MET A 19 -7.42 -3.29 -1.95
C MET A 19 -7.33 -4.09 -3.20
N LYS A 20 -8.42 -4.79 -3.59
CA LYS A 20 -8.36 -5.62 -4.78
C LYS A 20 -8.10 -4.76 -5.97
N CYS A 21 -8.66 -3.53 -5.98
CA CYS A 21 -8.46 -2.63 -7.11
C CYS A 21 -6.98 -2.38 -7.28
N LEU A 22 -6.28 -2.02 -6.18
CA LEU A 22 -4.85 -1.74 -6.28
C LEU A 22 -4.09 -3.01 -6.55
N ILE A 23 -4.51 -4.13 -5.91
CA ILE A 23 -3.83 -5.39 -6.07
C ILE A 23 -3.91 -5.85 -7.51
N GLN A 24 -5.10 -5.77 -8.12
CA GLN A 24 -5.27 -6.23 -9.49
C GLN A 24 -4.44 -5.40 -10.42
N LYS A 25 -4.35 -4.07 -10.19
CA LYS A 25 -3.57 -3.22 -11.06
C LYS A 25 -2.14 -3.70 -11.03
N ILE A 26 -1.63 -4.01 -9.83
CA ILE A 26 -0.28 -4.49 -9.70
C ILE A 26 -0.17 -5.84 -10.35
N SER A 27 -1.21 -6.69 -10.17
CA SER A 27 -1.19 -8.04 -10.73
C SER A 27 -1.11 -7.99 -12.23
N VAL A 28 -1.47 -6.85 -12.85
CA VAL A 28 -1.39 -6.75 -14.30
C VAL A 28 0.06 -6.99 -14.67
N SER A 29 0.99 -6.45 -13.83
CA SER A 29 2.40 -6.60 -14.06
C SER A 29 2.77 -6.16 -15.45
N PRO A 30 2.53 -4.91 -15.77
CA PRO A 30 2.87 -4.39 -17.08
C PRO A 30 4.31 -4.00 -17.18
N VAL A 31 4.95 -3.74 -16.02
CA VAL A 31 6.33 -3.35 -16.00
C VAL A 31 7.03 -4.17 -14.95
N PHE A 32 6.33 -4.39 -13.80
CA PHE A 32 6.91 -5.15 -12.72
C PHE A 32 6.79 -6.61 -13.06
N PRO A 33 7.68 -7.41 -12.51
CA PRO A 33 7.68 -8.84 -12.73
C PRO A 33 6.57 -9.56 -12.02
N GLN A 34 6.16 -10.74 -12.57
CA GLN A 34 5.09 -11.51 -11.98
C GLN A 34 5.58 -12.16 -10.71
N GLN A 35 6.91 -12.11 -10.47
CA GLN A 35 7.47 -12.71 -9.27
C GLN A 35 6.92 -11.98 -8.07
N GLU A 36 6.77 -10.63 -8.18
CA GLU A 36 6.27 -9.84 -7.08
C GLU A 36 4.83 -10.19 -6.82
N LYS A 37 4.11 -10.69 -7.85
CA LYS A 37 2.70 -11.02 -7.68
C LYS A 37 2.56 -12.11 -6.65
N GLU A 38 3.45 -13.12 -6.67
CA GLU A 38 3.35 -14.21 -5.71
C GLU A 38 3.56 -13.68 -4.32
N ASP A 39 4.54 -12.76 -4.15
CA ASP A 39 4.81 -12.21 -2.85
C ASP A 39 3.63 -11.36 -2.43
N MET A 40 3.08 -10.60 -3.39
CA MET A 40 1.96 -9.73 -3.14
C MET A 40 0.77 -10.54 -2.70
N GLU A 41 0.56 -11.72 -3.33
CA GLU A 41 -0.56 -12.56 -2.98
C GLU A 41 -0.43 -12.96 -1.54
N SER A 42 0.81 -13.29 -1.09
CA SER A 42 1.03 -13.68 0.28
C SER A 42 0.71 -12.51 1.18
N ILE A 43 1.10 -11.29 0.76
CA ILE A 43 0.85 -10.10 1.54
C ILE A 43 -0.64 -9.91 1.68
N VAL A 44 -1.40 -10.08 0.59
CA VAL A 44 -2.84 -9.89 0.63
C VAL A 44 -3.45 -10.84 1.61
N GLU A 45 -3.03 -12.13 1.58
CA GLU A 45 -3.59 -13.11 2.47
C GLU A 45 -3.25 -12.74 3.89
N THR A 46 -2.02 -12.23 4.11
CA THR A 46 -1.59 -11.86 5.45
C THR A 46 -2.39 -10.68 5.92
N MET A 47 -2.63 -9.68 5.05
CA MET A 47 -3.38 -8.51 5.46
C MET A 47 -4.78 -8.92 5.84
N MET A 48 -5.38 -9.84 5.06
CA MET A 48 -6.72 -10.29 5.36
C MET A 48 -6.68 -11.06 6.64
N SER A 49 -5.61 -11.85 6.86
CA SER A 49 -5.48 -12.62 8.08
C SER A 49 -5.39 -11.66 9.24
N ALA A 50 -4.65 -10.55 9.06
CA ALA A 50 -4.49 -9.57 10.12
C ALA A 50 -5.83 -8.97 10.45
N ILE A 51 -6.68 -8.70 9.43
CA ILE A 51 -7.98 -8.12 9.67
C ILE A 51 -8.78 -9.10 10.48
N SER A 52 -8.71 -10.40 10.10
CA SER A 52 -9.45 -11.43 10.80
C SER A 52 -8.96 -11.49 12.23
N GLY A 53 -7.63 -11.36 12.43
CA GLY A 53 -7.06 -11.40 13.76
C GLY A 53 -7.58 -10.25 14.57
N VAL A 54 -7.68 -9.06 13.95
CA VAL A 54 -8.17 -7.88 14.66
C VAL A 54 -9.59 -8.12 15.08
N SER A 55 -10.43 -8.60 14.16
CA SER A 55 -11.82 -8.86 14.50
C SER A 55 -12.36 -9.85 13.52
N THR A 56 -13.44 -10.57 13.92
CA THR A 56 -14.01 -11.55 13.04
C THR A 56 -14.73 -10.85 11.92
N SER A 57 -15.37 -9.70 12.23
CA SER A 57 -16.09 -8.97 11.21
C SER A 57 -16.59 -7.70 11.84
N ARG A 58 -17.17 -7.82 13.05
CA ARG A 58 -17.70 -6.65 13.71
C ARG A 58 -16.68 -6.21 14.72
N GLY A 59 -16.25 -4.93 14.61
CA GLY A 59 -15.29 -4.40 15.54
C GLY A 59 -14.47 -3.39 14.81
N SER A 60 -13.91 -2.41 15.56
CA SER A 60 -13.11 -1.40 14.93
C SER A 60 -12.25 -0.81 16.00
N SER A 61 -11.13 -0.17 15.61
CA SER A 61 -10.26 0.44 16.58
C SER A 61 -9.41 1.43 15.85
N GLU A 62 -9.05 2.54 16.53
CA GLU A 62 -8.22 3.55 15.93
C GLU A 62 -6.87 2.96 15.65
N ALA A 63 -6.39 2.09 16.57
CA ALA A 63 -5.10 1.46 16.41
C ALA A 63 -5.09 0.64 15.16
N THR A 64 -6.21 -0.07 14.90
CA THR A 64 -6.31 -0.91 13.74
C THR A 64 -6.27 -0.08 12.50
N LEU A 65 -7.01 1.05 12.50
CA LEU A 65 -7.06 1.89 11.32
C LEU A 65 -5.70 2.42 10.99
N GLN A 66 -4.95 2.88 11.99
CA GLN A 66 -3.64 3.44 11.72
C GLN A 66 -2.64 2.35 11.43
N ALA A 67 -2.64 1.28 12.25
CA ALA A 67 -1.68 0.22 12.07
C ALA A 67 -1.86 -0.45 10.74
N MET A 68 -3.11 -0.74 10.34
CA MET A 68 -3.32 -1.42 9.09
C MET A 68 -3.01 -0.48 7.94
N ASN A 69 -3.39 0.81 8.05
CA ASN A 69 -3.13 1.75 6.98
C ASN A 69 -1.64 1.84 6.79
N MET A 70 -0.89 1.96 7.90
CA MET A 70 0.55 2.06 7.83
C MET A 70 1.10 0.74 7.32
N ALA A 71 0.50 -0.40 7.75
CA ALA A 71 0.98 -1.70 7.35
C ALA A 71 0.88 -1.88 5.85
N PHE A 72 -0.21 -1.40 5.21
CA PHE A 72 -0.35 -1.60 3.78
C PHE A 72 0.74 -0.84 3.09
N ALA A 73 0.98 0.41 3.53
CA ALA A 73 2.00 1.22 2.91
C ALA A 73 3.35 0.60 3.17
N SER A 74 3.55 0.06 4.39
CA SER A 74 4.83 -0.52 4.75
C SER A 74 5.13 -1.72 3.88
N SER A 75 4.11 -2.58 3.61
CA SER A 75 4.37 -3.76 2.80
C SER A 75 4.74 -3.36 1.40
N MET A 76 4.04 -2.33 0.85
CA MET A 76 4.34 -1.89 -0.49
C MET A 76 5.69 -1.23 -0.48
N ALA A 77 5.98 -0.49 0.62
CA ALA A 77 7.25 0.20 0.74
C ALA A 77 8.38 -0.80 0.73
N GLU A 78 8.18 -1.97 1.38
CA GLU A 78 9.23 -2.98 1.41
C GLU A 78 9.55 -3.41 0.00
N LEU A 79 8.50 -3.62 -0.82
CA LEU A 79 8.70 -4.02 -2.19
C LEU A 79 9.40 -2.90 -2.92
N VAL A 80 8.99 -1.65 -2.61
CA VAL A 80 9.58 -0.47 -3.24
C VAL A 80 11.04 -0.39 -2.91
N ILE A 81 11.43 -0.69 -1.64
CA ILE A 81 12.82 -0.58 -1.25
C ILE A 81 13.66 -1.49 -2.09
N ALA A 82 13.22 -2.76 -2.27
CA ALA A 82 14.01 -3.70 -3.04
C ALA A 82 14.17 -3.19 -4.44
N GLU A 83 13.08 -2.68 -5.04
CA GLU A 83 13.17 -2.19 -6.40
C GLU A 83 13.98 -0.93 -6.46
N ASP A 84 13.86 -0.04 -5.46
CA ASP A 84 14.56 1.23 -5.46
C ASP A 84 16.05 1.03 -5.41
N VAL A 85 16.54 0.17 -4.50
CA VAL A 85 17.98 -0.02 -4.39
C VAL A 85 18.51 -0.68 -5.63
N ASN A 86 17.79 -1.71 -6.12
CA ASN A 86 18.24 -2.44 -7.28
C ASN A 86 18.14 -1.59 -8.53
N ASN A 87 17.06 -0.80 -8.69
CA ASN A 87 16.94 0.01 -9.88
C ASN A 87 15.92 1.10 -9.61
N PRO A 88 16.40 2.30 -9.35
CA PRO A 88 15.52 3.42 -9.07
C PRO A 88 14.71 3.88 -10.26
N ASP A 89 15.14 3.50 -11.48
CA ASP A 89 14.42 3.90 -12.67
C ASP A 89 13.08 3.23 -12.66
N SER A 90 13.06 1.96 -12.18
CA SER A 90 11.83 1.20 -12.13
C SER A 90 10.87 1.88 -11.19
N ILE A 91 11.39 2.46 -10.10
CA ILE A 91 10.55 3.13 -9.12
C ILE A 91 9.84 4.29 -9.75
N ALA A 92 10.53 5.08 -10.60
CA ALA A 92 9.88 6.22 -11.21
C ALA A 92 8.70 5.76 -12.03
N GLU A 93 8.89 4.68 -12.81
CA GLU A 93 7.81 4.19 -13.64
C GLU A 93 6.75 3.56 -12.77
N LYS A 94 7.18 2.81 -11.73
CA LYS A 94 6.26 2.13 -10.85
C LYS A 94 5.40 3.12 -10.11
N THR A 95 5.99 4.23 -9.60
CA THR A 95 5.22 5.20 -8.85
C THR A 95 4.23 5.89 -9.76
N GLU A 96 4.59 6.08 -11.05
CA GLU A 96 3.66 6.72 -11.95
C GLU A 96 2.47 5.82 -12.14
N ALA A 97 2.71 4.50 -12.27
CA ALA A 97 1.63 3.56 -12.44
C ALA A 97 0.78 3.52 -11.20
N LEU A 98 1.43 3.55 -10.01
CA LEU A 98 0.71 3.51 -8.76
C LEU A 98 -0.11 4.76 -8.60
N SER A 99 0.43 5.91 -9.04
CA SER A 99 -0.29 7.16 -8.89
C SER A 99 -1.56 7.06 -9.67
N GLN A 100 -1.49 6.49 -10.90
CA GLN A 100 -2.64 6.35 -11.73
C GLN A 100 -3.59 5.37 -11.08
N ALA A 101 -3.04 4.27 -10.51
CA ALA A 101 -3.88 3.27 -9.90
C ALA A 101 -4.61 3.85 -8.72
N LEU A 102 -3.92 4.65 -7.89
CA LEU A 102 -4.56 5.22 -6.72
C LEU A 102 -5.67 6.14 -7.13
N LYS A 103 -5.44 6.97 -8.17
CA LYS A 103 -6.46 7.92 -8.59
C LYS A 103 -7.67 7.18 -9.09
N GLN A 104 -7.46 6.13 -9.91
CA GLN A 104 -8.58 5.41 -10.46
C GLN A 104 -9.29 4.62 -9.39
N CYS A 105 -8.51 3.99 -8.49
CA CYS A 105 -9.11 3.15 -7.46
C CYS A 105 -9.89 4.00 -6.49
N PHE A 106 -9.37 5.19 -6.09
CA PHE A 106 -10.09 6.01 -5.14
C PHE A 106 -11.36 6.54 -5.76
N ARG A 107 -11.30 6.93 -7.05
CA ARG A 107 -12.47 7.48 -7.70
C ARG A 107 -13.49 6.38 -7.93
N SER A 108 -13.04 5.12 -8.03
CA SER A 108 -13.96 4.03 -8.29
C SER A 108 -14.54 3.51 -6.99
N THR A 109 -14.02 3.97 -5.82
CA THR A 109 -14.54 3.47 -4.58
C THR A 109 -15.23 4.58 -3.85
N MET A 110 -14.47 5.40 -3.09
CA MET A 110 -15.06 6.47 -2.33
C MET A 110 -15.53 7.54 -3.26
N GLY A 111 -14.87 7.70 -4.43
CA GLY A 111 -15.28 8.73 -5.36
C GLY A 111 -14.84 10.05 -4.81
N THR A 112 -13.77 10.04 -4.00
CA THR A 112 -13.27 11.24 -3.41
C THR A 112 -11.84 11.37 -3.84
N VAL A 113 -11.44 12.57 -4.31
CA VAL A 113 -10.10 12.78 -4.81
C VAL A 113 -9.19 13.23 -3.69
N ASN A 114 -9.46 12.82 -2.44
CA ASN A 114 -8.60 13.22 -1.35
C ASN A 114 -7.27 12.58 -1.56
N ARG A 115 -6.18 13.38 -1.42
CA ARG A 115 -4.85 12.88 -1.62
C ARG A 115 -4.17 12.77 -0.29
N GLN A 116 -4.94 12.86 0.82
CA GLN A 116 -4.34 12.79 2.14
C GLN A 116 -3.71 11.43 2.33
N PHE A 117 -4.42 10.36 1.92
CA PHE A 117 -3.89 9.01 2.09
C PHE A 117 -2.74 8.83 1.15
N ILE A 118 -2.89 9.33 -0.08
CA ILE A 118 -1.86 9.19 -1.08
C ILE A 118 -0.60 9.87 -0.60
N THR A 119 -0.74 11.10 -0.08
CA THR A 119 0.40 11.86 0.39
C THR A 119 1.06 11.13 1.53
N GLU A 120 0.26 10.63 2.50
CA GLU A 120 0.81 9.95 3.64
C GLU A 120 1.53 8.70 3.19
N ILE A 121 0.92 7.92 2.28
CA ILE A 121 1.54 6.69 1.82
C ILE A 121 2.82 7.00 1.08
N LYS A 122 2.78 8.01 0.18
CA LYS A 122 3.96 8.36 -0.59
C LYS A 122 5.03 8.86 0.33
N HIS A 123 4.65 9.67 1.34
CA HIS A 123 5.62 10.22 2.26
C HIS A 123 6.31 9.10 3.00
N LEU A 124 5.52 8.14 3.55
CA LEU A 124 6.09 7.06 4.31
C LEU A 124 6.93 6.19 3.40
N MET A 125 6.43 5.92 2.18
CA MET A 125 7.15 5.08 1.26
C MET A 125 8.47 5.72 0.92
N THR A 126 8.46 7.03 0.60
CA THR A 126 9.68 7.72 0.23
C THR A 126 10.61 7.77 1.41
N MET A 127 10.07 8.08 2.61
CA MET A 127 10.89 8.19 3.79
C MET A 127 11.53 6.87 4.13
N PHE A 128 10.75 5.77 4.07
CA PHE A 128 11.28 4.48 4.45
C PHE A 128 12.28 4.03 3.42
N ALA A 129 11.95 4.21 2.13
CA ALA A 129 12.85 3.79 1.09
C ALA A 129 14.11 4.61 1.11
N ALA A 130 13.99 5.93 1.36
CA ALA A 130 15.15 6.78 1.37
C ALA A 130 16.07 6.37 2.48
N GLU A 131 15.51 6.07 3.67
CA GLU A 131 16.32 5.68 4.80
C GLU A 131 16.98 4.36 4.51
N ALA A 132 16.20 3.41 3.94
CA ALA A 132 16.73 2.11 3.64
C ALA A 132 17.82 2.21 2.61
N ALA A 133 17.61 3.08 1.59
CA ALA A 133 18.59 3.25 0.54
C ALA A 133 19.86 3.80 1.11
N GLN A 134 19.77 4.75 2.05
CA GLN A 134 20.97 5.32 2.64
C GLN A 134 21.70 4.23 3.38
N GLU A 135 20.95 3.36 4.08
CA GLU A 135 21.58 2.28 4.82
C GLU A 135 22.20 1.32 3.85
N ALA A 136 21.51 1.03 2.72
CA ALA A 136 22.05 0.09 1.74
C ALA A 136 23.30 0.67 1.14
N ALA A 137 23.28 1.99 0.84
CA ALA A 137 24.44 2.63 0.25
C ALA A 137 25.58 2.60 1.23
N ALA A 138 25.29 2.84 2.53
CA ALA A 138 26.32 2.83 3.54
C ALA A 138 26.90 1.45 3.64
N GLY A 139 26.03 0.41 3.58
CA GLY A 139 26.49 -0.96 3.67
C GLY A 139 27.37 -1.28 2.50
N ASP A 140 26.97 -0.82 1.29
CA ASP A 140 27.75 -1.09 0.11
C ASP A 140 28.57 0.14 -0.18
N ASN A 141 29.50 0.48 0.74
CA ASN A 141 30.33 1.64 0.54
C ASN A 141 31.52 1.23 -0.28
N GLU A 142 32.41 2.20 -0.59
CA GLU A 142 33.58 1.91 -1.37
C GLU A 142 34.76 1.75 -0.40
N GLY A 1 -12.64 17.96 4.37
CA GLY A 1 -13.98 17.44 4.75
C GLY A 1 -14.07 16.00 4.38
N SER A 2 -15.18 15.34 4.81
CA SER A 2 -15.36 13.94 4.50
C SER A 2 -16.75 13.80 3.98
N MET A 3 -16.96 12.79 3.10
CA MET A 3 -18.26 12.56 2.54
C MET A 3 -18.82 11.35 3.22
N SER A 4 -20.02 11.49 3.82
CA SER A 4 -20.65 10.39 4.52
C SER A 4 -19.84 10.10 5.75
N SER A 5 -19.90 8.84 6.24
CA SER A 5 -19.13 8.48 7.41
C SER A 5 -17.69 8.35 7.01
N LYS A 6 -16.78 8.45 7.99
CA LYS A 6 -15.38 8.35 7.68
C LYS A 6 -14.98 6.92 7.97
N SER A 7 -15.12 6.04 6.96
CA SER A 7 -14.77 4.65 7.15
C SER A 7 -13.92 4.25 5.98
N PRO A 8 -12.69 4.70 5.94
CA PRO A 8 -11.80 4.37 4.85
C PRO A 8 -11.38 2.92 4.87
N TRP A 9 -10.60 2.51 5.89
CA TRP A 9 -10.17 1.15 5.97
C TRP A 9 -10.92 0.47 7.07
N ALA A 10 -11.74 1.25 7.82
CA ALA A 10 -12.50 0.69 8.92
C ALA A 10 -13.45 -0.36 8.39
N ASN A 11 -14.09 -0.07 7.25
CA ASN A 11 -15.00 -1.04 6.68
C ASN A 11 -14.16 -2.02 5.90
N PRO A 12 -14.35 -3.30 6.16
CA PRO A 12 -13.59 -4.33 5.47
C PRO A 12 -13.90 -4.39 4.00
N LYS A 13 -15.12 -3.98 3.63
CA LYS A 13 -15.50 -3.99 2.23
C LYS A 13 -14.70 -2.95 1.51
N LYS A 14 -14.53 -1.76 2.14
CA LYS A 14 -13.78 -0.69 1.51
C LYS A 14 -12.33 -1.08 1.48
N ALA A 15 -11.85 -1.70 2.59
CA ALA A 15 -10.46 -2.09 2.67
C ALA A 15 -10.16 -3.12 1.61
N ASN A 16 -11.06 -4.12 1.46
CA ASN A 16 -10.83 -5.16 0.49
C ASN A 16 -10.85 -4.57 -0.90
N ALA A 17 -11.81 -3.66 -1.17
CA ALA A 17 -11.91 -3.08 -2.50
C ALA A 17 -10.66 -2.27 -2.77
N PHE A 18 -10.19 -1.51 -1.77
CA PHE A 18 -9.02 -0.69 -1.94
C PHE A 18 -7.81 -1.55 -2.23
N MET A 19 -7.60 -2.58 -1.39
CA MET A 19 -6.47 -3.46 -1.57
C MET A 19 -6.57 -4.19 -2.88
N LYS A 20 -7.76 -4.70 -3.23
CA LYS A 20 -7.90 -5.44 -4.47
C LYS A 20 -7.64 -4.52 -5.63
N CYS A 21 -8.11 -3.26 -5.52
CA CYS A 21 -7.92 -2.31 -6.61
C CYS A 21 -6.45 -2.09 -6.86
N LEU A 22 -5.66 -1.79 -5.81
CA LEU A 22 -4.25 -1.52 -6.01
C LEU A 22 -3.51 -2.78 -6.39
N ILE A 23 -3.83 -3.90 -5.72
CA ILE A 23 -3.14 -5.14 -6.00
C ILE A 23 -3.44 -5.60 -7.40
N GLN A 24 -4.71 -5.49 -7.82
CA GLN A 24 -5.10 -5.91 -9.15
C GLN A 24 -4.40 -5.05 -10.16
N LYS A 25 -4.26 -3.74 -9.86
CA LYS A 25 -3.60 -2.83 -10.78
C LYS A 25 -2.19 -3.32 -10.99
N ILE A 26 -1.51 -3.69 -9.89
CA ILE A 26 -0.16 -4.18 -9.98
C ILE A 26 -0.17 -5.47 -10.76
N SER A 27 -1.18 -6.33 -10.50
CA SER A 27 -1.25 -7.62 -11.17
C SER A 27 -1.35 -7.46 -12.65
N VAL A 28 -2.12 -6.47 -13.14
CA VAL A 28 -2.28 -6.30 -14.56
C VAL A 28 -1.16 -5.45 -15.11
N SER A 29 -0.13 -5.15 -14.29
CA SER A 29 0.96 -4.33 -14.79
C SER A 29 2.01 -5.26 -15.32
N PRO A 30 2.47 -5.01 -16.53
CA PRO A 30 3.50 -5.84 -17.14
C PRO A 30 4.87 -5.44 -16.67
N VAL A 31 4.95 -4.31 -15.94
CA VAL A 31 6.21 -3.81 -15.44
C VAL A 31 6.78 -4.76 -14.42
N PHE A 32 5.93 -5.29 -13.52
CA PHE A 32 6.43 -6.17 -12.49
C PHE A 32 6.49 -7.58 -13.07
N PRO A 33 7.44 -8.36 -12.61
CA PRO A 33 7.60 -9.74 -13.08
C PRO A 33 6.41 -10.60 -12.78
N GLN A 34 6.02 -11.45 -13.75
CA GLN A 34 4.86 -12.31 -13.57
C GLN A 34 5.20 -13.40 -12.58
N GLN A 35 6.51 -13.67 -12.36
CA GLN A 35 6.90 -14.71 -11.44
C GLN A 35 6.62 -14.28 -10.02
N GLU A 36 6.49 -12.95 -9.80
CA GLU A 36 6.26 -12.44 -8.46
C GLU A 36 4.80 -12.52 -8.13
N LYS A 37 3.93 -12.93 -9.09
CA LYS A 37 2.51 -12.99 -8.81
C LYS A 37 2.24 -13.96 -7.67
N GLU A 38 3.12 -14.97 -7.47
CA GLU A 38 2.91 -15.91 -6.39
C GLU A 38 3.16 -15.22 -5.08
N ASP A 39 4.14 -14.29 -5.06
CA ASP A 39 4.45 -13.56 -3.85
C ASP A 39 3.32 -12.61 -3.58
N MET A 40 2.75 -12.04 -4.67
CA MET A 40 1.67 -11.09 -4.56
C MET A 40 0.50 -11.77 -3.90
N GLU A 41 0.20 -13.03 -4.29
CA GLU A 41 -0.92 -13.74 -3.72
C GLU A 41 -0.66 -13.95 -2.25
N SER A 42 0.60 -14.25 -1.89
CA SER A 42 0.93 -14.48 -0.49
C SER A 42 0.69 -13.20 0.27
N ILE A 43 1.06 -12.05 -0.32
CA ILE A 43 0.88 -10.77 0.33
C ILE A 43 -0.59 -10.54 0.54
N VAL A 44 -1.43 -10.85 -0.48
CA VAL A 44 -2.86 -10.62 -0.36
C VAL A 44 -3.41 -11.44 0.79
N GLU A 45 -3.02 -12.73 0.87
CA GLU A 45 -3.52 -13.58 1.92
C GLU A 45 -3.07 -13.05 3.25
N THR A 46 -1.83 -12.53 3.32
CA THR A 46 -1.31 -12.00 4.56
C THR A 46 -2.09 -10.77 4.94
N MET A 47 -2.39 -9.90 3.96
CA MET A 47 -3.13 -8.69 4.27
C MET A 47 -4.51 -9.07 4.74
N MET A 48 -5.11 -10.11 4.13
CA MET A 48 -6.43 -10.54 4.55
C MET A 48 -6.33 -11.04 5.96
N SER A 49 -5.23 -11.75 6.28
CA SER A 49 -5.05 -12.27 7.62
C SER A 49 -4.90 -11.11 8.57
N ALA A 50 -4.20 -10.05 8.14
CA ALA A 50 -3.99 -8.89 8.98
C ALA A 50 -5.32 -8.25 9.31
N ILE A 51 -6.25 -8.20 8.32
CA ILE A 51 -7.54 -7.58 8.56
C ILE A 51 -8.25 -8.34 9.65
N SER A 52 -8.24 -9.69 9.57
CA SER A 52 -8.92 -10.48 10.58
C SER A 52 -8.16 -10.38 11.88
N GLY A 53 -6.81 -10.29 11.81
CA GLY A 53 -6.00 -10.22 13.00
C GLY A 53 -6.25 -8.95 13.76
N VAL A 54 -6.38 -7.80 13.08
CA VAL A 54 -6.60 -6.55 13.78
C VAL A 54 -8.02 -6.52 14.29
N SER A 55 -8.93 -7.30 13.66
CA SER A 55 -10.30 -7.30 14.09
C SER A 55 -10.48 -8.42 15.09
N THR A 56 -9.59 -8.47 16.12
CA THR A 56 -9.69 -9.50 17.13
C THR A 56 -10.94 -9.25 17.93
N SER A 57 -11.17 -7.97 18.28
CA SER A 57 -12.34 -7.64 19.06
C SER A 57 -12.53 -6.16 18.94
N ARG A 58 -13.34 -5.59 19.86
CA ARG A 58 -13.59 -4.16 19.83
C ARG A 58 -12.33 -3.47 20.28
N GLY A 59 -11.94 -2.40 19.54
CA GLY A 59 -10.75 -1.69 19.89
C GLY A 59 -10.91 -0.30 19.35
N SER A 60 -9.85 0.53 19.47
CA SER A 60 -9.92 1.89 18.98
C SER A 60 -9.97 1.84 17.48
N SER A 61 -10.93 2.58 16.90
CA SER A 61 -11.08 2.62 15.46
C SER A 61 -9.87 3.26 14.86
N GLU A 62 -9.34 4.32 15.53
CA GLU A 62 -8.19 5.03 15.01
C GLU A 62 -7.01 4.09 14.95
N ALA A 63 -6.85 3.23 15.98
CA ALA A 63 -5.73 2.31 16.00
C ALA A 63 -5.84 1.37 14.83
N THR A 64 -7.06 0.88 14.55
CA THR A 64 -7.27 -0.03 13.45
C THR A 64 -6.98 0.66 12.16
N LEU A 65 -7.48 1.90 12.01
CA LEU A 65 -7.28 2.64 10.78
C LEU A 65 -5.83 2.88 10.54
N GLN A 66 -5.10 3.28 11.60
CA GLN A 66 -3.69 3.57 11.45
C GLN A 66 -2.93 2.30 11.21
N ALA A 67 -3.28 1.19 11.90
CA ALA A 67 -2.55 -0.04 11.72
C ALA A 67 -2.72 -0.54 10.31
N MET A 68 -3.95 -0.53 9.77
CA MET A 68 -4.16 -1.03 8.43
C MET A 68 -3.57 -0.07 7.43
N ASN A 69 -3.72 1.26 7.66
CA ASN A 69 -3.20 2.22 6.72
C ASN A 69 -1.69 2.08 6.68
N MET A 70 -1.05 1.92 7.86
CA MET A 70 0.38 1.75 7.92
C MET A 70 0.74 0.44 7.28
N ALA A 71 -0.11 -0.60 7.48
CA ALA A 71 0.17 -1.90 6.94
C ALA A 71 0.24 -1.86 5.43
N PHE A 72 -0.63 -1.05 4.77
CA PHE A 72 -0.61 -1.00 3.33
C PHE A 72 0.67 -0.36 2.88
N ALA A 73 0.99 0.81 3.47
CA ALA A 73 2.16 1.55 3.07
C ALA A 73 3.42 0.77 3.38
N SER A 74 3.49 0.13 4.55
CA SER A 74 4.69 -0.60 4.92
C SER A 74 4.87 -1.80 4.03
N SER A 75 3.78 -2.49 3.66
CA SER A 75 3.91 -3.67 2.80
C SER A 75 4.43 -3.24 1.46
N MET A 76 3.86 -2.14 0.92
CA MET A 76 4.28 -1.67 -0.38
C MET A 76 5.69 -1.15 -0.27
N ALA A 77 6.01 -0.48 0.86
CA ALA A 77 7.34 0.07 1.04
C ALA A 77 8.37 -1.03 1.01
N GLU A 78 8.06 -2.19 1.61
CA GLU A 78 9.03 -3.28 1.62
C GLU A 78 9.29 -3.72 0.21
N LEU A 79 8.23 -3.80 -0.62
CA LEU A 79 8.39 -4.21 -1.99
C LEU A 79 9.18 -3.16 -2.73
N VAL A 80 8.90 -1.88 -2.42
CA VAL A 80 9.59 -0.78 -3.07
C VAL A 80 11.05 -0.79 -2.71
N ILE A 81 11.38 -1.06 -1.43
CA ILE A 81 12.77 -1.05 -1.00
C ILE A 81 13.56 -2.07 -1.75
N ALA A 82 12.97 -3.27 -1.94
CA ALA A 82 13.68 -4.35 -2.59
C ALA A 82 14.11 -3.94 -3.98
N GLU A 83 13.27 -3.21 -4.73
CA GLU A 83 13.65 -2.85 -6.07
C GLU A 83 14.24 -1.46 -6.09
N ASP A 84 14.08 -0.66 -5.02
CA ASP A 84 14.59 0.70 -5.02
C ASP A 84 16.09 0.72 -5.08
N VAL A 85 16.76 -0.07 -4.23
CA VAL A 85 18.21 -0.08 -4.22
C VAL A 85 18.72 -0.73 -5.47
N ASN A 86 18.10 -1.87 -5.84
CA ASN A 86 18.54 -2.62 -6.99
C ASN A 86 18.30 -1.86 -8.28
N ASN A 87 17.14 -1.17 -8.41
CA ASN A 87 16.87 -0.45 -9.64
C ASN A 87 15.83 0.59 -9.34
N PRO A 88 16.27 1.78 -8.97
CA PRO A 88 15.36 2.87 -8.64
C PRO A 88 14.60 3.40 -9.82
N ASP A 89 15.11 3.13 -11.05
CA ASP A 89 14.43 3.62 -12.23
C ASP A 89 13.11 2.93 -12.35
N SER A 90 13.06 1.63 -12.01
CA SER A 90 11.83 0.86 -12.08
C SER A 90 10.86 1.42 -11.08
N ILE A 91 11.35 1.81 -9.89
CA ILE A 91 10.50 2.33 -8.85
C ILE A 91 9.87 3.61 -9.32
N ALA A 92 10.64 4.48 -10.02
CA ALA A 92 10.11 5.73 -10.49
C ALA A 92 8.96 5.47 -11.43
N GLU A 93 9.11 4.46 -12.32
CA GLU A 93 8.07 4.16 -13.28
C GLU A 93 6.86 3.62 -12.54
N LYS A 94 7.09 2.75 -11.53
CA LYS A 94 6.00 2.17 -10.78
C LYS A 94 5.30 3.25 -9.98
N THR A 95 6.08 4.21 -9.45
CA THR A 95 5.52 5.26 -8.63
C THR A 95 4.53 6.05 -9.44
N GLU A 96 4.87 6.39 -10.70
CA GLU A 96 3.97 7.16 -11.52
C GLU A 96 2.71 6.36 -11.78
N ALA A 97 2.85 5.05 -12.05
CA ALA A 97 1.70 4.21 -12.30
C ALA A 97 0.86 4.11 -11.06
N LEU A 98 1.52 3.96 -9.89
CA LEU A 98 0.81 3.82 -8.64
C LEU A 98 0.08 5.11 -8.32
N SER A 99 0.69 6.26 -8.64
CA SER A 99 0.05 7.53 -8.35
C SER A 99 -1.26 7.58 -9.08
N GLN A 100 -1.25 7.17 -10.37
CA GLN A 100 -2.47 7.20 -11.14
C GLN A 100 -3.42 6.16 -10.59
N ALA A 101 -2.89 4.99 -10.19
CA ALA A 101 -3.70 3.92 -9.66
C ALA A 101 -4.39 4.38 -8.39
N LEU A 102 -3.66 5.11 -7.53
CA LEU A 102 -4.23 5.56 -6.28
C LEU A 102 -5.38 6.48 -6.55
N LYS A 103 -5.25 7.39 -7.53
CA LYS A 103 -6.32 8.31 -7.81
C LYS A 103 -7.53 7.56 -8.30
N GLN A 104 -7.34 6.57 -9.18
CA GLN A 104 -8.46 5.83 -9.72
C GLN A 104 -9.05 4.95 -8.65
N CYS A 105 -8.20 4.33 -7.82
CA CYS A 105 -8.68 3.44 -6.78
C CYS A 105 -9.47 4.20 -5.75
N PHE A 106 -9.01 5.42 -5.36
CA PHE A 106 -9.72 6.16 -4.34
C PHE A 106 -11.07 6.58 -4.89
N ARG A 107 -11.12 6.99 -6.17
CA ARG A 107 -12.37 7.43 -6.75
C ARG A 107 -13.34 6.27 -6.84
N SER A 108 -12.82 5.06 -7.15
CA SER A 108 -13.72 3.92 -7.31
C SER A 108 -13.91 3.20 -6.00
N THR A 109 -13.26 3.64 -4.90
CA THR A 109 -13.43 2.93 -3.64
C THR A 109 -14.00 3.86 -2.62
N MET A 110 -13.22 4.89 -2.23
CA MET A 110 -13.66 5.83 -1.22
C MET A 110 -14.76 6.68 -1.81
N GLY A 111 -14.68 6.95 -3.13
CA GLY A 111 -15.69 7.76 -3.78
C GLY A 111 -15.33 9.20 -3.63
N THR A 112 -14.10 9.48 -3.13
CA THR A 112 -13.67 10.84 -2.97
C THR A 112 -12.35 10.99 -3.66
N VAL A 113 -11.97 12.25 -3.94
CA VAL A 113 -10.72 12.52 -4.62
C VAL A 113 -9.76 13.10 -3.62
N ASN A 114 -9.93 12.76 -2.33
CA ASN A 114 -9.03 13.30 -1.32
C ASN A 114 -7.66 12.75 -1.59
N ARG A 115 -6.70 13.65 -1.86
CA ARG A 115 -5.35 13.23 -2.16
C ARG A 115 -4.52 13.37 -0.91
N GLN A 116 -5.16 13.74 0.22
CA GLN A 116 -4.42 13.88 1.45
C GLN A 116 -3.88 12.54 1.87
N PHE A 117 -4.71 11.48 1.75
CA PHE A 117 -4.28 10.15 2.13
C PHE A 117 -3.29 9.66 1.12
N ILE A 118 -3.58 9.96 -0.16
CA ILE A 118 -2.73 9.52 -1.26
C ILE A 118 -1.36 10.10 -1.08
N THR A 119 -1.28 11.40 -0.75
CA THR A 119 0.00 12.07 -0.58
C THR A 119 0.75 11.45 0.57
N GLU A 120 0.06 11.18 1.70
CA GLU A 120 0.74 10.62 2.86
C GLU A 120 1.26 9.24 2.52
N ILE A 121 0.47 8.42 1.79
CA ILE A 121 0.92 7.10 1.46
C ILE A 121 2.15 7.17 0.57
N LYS A 122 2.10 8.04 -0.45
CA LYS A 122 3.22 8.16 -1.36
C LYS A 122 4.43 8.67 -0.61
N HIS A 123 4.23 9.68 0.26
CA HIS A 123 5.32 10.25 1.01
C HIS A 123 5.93 9.22 1.91
N LEU A 124 5.10 8.47 2.67
CA LEU A 124 5.62 7.47 3.58
C LEU A 124 6.31 6.38 2.82
N MET A 125 5.72 5.96 1.69
CA MET A 125 6.31 4.88 0.91
C MET A 125 7.67 5.29 0.43
N THR A 126 7.79 6.52 -0.11
CA THR A 126 9.05 7.00 -0.63
C THR A 126 10.01 7.19 0.52
N MET A 127 9.51 7.74 1.65
CA MET A 127 10.35 8.02 2.79
C MET A 127 10.93 6.75 3.36
N PHE A 128 10.14 5.67 3.45
CA PHE A 128 10.65 4.46 4.05
C PHE A 128 11.70 3.88 3.16
N ALA A 129 11.47 3.90 1.83
CA ALA A 129 12.43 3.36 0.91
C ALA A 129 13.67 4.20 0.91
N ALA A 130 13.51 5.54 0.98
CA ALA A 130 14.65 6.43 0.97
C ALA A 130 15.51 6.16 2.18
N GLU A 131 14.89 5.95 3.35
CA GLU A 131 15.66 5.69 4.56
C GLU A 131 16.39 4.38 4.41
N ALA A 132 15.72 3.37 3.83
CA ALA A 132 16.34 2.08 3.65
C ALA A 132 17.51 2.22 2.70
N ALA A 133 17.33 3.02 1.63
CA ALA A 133 18.40 3.21 0.67
C ALA A 133 19.56 3.87 1.33
N GLN A 134 19.31 4.85 2.23
CA GLN A 134 20.39 5.53 2.91
C GLN A 134 21.12 4.52 3.76
N GLU A 135 20.36 3.60 4.40
CA GLU A 135 20.99 2.60 5.24
C GLU A 135 21.83 1.70 4.37
N ALA A 136 21.31 1.31 3.19
CA ALA A 136 22.05 0.44 2.29
C ALA A 136 23.30 1.16 1.82
N ALA A 137 23.16 2.47 1.51
CA ALA A 137 24.27 3.26 1.03
C ALA A 137 25.32 3.36 2.11
N ALA A 138 24.87 3.49 3.38
CA ALA A 138 25.80 3.61 4.48
C ALA A 138 26.64 2.36 4.57
N GLY A 139 26.02 1.19 4.30
CA GLY A 139 26.76 -0.05 4.36
C GLY A 139 27.71 -0.09 3.18
N ASP A 140 28.98 -0.45 3.46
CA ASP A 140 29.99 -0.53 2.43
C ASP A 140 30.15 0.84 1.80
N ASN A 141 30.15 1.89 2.64
CA ASN A 141 30.30 3.24 2.14
C ASN A 141 31.77 3.55 2.14
N GLU A 142 32.39 3.57 0.93
CA GLU A 142 33.80 3.87 0.82
C GLU A 142 34.60 2.84 1.64
N GLY A 1 -18.98 1.35 16.30
CA GLY A 1 -18.91 0.74 14.95
C GLY A 1 -20.28 0.67 14.35
N SER A 2 -20.43 -0.12 13.27
CA SER A 2 -21.71 -0.26 12.60
C SER A 2 -22.16 1.08 12.10
N MET A 3 -21.22 1.86 11.54
CA MET A 3 -21.55 3.16 11.02
C MET A 3 -20.72 3.36 9.81
N SER A 4 -21.32 3.89 8.72
CA SER A 4 -20.58 4.11 7.50
C SER A 4 -20.84 5.52 7.07
N SER A 5 -19.74 6.31 6.96
CA SER A 5 -19.86 7.68 6.54
C SER A 5 -18.48 8.13 6.17
N LYS A 6 -18.15 8.06 4.85
CA LYS A 6 -16.83 8.45 4.38
C LYS A 6 -15.83 7.59 5.11
N SER A 7 -16.15 6.29 5.24
CA SER A 7 -15.28 5.37 5.94
C SER A 7 -14.21 4.90 5.00
N PRO A 8 -12.96 5.11 5.36
CA PRO A 8 -11.85 4.67 4.54
C PRO A 8 -11.44 3.26 4.87
N TRP A 9 -10.74 3.08 6.02
CA TRP A 9 -10.32 1.76 6.41
C TRP A 9 -11.32 1.19 7.38
N ALA A 10 -12.30 2.03 7.82
CA ALA A 10 -13.29 1.59 8.77
C ALA A 10 -14.10 0.46 8.17
N ASN A 11 -14.45 0.58 6.87
CA ASN A 11 -15.22 -0.46 6.24
C ASN A 11 -14.24 -1.41 5.60
N PRO A 12 -14.31 -2.67 5.98
CA PRO A 12 -13.41 -3.66 5.42
C PRO A 12 -13.65 -3.92 3.96
N LYS A 13 -14.90 -3.65 3.51
CA LYS A 13 -15.23 -3.85 2.11
C LYS A 13 -14.45 -2.86 1.30
N LYS A 14 -14.36 -1.61 1.80
CA LYS A 14 -13.64 -0.58 1.08
C LYS A 14 -12.19 -0.90 1.13
N ALA A 15 -11.71 -1.39 2.29
CA ALA A 15 -10.31 -1.72 2.44
C ALA A 15 -9.94 -2.83 1.49
N ASN A 16 -10.80 -3.87 1.40
CA ASN A 16 -10.51 -4.99 0.53
C ASN A 16 -10.50 -4.52 -0.90
N ALA A 17 -11.44 -3.65 -1.28
CA ALA A 17 -11.50 -3.16 -2.65
C ALA A 17 -10.25 -2.35 -2.92
N PHE A 18 -9.84 -1.53 -1.93
CA PHE A 18 -8.66 -0.70 -2.07
C PHE A 18 -7.45 -1.58 -2.28
N MET A 19 -7.30 -2.61 -1.44
CA MET A 19 -6.17 -3.49 -1.56
C MET A 19 -6.19 -4.20 -2.89
N LYS A 20 -7.35 -4.79 -3.25
CA LYS A 20 -7.44 -5.54 -4.48
C LYS A 20 -7.20 -4.66 -5.67
N CYS A 21 -7.71 -3.42 -5.67
CA CYS A 21 -7.51 -2.58 -6.84
C CYS A 21 -6.04 -2.28 -6.99
N LEU A 22 -5.30 -2.07 -5.88
CA LEU A 22 -3.89 -1.79 -5.98
C LEU A 22 -3.18 -3.04 -6.43
N ILE A 23 -3.61 -4.20 -5.89
CA ILE A 23 -3.00 -5.46 -6.24
C ILE A 23 -3.17 -5.72 -7.71
N GLN A 24 -4.39 -5.50 -8.23
CA GLN A 24 -4.66 -5.75 -9.63
C GLN A 24 -3.88 -4.79 -10.48
N LYS A 25 -3.77 -3.50 -10.07
CA LYS A 25 -3.04 -2.54 -10.87
C LYS A 25 -1.59 -2.95 -10.96
N ILE A 26 -1.03 -3.46 -9.86
CA ILE A 26 0.34 -3.90 -9.88
C ILE A 26 0.43 -5.11 -10.76
N SER A 27 -0.56 -6.03 -10.63
CA SER A 27 -0.55 -7.26 -11.41
C SER A 27 -0.67 -6.97 -12.88
N VAL A 28 -1.55 -6.03 -13.28
CA VAL A 28 -1.74 -5.73 -14.68
C VAL A 28 -0.57 -4.91 -15.17
N SER A 29 0.30 -4.44 -14.26
CA SER A 29 1.43 -3.65 -14.68
C SER A 29 2.51 -4.61 -15.12
N PRO A 30 2.95 -4.50 -16.34
CA PRO A 30 3.99 -5.39 -16.87
C PRO A 30 5.37 -5.06 -16.37
N VAL A 31 5.48 -3.92 -15.65
CA VAL A 31 6.76 -3.48 -15.14
C VAL A 31 7.24 -4.45 -14.08
N PHE A 32 6.33 -4.94 -13.22
CA PHE A 32 6.73 -5.82 -12.14
C PHE A 32 7.09 -7.19 -12.68
N PRO A 33 7.95 -7.89 -11.94
CA PRO A 33 8.35 -9.23 -12.30
C PRO A 33 7.35 -10.26 -11.84
N GLN A 34 7.41 -11.48 -12.41
CA GLN A 34 6.48 -12.52 -12.03
C GLN A 34 6.79 -12.99 -10.62
N GLN A 35 8.04 -12.77 -10.17
CA GLN A 35 8.43 -13.18 -8.84
C GLN A 35 7.65 -12.38 -7.83
N GLU A 36 7.45 -11.07 -8.12
CA GLU A 36 6.75 -10.20 -7.22
C GLU A 36 5.30 -10.64 -7.12
N LYS A 37 4.74 -11.15 -8.23
CA LYS A 37 3.35 -11.57 -8.24
C LYS A 37 3.14 -12.65 -7.22
N GLU A 38 4.06 -13.62 -7.12
CA GLU A 38 3.92 -14.69 -6.15
C GLU A 38 3.98 -14.10 -4.75
N ASP A 39 4.91 -13.14 -4.54
CA ASP A 39 5.06 -12.53 -3.25
C ASP A 39 3.79 -11.78 -2.90
N MET A 40 3.19 -11.12 -3.91
CA MET A 40 1.97 -10.36 -3.69
C MET A 40 0.88 -11.26 -3.19
N GLU A 41 0.80 -12.49 -3.73
CA GLU A 41 -0.24 -13.40 -3.30
C GLU A 41 -0.07 -13.71 -1.84
N SER A 42 1.19 -13.90 -1.39
CA SER A 42 1.41 -14.21 0.02
C SER A 42 1.13 -12.98 0.85
N ILE A 43 1.44 -11.77 0.32
CA ILE A 43 1.22 -10.54 1.05
C ILE A 43 -0.26 -10.36 1.29
N VAL A 44 -1.09 -10.60 0.24
CA VAL A 44 -2.52 -10.41 0.39
C VAL A 44 -3.07 -11.37 1.42
N GLU A 45 -2.66 -12.66 1.35
CA GLU A 45 -3.18 -13.64 2.29
C GLU A 45 -2.75 -13.27 3.69
N THR A 46 -1.51 -12.81 3.86
CA THR A 46 -1.01 -12.46 5.18
C THR A 46 -1.72 -11.22 5.67
N MET A 47 -1.91 -10.23 4.78
CA MET A 47 -2.56 -9.01 5.16
C MET A 47 -3.97 -9.31 5.60
N MET A 48 -4.67 -10.20 4.84
CA MET A 48 -6.03 -10.54 5.19
C MET A 48 -6.01 -11.25 6.53
N SER A 49 -4.99 -12.10 6.75
CA SER A 49 -4.88 -12.82 8.00
C SER A 49 -4.71 -11.82 9.12
N ALA A 50 -3.92 -10.76 8.87
CA ALA A 50 -3.68 -9.74 9.86
C ALA A 50 -4.98 -9.07 10.24
N ILE A 51 -5.88 -8.85 9.25
CA ILE A 51 -7.15 -8.20 9.53
C ILE A 51 -7.92 -9.06 10.51
N SER A 52 -7.98 -10.37 10.26
CA SER A 52 -8.69 -11.28 11.13
C SER A 52 -8.00 -11.33 12.46
N GLY A 53 -6.66 -11.28 12.46
CA GLY A 53 -5.88 -11.35 13.69
C GLY A 53 -6.23 -10.20 14.60
N VAL A 54 -6.40 -8.97 14.06
CA VAL A 54 -6.71 -7.85 14.92
C VAL A 54 -8.18 -7.88 15.24
N SER A 55 -9.03 -7.74 14.21
CA SER A 55 -10.46 -7.75 14.43
C SER A 55 -11.13 -7.52 13.11
N THR A 56 -12.27 -8.21 12.88
CA THR A 56 -12.99 -8.04 11.64
C THR A 56 -14.39 -7.66 12.01
N SER A 57 -14.83 -6.47 11.55
CA SER A 57 -16.16 -6.02 11.86
C SER A 57 -16.38 -4.75 11.10
N ARG A 58 -17.51 -4.07 11.35
CA ARG A 58 -17.80 -2.83 10.67
C ARG A 58 -17.29 -1.74 11.57
N GLY A 59 -16.08 -1.23 11.27
CA GLY A 59 -15.48 -0.21 12.08
C GLY A 59 -14.57 -0.91 13.04
N SER A 60 -13.59 -0.17 13.61
CA SER A 60 -12.68 -0.79 14.54
C SER A 60 -12.05 0.29 15.36
N SER A 61 -11.03 -0.08 16.15
CA SER A 61 -10.34 0.88 16.98
C SER A 61 -9.48 1.74 16.10
N GLU A 62 -9.15 2.95 16.58
CA GLU A 62 -8.33 3.87 15.81
C GLU A 62 -6.98 3.26 15.59
N ALA A 63 -6.45 2.54 16.61
CA ALA A 63 -5.15 1.92 16.48
C ALA A 63 -5.18 0.92 15.37
N THR A 64 -6.28 0.16 15.27
CA THR A 64 -6.40 -0.85 14.25
C THR A 64 -6.42 -0.22 12.89
N LEU A 65 -7.21 0.87 12.74
CA LEU A 65 -7.33 1.51 11.45
C LEU A 65 -6.02 2.15 11.07
N GLN A 66 -5.34 2.80 12.04
CA GLN A 66 -4.09 3.45 11.74
C GLN A 66 -3.05 2.42 11.41
N ALA A 67 -3.03 1.31 12.17
CA ALA A 67 -2.07 0.25 11.96
C ALA A 67 -2.29 -0.37 10.60
N MET A 68 -3.56 -0.55 10.19
CA MET A 68 -3.85 -1.16 8.91
C MET A 68 -3.42 -0.26 7.79
N ASN A 69 -3.74 1.06 7.87
CA ASN A 69 -3.34 1.96 6.81
C ASN A 69 -1.83 1.95 6.72
N MET A 70 -1.16 1.95 7.89
CA MET A 70 0.28 1.95 7.91
C MET A 70 0.77 0.65 7.34
N ALA A 71 0.09 -0.47 7.70
CA ALA A 71 0.50 -1.78 7.23
C ALA A 71 0.38 -1.87 5.73
N PHE A 72 -0.68 -1.26 5.15
CA PHE A 72 -0.87 -1.36 3.72
C PHE A 72 0.27 -0.69 3.03
N ALA A 73 0.62 0.53 3.51
CA ALA A 73 1.69 1.27 2.90
C ALA A 73 3.00 0.57 3.16
N SER A 74 3.19 0.01 4.37
CA SER A 74 4.43 -0.66 4.70
C SER A 74 4.65 -1.86 3.82
N SER A 75 3.58 -2.65 3.54
CA SER A 75 3.74 -3.83 2.72
C SER A 75 4.16 -3.42 1.33
N MET A 76 3.50 -2.37 0.78
CA MET A 76 3.83 -1.92 -0.55
C MET A 76 5.21 -1.31 -0.53
N ALA A 77 5.55 -0.62 0.57
CA ALA A 77 6.83 0.02 0.69
C ALA A 77 7.92 -1.02 0.63
N GLU A 78 7.71 -2.20 1.25
CA GLU A 78 8.73 -3.24 1.23
C GLU A 78 8.97 -3.66 -0.20
N LEU A 79 7.89 -3.79 -0.98
CA LEU A 79 8.03 -4.18 -2.38
C LEU A 79 8.75 -3.08 -3.12
N VAL A 80 8.41 -1.82 -2.79
CA VAL A 80 9.00 -0.67 -3.43
C VAL A 80 10.48 -0.61 -3.12
N ILE A 81 10.87 -0.92 -1.86
CA ILE A 81 12.27 -0.85 -1.48
C ILE A 81 13.07 -1.80 -2.31
N ALA A 82 12.60 -3.05 -2.46
CA ALA A 82 13.33 -4.04 -3.21
C ALA A 82 13.50 -3.57 -4.63
N GLU A 83 12.44 -3.02 -5.22
CA GLU A 83 12.51 -2.57 -6.59
C GLU A 83 13.40 -1.35 -6.67
N ASP A 84 13.30 -0.44 -5.68
CA ASP A 84 14.06 0.79 -5.71
C ASP A 84 15.55 0.53 -5.66
N VAL A 85 16.01 -0.33 -4.73
CA VAL A 85 17.44 -0.58 -4.62
C VAL A 85 17.92 -1.27 -5.87
N ASN A 86 17.17 -2.28 -6.34
CA ASN A 86 17.58 -3.04 -7.50
C ASN A 86 17.50 -2.22 -8.77
N ASN A 87 16.45 -1.37 -8.92
CA ASN A 87 16.33 -0.58 -10.12
C ASN A 87 15.45 0.62 -9.81
N PRO A 88 16.08 1.75 -9.51
CA PRO A 88 15.35 2.96 -9.18
C PRO A 88 14.63 3.57 -10.35
N ASP A 89 15.03 3.21 -11.58
CA ASP A 89 14.40 3.75 -12.77
C ASP A 89 12.99 3.22 -12.84
N SER A 90 12.83 1.94 -12.45
CA SER A 90 11.53 1.31 -12.47
C SER A 90 10.61 2.03 -11.52
N ILE A 91 11.16 2.50 -10.39
CA ILE A 91 10.36 3.19 -9.40
C ILE A 91 9.76 4.42 -9.99
N ALA A 92 10.51 5.17 -10.82
CA ALA A 92 9.97 6.38 -11.40
C ALA A 92 8.78 6.02 -12.26
N GLU A 93 8.90 4.93 -13.05
CA GLU A 93 7.81 4.52 -13.91
C GLU A 93 6.65 4.03 -13.06
N LYS A 94 6.98 3.27 -11.98
CA LYS A 94 5.95 2.74 -11.10
C LYS A 94 5.25 3.86 -10.40
N THR A 95 5.98 4.92 -10.02
CA THR A 95 5.38 6.03 -9.30
C THR A 95 4.31 6.64 -10.15
N GLU A 96 4.60 6.85 -11.46
CA GLU A 96 3.62 7.44 -12.33
C GLU A 96 2.41 6.54 -12.43
N ALA A 97 2.63 5.22 -12.60
CA ALA A 97 1.54 4.29 -12.72
C ALA A 97 0.74 4.23 -11.44
N LEU A 98 1.44 4.22 -10.29
CA LEU A 98 0.79 4.14 -9.00
C LEU A 98 0.00 5.38 -8.74
N SER A 99 0.51 6.55 -9.17
CA SER A 99 -0.19 7.79 -8.94
C SER A 99 -1.53 7.72 -9.64
N GLN A 100 -1.54 7.19 -10.87
CA GLN A 100 -2.76 7.08 -11.62
C GLN A 100 -3.64 6.03 -10.98
N ALA A 101 -3.01 4.93 -10.50
CA ALA A 101 -3.76 3.85 -9.89
C ALA A 101 -4.45 4.34 -8.65
N LEU A 102 -3.77 5.16 -7.83
CA LEU A 102 -4.36 5.65 -6.61
C LEU A 102 -5.54 6.51 -6.93
N LYS A 103 -5.43 7.38 -7.96
CA LYS A 103 -6.53 8.26 -8.30
C LYS A 103 -7.71 7.43 -8.74
N GLN A 104 -7.46 6.38 -9.56
CA GLN A 104 -8.55 5.56 -10.04
C GLN A 104 -9.15 4.80 -8.88
N CYS A 105 -8.29 4.28 -7.99
CA CYS A 105 -8.78 3.52 -6.86
C CYS A 105 -9.63 4.36 -5.96
N PHE A 106 -9.20 5.58 -5.63
CA PHE A 106 -9.99 6.38 -4.73
C PHE A 106 -11.27 6.80 -5.40
N ARG A 107 -11.22 7.14 -6.70
CA ARG A 107 -12.41 7.58 -7.40
C ARG A 107 -13.43 6.46 -7.53
N SER A 108 -12.99 5.21 -7.80
CA SER A 108 -13.95 4.14 -8.01
C SER A 108 -14.18 3.36 -6.74
N THR A 109 -13.39 3.55 -5.68
CA THR A 109 -13.60 2.78 -4.47
C THR A 109 -14.34 3.61 -3.46
N MET A 110 -13.88 4.84 -3.19
CA MET A 110 -14.52 5.66 -2.19
C MET A 110 -15.27 6.79 -2.85
N GLY A 111 -14.78 7.28 -4.00
CA GLY A 111 -15.44 8.39 -4.66
C GLY A 111 -15.01 9.64 -3.96
N THR A 112 -13.88 9.56 -3.22
CA THR A 112 -13.38 10.69 -2.49
C THR A 112 -12.10 11.10 -3.15
N VAL A 113 -11.96 12.41 -3.48
CA VAL A 113 -10.78 12.90 -4.15
C VAL A 113 -9.87 13.53 -3.14
N ASN A 114 -9.94 13.10 -1.86
CA ASN A 114 -9.09 13.68 -0.85
C ASN A 114 -7.69 13.16 -1.12
N ARG A 115 -6.79 14.09 -1.53
CA ARG A 115 -5.44 13.73 -1.86
C ARG A 115 -4.63 13.58 -0.59
N GLN A 116 -5.25 13.78 0.58
CA GLN A 116 -4.53 13.65 1.83
C GLN A 116 -4.03 12.24 1.98
N PHE A 117 -4.88 11.24 1.66
CA PHE A 117 -4.48 9.85 1.80
C PHE A 117 -3.43 9.55 0.76
N ILE A 118 -3.65 10.06 -0.46
CA ILE A 118 -2.72 9.81 -1.55
C ILE A 118 -1.37 10.37 -1.20
N THR A 119 -1.35 11.62 -0.70
CA THR A 119 -0.09 12.26 -0.35
C THR A 119 0.59 11.54 0.78
N GLU A 120 -0.18 11.17 1.84
CA GLU A 120 0.42 10.51 2.98
C GLU A 120 1.00 9.18 2.59
N ILE A 121 0.28 8.41 1.74
CA ILE A 121 0.78 7.10 1.36
C ILE A 121 2.06 7.24 0.59
N LYS A 122 2.09 8.16 -0.40
CA LYS A 122 3.28 8.34 -1.20
C LYS A 122 4.40 8.88 -0.35
N HIS A 123 4.07 9.82 0.56
CA HIS A 123 5.07 10.42 1.41
C HIS A 123 5.70 9.37 2.30
N LEU A 124 4.87 8.54 2.96
CA LEU A 124 5.41 7.53 3.86
C LEU A 124 6.14 6.49 3.06
N MET A 125 5.61 6.12 1.88
CA MET A 125 6.24 5.10 1.06
C MET A 125 7.61 5.58 0.66
N THR A 126 7.72 6.85 0.22
CA THR A 126 8.99 7.39 -0.19
C THR A 126 9.91 7.47 1.00
N MET A 127 9.36 7.91 2.16
CA MET A 127 10.17 8.07 3.35
C MET A 127 10.76 6.76 3.79
N PHE A 128 9.95 5.67 3.80
CA PHE A 128 10.45 4.40 4.27
C PHE A 128 11.44 3.85 3.29
N ALA A 129 11.15 4.00 1.98
CA ALA A 129 12.04 3.49 0.98
C ALA A 129 13.34 4.24 1.01
N ALA A 130 13.28 5.57 1.19
CA ALA A 130 14.48 6.37 1.21
C ALA A 130 15.34 5.98 2.38
N GLU A 131 14.71 5.76 3.55
CA GLU A 131 15.44 5.38 4.74
C GLU A 131 16.07 4.03 4.54
N ALA A 132 15.29 3.07 3.98
CA ALA A 132 15.80 1.74 3.76
C ALA A 132 16.92 1.78 2.75
N ALA A 133 16.76 2.59 1.68
CA ALA A 133 17.78 2.68 0.66
C ALA A 133 19.04 3.24 1.25
N GLN A 134 18.91 4.25 2.14
CA GLN A 134 20.09 4.84 2.75
C GLN A 134 20.80 3.78 3.55
N GLU A 135 20.03 2.95 4.28
CA GLU A 135 20.62 1.90 5.08
C GLU A 135 21.25 0.88 4.18
N ALA A 136 20.58 0.54 3.05
CA ALA A 136 21.12 -0.44 2.14
C ALA A 136 22.41 0.07 1.55
N ALA A 137 22.44 1.37 1.18
CA ALA A 137 23.63 1.95 0.61
C ALA A 137 24.75 1.92 1.62
N ALA A 138 24.43 2.24 2.89
CA ALA A 138 25.44 2.24 3.93
C ALA A 138 25.93 0.83 4.15
N GLY A 139 25.00 -0.14 4.13
CA GLY A 139 25.35 -1.53 4.33
C GLY A 139 26.26 -2.00 3.25
N ASP A 140 26.00 -1.57 1.99
CA ASP A 140 26.82 -1.99 0.88
C ASP A 140 28.09 -1.17 0.86
N ASN A 141 28.17 -0.14 1.74
CA ASN A 141 29.35 0.71 1.80
C ASN A 141 29.52 1.39 0.46
N GLU A 142 28.39 1.77 -0.17
CA GLU A 142 28.47 2.43 -1.46
C GLU A 142 27.41 3.52 -1.49
N GLY A 1 -25.43 -2.14 20.76
CA GLY A 1 -24.87 -2.17 19.37
C GLY A 1 -23.95 -1.02 19.18
N SER A 2 -23.35 -0.92 17.98
CA SER A 2 -22.44 0.17 17.71
C SER A 2 -22.86 0.76 16.40
N MET A 3 -22.61 2.08 16.23
CA MET A 3 -22.98 2.74 15.00
C MET A 3 -21.70 3.22 14.37
N SER A 4 -21.64 3.15 13.03
CA SER A 4 -20.47 3.59 12.33
C SER A 4 -20.90 4.08 10.99
N SER A 5 -20.22 5.12 10.47
CA SER A 5 -20.58 5.66 9.19
C SER A 5 -19.32 6.21 8.60
N LYS A 6 -19.18 6.12 7.25
CA LYS A 6 -18.00 6.63 6.58
C LYS A 6 -16.82 5.78 7.01
N SER A 7 -16.96 4.45 6.88
CA SER A 7 -15.90 3.56 7.27
C SER A 7 -14.95 3.45 6.11
N PRO A 8 -13.69 3.79 6.33
CA PRO A 8 -12.70 3.70 5.29
C PRO A 8 -12.12 2.32 5.18
N TRP A 9 -11.13 1.98 6.05
CA TRP A 9 -10.54 0.67 6.00
C TRP A 9 -11.15 -0.18 7.08
N ALA A 10 -12.00 0.44 7.93
CA ALA A 10 -12.64 -0.29 9.01
C ALA A 10 -13.51 -1.36 8.41
N ASN A 11 -14.19 -1.04 7.30
CA ASN A 11 -15.05 -2.00 6.65
C ASN A 11 -14.14 -2.82 5.76
N PRO A 12 -14.06 -4.12 6.02
CA PRO A 12 -13.20 -5.00 5.24
C PRO A 12 -13.62 -5.11 3.81
N LYS A 13 -14.91 -4.89 3.52
CA LYS A 13 -15.39 -4.97 2.16
C LYS A 13 -14.75 -3.85 1.37
N LYS A 14 -14.73 -2.64 1.96
CA LYS A 14 -14.15 -1.50 1.29
C LYS A 14 -12.66 -1.70 1.19
N ALA A 15 -12.05 -2.22 2.28
CA ALA A 15 -10.62 -2.45 2.31
C ALA A 15 -10.25 -3.45 1.24
N ASN A 16 -11.08 -4.50 1.07
CA ASN A 16 -10.79 -5.53 0.10
C ASN A 16 -10.70 -4.90 -1.27
N ALA A 17 -11.65 -4.00 -1.60
CA ALA A 17 -11.64 -3.36 -2.89
C ALA A 17 -10.39 -2.53 -3.05
N PHE A 18 -10.00 -1.80 -1.97
CA PHE A 18 -8.83 -0.95 -2.02
C PHE A 18 -7.60 -1.77 -2.26
N MET A 19 -7.42 -2.85 -1.48
CA MET A 19 -6.25 -3.69 -1.64
C MET A 19 -6.30 -4.35 -2.99
N LYS A 20 -7.50 -4.80 -3.42
CA LYS A 20 -7.64 -5.49 -4.67
C LYS A 20 -7.23 -4.60 -5.81
N CYS A 21 -7.64 -3.31 -5.81
CA CYS A 21 -7.33 -2.44 -6.93
C CYS A 21 -5.84 -2.19 -6.99
N LEU A 22 -5.17 -1.92 -5.85
CA LEU A 22 -3.74 -1.64 -5.88
C LEU A 22 -2.96 -2.89 -6.20
N ILE A 23 -3.33 -4.02 -5.58
CA ILE A 23 -2.61 -5.26 -5.80
C ILE A 23 -2.81 -5.70 -7.22
N GLN A 24 -4.05 -5.61 -7.74
CA GLN A 24 -4.33 -6.02 -9.09
C GLN A 24 -3.58 -5.13 -10.04
N LYS A 25 -3.50 -3.81 -9.73
CA LYS A 25 -2.79 -2.88 -10.59
C LYS A 25 -1.35 -3.33 -10.69
N ILE A 26 -0.75 -3.73 -9.56
CA ILE A 26 0.61 -4.18 -9.56
C ILE A 26 0.68 -5.46 -10.36
N SER A 27 -0.28 -6.38 -10.15
CA SER A 27 -0.28 -7.66 -10.83
C SER A 27 -0.36 -7.48 -12.32
N VAL A 28 -1.19 -6.53 -12.80
CA VAL A 28 -1.33 -6.35 -14.23
C VAL A 28 -0.22 -5.45 -14.73
N SER A 29 0.72 -5.05 -13.85
CA SER A 29 1.79 -4.16 -14.26
C SER A 29 2.94 -5.03 -14.71
N PRO A 30 3.51 -4.71 -15.84
CA PRO A 30 4.66 -5.44 -16.35
C PRO A 30 5.94 -4.98 -15.72
N VAL A 31 5.86 -3.89 -14.92
CA VAL A 31 7.03 -3.32 -14.28
C VAL A 31 7.56 -4.28 -13.25
N PHE A 32 6.68 -4.91 -12.45
CA PHE A 32 7.13 -5.81 -11.41
C PHE A 32 7.42 -7.16 -12.04
N PRO A 33 8.33 -7.89 -11.44
CA PRO A 33 8.69 -9.22 -11.91
C PRO A 33 7.69 -10.27 -11.51
N GLN A 34 7.59 -11.35 -12.33
CA GLN A 34 6.64 -12.41 -12.04
C GLN A 34 7.08 -13.18 -10.83
N GLN A 35 8.37 -13.07 -10.46
CA GLN A 35 8.88 -13.80 -9.32
C GLN A 35 8.20 -13.31 -8.07
N GLU A 36 7.91 -11.99 -7.98
CA GLU A 36 7.29 -11.44 -6.80
C GLU A 36 5.82 -11.75 -6.81
N LYS A 37 5.27 -12.32 -7.91
CA LYS A 37 3.86 -12.62 -7.96
C LYS A 37 3.50 -13.60 -6.87
N GLU A 38 4.36 -14.61 -6.63
CA GLU A 38 4.07 -15.59 -5.60
C GLU A 38 4.06 -14.90 -4.26
N ASP A 39 5.02 -13.97 -4.04
CA ASP A 39 5.10 -13.26 -2.78
C ASP A 39 3.87 -12.42 -2.60
N MET A 40 3.35 -11.83 -3.71
CA MET A 40 2.16 -10.99 -3.62
C MET A 40 1.01 -11.81 -3.13
N GLU A 41 0.89 -13.07 -3.59
CA GLU A 41 -0.22 -13.90 -3.16
C GLU A 41 -0.12 -14.13 -1.67
N SER A 42 1.11 -14.35 -1.17
CA SER A 42 1.29 -14.56 0.26
C SER A 42 0.95 -13.30 1.00
N ILE A 43 1.37 -12.14 0.46
CA ILE A 43 1.12 -10.87 1.09
C ILE A 43 -0.37 -10.63 1.17
N VAL A 44 -1.12 -10.95 0.08
CA VAL A 44 -2.54 -10.71 0.08
C VAL A 44 -3.20 -11.49 1.18
N GLU A 45 -2.85 -12.79 1.32
CA GLU A 45 -3.46 -13.61 2.35
C GLU A 45 -3.04 -13.12 3.71
N THR A 46 -1.77 -12.71 3.85
CA THR A 46 -1.26 -12.27 5.14
C THR A 46 -1.94 -10.98 5.52
N MET A 47 -2.13 -10.05 4.57
CA MET A 47 -2.76 -8.79 4.89
C MET A 47 -4.16 -9.03 5.38
N MET A 48 -4.88 -9.97 4.73
CA MET A 48 -6.23 -10.28 5.13
C MET A 48 -6.22 -10.89 6.51
N SER A 49 -5.22 -11.76 6.80
CA SER A 49 -5.19 -12.37 8.11
C SER A 49 -4.84 -11.33 9.14
N ALA A 50 -3.99 -10.35 8.76
CA ALA A 50 -3.56 -9.32 9.68
C ALA A 50 -4.72 -8.46 10.12
N ILE A 51 -5.63 -8.07 9.19
CA ILE A 51 -6.74 -7.22 9.58
C ILE A 51 -7.70 -7.99 10.42
N SER A 52 -7.93 -9.27 10.08
CA SER A 52 -8.85 -10.09 10.84
C SER A 52 -8.28 -10.31 12.21
N GLY A 53 -6.94 -10.42 12.32
CA GLY A 53 -6.31 -10.64 13.60
C GLY A 53 -6.53 -9.44 14.48
N VAL A 54 -6.42 -8.22 13.92
CA VAL A 54 -6.61 -7.02 14.71
C VAL A 54 -8.03 -6.97 15.20
N SER A 55 -9.01 -7.20 14.29
CA SER A 55 -10.39 -7.16 14.71
C SER A 55 -11.19 -7.87 13.67
N THR A 56 -12.25 -8.58 14.11
CA THR A 56 -13.10 -9.28 13.18
C THR A 56 -14.32 -8.43 12.97
N SER A 57 -15.29 -8.52 13.89
CA SER A 57 -16.48 -7.72 13.78
C SER A 57 -16.87 -7.29 15.16
N ARG A 58 -15.94 -7.39 16.12
CA ARG A 58 -16.23 -7.01 17.49
C ARG A 58 -16.31 -5.51 17.58
N GLY A 59 -15.59 -4.79 16.68
CA GLY A 59 -15.63 -3.35 16.73
C GLY A 59 -14.54 -2.83 15.87
N SER A 60 -14.26 -1.52 15.99
CA SER A 60 -13.21 -0.91 15.20
C SER A 60 -12.63 0.17 16.05
N SER A 61 -11.30 0.41 15.89
CA SER A 61 -10.65 1.42 16.68
C SER A 61 -9.87 2.30 15.74
N GLU A 62 -9.56 3.53 16.19
CA GLU A 62 -8.82 4.47 15.38
C GLU A 62 -7.45 3.90 15.12
N ALA A 63 -6.88 3.21 16.13
CA ALA A 63 -5.56 2.62 15.99
C ALA A 63 -5.59 1.63 14.87
N THR A 64 -6.69 0.87 14.75
CA THR A 64 -6.81 -0.14 13.71
C THR A 64 -6.80 0.54 12.37
N LEU A 65 -7.53 1.66 12.24
CA LEU A 65 -7.62 2.36 10.98
C LEU A 65 -6.26 2.86 10.58
N GLN A 66 -5.49 3.39 11.55
CA GLN A 66 -4.18 3.91 11.23
C GLN A 66 -3.23 2.78 10.97
N ALA A 67 -3.32 1.69 11.76
CA ALA A 67 -2.43 0.58 11.59
C ALA A 67 -2.62 -0.04 10.22
N MET A 68 -3.88 -0.21 9.79
CA MET A 68 -4.11 -0.82 8.49
C MET A 68 -3.70 0.12 7.39
N ASN A 69 -3.99 1.43 7.54
CA ASN A 69 -3.61 2.38 6.52
C ASN A 69 -2.11 2.41 6.41
N MET A 70 -1.41 2.41 7.56
CA MET A 70 0.03 2.42 7.57
C MET A 70 0.51 1.11 7.00
N ALA A 71 -0.18 0.00 7.32
CA ALA A 71 0.22 -1.31 6.85
C ALA A 71 0.16 -1.34 5.34
N PHE A 72 -0.84 -0.68 4.73
CA PHE A 72 -0.96 -0.70 3.28
C PHE A 72 0.25 -0.01 2.71
N ALA A 73 0.62 1.13 3.32
CA ALA A 73 1.76 1.88 2.85
C ALA A 73 3.00 1.06 3.05
N SER A 74 3.10 0.34 4.18
CA SER A 74 4.28 -0.46 4.47
C SER A 74 4.39 -1.58 3.47
N SER A 75 3.26 -2.22 3.11
CA SER A 75 3.30 -3.32 2.16
C SER A 75 3.79 -2.80 0.83
N MET A 76 3.23 -1.67 0.37
CA MET A 76 3.63 -1.11 -0.89
C MET A 76 5.07 -0.66 -0.80
N ALA A 77 5.46 -0.11 0.36
CA ALA A 77 6.81 0.37 0.55
C ALA A 77 7.77 -0.78 0.42
N GLU A 78 7.41 -1.97 0.93
CA GLU A 78 8.31 -3.11 0.85
C GLU A 78 8.58 -3.41 -0.59
N LEU A 79 7.52 -3.39 -1.43
CA LEU A 79 7.68 -3.67 -2.85
C LEU A 79 8.52 -2.56 -3.46
N VAL A 80 8.28 -1.32 -3.02
CA VAL A 80 9.00 -0.17 -3.53
C VAL A 80 10.47 -0.31 -3.21
N ILE A 81 10.81 -0.75 -1.98
CA ILE A 81 12.20 -0.86 -1.59
C ILE A 81 12.93 -1.81 -2.50
N ALA A 82 12.32 -2.97 -2.77
CA ALA A 82 12.98 -3.96 -3.59
C ALA A 82 13.27 -3.40 -4.95
N GLU A 83 12.33 -2.66 -5.54
CA GLU A 83 12.55 -2.13 -6.86
C GLU A 83 13.41 -0.89 -6.79
N ASP A 84 13.29 -0.10 -5.71
CA ASP A 84 14.04 1.15 -5.60
C ASP A 84 15.53 0.90 -5.56
N VAL A 85 15.99 -0.04 -4.72
CA VAL A 85 17.41 -0.28 -4.62
C VAL A 85 17.93 -0.85 -5.91
N ASN A 86 17.19 -1.80 -6.50
CA ASN A 86 17.62 -2.43 -7.73
C ASN A 86 17.55 -1.48 -8.90
N ASN A 87 16.49 -0.64 -8.97
CA ASN A 87 16.38 0.27 -10.09
C ASN A 87 15.41 1.37 -9.70
N PRO A 88 15.93 2.51 -9.30
CA PRO A 88 15.10 3.64 -8.89
C PRO A 88 14.36 4.28 -10.03
N ASP A 89 14.80 4.02 -11.27
CA ASP A 89 14.14 4.59 -12.42
C ASP A 89 12.78 3.98 -12.54
N SER A 90 12.70 2.66 -12.26
CA SER A 90 11.44 1.94 -12.34
C SER A 90 10.49 2.52 -11.35
N ILE A 91 11.00 2.92 -10.16
CA ILE A 91 10.16 3.46 -9.12
C ILE A 91 9.53 4.74 -9.58
N ALA A 92 10.28 5.60 -10.31
CA ALA A 92 9.70 6.85 -10.75
C ALA A 92 8.51 6.57 -11.64
N GLU A 93 8.65 5.60 -12.56
CA GLU A 93 7.56 5.26 -13.46
C GLU A 93 6.46 4.58 -12.68
N LYS A 94 6.85 3.72 -11.73
CA LYS A 94 5.89 2.98 -10.92
C LYS A 94 5.08 3.94 -10.08
N THR A 95 5.75 4.96 -9.52
CA THR A 95 5.08 5.93 -8.68
C THR A 95 4.02 6.64 -9.48
N GLU A 96 4.35 7.01 -10.74
CA GLU A 96 3.39 7.70 -11.56
C GLU A 96 2.20 6.80 -11.80
N ALA A 97 2.45 5.50 -12.10
CA ALA A 97 1.37 4.57 -12.35
C ALA A 97 0.54 4.40 -11.10
N LEU A 98 1.20 4.28 -9.93
CA LEU A 98 0.49 4.10 -8.69
C LEU A 98 -0.31 5.32 -8.35
N SER A 99 0.23 6.52 -8.66
CA SER A 99 -0.50 7.73 -8.35
C SER A 99 -1.78 7.74 -9.13
N GLN A 100 -1.72 7.31 -10.40
CA GLN A 100 -2.91 7.28 -11.22
C GLN A 100 -3.83 6.21 -10.70
N ALA A 101 -3.27 5.06 -10.28
CA ALA A 101 -4.07 3.97 -9.77
C ALA A 101 -4.80 4.39 -8.53
N LEU A 102 -4.11 5.13 -7.64
CA LEU A 102 -4.74 5.57 -6.41
C LEU A 102 -5.88 6.49 -6.73
N LYS A 103 -5.67 7.44 -7.67
CA LYS A 103 -6.70 8.38 -8.01
C LYS A 103 -7.90 7.67 -8.57
N GLN A 104 -7.65 6.74 -9.51
CA GLN A 104 -8.75 6.02 -10.14
C GLN A 104 -9.42 5.13 -9.13
N CYS A 105 -8.64 4.49 -8.24
CA CYS A 105 -9.20 3.58 -7.27
C CYS A 105 -10.05 4.34 -6.28
N PHE A 106 -9.55 5.50 -5.77
CA PHE A 106 -10.31 6.25 -4.79
C PHE A 106 -11.59 6.76 -5.42
N ARG A 107 -11.52 7.22 -6.68
CA ARG A 107 -12.70 7.75 -7.33
C ARG A 107 -13.66 6.63 -7.65
N SER A 108 -13.16 5.39 -7.74
CA SER A 108 -14.03 4.28 -8.08
C SER A 108 -14.53 3.60 -6.84
N THR A 109 -14.12 4.07 -5.64
CA THR A 109 -14.57 3.44 -4.42
C THR A 109 -15.34 4.44 -3.61
N MET A 110 -14.62 5.21 -2.76
CA MET A 110 -15.28 6.19 -1.91
C MET A 110 -15.75 7.33 -2.76
N GLY A 111 -15.05 7.60 -3.88
CA GLY A 111 -15.46 8.69 -4.75
C GLY A 111 -14.80 9.95 -4.28
N THR A 112 -13.93 9.85 -3.24
CA THR A 112 -13.26 11.01 -2.73
C THR A 112 -12.05 11.25 -3.58
N VAL A 113 -11.63 12.53 -3.68
CA VAL A 113 -10.47 12.87 -4.47
C VAL A 113 -9.47 13.52 -3.55
N ASN A 114 -9.53 13.19 -2.24
CA ASN A 114 -8.61 13.78 -1.31
C ASN A 114 -7.25 13.21 -1.61
N ARG A 115 -6.27 14.10 -1.85
CA ARG A 115 -4.94 13.68 -2.16
C ARG A 115 -4.12 13.64 -0.90
N GLN A 116 -4.77 13.88 0.26
CA GLN A 116 -4.06 13.86 1.51
C GLN A 116 -3.55 12.46 1.77
N PHE A 117 -4.41 11.44 1.52
CA PHE A 117 -4.03 10.07 1.76
C PHE A 117 -3.02 9.68 0.73
N ILE A 118 -3.25 10.13 -0.52
CA ILE A 118 -2.37 9.81 -1.62
C ILE A 118 -0.99 10.34 -1.33
N THR A 119 -0.92 11.61 -0.87
CA THR A 119 0.35 12.24 -0.59
C THR A 119 1.04 11.53 0.56
N GLU A 120 0.28 11.20 1.63
CA GLU A 120 0.89 10.55 2.78
C GLU A 120 1.42 9.19 2.38
N ILE A 121 0.68 8.43 1.55
CA ILE A 121 1.13 7.12 1.15
C ILE A 121 2.41 7.26 0.36
N LYS A 122 2.43 8.21 -0.60
CA LYS A 122 3.62 8.41 -1.43
C LYS A 122 4.77 8.83 -0.57
N HIS A 123 4.51 9.75 0.38
CA HIS A 123 5.57 10.26 1.24
C HIS A 123 6.11 9.13 2.09
N LEU A 124 5.22 8.30 2.67
CA LEU A 124 5.67 7.21 3.51
C LEU A 124 6.50 6.23 2.73
N MET A 125 6.09 5.92 1.48
CA MET A 125 6.84 4.97 0.69
C MET A 125 8.21 5.53 0.41
N THR A 126 8.28 6.84 0.12
CA THR A 126 9.55 7.47 -0.19
C THR A 126 10.44 7.45 1.03
N MET A 127 9.90 7.81 2.21
CA MET A 127 10.70 7.86 3.42
C MET A 127 11.17 6.49 3.81
N PHE A 128 10.29 5.46 3.69
CA PHE A 128 10.68 4.14 4.11
C PHE A 128 11.69 3.59 3.16
N ALA A 129 11.47 3.80 1.85
CA ALA A 129 12.39 3.29 0.87
C ALA A 129 13.70 3.99 0.97
N ALA A 130 13.68 5.32 1.22
CA ALA A 130 14.91 6.07 1.32
C ALA A 130 15.71 5.57 2.49
N GLU A 131 15.03 5.31 3.63
CA GLU A 131 15.71 4.85 4.81
C GLU A 131 16.30 3.49 4.54
N ALA A 132 15.50 2.61 3.89
CA ALA A 132 15.96 1.28 3.59
C ALA A 132 17.13 1.33 2.64
N ALA A 133 17.07 2.23 1.65
CA ALA A 133 18.14 2.34 0.68
C ALA A 133 19.40 2.78 1.36
N GLN A 134 19.30 3.72 2.33
CA GLN A 134 20.48 4.18 3.02
C GLN A 134 21.06 3.03 3.80
N GLU A 135 20.18 2.20 4.40
CA GLU A 135 20.66 1.06 5.16
C GLU A 135 21.30 0.08 4.22
N ALA A 136 20.70 -0.15 3.03
CA ALA A 136 21.26 -1.09 2.08
C ALA A 136 22.60 -0.59 1.61
N ALA A 137 22.69 0.73 1.34
CA ALA A 137 23.93 1.31 0.88
C ALA A 137 24.99 1.17 1.96
N ALA A 138 24.59 1.40 3.24
CA ALA A 138 25.54 1.29 4.33
C ALA A 138 26.04 -0.12 4.40
N GLY A 139 25.14 -1.10 4.22
CA GLY A 139 25.52 -2.48 4.25
C GLY A 139 25.30 -2.97 5.65
N ASP A 140 25.63 -4.26 5.89
CA ASP A 140 25.45 -4.83 7.20
C ASP A 140 26.71 -4.63 7.98
N ASN A 141 27.74 -4.03 7.35
CA ASN A 141 28.98 -3.80 8.03
C ASN A 141 29.71 -2.74 7.27
N GLU A 142 30.87 -2.30 7.79
CA GLU A 142 31.63 -1.27 7.13
C GLU A 142 33.10 -1.48 7.49
N GLY A 1 -10.67 10.88 13.71
CA GLY A 1 -11.12 11.07 12.31
C GLY A 1 -12.08 12.21 12.25
N SER A 2 -12.30 12.75 11.03
CA SER A 2 -13.22 13.86 10.87
C SER A 2 -14.61 13.37 11.14
N MET A 3 -14.93 12.13 10.71
CA MET A 3 -16.24 11.59 10.94
C MET A 3 -16.05 10.20 11.46
N SER A 4 -16.93 9.78 12.40
CA SER A 4 -16.83 8.46 12.96
C SER A 4 -17.66 7.53 12.12
N SER A 5 -18.43 8.09 11.16
CA SER A 5 -19.26 7.27 10.31
C SER A 5 -18.50 6.94 9.06
N LYS A 6 -17.27 7.46 8.94
CA LYS A 6 -16.47 7.19 7.76
C LYS A 6 -15.70 5.93 8.03
N SER A 7 -15.84 4.94 7.14
CA SER A 7 -15.14 3.68 7.31
C SER A 7 -14.32 3.44 6.08
N PRO A 8 -13.10 3.93 6.07
CA PRO A 8 -12.23 3.75 4.92
C PRO A 8 -11.79 2.31 4.77
N TRP A 9 -10.85 1.85 5.61
CA TRP A 9 -10.41 0.48 5.52
C TRP A 9 -11.10 -0.31 6.60
N ALA A 10 -11.84 0.40 7.49
CA ALA A 10 -12.54 -0.26 8.57
C ALA A 10 -13.55 -1.19 7.97
N ASN A 11 -14.22 -0.76 6.88
CA ASN A 11 -15.19 -1.60 6.23
C ASN A 11 -14.40 -2.55 5.35
N PRO A 12 -14.50 -3.84 5.61
CA PRO A 12 -13.77 -4.83 4.83
C PRO A 12 -14.17 -4.89 3.40
N LYS A 13 -15.41 -4.49 3.07
CA LYS A 13 -15.85 -4.53 1.70
C LYS A 13 -15.11 -3.45 0.94
N LYS A 14 -14.98 -2.25 1.55
CA LYS A 14 -14.28 -1.17 0.90
C LYS A 14 -12.80 -1.48 0.89
N ALA A 15 -12.31 -2.08 1.99
CA ALA A 15 -10.91 -2.43 2.09
C ALA A 15 -10.56 -3.43 1.02
N ASN A 16 -11.48 -4.39 0.75
CA ASN A 16 -11.22 -5.40 -0.25
C ASN A 16 -11.03 -4.72 -1.58
N ALA A 17 -11.89 -3.74 -1.91
CA ALA A 17 -11.78 -3.03 -3.17
C ALA A 17 -10.46 -2.29 -3.22
N PHE A 18 -10.07 -1.67 -2.08
CA PHE A 18 -8.83 -0.93 -2.02
C PHE A 18 -7.67 -1.85 -2.30
N MET A 19 -7.64 -3.01 -1.61
CA MET A 19 -6.56 -3.96 -1.78
C MET A 19 -6.60 -4.46 -3.20
N LYS A 20 -7.81 -4.70 -3.74
CA LYS A 20 -7.95 -5.20 -5.08
C LYS A 20 -7.34 -4.22 -6.05
N CYS A 21 -7.60 -2.91 -5.85
CA CYS A 21 -7.08 -1.91 -6.77
C CYS A 21 -5.57 -1.94 -6.81
N LEU A 22 -4.90 -1.87 -5.63
CA LEU A 22 -3.45 -1.83 -5.64
C LEU A 22 -2.87 -3.14 -6.10
N ILE A 23 -3.43 -4.26 -5.62
CA ILE A 23 -2.90 -5.55 -5.98
C ILE A 23 -3.07 -5.83 -7.45
N GLN A 24 -4.28 -5.58 -7.99
CA GLN A 24 -4.53 -5.85 -9.38
C GLN A 24 -3.75 -4.90 -10.25
N LYS A 25 -3.62 -3.61 -9.85
CA LYS A 25 -2.89 -2.67 -10.67
C LYS A 25 -1.49 -3.15 -10.84
N ILE A 26 -0.87 -3.62 -9.73
CA ILE A 26 0.48 -4.12 -9.77
C ILE A 26 0.51 -5.32 -10.68
N SER A 27 -0.53 -6.20 -10.57
CA SER A 27 -0.59 -7.39 -11.39
C SER A 27 -0.65 -7.02 -12.85
N VAL A 28 -1.40 -5.95 -13.20
CA VAL A 28 -1.52 -5.55 -14.59
C VAL A 28 -0.39 -4.62 -14.93
N SER A 29 0.68 -4.60 -14.12
CA SER A 29 1.82 -3.74 -14.42
C SER A 29 3.02 -4.65 -14.56
N PRO A 30 3.30 -5.06 -15.78
CA PRO A 30 4.43 -5.96 -16.08
C PRO A 30 5.78 -5.44 -15.66
N VAL A 31 5.83 -4.18 -15.21
CA VAL A 31 7.07 -3.58 -14.78
C VAL A 31 7.59 -4.33 -13.57
N PHE A 32 6.67 -4.93 -12.79
CA PHE A 32 7.06 -5.66 -11.61
C PHE A 32 7.52 -7.05 -12.02
N PRO A 33 8.35 -7.66 -11.20
CA PRO A 33 8.84 -9.01 -11.46
C PRO A 33 7.84 -10.06 -11.06
N GLN A 34 7.96 -11.27 -11.65
CA GLN A 34 7.05 -12.35 -11.34
C GLN A 34 7.30 -12.84 -9.93
N GLN A 35 8.51 -12.56 -9.38
CA GLN A 35 8.83 -13.00 -8.04
C GLN A 35 7.95 -12.25 -7.07
N GLU A 36 7.69 -10.96 -7.37
CA GLU A 36 6.89 -10.14 -6.50
C GLU A 36 5.48 -10.67 -6.42
N LYS A 37 5.01 -11.38 -7.48
CA LYS A 37 3.65 -11.88 -7.48
C LYS A 37 3.45 -12.83 -6.32
N GLU A 38 4.43 -13.72 -6.06
CA GLU A 38 4.28 -14.68 -4.99
C GLU A 38 4.26 -13.97 -3.66
N ASP A 39 5.15 -12.96 -3.49
CA ASP A 39 5.23 -12.25 -2.24
C ASP A 39 3.97 -11.44 -2.05
N MET A 40 3.46 -10.82 -3.13
CA MET A 40 2.28 -9.99 -3.04
C MET A 40 1.11 -10.82 -2.61
N GLU A 41 0.98 -12.06 -3.12
CA GLU A 41 -0.14 -12.90 -2.75
C GLU A 41 -0.06 -13.23 -1.28
N SER A 42 1.15 -13.49 -0.75
CA SER A 42 1.28 -13.83 0.65
C SER A 42 1.00 -12.60 1.51
N ILE A 43 1.44 -11.41 1.03
CA ILE A 43 1.24 -10.19 1.80
C ILE A 43 -0.22 -9.90 1.97
N VAL A 44 -1.03 -9.98 0.88
CA VAL A 44 -2.43 -9.66 1.01
C VAL A 44 -3.15 -10.69 1.84
N GLU A 45 -2.79 -11.98 1.72
CA GLU A 45 -3.48 -12.99 2.48
C GLU A 45 -3.21 -12.78 3.95
N THR A 46 -1.95 -12.46 4.31
CA THR A 46 -1.62 -12.27 5.71
C THR A 46 -2.22 -10.98 6.20
N MET A 47 -2.14 -9.92 5.37
CA MET A 47 -2.67 -8.63 5.77
C MET A 47 -4.16 -8.75 5.98
N MET A 48 -4.85 -9.44 5.05
CA MET A 48 -6.28 -9.59 5.15
C MET A 48 -6.60 -10.46 6.34
N SER A 49 -5.78 -11.51 6.59
CA SER A 49 -6.03 -12.39 7.72
C SER A 49 -5.89 -11.60 8.99
N ALA A 50 -4.88 -10.71 9.05
CA ALA A 50 -4.65 -9.92 10.24
C ALA A 50 -5.84 -9.03 10.49
N ILE A 51 -6.40 -8.42 9.42
CA ILE A 51 -7.55 -7.54 9.60
C ILE A 51 -8.70 -8.33 10.13
N SER A 52 -8.92 -9.55 9.58
CA SER A 52 -10.02 -10.37 10.02
C SER A 52 -9.81 -10.73 11.47
N GLY A 53 -8.55 -11.04 11.86
CA GLY A 53 -8.25 -11.40 13.23
C GLY A 53 -8.49 -10.22 14.14
N VAL A 54 -8.09 -9.01 13.70
CA VAL A 54 -8.27 -7.83 14.52
C VAL A 54 -9.74 -7.54 14.69
N SER A 55 -10.52 -7.69 13.60
CA SER A 55 -11.93 -7.40 13.65
C SER A 55 -12.66 -8.51 14.35
N THR A 56 -12.71 -8.43 15.70
CA THR A 56 -13.41 -9.44 16.47
C THR A 56 -14.66 -8.82 17.02
N SER A 57 -14.72 -7.46 17.03
CA SER A 57 -15.88 -6.78 17.55
C SER A 57 -16.27 -5.74 16.55
N ARG A 58 -17.57 -5.39 16.53
CA ARG A 58 -18.05 -4.39 15.60
C ARG A 58 -17.87 -3.06 16.26
N GLY A 59 -17.24 -2.10 15.54
CA GLY A 59 -17.03 -0.80 16.09
C GLY A 59 -16.43 0.05 15.01
N SER A 60 -16.02 1.28 15.37
CA SER A 60 -15.44 2.17 14.38
C SER A 60 -14.15 1.57 13.88
N SER A 61 -13.40 0.91 14.81
CA SER A 61 -12.15 0.27 14.44
C SER A 61 -11.22 1.31 13.87
N GLU A 62 -11.17 2.50 14.51
CA GLU A 62 -10.31 3.56 14.03
C GLU A 62 -8.87 3.13 14.13
N ALA A 63 -8.51 2.45 15.24
CA ALA A 63 -7.16 2.00 15.42
C ALA A 63 -6.79 1.01 14.34
N THR A 64 -7.75 0.13 14.01
CA THR A 64 -7.50 -0.90 13.02
C THR A 64 -7.23 -0.29 11.67
N LEU A 65 -8.07 0.68 11.24
CA LEU A 65 -7.87 1.24 9.91
C LEU A 65 -6.66 2.12 9.90
N GLN A 66 -6.35 2.81 11.02
CA GLN A 66 -5.20 3.68 11.03
C GLN A 66 -3.95 2.83 10.94
N ALA A 67 -3.90 1.73 11.72
CA ALA A 67 -2.73 0.88 11.72
C ALA A 67 -2.60 0.18 10.39
N MET A 68 -3.73 -0.31 9.83
CA MET A 68 -3.67 -1.02 8.58
C MET A 68 -3.32 -0.06 7.47
N ASN A 69 -3.77 1.20 7.55
CA ASN A 69 -3.46 2.17 6.50
C ASN A 69 -1.97 2.30 6.40
N MET A 70 -1.29 2.43 7.57
CA MET A 70 0.15 2.56 7.56
C MET A 70 0.75 1.24 7.16
N ALA A 71 0.13 0.12 7.61
CA ALA A 71 0.64 -1.20 7.32
C ALA A 71 0.62 -1.47 5.83
N PHE A 72 -0.44 -1.02 5.10
CA PHE A 72 -0.51 -1.29 3.67
C PHE A 72 0.62 -0.57 3.01
N ALA A 73 0.83 0.71 3.38
CA ALA A 73 1.89 1.48 2.78
C ALA A 73 3.21 0.88 3.14
N SER A 74 3.37 0.44 4.40
CA SER A 74 4.62 -0.13 4.85
C SER A 74 4.92 -1.40 4.08
N SER A 75 3.90 -2.26 3.89
CA SER A 75 4.11 -3.51 3.18
C SER A 75 4.52 -3.21 1.75
N MET A 76 3.83 -2.25 1.11
CA MET A 76 4.15 -1.91 -0.26
C MET A 76 5.51 -1.28 -0.28
N ALA A 77 5.85 -0.49 0.77
CA ALA A 77 7.13 0.16 0.86
C ALA A 77 8.22 -0.87 0.87
N GLU A 78 8.00 -2.02 1.56
CA GLU A 78 9.01 -3.05 1.61
C GLU A 78 9.26 -3.54 0.22
N LEU A 79 8.19 -3.75 -0.57
CA LEU A 79 8.34 -4.21 -1.93
C LEU A 79 9.05 -3.15 -2.73
N VAL A 80 8.70 -1.87 -2.46
CA VAL A 80 9.31 -0.76 -3.17
C VAL A 80 10.79 -0.71 -2.88
N ILE A 81 11.18 -0.96 -1.61
CA ILE A 81 12.59 -0.91 -1.25
C ILE A 81 13.36 -1.93 -2.04
N ALA A 82 12.81 -3.14 -2.18
CA ALA A 82 13.50 -4.20 -2.87
C ALA A 82 13.79 -3.80 -4.29
N GLU A 83 12.86 -3.10 -4.96
CA GLU A 83 13.10 -2.72 -6.34
C GLU A 83 13.74 -1.36 -6.40
N ASP A 84 13.71 -0.58 -5.30
CA ASP A 84 14.27 0.76 -5.32
C ASP A 84 15.77 0.72 -5.48
N VAL A 85 16.47 -0.09 -4.67
CA VAL A 85 17.91 -0.14 -4.74
C VAL A 85 18.32 -0.83 -6.02
N ASN A 86 17.64 -1.95 -6.34
CA ASN A 86 17.97 -2.72 -7.51
C ASN A 86 17.67 -1.97 -8.79
N ASN A 87 16.54 -1.24 -8.86
CA ASN A 87 16.20 -0.53 -10.08
C ASN A 87 15.26 0.59 -9.71
N PRO A 88 15.82 1.74 -9.37
CA PRO A 88 15.02 2.90 -8.98
C PRO A 88 14.20 3.47 -10.10
N ASP A 89 14.57 3.16 -11.36
CA ASP A 89 13.83 3.68 -12.49
C ASP A 89 12.46 3.07 -12.49
N SER A 90 12.37 1.77 -12.12
CA SER A 90 11.09 1.09 -12.12
C SER A 90 10.21 1.67 -11.04
N ILE A 91 10.82 2.25 -9.99
CA ILE A 91 10.04 2.81 -8.91
C ILE A 91 9.29 4.02 -9.42
N ALA A 92 9.97 4.85 -10.25
CA ALA A 92 9.32 6.04 -10.77
C ALA A 92 8.15 5.62 -11.62
N GLU A 93 8.33 4.56 -12.42
CA GLU A 93 7.26 4.09 -13.28
C GLU A 93 6.13 3.54 -12.44
N LYS A 94 6.47 2.77 -11.39
CA LYS A 94 5.45 2.19 -10.53
C LYS A 94 4.73 3.27 -9.80
N THR A 95 5.47 4.30 -9.33
CA THR A 95 4.85 5.38 -8.57
C THR A 95 3.87 6.10 -9.45
N GLU A 96 4.26 6.39 -10.70
CA GLU A 96 3.37 7.10 -11.61
C GLU A 96 2.17 6.25 -11.90
N ALA A 97 2.38 4.93 -12.16
CA ALA A 97 1.28 4.06 -12.50
C ALA A 97 0.34 3.94 -11.33
N LEU A 98 0.89 3.79 -10.10
CA LEU A 98 0.07 3.65 -8.93
C LEU A 98 -0.64 4.94 -8.64
N SER A 99 0.02 6.09 -8.88
CA SER A 99 -0.60 7.37 -8.61
C SER A 99 -1.84 7.50 -9.44
N GLN A 100 -1.78 7.08 -10.72
CA GLN A 100 -2.93 7.18 -11.58
C GLN A 100 -3.99 6.23 -11.10
N ALA A 101 -3.60 5.02 -10.68
CA ALA A 101 -4.55 4.04 -10.24
C ALA A 101 -5.23 4.51 -8.97
N LEU A 102 -4.46 5.12 -8.05
CA LEU A 102 -5.02 5.57 -6.81
C LEU A 102 -6.03 6.66 -7.04
N LYS A 103 -5.75 7.59 -7.98
CA LYS A 103 -6.68 8.68 -8.22
C LYS A 103 -7.99 8.13 -8.74
N GLN A 104 -7.93 7.20 -9.70
CA GLN A 104 -9.15 6.66 -10.27
C GLN A 104 -9.85 5.77 -9.27
N CYS A 105 -9.09 4.96 -8.53
CA CYS A 105 -9.70 4.07 -7.57
C CYS A 105 -10.29 4.83 -6.43
N PHE A 106 -9.63 5.90 -5.96
CA PHE A 106 -10.17 6.63 -4.83
C PHE A 106 -11.49 7.27 -5.20
N ARG A 107 -11.61 7.85 -6.41
CA ARG A 107 -12.85 8.50 -6.77
C ARG A 107 -13.92 7.47 -7.06
N SER A 108 -13.53 6.25 -7.49
CA SER A 108 -14.51 5.25 -7.83
C SER A 108 -14.72 4.26 -6.70
N THR A 109 -13.99 4.41 -5.57
CA THR A 109 -14.15 3.46 -4.49
C THR A 109 -14.46 4.21 -3.23
N MET A 110 -13.55 5.11 -2.80
CA MET A 110 -13.77 5.87 -1.59
C MET A 110 -14.86 6.88 -1.84
N GLY A 111 -14.96 7.35 -3.10
CA GLY A 111 -15.99 8.32 -3.43
C GLY A 111 -15.49 9.68 -3.05
N THR A 112 -14.21 9.78 -2.64
CA THR A 112 -13.66 11.05 -2.26
C THR A 112 -12.40 11.24 -3.05
N VAL A 113 -11.96 12.51 -3.17
CA VAL A 113 -10.75 12.81 -3.91
C VAL A 113 -9.72 13.27 -2.93
N ASN A 114 -9.82 12.79 -1.67
CA ASN A 114 -8.87 13.19 -0.66
C ASN A 114 -7.56 12.51 -0.98
N ARG A 115 -6.51 13.33 -1.26
CA ARG A 115 -5.23 12.80 -1.63
C ARG A 115 -4.33 12.78 -0.43
N GLN A 116 -4.86 13.07 0.78
CA GLN A 116 -4.02 13.07 1.96
C GLN A 116 -3.53 11.67 2.21
N PHE A 117 -4.41 10.67 2.02
CA PHE A 117 -4.02 9.28 2.25
C PHE A 117 -3.02 8.89 1.21
N ILE A 118 -3.28 9.31 -0.05
CA ILE A 118 -2.40 8.97 -1.16
C ILE A 118 -1.04 9.56 -0.90
N THR A 119 -1.01 10.83 -0.46
CA THR A 119 0.25 11.50 -0.20
C THR A 119 0.99 10.80 0.90
N GLU A 120 0.29 10.40 1.98
CA GLU A 120 0.94 9.73 3.08
C GLU A 120 1.51 8.42 2.63
N ILE A 121 0.78 7.67 1.76
CA ILE A 121 1.27 6.40 1.29
C ILE A 121 2.55 6.60 0.52
N LYS A 122 2.56 7.58 -0.40
CA LYS A 122 3.75 7.83 -1.20
C LYS A 122 4.87 8.32 -0.31
N HIS A 123 4.53 9.16 0.68
CA HIS A 123 5.53 9.70 1.58
C HIS A 123 6.18 8.58 2.35
N LEU A 124 5.38 7.64 2.90
CA LEU A 124 5.94 6.55 3.67
C LEU A 124 6.81 5.69 2.81
N MET A 125 6.38 5.39 1.57
CA MET A 125 7.17 4.54 0.71
C MET A 125 8.47 5.22 0.38
N THR A 126 8.42 6.53 0.10
CA THR A 126 9.62 7.25 -0.25
C THR A 126 10.52 7.35 0.95
N MET A 127 9.94 7.62 2.13
CA MET A 127 10.72 7.77 3.34
C MET A 127 11.43 6.49 3.69
N PHE A 128 10.74 5.35 3.62
CA PHE A 128 11.37 4.10 4.01
C PHE A 128 12.39 3.72 2.99
N ALA A 129 12.08 3.91 1.70
CA ALA A 129 12.99 3.55 0.66
C ALA A 129 14.21 4.43 0.69
N ALA A 130 14.03 5.74 0.99
CA ALA A 130 15.16 6.64 1.03
C ALA A 130 16.10 6.22 2.12
N GLU A 131 15.56 5.85 3.29
CA GLU A 131 16.40 5.44 4.39
C GLU A 131 17.06 4.14 4.06
N ALA A 132 16.31 3.22 3.43
CA ALA A 132 16.85 1.92 3.08
C ALA A 132 17.96 2.10 2.08
N ALA A 133 17.77 3.02 1.10
CA ALA A 133 18.77 3.24 0.09
C ALA A 133 20.04 3.76 0.72
N GLN A 134 19.90 4.66 1.72
CA GLN A 134 21.08 5.20 2.37
C GLN A 134 21.79 4.07 3.06
N GLU A 135 21.03 3.15 3.69
CA GLU A 135 21.63 2.03 4.38
C GLU A 135 22.30 1.13 3.37
N ALA A 136 21.62 0.89 2.22
CA ALA A 136 22.18 0.02 1.20
C ALA A 136 23.45 0.62 0.67
N ALA A 137 23.45 1.95 0.44
CA ALA A 137 24.62 2.63 -0.07
C ALA A 137 25.74 2.52 0.93
N ALA A 138 25.42 2.65 2.24
CA ALA A 138 26.43 2.57 3.27
C ALA A 138 27.05 1.21 3.23
N GLY A 139 26.23 0.17 3.04
CA GLY A 139 26.74 -1.18 2.97
C GLY A 139 25.67 -2.09 3.49
N ASP A 140 25.11 -2.91 2.57
CA ASP A 140 24.07 -3.84 2.97
C ASP A 140 23.84 -4.76 1.80
N ASN A 141 23.64 -4.18 0.60
CA ASN A 141 23.41 -4.99 -0.57
C ASN A 141 24.74 -5.28 -1.19
N GLU A 142 25.22 -6.52 -1.03
CA GLU A 142 26.51 -6.88 -1.60
C GLU A 142 26.47 -8.39 -1.90
N GLY A 1 -8.68 10.64 17.10
CA GLY A 1 -9.44 9.88 18.13
C GLY A 1 -10.86 9.76 17.72
N SER A 2 -11.65 8.97 18.49
CA SER A 2 -13.05 8.77 18.19
C SER A 2 -13.14 7.95 16.93
N MET A 3 -14.26 8.09 16.19
CA MET A 3 -14.45 7.34 14.97
C MET A 3 -14.72 8.34 13.89
N SER A 4 -13.99 8.23 12.76
CA SER A 4 -14.20 9.15 11.67
C SER A 4 -15.41 8.73 10.91
N SER A 5 -16.07 9.69 10.23
CA SER A 5 -17.26 9.40 9.45
C SER A 5 -16.87 8.56 8.28
N LYS A 6 -15.71 8.86 7.67
CA LYS A 6 -15.26 8.10 6.52
C LYS A 6 -14.77 6.77 7.01
N SER A 7 -15.00 5.71 6.20
CA SER A 7 -14.59 4.38 6.58
C SER A 7 -13.82 3.79 5.44
N PRO A 8 -12.58 4.21 5.29
CA PRO A 8 -11.73 3.71 4.22
C PRO A 8 -11.33 2.27 4.43
N TRP A 9 -10.42 2.02 5.38
CA TRP A 9 -9.99 0.67 5.65
C TRP A 9 -10.87 0.12 6.74
N ALA A 10 -11.66 1.00 7.39
CA ALA A 10 -12.52 0.57 8.47
C ALA A 10 -13.58 -0.35 7.95
N ASN A 11 -14.13 -0.04 6.76
CA ASN A 11 -15.19 -0.87 6.20
C ASN A 11 -14.50 -1.97 5.41
N PRO A 12 -14.67 -3.21 5.85
CA PRO A 12 -14.06 -4.36 5.18
C PRO A 12 -14.47 -4.51 3.74
N LYS A 13 -15.75 -4.22 3.44
CA LYS A 13 -16.25 -4.35 2.10
C LYS A 13 -15.54 -3.36 1.21
N LYS A 14 -15.37 -2.12 1.71
CA LYS A 14 -14.72 -1.10 0.93
C LYS A 14 -13.26 -1.44 0.81
N ALA A 15 -12.66 -1.92 1.93
CA ALA A 15 -11.26 -2.26 1.93
C ALA A 15 -11.01 -3.37 0.94
N ASN A 16 -11.90 -4.38 0.89
CA ASN A 16 -11.70 -5.49 -0.01
C ASN A 16 -11.73 -4.99 -1.43
N ALA A 17 -12.70 -4.11 -1.77
CA ALA A 17 -12.79 -3.61 -3.13
C ALA A 17 -11.56 -2.81 -3.46
N PHE A 18 -11.10 -1.99 -2.49
CA PHE A 18 -9.94 -1.15 -2.68
C PHE A 18 -8.73 -2.01 -2.91
N MET A 19 -8.53 -3.02 -2.05
CA MET A 19 -7.40 -3.90 -2.18
C MET A 19 -7.46 -4.68 -3.47
N LYS A 20 -8.67 -5.17 -3.86
CA LYS A 20 -8.78 -5.98 -5.06
C LYS A 20 -8.38 -5.18 -6.28
N CYS A 21 -8.79 -3.90 -6.37
CA CYS A 21 -8.44 -3.15 -7.56
C CYS A 21 -6.96 -2.85 -7.58
N LEU A 22 -6.37 -2.55 -6.40
CA LEU A 22 -4.94 -2.24 -6.37
C LEU A 22 -4.16 -3.48 -6.71
N ILE A 23 -4.59 -4.64 -6.18
CA ILE A 23 -3.90 -5.88 -6.42
C ILE A 23 -3.91 -6.20 -7.90
N GLN A 24 -5.08 -6.07 -8.54
CA GLN A 24 -5.19 -6.38 -9.94
C GLN A 24 -4.38 -5.37 -10.74
N LYS A 25 -4.41 -4.07 -10.35
CA LYS A 25 -3.66 -3.07 -11.09
C LYS A 25 -2.20 -3.40 -11.03
N ILE A 26 -1.73 -3.89 -9.88
CA ILE A 26 -0.33 -4.23 -9.75
C ILE A 26 -0.01 -5.34 -10.71
N SER A 27 -0.89 -6.34 -10.84
CA SER A 27 -0.60 -7.45 -11.74
C SER A 27 -0.95 -7.09 -13.15
N VAL A 28 -1.62 -5.94 -13.39
CA VAL A 28 -1.98 -5.58 -14.74
C VAL A 28 -0.83 -4.84 -15.36
N SER A 29 0.10 -4.29 -14.55
CA SER A 29 1.21 -3.56 -15.12
C SER A 29 2.32 -4.55 -15.39
N PRO A 30 2.72 -4.65 -16.64
CA PRO A 30 3.81 -5.56 -17.03
C PRO A 30 5.16 -5.03 -16.67
N VAL A 31 5.20 -3.75 -16.21
CA VAL A 31 6.44 -3.12 -15.83
C VAL A 31 6.99 -3.86 -14.64
N PHE A 32 6.11 -4.24 -13.70
CA PHE A 32 6.55 -4.94 -12.51
C PHE A 32 6.59 -6.40 -12.82
N PRO A 33 7.50 -7.10 -12.18
CA PRO A 33 7.65 -8.54 -12.38
C PRO A 33 6.55 -9.34 -11.77
N GLN A 34 6.27 -10.54 -12.35
CA GLN A 34 5.21 -11.38 -11.84
C GLN A 34 5.77 -12.21 -10.72
N GLN A 35 7.09 -12.13 -10.49
CA GLN A 35 7.71 -12.88 -9.43
C GLN A 35 7.18 -12.40 -8.11
N GLU A 36 6.97 -11.06 -8.01
CA GLU A 36 6.49 -10.48 -6.77
C GLU A 36 5.01 -10.74 -6.62
N LYS A 37 4.35 -11.27 -7.67
CA LYS A 37 2.93 -11.53 -7.60
C LYS A 37 2.66 -12.54 -6.51
N GLU A 38 3.52 -13.58 -6.40
CA GLU A 38 3.32 -14.61 -5.39
C GLU A 38 3.46 -13.98 -4.03
N ASP A 39 4.47 -13.10 -3.86
CA ASP A 39 4.68 -12.45 -2.58
C ASP A 39 3.51 -11.56 -2.28
N MET A 40 2.98 -10.88 -3.33
CA MET A 40 1.85 -9.99 -3.16
C MET A 40 0.66 -10.76 -2.65
N GLU A 41 0.41 -11.96 -3.22
CA GLU A 41 -0.72 -12.76 -2.79
C GLU A 41 -0.55 -13.14 -1.34
N SER A 42 0.69 -13.48 -0.94
CA SER A 42 0.95 -13.88 0.43
C SER A 42 0.68 -12.70 1.35
N ILE A 43 1.11 -11.49 0.93
CA ILE A 43 0.91 -10.30 1.73
C ILE A 43 -0.57 -10.04 1.87
N VAL A 44 -1.33 -10.18 0.76
CA VAL A 44 -2.75 -9.91 0.80
C VAL A 44 -3.42 -10.86 1.75
N GLU A 45 -3.05 -12.16 1.70
CA GLU A 45 -3.66 -13.13 2.58
C GLU A 45 -3.34 -12.78 4.01
N THR A 46 -2.09 -12.32 4.24
CA THR A 46 -1.67 -11.96 5.58
C THR A 46 -2.45 -10.76 6.04
N MET A 47 -2.68 -9.78 5.14
CA MET A 47 -3.42 -8.59 5.52
C MET A 47 -4.81 -9.00 5.92
N MET A 48 -5.41 -9.95 5.18
CA MET A 48 -6.75 -10.38 5.49
C MET A 48 -6.76 -11.04 6.84
N SER A 49 -5.72 -11.85 7.16
CA SER A 49 -5.67 -12.50 8.45
C SER A 49 -5.47 -11.45 9.51
N ALA A 50 -4.70 -10.39 9.19
CA ALA A 50 -4.45 -9.32 10.13
C ALA A 50 -5.74 -8.64 10.49
N ILE A 51 -6.63 -8.44 9.48
CA ILE A 51 -7.89 -7.77 9.71
C ILE A 51 -8.67 -8.58 10.70
N SER A 52 -8.74 -9.91 10.48
CA SER A 52 -9.49 -10.79 11.36
C SER A 52 -8.88 -10.75 12.73
N GLY A 53 -7.53 -10.71 12.82
CA GLY A 53 -6.86 -10.69 14.10
C GLY A 53 -7.24 -9.45 14.86
N VAL A 54 -7.29 -8.27 14.18
CA VAL A 54 -7.64 -7.05 14.86
C VAL A 54 -9.06 -7.14 15.34
N SER A 55 -9.99 -7.56 14.46
CA SER A 55 -11.37 -7.67 14.86
C SER A 55 -12.10 -8.40 13.78
N THR A 56 -13.24 -9.05 14.13
CA THR A 56 -14.00 -9.78 13.14
C THR A 56 -14.65 -8.79 12.21
N SER A 57 -15.20 -7.67 12.75
CA SER A 57 -15.83 -6.68 11.91
C SER A 57 -16.41 -5.61 12.79
N ARG A 58 -15.68 -5.20 13.85
CA ARG A 58 -16.19 -4.16 14.72
C ARG A 58 -15.02 -3.44 15.31
N GLY A 59 -15.00 -2.10 15.19
CA GLY A 59 -13.90 -1.35 15.74
C GLY A 59 -13.85 -0.02 15.08
N SER A 60 -13.28 0.01 13.84
CA SER A 60 -13.16 1.26 13.10
C SER A 60 -12.30 2.20 13.91
N SER A 61 -11.25 1.64 14.54
CA SER A 61 -10.37 2.44 15.36
C SER A 61 -9.40 3.15 14.45
N GLU A 62 -8.96 4.35 14.87
CA GLU A 62 -8.03 5.13 14.09
C GLU A 62 -6.75 4.35 13.98
N ALA A 63 -6.36 3.63 15.06
CA ALA A 63 -5.15 2.85 15.05
C ALA A 63 -5.23 1.81 13.97
N THR A 64 -6.42 1.20 13.82
CA THR A 64 -6.61 0.18 12.81
C THR A 64 -6.45 0.79 11.45
N LEU A 65 -7.04 1.98 11.24
CA LEU A 65 -6.98 2.63 9.95
C LEU A 65 -5.56 2.98 9.61
N GLN A 66 -4.82 3.51 10.60
CA GLN A 66 -3.45 3.91 10.37
C GLN A 66 -2.58 2.71 10.17
N ALA A 67 -2.78 1.66 11.01
CA ALA A 67 -1.95 0.48 10.92
C ALA A 67 -2.16 -0.23 9.61
N MET A 68 -3.43 -0.35 9.15
CA MET A 68 -3.68 -1.05 7.91
C MET A 68 -3.19 -0.25 6.74
N ASN A 69 -3.42 1.07 6.75
CA ASN A 69 -2.99 1.89 5.64
C ASN A 69 -1.48 1.82 5.55
N MET A 70 -0.78 1.89 6.71
CA MET A 70 0.66 1.83 6.71
C MET A 70 1.12 0.43 6.37
N ALA A 71 0.39 -0.60 6.86
CA ALA A 71 0.81 -1.97 6.65
C ALA A 71 0.84 -2.32 5.18
N PHE A 72 -0.15 -1.88 4.38
CA PHE A 72 -0.15 -2.27 2.99
C PHE A 72 0.90 -1.49 2.26
N ALA A 73 1.01 -0.17 2.55
CA ALA A 73 1.98 0.65 1.85
C ALA A 73 3.38 0.18 2.19
N SER A 74 3.63 -0.13 3.48
CA SER A 74 4.96 -0.56 3.90
C SER A 74 5.30 -1.87 3.25
N SER A 75 4.35 -2.83 3.24
CA SER A 75 4.64 -4.14 2.67
C SER A 75 4.91 -4.03 1.20
N MET A 76 4.08 -3.27 0.45
CA MET A 76 4.27 -3.16 -0.97
C MET A 76 5.52 -2.36 -1.25
N ALA A 77 5.77 -1.30 -0.45
CA ALA A 77 6.93 -0.47 -0.65
C ALA A 77 8.18 -1.29 -0.40
N GLU A 78 8.14 -2.17 0.62
CA GLU A 78 9.31 -2.97 0.95
C GLU A 78 9.70 -3.81 -0.22
N LEU A 79 8.71 -4.44 -0.91
CA LEU A 79 9.03 -5.27 -2.05
C LEU A 79 9.61 -4.43 -3.15
N VAL A 80 9.04 -3.23 -3.36
CA VAL A 80 9.50 -2.36 -4.43
C VAL A 80 10.92 -1.92 -4.17
N ILE A 81 11.24 -1.46 -2.93
CA ILE A 81 12.57 -0.98 -2.63
C ILE A 81 13.54 -2.13 -2.60
N ALA A 82 13.07 -3.35 -2.30
CA ALA A 82 13.98 -4.47 -2.20
C ALA A 82 14.72 -4.66 -3.51
N GLU A 83 14.03 -4.55 -4.66
CA GLU A 83 14.70 -4.75 -5.93
C GLU A 83 15.08 -3.42 -6.54
N ASP A 84 14.37 -2.33 -6.18
CA ASP A 84 14.64 -1.03 -6.78
C ASP A 84 15.47 -0.18 -5.86
N VAL A 85 16.09 -0.80 -4.82
CA VAL A 85 16.88 -0.03 -3.86
C VAL A 85 17.90 0.83 -4.57
N ASN A 86 18.43 0.37 -5.73
CA ASN A 86 19.42 1.18 -6.42
C ASN A 86 18.92 1.45 -7.81
N ASN A 87 17.58 1.59 -7.98
CA ASN A 87 17.04 1.88 -9.28
C ASN A 87 15.89 2.83 -9.08
N PRO A 88 16.21 4.10 -8.94
CA PRO A 88 15.21 5.14 -8.73
C PRO A 88 14.35 5.40 -9.94
N ASP A 89 14.83 4.96 -11.12
CA ASP A 89 14.07 5.18 -12.34
C ASP A 89 12.81 4.35 -12.25
N SER A 90 12.97 3.10 -11.78
CA SER A 90 11.84 2.20 -11.64
C SER A 90 10.91 2.74 -10.59
N ILE A 91 11.48 3.35 -9.53
CA ILE A 91 10.66 3.88 -8.45
C ILE A 91 9.74 4.93 -8.99
N ALA A 92 10.25 5.85 -9.83
CA ALA A 92 9.42 6.90 -10.37
C ALA A 92 8.33 6.32 -11.22
N GLU A 93 8.65 5.30 -12.05
CA GLU A 93 7.65 4.71 -12.91
C GLU A 93 6.61 4.00 -12.09
N LYS A 94 7.04 3.24 -11.06
CA LYS A 94 6.10 2.51 -10.23
C LYS A 94 5.26 3.47 -9.44
N THR A 95 5.86 4.57 -8.95
CA THR A 95 5.12 5.53 -8.16
C THR A 95 4.02 6.13 -9.00
N GLU A 96 4.33 6.50 -10.26
CA GLU A 96 3.33 7.09 -11.12
C GLU A 96 2.25 6.09 -11.41
N ALA A 97 2.63 4.82 -11.70
CA ALA A 97 1.64 3.80 -12.01
C ALA A 97 0.76 3.55 -10.81
N LEU A 98 1.35 3.48 -9.61
CA LEU A 98 0.58 3.24 -8.41
C LEU A 98 -0.29 4.42 -8.12
N SER A 99 0.23 5.64 -8.36
CA SER A 99 -0.55 6.84 -8.08
C SER A 99 -1.80 6.81 -8.93
N GLN A 100 -1.65 6.39 -10.19
CA GLN A 100 -2.78 6.33 -11.09
C GLN A 100 -3.76 5.31 -10.57
N ALA A 101 -3.26 4.14 -10.11
CA ALA A 101 -4.13 3.09 -9.62
C ALA A 101 -4.85 3.58 -8.38
N LEU A 102 -4.12 4.28 -7.49
CA LEU A 102 -4.73 4.77 -6.26
C LEU A 102 -5.79 5.77 -6.59
N LYS A 103 -5.52 6.67 -7.55
CA LYS A 103 -6.48 7.70 -7.91
C LYS A 103 -7.74 7.06 -8.43
N GLN A 104 -7.60 6.08 -9.34
CA GLN A 104 -8.77 5.44 -9.91
C GLN A 104 -9.49 4.65 -8.86
N CYS A 105 -8.74 3.95 -7.99
CA CYS A 105 -9.37 3.15 -6.96
C CYS A 105 -10.12 4.02 -5.98
N PHE A 106 -9.54 5.15 -5.55
CA PHE A 106 -10.22 6.00 -4.59
C PHE A 106 -11.44 6.59 -5.23
N ARG A 107 -11.33 6.98 -6.51
CA ARG A 107 -12.46 7.57 -7.21
C ARG A 107 -13.57 6.55 -7.34
N SER A 108 -13.22 5.27 -7.59
CA SER A 108 -14.22 4.26 -7.81
C SER A 108 -14.72 3.69 -6.50
N THR A 109 -14.14 4.08 -5.34
CA THR A 109 -14.61 3.53 -4.09
C THR A 109 -15.17 4.62 -3.23
N MET A 110 -14.29 5.42 -2.63
CA MET A 110 -14.71 6.49 -1.75
C MET A 110 -15.38 7.56 -2.56
N GLY A 111 -14.93 7.76 -3.82
CA GLY A 111 -15.51 8.80 -4.63
C GLY A 111 -14.91 10.10 -4.20
N THR A 112 -13.76 10.03 -3.48
CA THR A 112 -13.11 11.21 -3.01
C THR A 112 -11.78 11.27 -3.70
N VAL A 113 -11.46 12.43 -4.32
CA VAL A 113 -10.22 12.58 -5.04
C VAL A 113 -9.18 13.18 -4.12
N ASN A 114 -9.32 12.97 -2.79
CA ASN A 114 -8.37 13.52 -1.85
C ASN A 114 -7.07 12.79 -2.07
N ARG A 115 -5.98 13.54 -2.32
CA ARG A 115 -4.70 12.94 -2.58
C ARG A 115 -3.93 12.91 -1.29
N GLN A 116 -4.61 13.15 -0.15
CA GLN A 116 -3.93 13.14 1.13
C GLN A 116 -3.40 11.75 1.39
N PHE A 117 -4.18 10.71 1.06
CA PHE A 117 -3.74 9.34 1.30
C PHE A 117 -2.56 9.07 0.41
N ILE A 118 -2.66 9.50 -0.85
CA ILE A 118 -1.60 9.27 -1.82
C ILE A 118 -0.35 9.96 -1.35
N THR A 119 -0.48 11.21 -0.88
CA THR A 119 0.66 11.97 -0.42
C THR A 119 1.28 11.29 0.77
N GLU A 120 0.46 10.83 1.74
CA GLU A 120 0.98 10.19 2.92
C GLU A 120 1.68 8.91 2.53
N ILE A 121 1.09 8.13 1.59
CA ILE A 121 1.69 6.89 1.17
C ILE A 121 3.02 7.18 0.53
N LYS A 122 3.07 8.21 -0.34
CA LYS A 122 4.31 8.56 -1.02
C LYS A 122 5.35 8.97 0.00
N HIS A 123 4.94 9.79 1.00
CA HIS A 123 5.89 10.25 2.00
C HIS A 123 6.38 9.08 2.82
N LEU A 124 5.47 8.15 3.19
CA LEU A 124 5.87 7.01 3.97
C LEU A 124 6.76 6.14 3.14
N MET A 125 6.46 6.03 1.83
CA MET A 125 7.25 5.21 0.94
C MET A 125 8.65 5.74 0.93
N THR A 126 8.80 7.07 0.88
CA THR A 126 10.11 7.68 0.86
C THR A 126 10.83 7.40 2.15
N MET A 127 10.10 7.52 3.29
CA MET A 127 10.71 7.28 4.59
C MET A 127 11.16 5.85 4.70
N PHE A 128 10.33 4.90 4.22
CA PHE A 128 10.69 3.50 4.31
C PHE A 128 11.80 3.22 3.35
N ALA A 129 11.79 3.89 2.18
CA ALA A 129 12.80 3.69 1.18
C ALA A 129 14.14 4.10 1.73
N ALA A 130 14.18 5.22 2.46
CA ALA A 130 15.43 5.70 3.02
C ALA A 130 15.94 4.70 4.04
N GLU A 131 15.04 4.17 4.88
CA GLU A 131 15.44 3.23 5.89
C GLU A 131 15.91 1.95 5.25
N ALA A 132 15.17 1.47 4.24
CA ALA A 132 15.52 0.24 3.57
C ALA A 132 16.83 0.42 2.85
N ALA A 133 17.03 1.58 2.20
CA ALA A 133 18.26 1.82 1.47
C ALA A 133 19.42 1.86 2.42
N GLN A 134 19.23 2.46 3.62
CA GLN A 134 20.32 2.53 4.57
C GLN A 134 20.68 1.13 4.98
N GLU A 135 19.67 0.27 5.19
CA GLU A 135 19.93 -1.09 5.59
C GLU A 135 20.59 -1.84 4.46
N ALA A 136 20.12 -1.60 3.20
CA ALA A 136 20.69 -2.30 2.07
C ALA A 136 22.13 -1.89 1.91
N ALA A 137 22.41 -0.57 2.06
CA ALA A 137 23.77 -0.08 1.91
C ALA A 137 24.63 -0.67 2.99
N ALA A 138 24.09 -0.75 4.23
CA ALA A 138 24.85 -1.30 5.33
C ALA A 138 25.16 -2.75 5.05
N GLY A 139 24.16 -3.47 4.47
CA GLY A 139 24.35 -4.86 4.15
C GLY A 139 23.87 -5.69 5.29
N ASP A 140 23.54 -5.04 6.43
CA ASP A 140 23.06 -5.78 7.56
C ASP A 140 22.40 -4.79 8.48
N ASN A 141 23.20 -3.96 9.17
CA ASN A 141 22.65 -2.99 10.08
C ASN A 141 23.68 -1.93 10.25
N GLU A 142 23.23 -0.69 10.58
CA GLU A 142 24.16 0.39 10.77
C GLU A 142 24.60 0.38 12.24
N GLY A 1 -23.55 25.59 3.20
CA GLY A 1 -22.33 24.73 3.18
C GLY A 1 -22.73 23.33 2.86
N SER A 2 -21.74 22.42 2.83
CA SER A 2 -22.03 21.04 2.54
C SER A 2 -20.98 20.23 3.23
N MET A 3 -21.36 19.02 3.71
CA MET A 3 -20.41 18.18 4.39
C MET A 3 -20.53 16.81 3.79
N SER A 4 -19.40 16.09 3.70
CA SER A 4 -19.41 14.77 3.13
C SER A 4 -18.31 14.01 3.79
N SER A 5 -18.55 12.71 4.07
CA SER A 5 -17.55 11.89 4.70
C SER A 5 -17.81 10.49 4.28
N LYS A 6 -16.72 9.71 4.03
CA LYS A 6 -16.86 8.34 3.62
C LYS A 6 -15.91 7.53 4.45
N SER A 7 -16.29 6.27 4.72
CA SER A 7 -15.44 5.40 5.51
C SER A 7 -14.39 4.84 4.59
N PRO A 8 -13.13 5.06 4.94
CA PRO A 8 -12.03 4.55 4.14
C PRO A 8 -11.66 3.15 4.50
N TRP A 9 -10.86 2.97 5.56
CA TRP A 9 -10.46 1.65 5.97
C TRP A 9 -11.42 1.16 7.02
N ALA A 10 -12.30 2.08 7.50
CA ALA A 10 -13.25 1.72 8.53
C ALA A 10 -14.19 0.67 8.00
N ASN A 11 -14.58 0.79 6.71
CA ASN A 11 -15.48 -0.17 6.13
C ASN A 11 -14.61 -1.21 5.47
N PRO A 12 -14.67 -2.44 5.96
CA PRO A 12 -13.86 -3.52 5.41
C PRO A 12 -14.23 -3.88 4.00
N LYS A 13 -15.50 -3.63 3.61
CA LYS A 13 -15.92 -3.95 2.27
C LYS A 13 -15.20 -3.02 1.33
N LYS A 14 -15.08 -1.74 1.73
CA LYS A 14 -14.40 -0.76 0.91
C LYS A 14 -12.93 -1.07 0.93
N ALA A 15 -12.42 -1.49 2.10
CA ALA A 15 -11.02 -1.83 2.23
C ALA A 15 -10.68 -2.95 1.28
N ASN A 16 -11.59 -3.94 1.16
CA ASN A 16 -11.35 -5.05 0.28
C ASN A 16 -11.26 -4.55 -1.14
N ALA A 17 -12.15 -3.61 -1.52
CA ALA A 17 -12.13 -3.08 -2.86
C ALA A 17 -10.82 -2.36 -3.08
N PHE A 18 -10.38 -1.58 -2.07
CA PHE A 18 -9.14 -0.83 -2.17
C PHE A 18 -8.00 -1.78 -2.35
N MET A 19 -7.93 -2.82 -1.52
CA MET A 19 -6.85 -3.78 -1.62
C MET A 19 -6.93 -4.51 -2.94
N LYS A 20 -8.15 -4.86 -3.40
CA LYS A 20 -8.28 -5.59 -4.64
C LYS A 20 -7.78 -4.76 -5.80
N CYS A 21 -8.08 -3.45 -5.81
CA CYS A 21 -7.64 -2.63 -6.94
C CYS A 21 -6.14 -2.53 -6.94
N LEU A 22 -5.50 -2.46 -5.74
CA LEU A 22 -4.06 -2.36 -5.70
C LEU A 22 -3.46 -3.68 -6.12
N ILE A 23 -4.07 -4.79 -5.65
CA ILE A 23 -3.59 -6.11 -5.97
C ILE A 23 -3.68 -6.33 -7.45
N GLN A 24 -4.82 -5.97 -8.06
CA GLN A 24 -5.00 -6.17 -9.46
C GLN A 24 -4.04 -5.30 -10.24
N LYS A 25 -3.82 -4.04 -9.79
CA LYS A 25 -2.91 -3.16 -10.52
C LYS A 25 -1.55 -3.78 -10.53
N ILE A 26 -1.10 -4.29 -9.37
CA ILE A 26 0.18 -4.93 -9.30
C ILE A 26 0.16 -6.17 -10.17
N SER A 27 -0.97 -6.92 -10.14
CA SER A 27 -1.09 -8.15 -10.92
C SER A 27 -0.96 -7.87 -12.38
N VAL A 28 -1.19 -6.62 -12.82
CA VAL A 28 -1.04 -6.27 -14.22
C VAL A 28 0.38 -6.55 -14.60
N SER A 29 1.31 -6.31 -13.65
CA SER A 29 2.73 -6.52 -13.89
C SER A 29 3.23 -5.49 -14.86
N PRO A 30 3.14 -4.22 -14.48
CA PRO A 30 3.61 -3.14 -15.33
C PRO A 30 5.10 -2.92 -15.22
N VAL A 31 5.66 -3.16 -14.01
CA VAL A 31 7.06 -2.96 -13.79
C VAL A 31 7.56 -4.04 -12.87
N PHE A 32 6.71 -4.47 -11.91
CA PHE A 32 7.12 -5.48 -10.96
C PHE A 32 7.14 -6.82 -11.67
N PRO A 33 7.97 -7.71 -11.17
CA PRO A 33 8.09 -9.04 -11.74
C PRO A 33 6.97 -9.95 -11.34
N GLN A 34 6.70 -10.98 -12.18
CA GLN A 34 5.62 -11.91 -11.88
C GLN A 34 6.07 -12.88 -10.82
N GLN A 35 7.38 -12.88 -10.52
CA GLN A 35 7.91 -13.78 -9.51
C GLN A 35 7.35 -13.38 -8.17
N GLU A 36 7.20 -12.06 -7.93
CA GLU A 36 6.71 -11.58 -6.67
C GLU A 36 5.21 -11.73 -6.60
N LYS A 37 4.56 -12.16 -7.71
CA LYS A 37 3.12 -12.31 -7.71
C LYS A 37 2.74 -13.33 -6.65
N GLU A 38 3.50 -14.43 -6.54
CA GLU A 38 3.21 -15.46 -5.58
C GLU A 38 3.37 -14.87 -4.20
N ASP A 39 4.42 -14.05 -3.98
CA ASP A 39 4.67 -13.45 -2.69
C ASP A 39 3.53 -12.52 -2.36
N MET A 40 3.01 -11.79 -3.37
CA MET A 40 1.93 -10.85 -3.15
C MET A 40 0.72 -11.60 -2.65
N GLU A 41 0.45 -12.80 -3.22
CA GLU A 41 -0.71 -13.55 -2.80
C GLU A 41 -0.56 -13.91 -1.34
N SER A 42 0.68 -14.28 -0.93
CA SER A 42 0.92 -14.64 0.46
C SER A 42 0.69 -13.42 1.32
N ILE A 43 1.16 -12.24 0.86
CA ILE A 43 1.00 -11.02 1.61
C ILE A 43 -0.47 -10.71 1.77
N VAL A 44 -1.26 -10.87 0.68
CA VAL A 44 -2.68 -10.57 0.75
C VAL A 44 -3.34 -11.49 1.75
N GLU A 45 -3.00 -12.79 1.74
CA GLU A 45 -3.60 -13.73 2.66
C GLU A 45 -3.22 -13.34 4.07
N THR A 46 -1.96 -12.90 4.26
CA THR A 46 -1.48 -12.51 5.57
C THR A 46 -2.21 -11.27 6.00
N MET A 47 -2.42 -10.32 5.06
CA MET A 47 -3.11 -9.09 5.39
C MET A 47 -4.50 -9.42 5.85
N MET A 48 -5.18 -10.36 5.15
CA MET A 48 -6.52 -10.74 5.52
C MET A 48 -6.46 -11.40 6.88
N SER A 49 -5.41 -12.20 7.13
CA SER A 49 -5.27 -12.86 8.40
C SER A 49 -5.10 -11.83 9.48
N ALA A 50 -4.34 -10.75 9.17
CA ALA A 50 -4.10 -9.70 10.13
C ALA A 50 -5.41 -9.04 10.48
N ILE A 51 -6.30 -8.84 9.49
CA ILE A 51 -7.58 -8.21 9.74
C ILE A 51 -8.34 -9.06 10.71
N SER A 52 -8.35 -10.39 10.45
CA SER A 52 -9.07 -11.31 11.31
C SER A 52 -8.46 -11.32 12.68
N GLY A 53 -7.11 -11.27 12.77
CA GLY A 53 -6.44 -11.29 14.05
C GLY A 53 -6.78 -10.06 14.85
N VAL A 54 -6.79 -8.89 14.20
CA VAL A 54 -7.09 -7.66 14.90
C VAL A 54 -8.54 -7.67 15.32
N SER A 55 -9.42 -8.16 14.42
CA SER A 55 -10.84 -8.21 14.70
C SER A 55 -11.07 -9.18 15.83
N THR A 56 -12.02 -8.83 16.73
CA THR A 56 -12.35 -9.69 17.85
C THR A 56 -11.16 -9.76 18.77
N SER A 57 -10.42 -8.66 18.88
CA SER A 57 -9.26 -8.64 19.74
C SER A 57 -9.07 -7.21 20.17
N ARG A 58 -8.41 -6.39 19.31
CA ARG A 58 -8.19 -5.01 19.63
C ARG A 58 -9.53 -4.32 19.63
N GLY A 59 -10.38 -4.64 18.65
CA GLY A 59 -11.68 -4.03 18.55
C GLY A 59 -11.56 -2.86 17.63
N SER A 60 -12.48 -1.89 17.77
CA SER A 60 -12.44 -0.72 16.93
C SER A 60 -11.44 0.22 17.54
N SER A 61 -10.41 0.60 16.76
CA SER A 61 -9.41 1.49 17.26
C SER A 61 -8.79 2.17 16.09
N GLU A 62 -8.30 3.41 16.31
CA GLU A 62 -7.68 4.16 15.25
C GLU A 62 -6.39 3.48 14.87
N ALA A 63 -5.79 2.76 15.85
CA ALA A 63 -4.54 2.06 15.61
C ALA A 63 -4.76 1.03 14.53
N THR A 64 -5.92 0.36 14.58
CA THR A 64 -6.22 -0.68 13.61
C THR A 64 -6.31 -0.07 12.24
N LEU A 65 -7.02 1.06 12.12
CA LEU A 65 -7.21 1.67 10.82
C LEU A 65 -5.91 2.22 10.30
N GLN A 66 -5.12 2.87 11.18
CA GLN A 66 -3.87 3.45 10.76
C GLN A 66 -2.89 2.36 10.40
N ALA A 67 -2.86 1.29 11.21
CA ALA A 67 -1.93 0.20 10.99
C ALA A 67 -2.20 -0.46 9.67
N MET A 68 -3.48 -0.68 9.31
CA MET A 68 -3.79 -1.35 8.06
C MET A 68 -3.40 -0.49 6.90
N ASN A 69 -3.69 0.83 6.95
CA ASN A 69 -3.34 1.70 5.85
C ASN A 69 -1.84 1.70 5.69
N MET A 70 -1.12 1.77 6.83
CA MET A 70 0.32 1.78 6.81
C MET A 70 0.81 0.45 6.28
N ALA A 71 0.14 -0.65 6.70
CA ALA A 71 0.56 -1.98 6.30
C ALA A 71 0.45 -2.15 4.80
N PHE A 72 -0.60 -1.58 4.17
CA PHE A 72 -0.76 -1.74 2.74
C PHE A 72 0.39 -1.08 2.05
N ALA A 73 0.67 0.18 2.41
CA ALA A 73 1.73 0.91 1.76
C ALA A 73 3.06 0.29 2.07
N SER A 74 3.27 -0.14 3.33
CA SER A 74 4.54 -0.72 3.73
C SER A 74 4.82 -1.99 2.96
N SER A 75 3.81 -2.88 2.84
CA SER A 75 4.04 -4.14 2.16
C SER A 75 4.27 -3.91 0.68
N MET A 76 3.50 -2.98 0.07
CA MET A 76 3.67 -2.74 -1.35
C MET A 76 5.01 -2.08 -1.58
N ALA A 77 5.39 -1.14 -0.69
CA ALA A 77 6.64 -0.44 -0.83
C ALA A 77 7.78 -1.41 -0.69
N GLU A 78 7.67 -2.38 0.24
CA GLU A 78 8.73 -3.33 0.46
C GLU A 78 9.00 -4.11 -0.79
N LEU A 79 7.93 -4.55 -1.49
CA LEU A 79 8.11 -5.33 -2.70
C LEU A 79 8.76 -4.47 -3.76
N VAL A 80 8.32 -3.20 -3.87
CA VAL A 80 8.85 -2.32 -4.89
C VAL A 80 10.32 -2.03 -4.64
N ILE A 81 10.68 -1.69 -3.38
CA ILE A 81 12.05 -1.34 -3.06
C ILE A 81 12.93 -2.57 -3.14
N ALA A 82 12.40 -3.77 -2.85
CA ALA A 82 13.23 -4.94 -2.85
C ALA A 82 13.91 -5.12 -4.19
N GLU A 83 13.20 -4.87 -5.31
CA GLU A 83 13.82 -5.04 -6.61
C GLU A 83 14.30 -3.71 -7.17
N ASP A 84 13.64 -2.59 -6.79
CA ASP A 84 14.00 -1.31 -7.37
C ASP A 84 14.87 -0.51 -6.43
N VAL A 85 15.42 -1.12 -5.36
CA VAL A 85 16.26 -0.38 -4.42
C VAL A 85 17.43 0.25 -5.13
N ASN A 86 17.91 -0.37 -6.23
CA ASN A 86 19.05 0.19 -6.93
C ASN A 86 18.61 0.69 -8.28
N ASN A 87 17.30 0.99 -8.44
CA ASN A 87 16.83 1.49 -9.70
C ASN A 87 15.78 2.52 -9.39
N PRO A 88 16.23 3.74 -9.13
CA PRO A 88 15.32 4.84 -8.81
C PRO A 88 14.48 5.27 -9.97
N ASP A 89 14.92 4.95 -11.20
CA ASP A 89 14.16 5.32 -12.38
C ASP A 89 12.87 4.55 -12.36
N SER A 90 12.95 3.27 -11.96
CA SER A 90 11.78 2.42 -11.89
C SER A 90 10.89 2.92 -10.79
N ILE A 91 11.48 3.43 -9.68
CA ILE A 91 10.71 3.90 -8.56
C ILE A 91 9.83 5.04 -9.01
N ALA A 92 10.40 6.00 -9.77
CA ALA A 92 9.62 7.14 -10.22
C ALA A 92 8.49 6.70 -11.11
N GLU A 93 8.78 5.76 -12.05
CA GLU A 93 7.76 5.30 -12.96
C GLU A 93 6.70 4.52 -12.21
N LYS A 94 7.13 3.67 -11.26
CA LYS A 94 6.19 2.85 -10.52
C LYS A 94 5.34 3.74 -9.66
N THR A 95 5.95 4.77 -9.03
CA THR A 95 5.21 5.66 -8.17
C THR A 95 4.17 6.38 -8.98
N GLU A 96 4.55 6.84 -10.20
CA GLU A 96 3.62 7.56 -11.04
C GLU A 96 2.47 6.64 -11.40
N ALA A 97 2.78 5.37 -11.77
CA ALA A 97 1.74 4.45 -12.16
C ALA A 97 0.83 4.17 -10.98
N LEU A 98 1.42 3.99 -9.79
CA LEU A 98 0.63 3.71 -8.60
C LEU A 98 -0.20 4.91 -8.26
N SER A 99 0.35 6.12 -8.44
CA SER A 99 -0.39 7.32 -8.12
C SER A 99 -1.61 7.38 -8.97
N GLN A 100 -1.47 7.02 -10.27
CA GLN A 100 -2.60 7.06 -11.17
C GLN A 100 -3.59 6.00 -10.75
N ALA A 101 -3.09 4.82 -10.34
CA ALA A 101 -3.97 3.75 -9.93
C ALA A 101 -4.74 4.16 -8.69
N LEU A 102 -4.05 4.84 -7.76
CA LEU A 102 -4.70 5.25 -6.53
C LEU A 102 -5.76 6.27 -6.82
N LYS A 103 -5.50 7.22 -7.74
CA LYS A 103 -6.50 8.25 -8.03
C LYS A 103 -7.72 7.61 -8.62
N GLN A 104 -7.53 6.66 -9.56
CA GLN A 104 -8.67 6.01 -10.19
C GLN A 104 -9.37 5.13 -9.19
N CYS A 105 -8.59 4.43 -8.35
CA CYS A 105 -9.17 3.52 -7.39
C CYS A 105 -9.98 4.28 -6.37
N PHE A 106 -9.44 5.38 -5.81
CA PHE A 106 -10.16 6.13 -4.80
C PHE A 106 -11.37 6.75 -5.42
N ARG A 107 -11.25 7.24 -6.67
CA ARG A 107 -12.36 7.88 -7.34
C ARG A 107 -13.48 6.88 -7.53
N SER A 108 -13.13 5.61 -7.85
CA SER A 108 -14.14 4.62 -8.13
C SER A 108 -14.61 3.95 -6.85
N THR A 109 -14.05 4.30 -5.68
CA THR A 109 -14.49 3.65 -4.46
C THR A 109 -15.03 4.68 -3.52
N MET A 110 -14.15 5.43 -2.85
CA MET A 110 -14.57 6.43 -1.90
C MET A 110 -15.20 7.58 -2.63
N GLY A 111 -14.75 7.86 -3.86
CA GLY A 111 -15.29 8.98 -4.60
C GLY A 111 -14.59 10.21 -4.10
N THR A 112 -13.43 10.02 -3.44
CA THR A 112 -12.69 11.12 -2.89
C THR A 112 -11.51 11.34 -3.80
N VAL A 113 -11.39 12.57 -4.34
CA VAL A 113 -10.30 12.88 -5.24
C VAL A 113 -9.19 13.54 -4.45
N ASN A 114 -9.37 13.69 -3.12
CA ASN A 114 -8.36 14.33 -2.31
C ASN A 114 -7.14 13.46 -2.32
N ARG A 115 -5.96 14.11 -2.48
CA ARG A 115 -4.72 13.40 -2.54
C ARG A 115 -4.15 13.26 -1.15
N GLN A 116 -4.97 13.49 -0.10
CA GLN A 116 -4.47 13.40 1.25
C GLN A 116 -4.00 11.99 1.52
N PHE A 117 -4.78 10.97 1.09
CA PHE A 117 -4.40 9.59 1.34
C PHE A 117 -3.20 9.27 0.50
N ILE A 118 -3.22 9.76 -0.76
CA ILE A 118 -2.13 9.48 -1.69
C ILE A 118 -0.85 10.06 -1.13
N THR A 119 -0.93 11.29 -0.60
CA THR A 119 0.25 11.96 -0.06
C THR A 119 0.77 11.17 1.11
N GLU A 120 -0.14 10.70 2.00
CA GLU A 120 0.30 9.95 3.16
C GLU A 120 0.96 8.68 2.72
N ILE A 121 0.39 8.01 1.70
CA ILE A 121 0.95 6.76 1.22
C ILE A 121 2.34 7.03 0.67
N LYS A 122 2.47 8.09 -0.15
CA LYS A 122 3.76 8.41 -0.74
C LYS A 122 4.73 8.78 0.34
N HIS A 123 4.27 9.54 1.36
CA HIS A 123 5.15 9.95 2.45
C HIS A 123 5.66 8.72 3.16
N LEU A 124 4.76 7.78 3.49
CA LEU A 124 5.16 6.57 4.18
C LEU A 124 6.06 5.78 3.28
N MET A 125 5.74 5.74 1.97
CA MET A 125 6.53 5.00 1.02
C MET A 125 7.93 5.53 1.01
N THR A 126 8.08 6.88 1.02
CA THR A 126 9.39 7.49 0.98
C THR A 126 10.16 7.14 2.23
N MET A 127 9.51 7.23 3.41
CA MET A 127 10.19 6.93 4.65
C MET A 127 10.57 5.47 4.71
N PHE A 128 9.68 4.58 4.25
CA PHE A 128 9.97 3.17 4.30
C PHE A 128 11.04 2.86 3.29
N ALA A 129 11.01 3.56 2.13
CA ALA A 129 11.98 3.33 1.10
C ALA A 129 13.36 3.66 1.61
N ALA A 130 13.48 4.77 2.37
CA ALA A 130 14.76 5.18 2.90
C ALA A 130 15.27 4.13 3.85
N GLU A 131 14.37 3.60 4.72
CA GLU A 131 14.77 2.61 5.69
C GLU A 131 15.13 1.33 4.97
N ALA A 132 14.34 0.97 3.95
CA ALA A 132 14.59 -0.25 3.21
C ALA A 132 15.92 -0.15 2.50
N ALA A 133 16.20 1.03 1.91
CA ALA A 133 17.45 1.22 1.20
C ALA A 133 18.59 1.13 2.16
N GLN A 134 18.43 1.70 3.37
CA GLN A 134 19.49 1.66 4.35
C GLN A 134 19.73 0.22 4.72
N GLU A 135 18.64 -0.55 4.89
CA GLU A 135 18.75 -1.95 5.25
C GLU A 135 19.43 -2.70 4.13
N ALA A 136 19.03 -2.41 2.86
CA ALA A 136 19.61 -3.12 1.73
C ALA A 136 21.07 -2.78 1.63
N ALA A 137 21.42 -1.49 1.83
CA ALA A 137 22.79 -1.06 1.73
C ALA A 137 23.60 -1.73 2.82
N ALA A 138 23.03 -1.83 4.04
CA ALA A 138 23.75 -2.45 5.14
C ALA A 138 24.00 -3.88 4.80
N GLY A 139 22.98 -4.56 4.25
CA GLY A 139 23.13 -5.95 3.87
C GLY A 139 23.07 -6.80 5.12
N ASP A 140 22.54 -6.24 6.22
CA ASP A 140 22.44 -6.98 7.46
C ASP A 140 21.49 -8.13 7.24
N ASN A 141 20.40 -7.90 6.50
CA ASN A 141 19.44 -8.95 6.25
C ASN A 141 19.88 -9.64 4.99
N GLU A 142 20.50 -10.83 5.13
CA GLU A 142 20.95 -11.56 3.98
C GLU A 142 19.86 -12.59 3.63
N GLY A 1 -17.87 18.43 5.78
CA GLY A 1 -17.10 18.70 7.03
C GLY A 1 -15.90 17.82 7.08
N SER A 2 -15.68 17.15 8.23
CA SER A 2 -14.55 16.28 8.37
C SER A 2 -15.09 14.91 8.62
N MET A 3 -14.50 13.90 7.94
CA MET A 3 -14.95 12.52 8.10
C MET A 3 -16.38 12.41 7.66
N SER A 4 -16.79 13.27 6.69
CA SER A 4 -18.15 13.25 6.22
C SER A 4 -18.39 11.95 5.49
N SER A 5 -17.40 11.49 4.70
CA SER A 5 -17.57 10.25 3.99
C SER A 5 -16.21 9.63 3.81
N LYS A 6 -15.41 9.60 4.90
CA LYS A 6 -14.09 9.02 4.82
C LYS A 6 -14.14 7.72 5.55
N SER A 7 -14.34 6.61 4.81
CA SER A 7 -14.38 5.31 5.44
C SER A 7 -13.52 4.37 4.64
N PRO A 8 -12.21 4.55 4.75
CA PRO A 8 -11.28 3.70 4.02
C PRO A 8 -11.19 2.32 4.59
N TRP A 9 -10.60 2.18 5.80
CA TRP A 9 -10.47 0.89 6.42
C TRP A 9 -11.62 0.71 7.37
N ALA A 10 -12.38 1.80 7.63
CA ALA A 10 -13.50 1.74 8.54
C ALA A 10 -14.53 0.79 8.01
N ASN A 11 -14.75 0.80 6.67
CA ASN A 11 -15.72 -0.09 6.08
C ASN A 11 -14.95 -1.19 5.41
N PRO A 12 -15.05 -2.40 5.93
CA PRO A 12 -14.34 -3.55 5.37
C PRO A 12 -14.62 -3.81 3.93
N LYS A 13 -15.87 -3.57 3.49
CA LYS A 13 -16.23 -3.81 2.11
C LYS A 13 -15.45 -2.87 1.23
N LYS A 14 -15.33 -1.60 1.66
CA LYS A 14 -14.61 -0.62 0.88
C LYS A 14 -13.14 -0.96 0.94
N ALA A 15 -12.67 -1.39 2.13
CA ALA A 15 -11.28 -1.72 2.31
C ALA A 15 -10.91 -2.86 1.40
N ASN A 16 -11.77 -3.90 1.33
CA ASN A 16 -11.46 -5.04 0.51
C ASN A 16 -11.36 -4.62 -0.93
N ALA A 17 -12.30 -3.76 -1.39
CA ALA A 17 -12.28 -3.31 -2.76
C ALA A 17 -11.05 -2.47 -2.99
N PHE A 18 -10.72 -1.60 -2.02
CA PHE A 18 -9.58 -0.72 -2.14
C PHE A 18 -8.31 -1.53 -2.26
N MET A 19 -8.12 -2.51 -1.36
CA MET A 19 -6.92 -3.31 -1.37
C MET A 19 -6.85 -4.09 -2.65
N LYS A 20 -7.94 -4.79 -3.04
CA LYS A 20 -7.92 -5.59 -4.24
C LYS A 20 -7.71 -4.71 -5.43
N CYS A 21 -8.27 -3.50 -5.41
CA CYS A 21 -8.12 -2.60 -6.53
C CYS A 21 -6.66 -2.32 -6.76
N LEU A 22 -5.91 -1.97 -5.69
CA LEU A 22 -4.50 -1.68 -5.86
C LEU A 22 -3.76 -2.95 -6.22
N ILE A 23 -4.13 -4.08 -5.60
CA ILE A 23 -3.45 -5.33 -5.86
C ILE A 23 -3.60 -5.72 -7.30
N GLN A 24 -4.83 -5.66 -7.83
CA GLN A 24 -5.06 -6.04 -9.21
C GLN A 24 -4.41 -5.06 -10.14
N LYS A 25 -4.46 -3.75 -9.81
CA LYS A 25 -3.87 -2.76 -10.68
C LYS A 25 -2.39 -3.05 -10.80
N ILE A 26 -1.76 -3.43 -9.67
CA ILE A 26 -0.36 -3.75 -9.68
C ILE A 26 -0.11 -4.92 -10.60
N SER A 27 -0.98 -5.95 -10.52
CA SER A 27 -0.77 -7.12 -11.35
C SER A 27 -1.06 -6.82 -12.79
N VAL A 28 -1.75 -5.69 -13.06
CA VAL A 28 -2.06 -5.34 -14.42
C VAL A 28 -0.78 -5.01 -15.15
N SER A 29 0.18 -4.34 -14.45
CA SER A 29 1.39 -3.95 -15.14
C SER A 29 2.35 -5.11 -15.14
N PRO A 30 2.93 -5.39 -16.29
CA PRO A 30 3.91 -6.45 -16.44
C PRO A 30 5.26 -6.04 -15.95
N VAL A 31 5.36 -4.76 -15.52
CA VAL A 31 6.60 -4.22 -15.01
C VAL A 31 6.97 -4.96 -13.76
N PHE A 32 5.96 -5.27 -12.92
CA PHE A 32 6.22 -5.95 -11.68
C PHE A 32 6.53 -7.39 -12.01
N PRO A 33 7.39 -8.02 -11.21
CA PRO A 33 7.78 -9.41 -11.42
C PRO A 33 6.63 -10.37 -11.35
N GLN A 34 6.66 -11.40 -12.21
CA GLN A 34 5.61 -12.40 -12.25
C GLN A 34 5.65 -13.19 -10.97
N GLN A 35 6.87 -13.47 -10.47
CA GLN A 35 7.04 -14.24 -9.26
C GLN A 35 6.43 -13.48 -8.11
N GLU A 36 6.57 -12.14 -8.13
CA GLU A 36 6.05 -11.32 -7.07
C GLU A 36 4.55 -11.46 -6.98
N LYS A 37 3.89 -11.72 -8.13
CA LYS A 37 2.44 -11.84 -8.14
C LYS A 37 2.01 -12.97 -7.24
N GLU A 38 2.77 -14.09 -7.22
CA GLU A 38 2.41 -15.20 -6.36
C GLU A 38 2.50 -14.76 -4.93
N ASP A 39 3.57 -14.01 -4.59
CA ASP A 39 3.76 -13.53 -3.24
C ASP A 39 2.63 -12.59 -2.88
N MET A 40 2.20 -11.76 -3.87
CA MET A 40 1.14 -10.81 -3.63
C MET A 40 -0.12 -11.53 -3.24
N GLU A 41 -0.42 -12.68 -3.89
CA GLU A 41 -1.62 -13.41 -3.56
C GLU A 41 -1.56 -13.87 -2.14
N SER A 42 -0.38 -14.34 -1.69
CA SER A 42 -0.23 -14.81 -0.32
C SER A 42 -0.38 -13.64 0.62
N ILE A 43 0.21 -12.49 0.25
CA ILE A 43 0.14 -11.30 1.08
C ILE A 43 -1.30 -10.87 1.24
N VAL A 44 -2.06 -10.84 0.12
CA VAL A 44 -3.44 -10.39 0.18
C VAL A 44 -4.24 -11.28 1.10
N GLU A 45 -4.09 -12.61 0.98
CA GLU A 45 -4.86 -13.50 1.81
C GLU A 45 -4.51 -13.33 3.26
N THR A 46 -3.21 -13.18 3.57
CA THR A 46 -2.80 -13.05 4.95
C THR A 46 -3.23 -11.72 5.51
N MET A 47 -3.05 -10.63 4.75
CA MET A 47 -3.44 -9.32 5.24
C MET A 47 -4.92 -9.28 5.42
N MET A 48 -5.67 -9.89 4.48
CA MET A 48 -7.10 -9.88 4.56
C MET A 48 -7.54 -10.76 5.72
N SER A 49 -6.79 -11.86 5.99
CA SER A 49 -7.15 -12.74 7.09
C SER A 49 -7.03 -11.96 8.38
N ALA A 50 -6.00 -11.11 8.48
CA ALA A 50 -5.79 -10.33 9.68
C ALA A 50 -6.97 -9.39 9.87
N ILE A 51 -7.48 -8.81 8.77
CA ILE A 51 -8.61 -7.90 8.85
C ILE A 51 -9.80 -8.67 9.38
N SER A 52 -10.02 -9.89 8.87
CA SER A 52 -11.14 -10.69 9.29
C SER A 52 -10.99 -11.03 10.76
N GLY A 53 -9.75 -11.34 11.20
CA GLY A 53 -9.52 -11.70 12.58
C GLY A 53 -9.84 -10.52 13.47
N VAL A 54 -9.45 -9.30 13.05
CA VAL A 54 -9.72 -8.12 13.84
C VAL A 54 -11.20 -7.88 13.88
N SER A 55 -11.88 -8.08 12.74
CA SER A 55 -13.31 -7.86 12.69
C SER A 55 -14.02 -9.03 13.30
N THR A 56 -13.83 -9.22 14.64
CA THR A 56 -14.49 -10.30 15.32
C THR A 56 -15.22 -9.70 16.49
N SER A 57 -14.47 -9.33 17.55
CA SER A 57 -15.08 -8.73 18.72
C SER A 57 -15.48 -7.31 18.37
N ARG A 58 -14.80 -6.73 17.35
CA ARG A 58 -15.08 -5.37 16.93
C ARG A 58 -14.81 -4.43 18.06
N GLY A 59 -13.76 -4.74 18.88
CA GLY A 59 -13.42 -3.88 19.99
C GLY A 59 -12.10 -3.27 19.68
N SER A 60 -12.07 -1.91 19.55
CA SER A 60 -10.84 -1.20 19.24
C SER A 60 -10.29 -1.72 17.95
N SER A 61 -11.19 -2.01 16.98
CA SER A 61 -10.76 -2.53 15.70
C SER A 61 -10.06 -1.45 14.92
N GLU A 62 -10.37 -0.17 15.21
CA GLU A 62 -9.75 0.91 14.49
C GLU A 62 -8.28 0.97 14.83
N ALA A 63 -7.88 0.42 16.00
CA ALA A 63 -6.49 0.45 16.38
C ALA A 63 -5.69 -0.37 15.41
N THR A 64 -6.20 -1.57 15.12
CA THR A 64 -5.51 -2.46 14.21
C THR A 64 -5.60 -1.91 12.83
N LEU A 65 -6.77 -1.32 12.47
CA LEU A 65 -6.95 -0.79 11.14
C LEU A 65 -5.97 0.31 10.87
N GLN A 66 -5.69 1.16 11.88
CA GLN A 66 -4.76 2.26 11.68
C GLN A 66 -3.40 1.67 11.43
N ALA A 67 -3.02 0.65 12.24
CA ALA A 67 -1.73 0.01 12.08
C ALA A 67 -1.69 -0.70 10.75
N MET A 68 -2.83 -1.31 10.35
CA MET A 68 -2.90 -2.05 9.12
C MET A 68 -2.66 -1.12 7.96
N ASN A 69 -3.20 0.13 8.02
CA ASN A 69 -3.00 1.06 6.94
C ASN A 69 -1.51 1.29 6.78
N MET A 70 -0.79 1.45 7.91
CA MET A 70 0.63 1.66 7.87
C MET A 70 1.28 0.40 7.35
N ALA A 71 0.72 -0.76 7.74
CA ALA A 71 1.24 -2.04 7.33
C ALA A 71 1.17 -2.19 5.83
N PHE A 72 0.07 -1.69 5.18
CA PHE A 72 -0.06 -1.83 3.75
C PHE A 72 1.07 -1.08 3.11
N ALA A 73 1.29 0.17 3.58
CA ALA A 73 2.32 1.00 3.03
C ALA A 73 3.66 0.38 3.30
N SER A 74 3.85 -0.19 4.51
CA SER A 74 5.12 -0.78 4.87
C SER A 74 5.43 -1.95 3.98
N SER A 75 4.42 -2.78 3.65
CA SER A 75 4.66 -3.95 2.82
C SER A 75 5.12 -3.51 1.45
N MET A 76 4.44 -2.51 0.86
CA MET A 76 4.81 -2.05 -0.46
C MET A 76 6.12 -1.31 -0.36
N ALA A 77 6.33 -0.58 0.75
CA ALA A 77 7.55 0.19 0.93
C ALA A 77 8.73 -0.75 0.95
N GLU A 78 8.60 -1.93 1.61
CA GLU A 78 9.71 -2.85 1.67
C GLU A 78 10.05 -3.30 0.28
N LEU A 79 9.02 -3.56 -0.55
CA LEU A 79 9.25 -3.99 -1.91
C LEU A 79 9.90 -2.86 -2.67
N VAL A 80 9.43 -1.62 -2.41
CA VAL A 80 9.97 -0.45 -3.08
C VAL A 80 11.43 -0.28 -2.72
N ILE A 81 11.78 -0.46 -1.43
CA ILE A 81 13.16 -0.27 -1.00
C ILE A 81 14.05 -1.24 -1.72
N ALA A 82 13.61 -2.50 -1.83
CA ALA A 82 14.43 -3.52 -2.45
C ALA A 82 14.76 -3.15 -3.87
N GLU A 83 13.79 -2.57 -4.61
CA GLU A 83 14.07 -2.24 -5.99
C GLU A 83 14.56 -0.82 -6.10
N ASP A 84 14.44 -0.01 -5.03
CA ASP A 84 14.86 1.38 -5.12
C ASP A 84 16.37 1.48 -5.21
N VAL A 85 17.09 0.72 -4.37
CA VAL A 85 18.54 0.81 -4.38
C VAL A 85 19.09 -0.01 -5.51
N ASN A 86 18.35 -1.04 -5.98
CA ASN A 86 18.86 -1.89 -7.02
C ASN A 86 18.50 -1.35 -8.38
N ASN A 87 17.31 -0.74 -8.53
CA ASN A 87 16.93 -0.22 -9.83
C ASN A 87 15.89 0.85 -9.60
N PRO A 88 16.34 2.07 -9.36
CA PRO A 88 15.44 3.18 -9.11
C PRO A 88 14.61 3.57 -10.31
N ASP A 89 15.06 3.18 -11.51
CA ASP A 89 14.32 3.51 -12.72
C ASP A 89 13.00 2.80 -12.67
N SER A 90 13.00 1.54 -12.19
CA SER A 90 11.80 0.76 -12.11
C SER A 90 10.86 1.41 -11.12
N ILE A 91 11.42 1.94 -10.01
CA ILE A 91 10.61 2.56 -9.00
C ILE A 91 9.90 3.76 -9.57
N ALA A 92 10.60 4.55 -10.41
CA ALA A 92 9.98 5.73 -10.98
C ALA A 92 8.79 5.31 -11.82
N GLU A 93 8.94 4.22 -12.60
CA GLU A 93 7.85 3.77 -13.45
C GLU A 93 6.73 3.22 -12.60
N LYS A 94 7.10 2.45 -11.54
CA LYS A 94 6.10 1.86 -10.67
C LYS A 94 5.37 2.94 -9.93
N THR A 95 6.08 4.01 -9.51
CA THR A 95 5.48 5.08 -8.76
C THR A 95 4.42 5.74 -9.60
N GLU A 96 4.71 5.96 -10.90
CA GLU A 96 3.74 6.60 -11.77
C GLU A 96 2.53 5.71 -11.89
N ALA A 97 2.73 4.39 -12.03
CA ALA A 97 1.62 3.47 -12.17
C ALA A 97 0.82 3.47 -10.88
N LEU A 98 1.50 3.46 -9.73
CA LEU A 98 0.82 3.43 -8.45
C LEU A 98 0.07 4.71 -8.23
N SER A 99 0.66 5.84 -8.65
CA SER A 99 0.00 7.12 -8.47
C SER A 99 -1.31 7.10 -9.21
N GLN A 100 -1.30 6.58 -10.45
CA GLN A 100 -2.50 6.50 -11.23
C GLN A 100 -3.45 5.53 -10.59
N ALA A 101 -2.90 4.42 -10.05
CA ALA A 101 -3.71 3.40 -9.44
C ALA A 101 -4.45 3.97 -8.25
N LEU A 102 -3.76 4.78 -7.44
CA LEU A 102 -4.38 5.35 -6.27
C LEU A 102 -5.50 6.26 -6.67
N LYS A 103 -5.30 7.08 -7.72
CA LYS A 103 -6.33 8.02 -8.13
C LYS A 103 -7.53 7.26 -8.63
N GLN A 104 -7.32 6.22 -9.45
CA GLN A 104 -8.44 5.49 -10.01
C GLN A 104 -9.12 4.67 -8.94
N CYS A 105 -8.33 4.05 -8.04
CA CYS A 105 -8.91 3.22 -7.00
C CYS A 105 -9.72 4.05 -6.06
N PHE A 106 -9.25 5.27 -5.70
CA PHE A 106 -10.00 6.10 -4.78
C PHE A 106 -11.31 6.51 -5.42
N ARG A 107 -11.29 6.82 -6.72
CA ARG A 107 -12.50 7.23 -7.40
C ARG A 107 -13.47 6.07 -7.43
N SER A 108 -12.96 4.84 -7.61
CA SER A 108 -13.83 3.68 -7.68
C SER A 108 -14.32 3.26 -6.32
N THR A 109 -13.74 3.81 -5.22
CA THR A 109 -14.18 3.40 -3.90
C THR A 109 -14.81 4.55 -3.18
N MET A 110 -13.98 5.50 -2.70
CA MET A 110 -14.50 6.63 -1.95
C MET A 110 -15.26 7.54 -2.87
N GLY A 111 -14.85 7.61 -4.15
CA GLY A 111 -15.53 8.46 -5.09
C GLY A 111 -15.09 9.88 -4.85
N THR A 112 -13.95 10.05 -4.15
CA THR A 112 -13.45 11.36 -3.87
C THR A 112 -12.04 11.42 -4.36
N VAL A 113 -11.52 12.65 -4.55
CA VAL A 113 -10.17 12.82 -5.03
C VAL A 113 -9.31 13.18 -3.84
N ASN A 114 -9.71 12.72 -2.64
CA ASN A 114 -8.94 13.03 -1.45
C ASN A 114 -7.59 12.35 -1.60
N ARG A 115 -6.52 13.15 -1.48
CA ARG A 115 -5.19 12.63 -1.64
C ARG A 115 -4.44 12.77 -0.34
N GLN A 116 -5.15 13.00 0.78
CA GLN A 116 -4.48 13.15 2.06
C GLN A 116 -3.78 11.86 2.41
N PHE A 117 -4.45 10.70 2.19
CA PHE A 117 -3.83 9.43 2.53
C PHE A 117 -2.75 9.16 1.53
N ILE A 118 -3.04 9.46 0.25
CA ILE A 118 -2.10 9.21 -0.82
C ILE A 118 -0.83 9.97 -0.57
N THR A 119 -0.95 11.26 -0.19
CA THR A 119 0.22 12.09 0.03
C THR A 119 1.02 11.55 1.18
N GLU A 120 0.36 11.20 2.30
CA GLU A 120 1.08 10.72 3.46
C GLU A 120 1.76 9.41 3.15
N ILE A 121 1.07 8.49 2.45
CA ILE A 121 1.66 7.21 2.14
C ILE A 121 2.82 7.40 1.19
N LYS A 122 2.62 8.22 0.14
CA LYS A 122 3.67 8.44 -0.83
C LYS A 122 4.86 9.08 -0.16
N HIS A 123 4.61 10.08 0.70
CA HIS A 123 5.69 10.77 1.38
C HIS A 123 6.45 9.81 2.25
N LEU A 124 5.74 9.00 3.06
CA LEU A 124 6.41 8.08 3.94
C LEU A 124 7.14 7.04 3.15
N MET A 125 6.53 6.54 2.06
CA MET A 125 7.16 5.52 1.25
C MET A 125 8.44 6.06 0.68
N THR A 126 8.39 7.28 0.11
CA THR A 126 9.56 7.88 -0.49
C THR A 126 10.60 8.14 0.58
N MET A 127 10.15 8.66 1.74
CA MET A 127 11.05 8.98 2.82
C MET A 127 11.76 7.75 3.31
N PHE A 128 11.03 6.64 3.51
CA PHE A 128 11.66 5.44 4.04
C PHE A 128 12.61 4.88 3.03
N ALA A 129 12.20 4.86 1.75
CA ALA A 129 13.06 4.32 0.72
C ALA A 129 14.28 5.17 0.57
N ALA A 130 14.12 6.51 0.63
CA ALA A 130 15.25 7.39 0.48
C ALA A 130 16.24 7.17 1.59
N GLU A 131 15.72 7.02 2.84
CA GLU A 131 16.60 6.81 3.98
C GLU A 131 17.28 5.47 3.85
N ALA A 132 16.51 4.46 3.40
CA ALA A 132 17.06 3.12 3.26
C ALA A 132 18.14 3.12 2.22
N ALA A 133 17.94 3.85 1.10
CA ALA A 133 18.93 3.88 0.05
C ALA A 133 20.17 4.55 0.54
N GLN A 134 20.04 5.64 1.34
CA GLN A 134 21.21 6.31 1.85
C GLN A 134 21.93 5.37 2.78
N GLU A 135 21.17 4.61 3.59
CA GLU A 135 21.78 3.68 4.50
C GLU A 135 22.49 2.60 3.72
N ALA A 136 21.85 2.10 2.63
CA ALA A 136 22.45 1.07 1.84
C ALA A 136 23.72 1.59 1.19
N ALA A 137 23.67 2.85 0.70
CA ALA A 137 24.82 3.44 0.05
C ALA A 137 25.94 3.57 1.06
N ALA A 138 25.61 4.00 2.30
CA ALA A 138 26.63 4.15 3.32
C ALA A 138 27.24 2.81 3.61
N GLY A 139 26.39 1.77 3.70
CA GLY A 139 26.87 0.44 3.96
C GLY A 139 26.98 0.29 5.44
N ASP A 140 28.01 0.92 6.04
CA ASP A 140 28.20 0.83 7.46
C ASP A 140 27.67 2.11 8.04
N ASN A 141 26.45 2.05 8.61
CA ASN A 141 25.86 3.22 9.19
C ASN A 141 26.32 3.28 10.63
N GLU A 142 27.25 4.20 10.92
CA GLU A 142 27.77 4.33 12.27
C GLU A 142 26.95 5.43 12.97
N GLY A 1 -28.37 -5.31 12.24
CA GLY A 1 -27.01 -4.70 12.15
C GLY A 1 -26.63 -4.53 10.73
N SER A 2 -25.43 -3.96 10.48
CA SER A 2 -24.98 -3.76 9.13
C SER A 2 -23.62 -4.38 9.03
N MET A 3 -23.29 -4.92 7.84
CA MET A 3 -22.00 -5.54 7.65
C MET A 3 -21.04 -4.51 7.14
N SER A 4 -21.53 -3.28 6.89
CA SER A 4 -20.67 -2.24 6.39
C SER A 4 -21.25 -0.92 6.82
N SER A 5 -20.43 0.14 6.80
CA SER A 5 -20.90 1.44 7.20
C SER A 5 -20.02 2.45 6.52
N LYS A 6 -20.12 3.72 6.94
CA LYS A 6 -19.32 4.76 6.35
C LYS A 6 -17.99 4.75 7.03
N SER A 7 -17.05 3.93 6.52
CA SER A 7 -15.74 3.85 7.11
C SER A 7 -14.75 3.76 5.99
N PRO A 8 -13.56 4.26 6.22
CA PRO A 8 -12.51 4.21 5.23
C PRO A 8 -11.76 2.92 5.23
N TRP A 9 -10.86 2.73 6.23
CA TRP A 9 -10.10 1.50 6.29
C TRP A 9 -10.77 0.56 7.26
N ALA A 10 -11.79 1.04 7.99
CA ALA A 10 -12.46 0.18 8.96
C ALA A 10 -13.56 -0.57 8.25
N ASN A 11 -13.84 -0.23 6.98
CA ASN A 11 -14.87 -0.92 6.25
C ASN A 11 -14.18 -2.01 5.47
N PRO A 12 -14.49 -3.25 5.79
CA PRO A 12 -13.88 -4.39 5.09
C PRO A 12 -14.10 -4.35 3.61
N LYS A 13 -15.28 -3.86 3.18
CA LYS A 13 -15.59 -3.78 1.78
C LYS A 13 -14.65 -2.82 1.12
N LYS A 14 -14.42 -1.64 1.75
CA LYS A 14 -13.54 -0.66 1.15
C LYS A 14 -12.13 -1.16 1.22
N ALA A 15 -11.79 -1.81 2.34
CA ALA A 15 -10.45 -2.33 2.53
C ALA A 15 -10.16 -3.37 1.48
N ASN A 16 -11.12 -4.27 1.21
CA ASN A 16 -10.92 -5.30 0.23
C ASN A 16 -10.77 -4.67 -1.14
N ALA A 17 -11.58 -3.65 -1.44
CA ALA A 17 -11.50 -3.00 -2.73
C ALA A 17 -10.15 -2.32 -2.86
N PHE A 18 -9.69 -1.69 -1.76
CA PHE A 18 -8.44 -0.98 -1.79
C PHE A 18 -7.27 -1.92 -2.00
N MET A 19 -7.26 -3.08 -1.31
CA MET A 19 -6.15 -3.99 -1.49
C MET A 19 -6.22 -4.63 -2.85
N LYS A 20 -7.44 -4.96 -3.34
CA LYS A 20 -7.56 -5.60 -4.63
C LYS A 20 -7.10 -4.68 -5.73
N CYS A 21 -7.46 -3.38 -5.65
CA CYS A 21 -7.10 -2.47 -6.71
C CYS A 21 -5.60 -2.26 -6.75
N LEU A 22 -4.95 -2.12 -5.58
CA LEU A 22 -3.51 -1.89 -5.58
C LEU A 22 -2.79 -3.14 -6.01
N ILE A 23 -3.21 -4.30 -5.49
CA ILE A 23 -2.55 -5.55 -5.81
C ILE A 23 -2.75 -5.88 -7.26
N GLN A 24 -3.98 -5.73 -7.78
CA GLN A 24 -4.25 -6.07 -9.16
C GLN A 24 -3.49 -5.16 -10.07
N LYS A 25 -3.38 -3.85 -9.74
CA LYS A 25 -2.65 -2.95 -10.59
C LYS A 25 -1.22 -3.38 -10.69
N ILE A 26 -0.64 -3.84 -9.56
CA ILE A 26 0.72 -4.31 -9.59
C ILE A 26 0.80 -5.53 -10.47
N SER A 27 -0.19 -6.44 -10.34
CA SER A 27 -0.20 -7.67 -11.10
C SER A 27 -0.31 -7.40 -12.58
N VAL A 28 -1.17 -6.45 -12.99
CA VAL A 28 -1.32 -6.18 -14.40
C VAL A 28 -0.26 -5.24 -14.87
N SER A 29 0.65 -4.78 -13.97
CA SER A 29 1.68 -3.88 -14.41
C SER A 29 2.78 -4.71 -15.02
N PRO A 30 3.37 -4.22 -16.09
CA PRO A 30 4.46 -4.90 -16.75
C PRO A 30 5.81 -4.51 -16.18
N VAL A 31 5.80 -3.47 -15.32
CA VAL A 31 7.02 -2.98 -14.72
C VAL A 31 7.56 -3.98 -13.73
N PHE A 32 6.68 -4.59 -12.91
CA PHE A 32 7.14 -5.51 -11.91
C PHE A 32 7.45 -6.84 -12.59
N PRO A 33 8.42 -7.55 -12.04
CA PRO A 33 8.80 -8.84 -12.56
C PRO A 33 7.85 -9.93 -12.15
N GLN A 34 7.69 -10.96 -13.01
CA GLN A 34 6.79 -12.04 -12.72
C GLN A 34 7.40 -12.95 -11.67
N GLN A 35 8.72 -12.86 -11.43
CA GLN A 35 9.35 -13.73 -10.47
C GLN A 35 8.95 -13.32 -9.07
N GLU A 36 8.61 -12.03 -8.86
CA GLU A 36 8.25 -11.59 -7.53
C GLU A 36 6.76 -11.77 -7.35
N LYS A 37 6.05 -12.19 -8.42
CA LYS A 37 4.61 -12.36 -8.33
C LYS A 37 4.29 -13.40 -7.28
N GLU A 38 5.09 -14.49 -7.21
CA GLU A 38 4.83 -15.52 -6.23
C GLU A 38 5.00 -14.93 -4.85
N ASP A 39 6.04 -14.08 -4.66
CA ASP A 39 6.27 -13.46 -3.38
C ASP A 39 5.12 -12.53 -3.07
N MET A 40 4.63 -11.82 -4.11
CA MET A 40 3.54 -10.89 -3.94
C MET A 40 2.32 -11.62 -3.45
N GLU A 41 2.06 -12.83 -3.99
CA GLU A 41 0.90 -13.60 -3.57
C GLU A 41 1.03 -13.93 -2.11
N SER A 42 2.26 -14.27 -1.66
CA SER A 42 2.48 -14.62 -0.27
C SER A 42 2.21 -13.40 0.57
N ILE A 43 2.65 -12.22 0.08
CA ILE A 43 2.46 -10.98 0.80
C ILE A 43 0.97 -10.72 0.94
N VAL A 44 0.19 -10.98 -0.12
CA VAL A 44 -1.24 -10.73 -0.09
C VAL A 44 -1.88 -11.56 1.00
N GLU A 45 -1.50 -12.85 1.11
CA GLU A 45 -2.11 -13.71 2.12
C GLU A 45 -1.76 -13.19 3.49
N THR A 46 -0.51 -12.74 3.69
CA THR A 46 -0.09 -12.24 4.98
C THR A 46 -0.79 -10.94 5.27
N MET A 47 -0.89 -10.08 4.23
CA MET A 47 -1.54 -8.79 4.39
C MET A 47 -2.97 -9.02 4.80
N MET A 48 -3.67 -9.95 4.12
CA MET A 48 -5.04 -10.20 4.44
C MET A 48 -5.14 -10.77 5.83
N SER A 49 -4.16 -11.63 6.22
CA SER A 49 -4.18 -12.21 7.55
C SER A 49 -4.06 -11.10 8.57
N ALA A 50 -3.17 -10.13 8.29
CA ALA A 50 -2.96 -9.02 9.21
C ALA A 50 -4.24 -8.23 9.33
N ILE A 51 -4.96 -8.02 8.20
CA ILE A 51 -6.19 -7.25 8.23
C ILE A 51 -7.18 -7.96 9.13
N SER A 52 -7.31 -9.28 8.94
CA SER A 52 -8.25 -10.05 9.73
C SER A 52 -7.84 -10.03 11.18
N GLY A 53 -6.52 -10.13 11.45
CA GLY A 53 -6.05 -10.15 12.82
C GLY A 53 -6.37 -8.86 13.52
N VAL A 54 -6.11 -7.70 12.86
CA VAL A 54 -6.38 -6.43 13.51
C VAL A 54 -7.87 -6.20 13.58
N SER A 55 -8.58 -6.45 12.47
CA SER A 55 -10.01 -6.21 12.45
C SER A 55 -10.71 -7.52 12.62
N THR A 56 -10.83 -7.98 13.89
CA THR A 56 -11.50 -9.23 14.15
C THR A 56 -12.98 -8.97 14.13
N SER A 57 -13.38 -7.69 14.35
CA SER A 57 -14.78 -7.35 14.33
C SER A 57 -14.86 -5.88 14.04
N ARG A 58 -14.51 -5.49 12.79
CA ARG A 58 -14.55 -4.11 12.37
C ARG A 58 -13.37 -3.39 12.97
N GLY A 59 -13.41 -3.13 14.29
CA GLY A 59 -12.32 -2.44 14.94
C GLY A 59 -12.92 -1.34 15.76
N SER A 60 -13.46 -0.31 15.08
CA SER A 60 -14.07 0.82 15.77
C SER A 60 -13.04 1.46 16.67
N SER A 61 -11.81 1.68 16.14
CA SER A 61 -10.78 2.28 16.94
C SER A 61 -9.90 3.06 16.02
N GLU A 62 -9.34 4.18 16.53
CA GLU A 62 -8.46 5.02 15.75
C GLU A 62 -7.22 4.24 15.42
N ALA A 63 -6.76 3.40 16.39
CA ALA A 63 -5.57 2.62 16.18
C ALA A 63 -5.78 1.69 15.02
N THR A 64 -6.99 1.12 14.90
CA THR A 64 -7.30 0.20 13.83
C THR A 64 -7.22 0.93 12.51
N LEU A 65 -7.80 2.15 12.45
CA LEU A 65 -7.81 2.90 11.22
C LEU A 65 -6.40 3.25 10.81
N GLN A 66 -5.57 3.69 11.79
CA GLN A 66 -4.21 4.07 11.50
C GLN A 66 -3.41 2.85 11.14
N ALA A 67 -3.63 1.73 11.87
CA ALA A 67 -2.87 0.52 11.62
C ALA A 67 -3.16 0.00 10.25
N MET A 68 -4.43 0.06 9.80
CA MET A 68 -4.76 -0.46 8.49
C MET A 68 -4.17 0.41 7.42
N ASN A 69 -4.31 1.75 7.54
CA ASN A 69 -3.76 2.63 6.54
C ASN A 69 -2.26 2.42 6.49
N MET A 70 -1.62 2.27 7.66
CA MET A 70 -0.19 2.06 7.71
C MET A 70 0.13 0.71 7.11
N ALA A 71 -0.72 -0.30 7.38
CA ALA A 71 -0.48 -1.64 6.88
C ALA A 71 -0.50 -1.65 5.37
N PHE A 72 -1.44 -0.91 4.73
CA PHE A 72 -1.50 -0.91 3.29
C PHE A 72 -0.25 -0.30 2.75
N ALA A 73 0.19 0.81 3.38
CA ALA A 73 1.38 1.48 2.93
C ALA A 73 2.58 0.59 3.14
N SER A 74 2.62 -0.14 4.27
CA SER A 74 3.74 -1.01 4.57
C SER A 74 3.83 -2.11 3.55
N SER A 75 2.69 -2.71 3.15
CA SER A 75 2.72 -3.80 2.19
C SER A 75 3.27 -3.28 0.88
N MET A 76 2.76 -2.12 0.43
CA MET A 76 3.21 -1.56 -0.83
C MET A 76 4.65 -1.16 -0.69
N ALA A 77 5.04 -0.63 0.49
CA ALA A 77 6.39 -0.19 0.71
C ALA A 77 7.34 -1.35 0.58
N GLU A 78 6.96 -2.55 1.07
CA GLU A 78 7.86 -3.69 0.98
C GLU A 78 8.11 -4.01 -0.48
N LEU A 79 7.06 -3.95 -1.31
CA LEU A 79 7.22 -4.24 -2.72
C LEU A 79 8.06 -3.15 -3.34
N VAL A 80 7.83 -1.89 -2.92
CA VAL A 80 8.56 -0.76 -3.46
C VAL A 80 10.03 -0.88 -3.11
N ILE A 81 10.34 -1.32 -1.87
CA ILE A 81 11.74 -1.42 -1.46
C ILE A 81 12.46 -2.38 -2.36
N ALA A 82 11.85 -3.56 -2.62
CA ALA A 82 12.51 -4.55 -3.44
C ALA A 82 12.76 -3.97 -4.81
N GLU A 83 11.77 -3.28 -5.37
CA GLU A 83 11.93 -2.72 -6.70
C GLU A 83 12.91 -1.58 -6.67
N ASP A 84 12.88 -0.75 -5.61
CA ASP A 84 13.75 0.41 -5.52
C ASP A 84 15.20 0.01 -5.47
N VAL A 85 15.55 -0.96 -4.61
CA VAL A 85 16.94 -1.34 -4.49
C VAL A 85 17.40 -1.97 -5.77
N ASN A 86 16.57 -2.85 -6.35
CA ASN A 86 16.95 -3.53 -7.58
C ASN A 86 16.99 -2.58 -8.75
N ASN A 87 16.03 -1.63 -8.84
CA ASN A 87 16.04 -0.71 -9.96
C ASN A 87 15.17 0.47 -9.59
N PRO A 88 15.79 1.57 -9.24
CA PRO A 88 15.06 2.77 -8.85
C PRO A 88 14.34 3.44 -9.99
N ASP A 89 14.76 3.13 -11.23
CA ASP A 89 14.12 3.73 -12.40
C ASP A 89 12.72 3.20 -12.49
N SER A 90 12.56 1.90 -12.14
CA SER A 90 11.27 1.26 -12.20
C SER A 90 10.34 1.95 -11.24
N ILE A 91 10.88 2.38 -10.08
CA ILE A 91 10.05 3.03 -9.06
C ILE A 91 9.46 4.29 -9.60
N ALA A 92 10.24 5.09 -10.36
CA ALA A 92 9.71 6.34 -10.88
C ALA A 92 8.55 6.06 -11.79
N GLU A 93 8.69 5.05 -12.67
CA GLU A 93 7.62 4.73 -13.60
C GLU A 93 6.46 4.12 -12.85
N LYS A 94 6.76 3.26 -11.86
CA LYS A 94 5.73 2.59 -11.09
C LYS A 94 4.97 3.60 -10.28
N THR A 95 5.68 4.61 -9.73
CA THR A 95 5.04 5.63 -8.90
C THR A 95 4.01 6.36 -9.72
N GLU A 96 4.35 6.71 -10.98
CA GLU A 96 3.42 7.43 -11.81
C GLU A 96 2.19 6.58 -12.01
N ALA A 97 2.37 5.27 -12.31
CA ALA A 97 1.25 4.39 -12.54
C ALA A 97 0.45 4.25 -11.26
N LEU A 98 1.13 4.12 -10.11
CA LEU A 98 0.45 3.96 -8.84
C LEU A 98 -0.32 5.20 -8.51
N SER A 99 0.23 6.39 -8.84
CA SER A 99 -0.46 7.63 -8.54
C SER A 99 -1.77 7.64 -9.26
N GLN A 100 -1.78 7.19 -10.53
CA GLN A 100 -2.99 7.16 -11.30
C GLN A 100 -3.91 6.10 -10.74
N ALA A 101 -3.33 4.94 -10.34
CA ALA A 101 -4.12 3.87 -9.81
C ALA A 101 -4.80 4.28 -8.54
N LEU A 102 -4.07 5.02 -7.67
CA LEU A 102 -4.64 5.45 -6.41
C LEU A 102 -5.78 6.39 -6.66
N LYS A 103 -5.63 7.32 -7.61
CA LYS A 103 -6.67 8.27 -7.90
C LYS A 103 -7.91 7.57 -8.36
N GLN A 104 -7.75 6.62 -9.31
CA GLN A 104 -8.87 5.90 -9.83
C GLN A 104 -9.47 5.01 -8.78
N CYS A 105 -8.60 4.37 -7.97
CA CYS A 105 -9.08 3.45 -6.95
C CYS A 105 -9.88 4.21 -5.91
N PHE A 106 -9.33 5.35 -5.40
CA PHE A 106 -10.03 6.09 -4.37
C PHE A 106 -11.31 6.65 -4.94
N ARG A 107 -11.28 7.10 -6.20
CA ARG A 107 -12.46 7.66 -6.82
C ARG A 107 -13.54 6.62 -6.90
N SER A 108 -13.17 5.35 -7.19
CA SER A 108 -14.17 4.31 -7.34
C SER A 108 -14.47 3.65 -6.02
N THR A 109 -13.82 4.06 -4.89
CA THR A 109 -14.11 3.42 -3.63
C THR A 109 -14.62 4.43 -2.66
N MET A 110 -13.73 5.34 -2.20
CA MET A 110 -14.12 6.35 -1.25
C MET A 110 -15.05 7.33 -1.92
N GLY A 111 -14.87 7.53 -3.24
CA GLY A 111 -15.73 8.45 -3.95
C GLY A 111 -15.12 9.81 -3.88
N THR A 112 -13.88 9.92 -3.38
CA THR A 112 -13.23 11.19 -3.28
C THR A 112 -11.89 11.06 -3.95
N VAL A 113 -11.32 12.21 -4.37
CA VAL A 113 -10.04 12.21 -5.03
C VAL A 113 -9.08 12.93 -4.13
N ASN A 114 -9.35 12.90 -2.80
CA ASN A 114 -8.48 13.57 -1.86
C ASN A 114 -7.11 12.95 -1.97
N ARG A 115 -6.10 13.81 -2.24
CA ARG A 115 -4.74 13.34 -2.40
C ARG A 115 -4.06 13.35 -1.06
N GLN A 116 -4.78 13.68 0.02
CA GLN A 116 -4.18 13.72 1.33
C GLN A 116 -3.71 12.33 1.70
N PHE A 117 -4.54 11.30 1.40
CA PHE A 117 -4.17 9.94 1.75
C PHE A 117 -3.05 9.52 0.86
N ILE A 118 -3.14 9.88 -0.43
CA ILE A 118 -2.14 9.51 -1.41
C ILE A 118 -0.82 10.10 -1.00
N THR A 119 -0.81 11.39 -0.61
CA THR A 119 0.41 12.07 -0.22
C THR A 119 1.00 11.40 0.99
N GLU A 120 0.17 11.10 2.01
CA GLU A 120 0.67 10.50 3.23
C GLU A 120 1.24 9.13 2.93
N ILE A 121 0.54 8.33 2.09
CA ILE A 121 1.01 7.00 1.77
C ILE A 121 2.31 7.11 1.01
N LYS A 122 2.37 8.02 0.02
CA LYS A 122 3.56 8.18 -0.77
C LYS A 122 4.71 8.63 0.09
N HIS A 123 4.45 9.58 1.00
CA HIS A 123 5.49 10.09 1.86
C HIS A 123 6.02 9.00 2.74
N LEU A 124 5.12 8.22 3.39
CA LEU A 124 5.57 7.16 4.28
C LEU A 124 6.28 6.11 3.48
N MET A 125 5.75 5.77 2.29
CA MET A 125 6.33 4.75 1.46
C MET A 125 7.73 5.16 1.07
N THR A 126 7.89 6.42 0.61
CA THR A 126 9.19 6.90 0.19
C THR A 126 10.12 6.93 1.37
N MET A 127 9.64 7.41 2.53
CA MET A 127 10.46 7.50 3.70
C MET A 127 10.95 6.15 4.14
N PHE A 128 10.05 5.14 4.17
CA PHE A 128 10.45 3.83 4.63
C PHE A 128 11.36 3.20 3.63
N ALA A 129 11.05 3.35 2.33
CA ALA A 129 11.86 2.76 1.31
C ALA A 129 13.23 3.38 1.30
N ALA A 130 13.31 4.72 1.50
CA ALA A 130 14.58 5.39 1.51
C ALA A 130 15.43 4.88 2.65
N GLU A 131 14.82 4.68 3.83
CA GLU A 131 15.56 4.20 4.98
C GLU A 131 16.00 2.80 4.73
N ALA A 132 15.12 1.97 4.13
CA ALA A 132 15.46 0.58 3.87
C ALA A 132 16.58 0.53 2.87
N ALA A 133 16.52 1.40 1.83
CA ALA A 133 17.55 1.41 0.81
C ALA A 133 18.86 1.82 1.43
N GLN A 134 18.82 2.81 2.36
CA GLN A 134 20.04 3.25 3.00
C GLN A 134 20.62 2.10 3.77
N GLU A 135 19.75 1.33 4.45
CA GLU A 135 20.21 0.20 5.22
C GLU A 135 20.78 -0.84 4.29
N ALA A 136 20.10 -1.09 3.15
CA ALA A 136 20.56 -2.09 2.20
C ALA A 136 21.90 -1.67 1.65
N ALA A 137 22.06 -0.36 1.38
CA ALA A 137 23.30 0.15 0.84
C ALA A 137 24.40 -0.08 1.84
N ALA A 138 24.10 0.12 3.14
CA ALA A 138 25.10 -0.05 4.18
C ALA A 138 25.57 -1.49 4.17
N GLY A 139 24.62 -2.44 4.03
CA GLY A 139 25.02 -3.82 4.01
C GLY A 139 23.80 -4.65 4.27
N ASP A 140 23.98 -5.99 4.24
CA ASP A 140 22.86 -6.88 4.49
C ASP A 140 22.94 -7.33 5.92
N ASN A 141 23.93 -6.81 6.68
CA ASN A 141 24.08 -7.19 8.06
C ASN A 141 23.26 -6.25 8.88
N GLU A 142 22.11 -6.73 9.41
CA GLU A 142 21.27 -5.90 10.22
C GLU A 142 21.78 -5.96 11.66
N GLY A 1 -17.71 -7.09 14.45
CA GLY A 1 -18.88 -7.12 13.54
C GLY A 1 -18.52 -6.49 12.23
N SER A 2 -19.55 -6.14 11.43
CA SER A 2 -19.30 -5.52 10.15
C SER A 2 -20.48 -4.66 9.85
N MET A 3 -20.23 -3.47 9.27
CA MET A 3 -21.31 -2.56 8.94
C MET A 3 -21.08 -2.10 7.54
N SER A 4 -22.17 -1.83 6.79
CA SER A 4 -22.04 -1.38 5.43
C SER A 4 -22.12 0.12 5.45
N SER A 5 -20.98 0.80 5.23
CA SER A 5 -20.97 2.23 5.22
C SER A 5 -19.84 2.65 4.33
N LYS A 6 -19.77 3.95 3.99
CA LYS A 6 -18.71 4.42 3.15
C LYS A 6 -17.50 4.60 4.02
N SER A 7 -16.67 3.53 4.11
CA SER A 7 -15.49 3.59 4.93
C SER A 7 -14.40 2.91 4.18
N PRO A 8 -13.18 3.34 4.41
CA PRO A 8 -12.03 2.76 3.74
C PRO A 8 -11.62 1.44 4.33
N TRP A 9 -11.04 1.45 5.55
CA TRP A 9 -10.61 0.21 6.16
C TRP A 9 -11.70 -0.29 7.09
N ALA A 10 -12.56 0.63 7.58
CA ALA A 10 -13.60 0.24 8.50
C ALA A 10 -14.55 -0.72 7.82
N ASN A 11 -14.85 -0.47 6.53
CA ASN A 11 -15.73 -1.35 5.80
C ASN A 11 -14.85 -2.32 5.07
N PRO A 12 -14.90 -3.58 5.44
CA PRO A 12 -14.08 -4.60 4.79
C PRO A 12 -14.45 -4.85 3.37
N LYS A 13 -15.69 -4.51 2.98
CA LYS A 13 -16.11 -4.74 1.62
C LYS A 13 -15.38 -3.77 0.74
N LYS A 14 -15.29 -2.49 1.18
CA LYS A 14 -14.60 -1.50 0.39
C LYS A 14 -13.13 -1.72 0.51
N ALA A 15 -12.68 -2.10 1.73
CA ALA A 15 -11.28 -2.34 1.97
C ALA A 15 -10.79 -3.45 1.08
N ASN A 16 -11.62 -4.50 0.86
CA ASN A 16 -11.22 -5.60 0.02
C ASN A 16 -10.96 -5.07 -1.37
N ALA A 17 -11.86 -4.22 -1.89
CA ALA A 17 -11.69 -3.69 -3.23
C ALA A 17 -10.46 -2.82 -3.26
N PHE A 18 -10.26 -2.00 -2.22
CA PHE A 18 -9.11 -1.12 -2.17
C PHE A 18 -7.83 -1.92 -2.17
N MET A 19 -7.74 -2.93 -1.29
CA MET A 19 -6.54 -3.72 -1.21
C MET A 19 -6.34 -4.45 -2.52
N LYS A 20 -7.41 -5.03 -3.07
CA LYS A 20 -7.29 -5.80 -4.28
C LYS A 20 -6.89 -4.92 -5.44
N CYS A 21 -7.44 -3.68 -5.55
CA CYS A 21 -7.09 -2.84 -6.68
C CYS A 21 -5.63 -2.51 -6.64
N LEU A 22 -5.04 -2.39 -5.42
CA LEU A 22 -3.63 -2.07 -5.33
C LEU A 22 -2.80 -3.24 -5.81
N ILE A 23 -3.21 -4.47 -5.45
CA ILE A 23 -2.42 -5.63 -5.83
C ILE A 23 -2.56 -5.88 -7.30
N GLN A 24 -3.80 -5.82 -7.82
CA GLN A 24 -4.04 -6.09 -9.22
C GLN A 24 -3.39 -5.04 -10.08
N LYS A 25 -3.45 -3.75 -9.67
CA LYS A 25 -2.84 -2.71 -10.49
C LYS A 25 -1.38 -2.98 -10.61
N ILE A 26 -0.74 -3.39 -9.51
CA ILE A 26 0.66 -3.69 -9.54
C ILE A 26 0.90 -4.85 -10.46
N SER A 27 0.07 -5.90 -10.33
CA SER A 27 0.24 -7.09 -11.14
C SER A 27 0.04 -6.81 -12.60
N VAL A 28 -0.93 -5.95 -12.94
CA VAL A 28 -1.22 -5.67 -14.32
C VAL A 28 -0.15 -4.81 -14.94
N SER A 29 0.81 -4.25 -14.16
CA SER A 29 1.81 -3.41 -14.77
C SER A 29 2.88 -4.33 -15.31
N PRO A 30 3.15 -4.22 -16.60
CA PRO A 30 4.17 -5.05 -17.24
C PRO A 30 5.57 -4.65 -16.86
N VAL A 31 5.68 -3.49 -16.18
CA VAL A 31 6.97 -2.99 -15.75
C VAL A 31 7.55 -3.97 -14.76
N PHE A 32 6.70 -4.50 -13.85
CA PHE A 32 7.17 -5.43 -12.85
C PHE A 32 6.67 -6.80 -13.23
N PRO A 33 7.33 -7.81 -12.73
CA PRO A 33 6.95 -9.19 -13.01
C PRO A 33 5.69 -9.61 -12.29
N GLN A 34 4.98 -10.60 -12.88
CA GLN A 34 3.75 -11.08 -12.27
C GLN A 34 4.08 -12.19 -11.32
N GLN A 35 5.37 -12.56 -11.24
CA GLN A 35 5.78 -13.63 -10.33
C GLN A 35 5.52 -13.20 -8.91
N GLU A 36 5.75 -11.89 -8.62
CA GLU A 36 5.56 -11.38 -7.27
C GLU A 36 4.09 -11.34 -6.93
N LYS A 37 3.19 -11.61 -7.92
CA LYS A 37 1.77 -11.57 -7.65
C LYS A 37 1.43 -12.58 -6.58
N GLU A 38 2.02 -13.79 -6.66
CA GLU A 38 1.73 -14.81 -5.67
C GLU A 38 2.19 -14.34 -4.31
N ASP A 39 3.37 -13.68 -4.26
CA ASP A 39 3.89 -13.20 -3.00
C ASP A 39 2.98 -12.15 -2.44
N MET A 40 2.45 -11.25 -3.30
CA MET A 40 1.57 -10.20 -2.84
C MET A 40 0.31 -10.81 -2.28
N GLU A 41 -0.20 -11.89 -2.93
CA GLU A 41 -1.42 -12.51 -2.48
C GLU A 41 -1.25 -13.07 -1.10
N SER A 42 -0.08 -13.69 -0.81
CA SER A 42 0.13 -14.26 0.51
C SER A 42 0.17 -13.16 1.55
N ILE A 43 0.78 -12.01 1.20
CA ILE A 43 0.87 -10.90 2.12
C ILE A 43 -0.52 -10.37 2.38
N VAL A 44 -1.31 -10.19 1.30
CA VAL A 44 -2.65 -9.66 1.42
C VAL A 44 -3.51 -10.58 2.24
N GLU A 45 -3.42 -11.90 1.99
CA GLU A 45 -4.26 -12.85 2.72
C GLU A 45 -3.93 -12.79 4.20
N THR A 46 -2.64 -12.68 4.54
CA THR A 46 -2.25 -12.64 5.94
C THR A 46 -2.72 -11.36 6.57
N MET A 47 -2.54 -10.22 5.86
CA MET A 47 -2.95 -8.94 6.41
C MET A 47 -4.45 -8.93 6.53
N MET A 48 -5.14 -9.53 5.53
CA MET A 48 -6.58 -9.57 5.54
C MET A 48 -7.04 -10.44 6.69
N SER A 49 -6.28 -11.52 7.01
CA SER A 49 -6.66 -12.38 8.10
C SER A 49 -6.68 -11.57 9.37
N ALA A 50 -5.68 -10.66 9.52
CA ALA A 50 -5.60 -9.82 10.69
C ALA A 50 -6.81 -8.93 10.75
N ILE A 51 -7.26 -8.43 9.57
CA ILE A 51 -8.42 -7.55 9.52
C ILE A 51 -9.62 -8.30 10.05
N SER A 52 -9.78 -9.56 9.60
CA SER A 52 -10.91 -10.36 10.03
C SER A 52 -10.81 -10.60 11.52
N GLY A 53 -9.59 -10.88 12.02
CA GLY A 53 -9.41 -11.14 13.43
C GLY A 53 -9.78 -9.93 14.24
N VAL A 54 -9.33 -8.73 13.82
CA VAL A 54 -9.64 -7.53 14.55
C VAL A 54 -11.11 -7.25 14.44
N SER A 55 -11.66 -7.38 13.22
CA SER A 55 -13.07 -7.15 12.99
C SER A 55 -13.35 -5.69 13.24
N THR A 56 -14.64 -5.31 13.29
CA THR A 56 -14.98 -3.94 13.54
C THR A 56 -15.80 -3.94 14.81
N SER A 57 -15.30 -3.25 15.85
CA SER A 57 -16.02 -3.18 17.10
C SER A 57 -15.47 -2.03 17.88
N ARG A 58 -16.32 -1.03 18.19
CA ARG A 58 -15.91 0.12 18.96
C ARG A 58 -14.81 0.83 18.21
N GLY A 59 -14.03 1.67 18.94
CA GLY A 59 -12.95 2.40 18.31
C GLY A 59 -11.68 1.62 18.50
N SER A 60 -11.78 0.44 19.15
CA SER A 60 -10.60 -0.38 19.38
C SER A 60 -10.09 -0.85 18.05
N SER A 61 -11.02 -1.20 17.13
CA SER A 61 -10.64 -1.68 15.82
C SER A 61 -9.99 -0.57 15.05
N GLU A 62 -10.35 0.70 15.34
CA GLU A 62 -9.80 1.82 14.63
C GLU A 62 -8.30 1.84 14.81
N ALA A 63 -7.82 1.47 16.02
CA ALA A 63 -6.40 1.48 16.27
C ALA A 63 -5.70 0.53 15.33
N THR A 64 -6.25 -0.68 15.17
CA THR A 64 -5.65 -1.66 14.30
C THR A 64 -5.80 -1.21 12.88
N LEU A 65 -6.97 -0.65 12.52
CA LEU A 65 -7.21 -0.23 11.16
C LEU A 65 -6.22 0.84 10.79
N GLN A 66 -5.92 1.76 11.72
CA GLN A 66 -4.98 2.82 11.43
C GLN A 66 -3.62 2.20 11.20
N ALA A 67 -3.25 1.25 12.07
CA ALA A 67 -1.97 0.59 11.93
C ALA A 67 -1.93 -0.17 10.64
N MET A 68 -3.06 -0.80 10.27
CA MET A 68 -3.12 -1.58 9.05
C MET A 68 -2.95 -0.67 7.86
N ASN A 69 -3.56 0.55 7.88
CA ASN A 69 -3.41 1.45 6.76
C ASN A 69 -1.94 1.78 6.59
N MET A 70 -1.25 2.03 7.72
CA MET A 70 0.17 2.32 7.67
C MET A 70 0.88 1.09 7.18
N ALA A 71 0.39 -0.09 7.61
CA ALA A 71 0.99 -1.35 7.23
C ALA A 71 0.93 -1.53 5.73
N PHE A 72 -0.17 -1.07 5.08
CA PHE A 72 -0.29 -1.23 3.64
C PHE A 72 0.81 -0.45 3.00
N ALA A 73 1.03 0.79 3.49
CA ALA A 73 2.06 1.63 2.94
C ALA A 73 3.40 1.00 3.18
N SER A 74 3.60 0.43 4.38
CA SER A 74 4.87 -0.18 4.73
C SER A 74 5.11 -1.39 3.86
N SER A 75 4.08 -2.21 3.61
CA SER A 75 4.25 -3.41 2.80
C SER A 75 4.61 -3.01 1.40
N MET A 76 3.92 -1.98 0.86
CA MET A 76 4.21 -1.54 -0.48
C MET A 76 5.59 -0.94 -0.51
N ALA A 77 5.96 -0.22 0.59
CA ALA A 77 7.26 0.40 0.67
C ALA A 77 8.33 -0.65 0.62
N GLU A 78 8.11 -1.82 1.27
CA GLU A 78 9.11 -2.86 1.26
C GLU A 78 9.33 -3.33 -0.15
N LEU A 79 8.24 -3.45 -0.93
CA LEU A 79 8.35 -3.88 -2.31
C LEU A 79 9.12 -2.84 -3.08
N VAL A 80 8.84 -1.55 -2.77
CA VAL A 80 9.49 -0.44 -3.45
C VAL A 80 10.97 -0.48 -3.13
N ILE A 81 11.34 -0.73 -1.86
CA ILE A 81 12.73 -0.75 -1.47
C ILE A 81 13.48 -1.80 -2.23
N ALA A 82 12.87 -2.98 -2.38
CA ALA A 82 13.53 -4.08 -3.04
C ALA A 82 13.92 -3.70 -4.44
N GLU A 83 13.08 -2.97 -5.16
CA GLU A 83 13.43 -2.62 -6.52
C GLU A 83 14.10 -1.26 -6.56
N ASP A 84 14.06 -0.49 -5.45
CA ASP A 84 14.65 0.84 -5.46
C ASP A 84 16.15 0.76 -5.58
N VAL A 85 16.80 -0.06 -4.74
CA VAL A 85 18.24 -0.14 -4.79
C VAL A 85 18.66 -0.84 -6.05
N ASN A 86 17.96 -1.93 -6.40
CA ASN A 86 18.30 -2.70 -7.56
C ASN A 86 18.06 -1.93 -8.84
N ASN A 87 16.96 -1.16 -8.94
CA ASN A 87 16.71 -0.42 -10.15
C ASN A 87 15.75 0.69 -9.82
N PRO A 88 16.28 1.85 -9.49
CA PRO A 88 15.46 3.00 -9.13
C PRO A 88 14.66 3.55 -10.28
N ASP A 89 15.07 3.25 -11.53
CA ASP A 89 14.36 3.75 -12.68
C ASP A 89 13.00 3.12 -12.70
N SER A 90 12.93 1.81 -12.36
CA SER A 90 11.68 1.10 -12.34
C SER A 90 10.78 1.70 -11.30
N ILE A 91 11.38 2.08 -10.15
CA ILE A 91 10.62 2.64 -9.06
C ILE A 91 10.03 3.96 -9.48
N ALA A 92 10.77 4.79 -10.25
CA ALA A 92 10.23 6.06 -10.65
C ALA A 92 8.97 5.84 -11.44
N GLU A 93 8.99 4.83 -12.34
CA GLU A 93 7.82 4.54 -13.14
C GLU A 93 6.76 3.94 -12.25
N LYS A 94 7.17 3.07 -11.30
CA LYS A 94 6.26 2.41 -10.40
C LYS A 94 5.54 3.43 -9.55
N THR A 95 6.26 4.44 -9.03
CA THR A 95 5.66 5.44 -8.19
C THR A 95 4.62 6.19 -8.98
N GLU A 96 4.94 6.52 -10.24
CA GLU A 96 3.99 7.25 -11.07
C GLU A 96 2.77 6.39 -11.27
N ALA A 97 2.98 5.09 -11.55
CA ALA A 97 1.86 4.19 -11.78
C ALA A 97 1.03 4.07 -10.52
N LEU A 98 1.70 3.97 -9.35
CA LEU A 98 0.99 3.83 -8.09
C LEU A 98 0.24 5.09 -7.78
N SER A 99 0.83 6.26 -8.10
CA SER A 99 0.17 7.52 -7.81
C SER A 99 -1.12 7.56 -8.56
N GLN A 100 -1.10 7.13 -9.82
CA GLN A 100 -2.30 7.12 -10.63
C GLN A 100 -3.25 6.08 -10.09
N ALA A 101 -2.69 4.93 -9.66
CA ALA A 101 -3.51 3.85 -9.14
C ALA A 101 -4.26 4.30 -7.92
N LEU A 102 -3.60 5.04 -7.02
CA LEU A 102 -4.25 5.48 -5.80
C LEU A 102 -5.39 6.40 -6.15
N LYS A 103 -5.15 7.38 -7.04
CA LYS A 103 -6.19 8.32 -7.38
C LYS A 103 -7.31 7.61 -8.11
N GLN A 104 -6.98 6.71 -9.06
CA GLN A 104 -8.01 6.03 -9.82
C GLN A 104 -8.79 5.11 -8.93
N CYS A 105 -8.10 4.39 -8.02
CA CYS A 105 -8.78 3.46 -7.15
C CYS A 105 -9.63 4.24 -6.18
N PHE A 106 -9.10 5.35 -5.63
CA PHE A 106 -9.85 6.14 -4.68
C PHE A 106 -11.09 6.69 -5.35
N ARG A 107 -10.96 7.16 -6.61
CA ARG A 107 -12.11 7.70 -7.31
C ARG A 107 -13.14 6.63 -7.51
N SER A 108 -12.69 5.38 -7.77
CA SER A 108 -13.62 4.30 -8.02
C SER A 108 -14.13 3.73 -6.73
N THR A 109 -13.69 4.24 -5.56
CA THR A 109 -14.17 3.69 -4.31
C THR A 109 -14.90 4.75 -3.54
N MET A 110 -14.17 5.71 -2.95
CA MET A 110 -14.82 6.75 -2.16
C MET A 110 -14.97 8.00 -2.98
N GLY A 111 -14.28 8.09 -4.13
CA GLY A 111 -14.41 9.28 -4.95
C GLY A 111 -13.32 10.26 -4.58
N THR A 112 -12.21 9.75 -3.97
CA THR A 112 -11.12 10.60 -3.55
C THR A 112 -11.65 11.60 -2.58
N VAL A 113 -11.93 11.11 -1.36
CA VAL A 113 -12.47 11.92 -0.33
C VAL A 113 -11.38 12.67 0.37
N ASN A 114 -10.17 12.07 0.44
CA ASN A 114 -9.09 12.72 1.10
C ASN A 114 -7.83 12.30 0.41
N ARG A 115 -7.02 13.28 -0.04
CA ARG A 115 -5.81 12.97 -0.74
C ARG A 115 -4.68 12.91 0.26
N GLN A 116 -4.97 13.18 1.56
CA GLN A 116 -3.91 13.15 2.55
C GLN A 116 -3.39 11.74 2.70
N PHE A 117 -4.29 10.72 2.70
CA PHE A 117 -3.83 9.36 2.86
C PHE A 117 -3.07 8.97 1.63
N ILE A 118 -3.60 9.38 0.47
CA ILE A 118 -2.98 9.06 -0.80
C ILE A 118 -1.59 9.66 -0.83
N THR A 119 -1.47 10.94 -0.40
CA THR A 119 -0.19 11.61 -0.41
C THR A 119 0.74 10.96 0.59
N GLU A 120 0.21 10.61 1.80
CA GLU A 120 1.04 10.02 2.83
C GLU A 120 1.59 8.70 2.35
N ILE A 121 0.79 7.89 1.63
CA ILE A 121 1.27 6.61 1.16
C ILE A 121 2.45 6.84 0.25
N LYS A 122 2.33 7.80 -0.70
CA LYS A 122 3.40 8.08 -1.62
C LYS A 122 4.60 8.59 -0.87
N HIS A 123 4.38 9.50 0.09
CA HIS A 123 5.46 10.07 0.85
C HIS A 123 6.17 9.00 1.64
N LEU A 124 5.41 8.12 2.32
CA LEU A 124 6.02 7.09 3.14
C LEU A 124 6.83 6.14 2.30
N MET A 125 6.33 5.75 1.12
CA MET A 125 7.08 4.81 0.29
C MET A 125 8.37 5.44 -0.14
N THR A 126 8.33 6.73 -0.52
CA THR A 126 9.53 7.41 -0.98
C THR A 126 10.47 7.59 0.19
N MET A 127 9.92 7.99 1.35
CA MET A 127 10.73 8.25 2.52
C MET A 127 11.42 6.99 2.99
N PHE A 128 10.69 5.86 3.05
CA PHE A 128 11.29 4.64 3.56
C PHE A 128 12.30 4.14 2.59
N ALA A 129 11.99 4.20 1.29
CA ALA A 129 12.90 3.72 0.28
C ALA A 129 14.14 4.58 0.25
N ALA A 130 13.97 5.92 0.39
CA ALA A 130 15.11 6.81 0.35
C ALA A 130 16.01 6.51 1.53
N GLU A 131 15.39 6.28 2.71
CA GLU A 131 16.18 6.00 3.90
C GLU A 131 16.89 4.69 3.73
N ALA A 132 16.18 3.67 3.19
CA ALA A 132 16.77 2.36 3.01
C ALA A 132 17.89 2.46 2.01
N ALA A 133 17.69 3.23 0.92
CA ALA A 133 18.70 3.36 -0.10
C ALA A 133 19.92 4.03 0.49
N GLN A 134 19.71 5.05 1.35
CA GLN A 134 20.83 5.75 1.94
C GLN A 134 21.61 4.77 2.78
N GLU A 135 20.89 3.90 3.54
CA GLU A 135 21.54 2.93 4.38
C GLU A 135 22.26 1.93 3.51
N ALA A 136 21.64 1.52 2.38
CA ALA A 136 22.25 0.55 1.50
C ALA A 136 23.51 1.14 0.92
N ALA A 137 23.45 2.43 0.51
CA ALA A 137 24.60 3.09 -0.07
C ALA A 137 25.69 3.18 0.96
N ALA A 138 25.33 3.51 2.22
CA ALA A 138 26.32 3.62 3.28
C ALA A 138 26.96 2.28 3.51
N GLY A 139 26.13 1.20 3.49
CA GLY A 139 26.64 -0.13 3.72
C GLY A 139 27.59 -0.49 2.60
N ASP A 140 27.21 -0.14 1.36
CA ASP A 140 28.07 -0.45 0.23
C ASP A 140 29.03 0.68 0.06
N ASN A 141 29.94 0.86 1.05
CA ASN A 141 30.91 1.91 0.96
C ASN A 141 32.11 1.36 0.25
N GLU A 142 32.28 1.71 -1.03
CA GLU A 142 33.41 1.22 -1.78
C GLU A 142 33.94 2.40 -2.63
N GLY A 1 -18.94 -5.31 19.69
CA GLY A 1 -18.29 -4.30 18.80
C GLY A 1 -19.31 -3.32 18.33
N SER A 2 -18.92 -2.46 17.37
CA SER A 2 -19.85 -1.48 16.87
C SER A 2 -19.47 -1.23 15.43
N MET A 3 -20.48 -1.05 14.56
CA MET A 3 -20.23 -0.81 13.17
C MET A 3 -20.76 0.55 12.85
N SER A 4 -19.90 1.44 12.32
CA SER A 4 -20.32 2.78 12.00
C SER A 4 -20.92 2.79 10.61
N SER A 5 -20.76 1.66 9.88
CA SER A 5 -21.29 1.53 8.52
C SER A 5 -20.35 2.22 7.58
N LYS A 6 -20.05 3.51 7.85
CA LYS A 6 -19.15 4.25 7.00
C LYS A 6 -17.79 4.12 7.61
N SER A 7 -16.93 3.30 6.97
CA SER A 7 -15.59 3.11 7.48
C SER A 7 -14.65 3.16 6.31
N PRO A 8 -13.43 3.62 6.55
CA PRO A 8 -12.44 3.69 5.52
C PRO A 8 -11.61 2.44 5.43
N TRP A 9 -10.64 2.28 6.37
CA TRP A 9 -9.80 1.10 6.34
C TRP A 9 -10.40 0.08 7.28
N ALA A 10 -11.43 0.47 8.04
CA ALA A 10 -12.04 -0.46 8.97
C ALA A 10 -13.11 -1.24 8.26
N ASN A 11 -13.43 -0.86 7.01
CA ASN A 11 -14.45 -1.55 6.27
C ASN A 11 -13.73 -2.63 5.49
N PRO A 12 -14.00 -3.88 5.81
CA PRO A 12 -13.34 -4.99 5.12
C PRO A 12 -13.75 -5.09 3.68
N LYS A 13 -14.99 -4.66 3.37
CA LYS A 13 -15.47 -4.72 2.01
C LYS A 13 -14.73 -3.69 1.21
N LYS A 14 -14.55 -2.47 1.79
CA LYS A 14 -13.86 -1.42 1.09
C LYS A 14 -12.40 -1.79 1.00
N ALA A 15 -11.85 -2.36 2.09
CA ALA A 15 -10.46 -2.74 2.11
C ALA A 15 -10.20 -3.76 1.04
N ASN A 16 -11.13 -4.74 0.86
CA ASN A 16 -10.96 -5.74 -0.16
C ASN A 16 -10.96 -5.09 -1.52
N ALA A 17 -11.89 -4.14 -1.78
CA ALA A 17 -11.95 -3.48 -3.07
C ALA A 17 -10.69 -2.70 -3.30
N PHE A 18 -10.22 -1.99 -2.26
CA PHE A 18 -9.01 -1.18 -2.37
C PHE A 18 -7.84 -2.09 -2.60
N MET A 19 -7.80 -3.19 -1.84
CA MET A 19 -6.75 -4.16 -1.93
C MET A 19 -6.69 -4.74 -3.32
N LYS A 20 -7.85 -5.14 -3.87
CA LYS A 20 -7.91 -5.74 -5.18
C LYS A 20 -7.45 -4.77 -6.23
N CYS A 21 -7.85 -3.49 -6.13
CA CYS A 21 -7.47 -2.54 -7.15
C CYS A 21 -5.97 -2.32 -7.14
N LEU A 22 -5.34 -2.29 -5.94
CA LEU A 22 -3.91 -2.07 -5.88
C LEU A 22 -3.19 -3.29 -6.38
N ILE A 23 -3.64 -4.49 -5.94
CA ILE A 23 -2.99 -5.71 -6.33
C ILE A 23 -3.14 -5.94 -7.81
N GLN A 24 -4.35 -5.70 -8.35
CA GLN A 24 -4.57 -5.91 -9.76
C GLN A 24 -3.73 -4.96 -10.55
N LYS A 25 -3.59 -3.70 -10.09
CA LYS A 25 -2.80 -2.74 -10.82
C LYS A 25 -1.38 -3.25 -10.89
N ILE A 26 -0.88 -3.77 -9.75
CA ILE A 26 0.47 -4.29 -9.73
C ILE A 26 0.54 -5.49 -10.63
N SER A 27 -0.49 -6.37 -10.57
CA SER A 27 -0.48 -7.60 -11.35
C SER A 27 -0.47 -7.29 -12.83
N VAL A 28 -1.21 -6.27 -13.27
CA VAL A 28 -1.25 -5.95 -14.68
C VAL A 28 -0.07 -5.07 -15.03
N SER A 29 0.84 -4.82 -14.07
CA SER A 29 1.97 -3.96 -14.34
C SER A 29 3.14 -4.83 -14.71
N PRO A 30 3.79 -4.53 -15.81
CA PRO A 30 4.95 -5.28 -16.24
C PRO A 30 6.19 -4.86 -15.51
N VAL A 31 6.06 -3.79 -14.70
CA VAL A 31 7.19 -3.26 -13.95
C VAL A 31 7.64 -4.25 -12.92
N PHE A 32 6.69 -4.89 -12.20
CA PHE A 32 7.08 -5.82 -11.15
C PHE A 32 7.48 -7.13 -11.79
N PRO A 33 8.43 -7.80 -11.16
CA PRO A 33 8.93 -9.08 -11.65
C PRO A 33 8.04 -10.24 -11.27
N GLN A 34 8.18 -11.35 -12.02
CA GLN A 34 7.37 -12.54 -11.78
C GLN A 34 7.67 -13.11 -10.41
N GLN A 35 8.93 -12.99 -9.96
CA GLN A 35 9.31 -13.56 -8.68
C GLN A 35 8.52 -12.93 -7.55
N GLU A 36 8.23 -11.61 -7.64
CA GLU A 36 7.50 -10.96 -6.57
C GLU A 36 6.04 -11.35 -6.60
N LYS A 37 5.59 -12.09 -7.63
CA LYS A 37 4.20 -12.50 -7.70
C LYS A 37 3.90 -13.36 -6.50
N GLU A 38 4.85 -14.25 -6.12
CA GLU A 38 4.64 -15.11 -4.98
C GLU A 38 4.53 -14.25 -3.74
N ASP A 39 5.34 -13.18 -3.68
CA ASP A 39 5.32 -12.29 -2.53
C ASP A 39 3.97 -11.63 -2.46
N MET A 40 3.37 -11.29 -3.63
CA MET A 40 2.08 -10.63 -3.66
C MET A 40 1.06 -11.53 -3.01
N GLU A 41 1.14 -12.85 -3.26
CA GLU A 41 0.20 -13.77 -2.66
C GLU A 41 0.37 -13.75 -1.17
N SER A 42 1.63 -13.66 -0.69
CA SER A 42 1.90 -13.63 0.73
C SER A 42 1.31 -12.36 1.30
N ILE A 43 1.44 -11.23 0.56
CA ILE A 43 0.93 -9.96 1.02
C ILE A 43 -0.56 -10.06 1.18
N VAL A 44 -1.26 -10.74 0.25
CA VAL A 44 -2.70 -10.85 0.33
C VAL A 44 -3.08 -11.54 1.62
N GLU A 45 -2.39 -12.67 1.93
CA GLU A 45 -2.68 -13.40 3.14
C GLU A 45 -2.36 -12.56 4.34
N THR A 46 -1.24 -11.80 4.27
CA THR A 46 -0.83 -10.99 5.39
C THR A 46 -1.82 -9.88 5.64
N MET A 47 -2.32 -9.24 4.57
CA MET A 47 -3.26 -8.16 4.73
C MET A 47 -4.50 -8.69 5.42
N MET A 48 -4.99 -9.87 4.98
CA MET A 48 -6.16 -10.45 5.58
C MET A 48 -5.84 -10.90 6.98
N SER A 49 -4.60 -11.38 7.20
CA SER A 49 -4.19 -11.82 8.51
C SER A 49 -4.27 -10.64 9.45
N ALA A 50 -3.84 -9.46 8.99
CA ALA A 50 -3.88 -8.27 9.82
C ALA A 50 -5.31 -7.97 10.18
N ILE A 51 -6.25 -8.12 9.21
CA ILE A 51 -7.64 -7.84 9.47
C ILE A 51 -8.14 -8.78 10.54
N SER A 52 -7.81 -10.07 10.41
CA SER A 52 -8.26 -11.06 11.38
C SER A 52 -7.63 -10.79 12.73
N GLY A 53 -6.32 -10.46 12.74
CA GLY A 53 -5.64 -10.21 13.98
C GLY A 53 -6.21 -9.02 14.68
N VAL A 54 -6.48 -7.92 13.92
CA VAL A 54 -7.02 -6.73 14.52
C VAL A 54 -8.43 -7.01 14.97
N SER A 55 -9.21 -7.72 14.12
CA SER A 55 -10.59 -8.08 14.44
C SER A 55 -11.45 -6.89 14.09
N THR A 56 -11.08 -5.69 14.60
CA THR A 56 -11.83 -4.48 14.32
C THR A 56 -13.10 -4.51 15.13
N SER A 57 -12.95 -4.36 16.46
CA SER A 57 -14.11 -4.35 17.33
C SER A 57 -14.92 -3.14 16.99
N ARG A 58 -14.25 -1.98 16.80
CA ARG A 58 -14.93 -0.77 16.45
C ARG A 58 -14.17 -0.15 15.32
N GLY A 59 -14.89 0.52 14.41
CA GLY A 59 -14.24 1.16 13.27
C GLY A 59 -13.87 2.56 13.67
N SER A 60 -14.17 2.94 14.92
CA SER A 60 -13.85 4.27 15.38
C SER A 60 -12.51 4.23 16.06
N SER A 61 -11.85 3.06 16.07
CA SER A 61 -10.57 2.96 16.71
C SER A 61 -9.53 3.47 15.76
N GLU A 62 -8.78 4.51 16.19
CA GLU A 62 -7.76 5.10 15.35
C GLU A 62 -6.67 4.11 15.11
N ALA A 63 -6.30 3.33 16.16
CA ALA A 63 -5.23 2.36 16.03
C ALA A 63 -5.59 1.34 14.98
N THR A 64 -6.87 0.92 14.94
CA THR A 64 -7.30 -0.07 13.98
C THR A 64 -7.18 0.49 12.59
N LEU A 65 -7.62 1.74 12.41
CA LEU A 65 -7.57 2.36 11.10
C LEU A 65 -6.14 2.52 10.66
N GLN A 66 -5.27 2.93 11.59
CA GLN A 66 -3.87 3.14 11.25
C GLN A 66 -3.20 1.83 10.98
N ALA A 67 -3.54 0.77 11.73
CA ALA A 67 -2.89 -0.50 11.54
C ALA A 67 -3.15 -1.01 10.14
N MET A 68 -4.40 -0.85 9.62
CA MET A 68 -4.68 -1.35 8.30
C MET A 68 -4.08 -0.44 7.26
N ASN A 69 -4.17 0.90 7.46
CA ASN A 69 -3.60 1.82 6.52
C ASN A 69 -2.11 1.58 6.42
N MET A 70 -1.43 1.45 7.57
CA MET A 70 0.00 1.22 7.56
C MET A 70 0.29 -0.18 7.08
N ALA A 71 -0.61 -1.14 7.32
CA ALA A 71 -0.35 -2.53 6.93
C ALA A 71 -0.21 -2.65 5.44
N PHE A 72 -1.09 -2.02 4.64
CA PHE A 72 -0.97 -2.18 3.20
C PHE A 72 0.15 -1.32 2.70
N ALA A 73 0.33 -0.11 3.29
CA ALA A 73 1.38 0.77 2.84
C ALA A 73 2.71 0.11 3.09
N SER A 74 2.86 -0.55 4.25
CA SER A 74 4.12 -1.20 4.59
C SER A 74 4.38 -2.31 3.59
N SER A 75 3.34 -3.09 3.24
CA SER A 75 3.53 -4.19 2.32
C SER A 75 3.95 -3.66 0.97
N MET A 76 3.29 -2.59 0.49
CA MET A 76 3.63 -2.03 -0.79
C MET A 76 5.00 -1.41 -0.69
N ALA A 77 5.33 -0.81 0.47
CA ALA A 77 6.62 -0.18 0.66
C ALA A 77 7.70 -1.22 0.52
N GLU A 78 7.47 -2.44 1.04
CA GLU A 78 8.46 -3.48 0.97
C GLU A 78 8.76 -3.77 -0.49
N LEU A 79 7.69 -3.86 -1.32
CA LEU A 79 7.88 -4.13 -2.73
C LEU A 79 8.62 -2.97 -3.35
N VAL A 80 8.27 -1.74 -2.92
CA VAL A 80 8.89 -0.54 -3.45
C VAL A 80 10.35 -0.52 -3.10
N ILE A 81 10.72 -0.93 -1.88
CA ILE A 81 12.12 -0.91 -1.48
C ILE A 81 12.93 -1.78 -2.39
N ALA A 82 12.44 -3.01 -2.65
CA ALA A 82 13.18 -3.92 -3.48
C ALA A 82 13.35 -3.32 -4.84
N GLU A 83 12.29 -2.72 -5.40
CA GLU A 83 12.38 -2.15 -6.71
C GLU A 83 13.29 -0.94 -6.69
N ASP A 84 13.22 -0.13 -5.62
CA ASP A 84 14.01 1.09 -5.53
C ASP A 84 15.49 0.78 -5.51
N VAL A 85 15.91 -0.18 -4.66
CA VAL A 85 17.32 -0.49 -4.58
C VAL A 85 17.79 -1.10 -5.87
N ASN A 86 17.00 -2.03 -6.44
CA ASN A 86 17.39 -2.71 -7.65
C ASN A 86 17.37 -1.76 -8.83
N ASN A 87 16.36 -0.87 -8.93
CA ASN A 87 16.30 0.03 -10.05
C ASN A 87 15.39 1.17 -9.69
N PRO A 88 15.96 2.32 -9.35
CA PRO A 88 15.18 3.49 -8.97
C PRO A 88 14.41 4.10 -10.10
N ASP A 89 14.82 3.80 -11.36
CA ASP A 89 14.14 4.34 -12.51
C ASP A 89 12.75 3.77 -12.56
N SER A 90 12.64 2.47 -12.19
CA SER A 90 11.37 1.78 -12.20
C SER A 90 10.44 2.44 -11.22
N ILE A 91 11.00 2.91 -10.09
CA ILE A 91 10.19 3.54 -9.07
C ILE A 91 9.53 4.78 -9.60
N ALA A 92 10.26 5.60 -10.40
CA ALA A 92 9.68 6.81 -10.91
C ALA A 92 8.49 6.48 -11.78
N GLU A 93 8.63 5.46 -12.65
CA GLU A 93 7.54 5.08 -13.52
C GLU A 93 6.43 4.45 -12.72
N LYS A 94 6.81 3.61 -11.72
CA LYS A 94 5.85 2.92 -10.90
C LYS A 94 5.06 3.92 -10.10
N THR A 95 5.73 4.96 -9.56
CA THR A 95 5.07 5.95 -8.75
C THR A 95 4.01 6.64 -9.56
N GLU A 96 4.34 7.01 -10.82
CA GLU A 96 3.38 7.69 -11.65
C GLU A 96 2.19 6.79 -11.88
N ALA A 97 2.44 5.50 -12.16
CA ALA A 97 1.36 4.56 -12.41
C ALA A 97 0.53 4.40 -11.18
N LEU A 98 1.17 4.29 -10.00
CA LEU A 98 0.45 4.11 -8.75
C LEU A 98 -0.36 5.33 -8.44
N SER A 99 0.19 6.53 -8.71
CA SER A 99 -0.53 7.75 -8.42
C SER A 99 -1.81 7.76 -9.21
N GLN A 100 -1.74 7.38 -10.49
CA GLN A 100 -2.92 7.36 -11.32
C GLN A 100 -3.85 6.28 -10.85
N ALA A 101 -3.30 5.11 -10.47
CA ALA A 101 -4.12 4.00 -10.02
C ALA A 101 -4.86 4.38 -8.76
N LEU A 102 -4.17 5.05 -7.82
CA LEU A 102 -4.78 5.43 -6.57
C LEU A 102 -5.87 6.43 -6.84
N LYS A 103 -5.64 7.38 -7.76
CA LYS A 103 -6.63 8.40 -8.05
C LYS A 103 -7.88 7.74 -8.58
N GLN A 104 -7.72 6.83 -9.55
CA GLN A 104 -8.88 6.17 -10.14
C GLN A 104 -9.52 5.25 -9.13
N CYS A 105 -8.70 4.54 -8.34
CA CYS A 105 -9.24 3.59 -7.39
C CYS A 105 -10.03 4.32 -6.32
N PHE A 106 -9.48 5.42 -5.76
CA PHE A 106 -10.18 6.15 -4.72
C PHE A 106 -11.44 6.74 -5.28
N ARG A 107 -11.39 7.23 -6.53
CA ARG A 107 -12.55 7.84 -7.16
C ARG A 107 -13.65 6.81 -7.29
N SER A 108 -13.30 5.56 -7.63
CA SER A 108 -14.31 4.54 -7.84
C SER A 108 -14.66 3.83 -6.56
N THR A 109 -13.99 4.15 -5.41
CA THR A 109 -14.31 3.45 -4.19
C THR A 109 -14.85 4.43 -3.18
N MET A 110 -13.98 5.29 -2.63
CA MET A 110 -14.41 6.24 -1.64
C MET A 110 -15.26 7.29 -2.28
N GLY A 111 -15.03 7.58 -3.58
CA GLY A 111 -15.83 8.58 -4.24
C GLY A 111 -15.27 9.92 -3.93
N THR A 112 -13.94 9.99 -3.70
CA THR A 112 -13.32 11.25 -3.39
C THR A 112 -12.02 11.29 -4.13
N VAL A 113 -11.57 12.51 -4.49
CA VAL A 113 -10.34 12.66 -5.21
C VAL A 113 -9.32 13.25 -4.27
N ASN A 114 -9.51 13.03 -2.95
CA ASN A 114 -8.59 13.56 -1.97
C ASN A 114 -7.28 12.84 -2.15
N ARG A 115 -6.20 13.61 -2.38
CA ARG A 115 -4.90 13.03 -2.59
C ARG A 115 -4.11 13.14 -1.31
N GLN A 116 -4.78 13.48 -0.19
CA GLN A 116 -4.11 13.61 1.08
C GLN A 116 -3.57 12.25 1.47
N PHE A 117 -4.36 11.18 1.23
CA PHE A 117 -3.94 9.85 1.59
C PHE A 117 -2.78 9.48 0.71
N ILE A 118 -2.89 9.82 -0.59
CA ILE A 118 -1.85 9.49 -1.55
C ILE A 118 -0.57 10.17 -1.14
N THR A 119 -0.66 11.47 -0.75
CA THR A 119 0.51 12.22 -0.36
C THR A 119 1.14 11.60 0.86
N GLU A 120 0.32 11.25 1.87
CA GLU A 120 0.87 10.68 3.08
C GLU A 120 1.51 9.34 2.78
N ILE A 121 0.86 8.52 1.93
CA ILE A 121 1.40 7.23 1.59
C ILE A 121 2.71 7.40 0.86
N LYS A 122 2.73 8.34 -0.12
CA LYS A 122 3.93 8.58 -0.89
C LYS A 122 5.04 9.05 0.01
N HIS A 123 4.73 9.98 0.94
CA HIS A 123 5.74 10.51 1.83
C HIS A 123 6.30 9.40 2.69
N LEU A 124 5.42 8.58 3.31
CA LEU A 124 5.88 7.52 4.18
C LEU A 124 6.64 6.49 3.36
N MET A 125 6.12 6.18 2.16
CA MET A 125 6.73 5.19 1.31
C MET A 125 8.13 5.63 0.94
N THR A 126 8.27 6.91 0.54
CA THR A 126 9.56 7.42 0.14
C THR A 126 10.47 7.45 1.34
N MET A 127 9.94 7.89 2.50
CA MET A 127 10.75 7.99 3.70
C MET A 127 11.25 6.63 4.12
N PHE A 128 10.38 5.61 4.12
CA PHE A 128 10.79 4.30 4.56
C PHE A 128 11.73 3.70 3.56
N ALA A 129 11.44 3.89 2.26
CA ALA A 129 12.29 3.34 1.24
C ALA A 129 13.65 3.98 1.29
N ALA A 130 13.70 5.31 1.53
CA ALA A 130 14.96 6.01 1.59
C ALA A 130 15.78 5.48 2.73
N GLU A 131 15.14 5.25 3.89
CA GLU A 131 15.85 4.75 5.04
C GLU A 131 16.32 3.35 4.77
N ALA A 132 15.47 2.54 4.13
CA ALA A 132 15.82 1.17 3.83
C ALA A 132 16.98 1.16 2.86
N ALA A 133 16.95 2.06 1.85
CA ALA A 133 18.01 2.12 0.87
C ALA A 133 19.29 2.52 1.54
N GLN A 134 19.21 3.48 2.51
CA GLN A 134 20.39 3.92 3.20
C GLN A 134 20.96 2.74 3.96
N GLU A 135 20.07 1.94 4.59
CA GLU A 135 20.50 0.79 5.34
C GLU A 135 21.12 -0.21 4.39
N ALA A 136 20.50 -0.42 3.21
CA ALA A 136 21.02 -1.37 2.26
C ALA A 136 22.37 -0.93 1.78
N ALA A 137 22.52 0.40 1.51
CA ALA A 137 23.78 0.92 1.04
C ALA A 137 24.83 0.75 2.11
N ALA A 138 24.44 0.98 3.39
CA ALA A 138 25.38 0.84 4.49
C ALA A 138 25.82 -0.59 4.56
N GLY A 139 24.86 -1.53 4.33
CA GLY A 139 25.18 -2.93 4.39
C GLY A 139 25.08 -3.40 5.80
N ASP A 140 24.67 -2.49 6.72
CA ASP A 140 24.53 -2.87 8.11
C ASP A 140 23.15 -3.43 8.30
N ASN A 141 22.91 -4.64 7.77
CA ASN A 141 21.62 -5.26 7.91
C ASN A 141 21.82 -6.69 8.36
N GLU A 142 23.07 -7.06 8.67
CA GLU A 142 23.35 -8.41 9.11
C GLU A 142 24.42 -8.32 10.20
N GLY A 1 -15.68 13.36 -3.50
CA GLY A 1 -16.25 14.41 -4.38
C GLY A 1 -17.68 14.65 -4.02
N SER A 2 -18.62 14.28 -4.92
CA SER A 2 -20.02 14.46 -4.63
C SER A 2 -20.38 13.54 -3.50
N MET A 3 -19.73 12.37 -3.45
CA MET A 3 -19.98 11.42 -2.40
C MET A 3 -18.80 11.51 -1.46
N SER A 4 -19.03 11.17 -0.18
CA SER A 4 -17.96 11.24 0.79
C SER A 4 -18.17 10.11 1.74
N SER A 5 -17.07 9.51 2.22
CA SER A 5 -17.17 8.41 3.15
C SER A 5 -15.96 8.49 4.03
N LYS A 6 -16.14 8.19 5.33
CA LYS A 6 -15.05 8.24 6.26
C LYS A 6 -14.86 6.85 6.81
N SER A 7 -15.11 5.82 5.97
CA SER A 7 -14.96 4.46 6.41
C SER A 7 -14.12 3.73 5.42
N PRO A 8 -12.82 4.01 5.39
CA PRO A 8 -11.93 3.35 4.47
C PRO A 8 -11.62 1.94 4.86
N TRP A 9 -11.01 1.74 6.05
CA TRP A 9 -10.69 0.41 6.50
C TRP A 9 -11.73 -0.03 7.49
N ALA A 10 -12.60 0.92 7.94
CA ALA A 10 -13.61 0.60 8.91
C ALA A 10 -14.55 -0.42 8.33
N ASN A 11 -14.90 -0.24 7.04
CA ASN A 11 -15.78 -1.18 6.38
C ASN A 11 -14.93 -2.00 5.46
N PRO A 12 -14.89 -3.30 5.71
CA PRO A 12 -14.05 -4.19 4.90
C PRO A 12 -14.51 -4.31 3.48
N LYS A 13 -15.81 -4.06 3.21
CA LYS A 13 -16.30 -4.16 1.86
C LYS A 13 -15.61 -3.12 1.01
N LYS A 14 -15.53 -1.87 1.50
CA LYS A 14 -14.90 -0.81 0.76
C LYS A 14 -13.42 -1.05 0.75
N ALA A 15 -12.89 -1.50 1.91
CA ALA A 15 -11.47 -1.76 2.03
C ALA A 15 -11.05 -2.81 1.04
N ASN A 16 -11.86 -3.88 0.88
CA ASN A 16 -11.49 -4.92 -0.06
C ASN A 16 -11.47 -4.37 -1.45
N ALA A 17 -12.47 -3.52 -1.82
CA ALA A 17 -12.50 -2.97 -3.14
C ALA A 17 -11.30 -2.09 -3.36
N PHE A 18 -10.97 -1.27 -2.34
CA PHE A 18 -9.83 -0.37 -2.44
C PHE A 18 -8.56 -1.16 -2.61
N MET A 19 -8.34 -2.17 -1.74
CA MET A 19 -7.13 -2.96 -1.80
C MET A 19 -7.08 -3.71 -3.11
N LYS A 20 -8.20 -4.31 -3.55
CA LYS A 20 -8.21 -5.08 -4.78
C LYS A 20 -7.85 -4.18 -5.92
N CYS A 21 -8.34 -2.93 -5.89
CA CYS A 21 -8.06 -2.00 -6.97
C CYS A 21 -6.56 -1.79 -7.09
N LEU A 22 -5.87 -1.50 -5.96
CA LEU A 22 -4.43 -1.26 -6.02
C LEU A 22 -3.71 -2.54 -6.33
N ILE A 23 -4.16 -3.65 -5.73
CA ILE A 23 -3.52 -4.93 -5.93
C ILE A 23 -3.59 -5.32 -7.38
N GLN A 24 -4.76 -5.16 -8.02
CA GLN A 24 -4.89 -5.54 -9.41
C GLN A 24 -4.01 -4.66 -10.25
N LYS A 25 -3.88 -3.36 -9.91
CA LYS A 25 -3.03 -2.48 -10.68
C LYS A 25 -1.63 -3.03 -10.65
N ILE A 26 -1.16 -3.43 -9.46
CA ILE A 26 0.17 -3.98 -9.32
C ILE A 26 0.25 -5.26 -10.11
N SER A 27 -0.80 -6.11 -10.00
CA SER A 27 -0.81 -7.39 -10.68
C SER A 27 -0.71 -7.22 -12.16
N VAL A 28 -1.44 -6.23 -12.73
CA VAL A 28 -1.40 -6.04 -14.17
C VAL A 28 -0.27 -5.09 -14.51
N SER A 29 0.68 -4.87 -13.58
CA SER A 29 1.78 -3.99 -13.88
C SER A 29 2.87 -4.85 -14.47
N PRO A 30 3.32 -4.52 -15.65
CA PRO A 30 4.39 -5.27 -16.30
C PRO A 30 5.74 -4.93 -15.75
N VAL A 31 5.80 -3.85 -14.94
CA VAL A 31 7.05 -3.41 -14.38
C VAL A 31 7.53 -4.39 -13.34
N PHE A 32 6.61 -4.89 -12.49
CA PHE A 32 7.01 -5.81 -11.44
C PHE A 32 7.00 -7.21 -12.01
N PRO A 33 7.85 -8.06 -11.48
CA PRO A 33 7.96 -9.44 -11.93
C PRO A 33 6.82 -10.31 -11.46
N GLN A 34 6.45 -11.30 -12.29
CA GLN A 34 5.36 -12.20 -11.95
C GLN A 34 5.79 -13.12 -10.85
N GLN A 35 7.11 -13.22 -10.60
CA GLN A 35 7.62 -14.09 -9.56
C GLN A 35 7.12 -13.61 -8.22
N GLU A 36 7.07 -12.27 -8.03
CA GLU A 36 6.64 -11.72 -6.76
C GLU A 36 5.14 -11.74 -6.68
N LYS A 37 4.44 -12.10 -7.77
CA LYS A 37 2.99 -12.14 -7.76
C LYS A 37 2.52 -13.11 -6.71
N GLU A 38 3.18 -14.29 -6.61
CA GLU A 38 2.77 -15.29 -5.65
C GLU A 38 2.97 -14.75 -4.26
N ASP A 39 4.10 -14.04 -4.03
CA ASP A 39 4.37 -13.48 -2.72
C ASP A 39 3.34 -12.42 -2.41
N MET A 40 2.99 -11.61 -3.45
CA MET A 40 2.03 -10.54 -3.28
C MET A 40 0.70 -11.11 -2.85
N GLU A 41 0.26 -12.21 -3.50
CA GLU A 41 -1.01 -12.81 -3.17
C GLU A 41 -0.98 -13.30 -1.75
N SER A 42 0.14 -13.89 -1.32
CA SER A 42 0.26 -14.42 0.02
C SER A 42 0.15 -13.30 1.02
N ILE A 43 0.81 -12.15 0.73
CA ILE A 43 0.78 -11.02 1.63
C ILE A 43 -0.62 -10.51 1.76
N VAL A 44 -1.34 -10.37 0.62
CA VAL A 44 -2.69 -9.85 0.64
C VAL A 44 -3.59 -10.74 1.46
N GLU A 45 -3.49 -12.08 1.26
CA GLU A 45 -4.36 -12.98 1.98
C GLU A 45 -4.11 -12.90 3.46
N THR A 46 -2.83 -12.79 3.88
CA THR A 46 -2.52 -12.72 5.29
C THR A 46 -2.99 -11.41 5.86
N MET A 47 -2.78 -10.29 5.13
CA MET A 47 -3.18 -8.99 5.64
C MET A 47 -4.68 -8.98 5.81
N MET A 48 -5.42 -9.54 4.82
CA MET A 48 -6.86 -9.55 4.90
C MET A 48 -7.30 -10.48 6.00
N SER A 49 -6.56 -11.58 6.20
CA SER A 49 -6.92 -12.53 7.25
C SER A 49 -6.83 -11.85 8.58
N ALA A 50 -5.77 -11.04 8.78
CA ALA A 50 -5.59 -10.35 10.05
C ALA A 50 -6.72 -9.36 10.24
N ILE A 51 -7.09 -8.62 9.17
CA ILE A 51 -8.15 -7.64 9.26
C ILE A 51 -9.45 -8.35 9.57
N SER A 52 -9.67 -9.51 8.92
CA SER A 52 -10.88 -10.26 9.12
C SER A 52 -10.99 -10.67 10.56
N GLY A 53 -9.84 -11.05 11.18
CA GLY A 53 -9.85 -11.47 12.57
C GLY A 53 -10.27 -10.32 13.45
N VAL A 54 -9.78 -9.09 13.17
CA VAL A 54 -10.12 -7.94 13.99
C VAL A 54 -11.60 -7.65 13.81
N SER A 55 -12.09 -7.70 12.56
CA SER A 55 -13.48 -7.42 12.30
C SER A 55 -14.32 -8.58 12.75
N THR A 56 -15.65 -8.34 12.90
CA THR A 56 -16.57 -9.38 13.32
C THR A 56 -16.17 -9.87 14.68
N SER A 57 -16.07 -8.92 15.64
CA SER A 57 -15.70 -9.29 16.98
C SER A 57 -16.33 -8.30 17.89
N ARG A 58 -16.73 -8.75 19.11
CA ARG A 58 -17.35 -7.87 20.06
C ARG A 58 -16.35 -6.84 20.45
N GLY A 59 -15.07 -7.25 20.59
CA GLY A 59 -14.03 -6.33 20.97
C GLY A 59 -13.34 -5.87 19.73
N SER A 60 -14.10 -5.21 18.82
CA SER A 60 -13.50 -4.71 17.60
C SER A 60 -12.67 -3.52 17.96
N SER A 61 -11.57 -3.28 17.23
CA SER A 61 -10.74 -2.16 17.54
C SER A 61 -10.31 -1.52 16.25
N GLU A 62 -10.37 -0.18 16.21
CA GLU A 62 -9.99 0.56 15.03
C GLU A 62 -8.49 0.70 15.04
N ALA A 63 -7.86 0.41 16.20
CA ALA A 63 -6.43 0.55 16.34
C ALA A 63 -5.74 -0.35 15.35
N THR A 64 -6.22 -1.59 15.22
CA THR A 64 -5.62 -2.53 14.31
C THR A 64 -5.85 -2.07 12.91
N LEU A 65 -7.07 -1.56 12.62
CA LEU A 65 -7.39 -1.12 11.29
C LEU A 65 -6.47 0.01 10.90
N GLN A 66 -6.19 0.93 11.84
CA GLN A 66 -5.31 2.03 11.55
C GLN A 66 -3.92 1.50 11.32
N ALA A 67 -3.52 0.50 12.13
CA ALA A 67 -2.21 -0.09 11.99
C ALA A 67 -2.09 -0.75 10.65
N MET A 68 -3.18 -1.41 10.19
CA MET A 68 -3.16 -2.09 8.92
C MET A 68 -2.96 -1.10 7.80
N ASN A 69 -3.56 0.11 7.90
CA ASN A 69 -3.37 1.09 6.84
C ASN A 69 -1.89 1.40 6.72
N MET A 70 -1.22 1.62 7.88
CA MET A 70 0.20 1.92 7.86
C MET A 70 0.93 0.69 7.39
N ALA A 71 0.45 -0.50 7.80
CA ALA A 71 1.07 -1.75 7.43
C ALA A 71 1.01 -1.94 5.94
N PHE A 72 -0.09 -1.51 5.28
CA PHE A 72 -0.20 -1.69 3.84
C PHE A 72 0.91 -0.94 3.20
N ALA A 73 1.09 0.34 3.62
CA ALA A 73 2.12 1.16 3.04
C ALA A 73 3.47 0.60 3.37
N SER A 74 3.66 0.12 4.62
CA SER A 74 4.95 -0.41 5.04
C SER A 74 5.28 -1.65 4.24
N SER A 75 4.29 -2.55 4.03
CA SER A 75 4.55 -3.78 3.30
C SER A 75 4.94 -3.44 1.89
N MET A 76 4.19 -2.53 1.25
CA MET A 76 4.48 -2.16 -0.11
C MET A 76 5.81 -1.47 -0.16
N ALA A 77 6.11 -0.65 0.87
CA ALA A 77 7.36 0.07 0.92
C ALA A 77 8.51 -0.91 0.96
N GLU A 78 8.37 -2.03 1.70
CA GLU A 78 9.46 -2.99 1.78
C GLU A 78 9.71 -3.56 0.41
N LEU A 79 8.63 -3.84 -0.35
CA LEU A 79 8.79 -4.38 -1.68
C LEU A 79 9.45 -3.34 -2.55
N VAL A 80 9.05 -2.07 -2.35
CA VAL A 80 9.59 -0.96 -3.12
C VAL A 80 11.06 -0.83 -2.84
N ILE A 81 11.48 -0.97 -1.57
CA ILE A 81 12.88 -0.81 -1.22
C ILE A 81 13.72 -1.83 -1.94
N ALA A 82 13.24 -3.09 -1.97
CA ALA A 82 14.01 -4.15 -2.59
C ALA A 82 14.25 -3.82 -4.04
N GLU A 83 13.25 -3.28 -4.75
CA GLU A 83 13.43 -2.98 -6.14
C GLU A 83 14.10 -1.62 -6.30
N ASP A 84 13.94 -0.72 -5.31
CA ASP A 84 14.50 0.61 -5.42
C ASP A 84 16.01 0.57 -5.42
N VAL A 85 16.62 -0.18 -4.49
CA VAL A 85 18.07 -0.22 -4.44
C VAL A 85 18.60 -0.91 -5.66
N ASN A 86 17.97 -2.03 -6.05
CA ASN A 86 18.42 -2.80 -7.18
C ASN A 86 18.17 -2.07 -8.48
N ASN A 87 17.02 -1.39 -8.62
CA ASN A 87 16.73 -0.69 -9.86
C ASN A 87 15.72 0.38 -9.56
N PRO A 88 16.20 1.58 -9.26
CA PRO A 88 15.33 2.70 -8.92
C PRO A 88 14.55 3.22 -10.09
N ASP A 89 14.99 2.90 -11.32
CA ASP A 89 14.29 3.38 -12.50
C ASP A 89 12.92 2.74 -12.55
N SER A 90 12.84 1.45 -12.18
CA SER A 90 11.59 0.74 -12.19
C SER A 90 10.67 1.35 -11.17
N ILE A 91 11.23 1.71 -10.00
CA ILE A 91 10.44 2.29 -8.93
C ILE A 91 9.89 3.62 -9.37
N ALA A 92 10.68 4.43 -10.10
CA ALA A 92 10.21 5.72 -10.51
C ALA A 92 8.99 5.54 -11.40
N GLU A 93 9.03 4.53 -12.30
CA GLU A 93 7.90 4.28 -13.17
C GLU A 93 6.73 3.78 -12.35
N LYS A 94 7.01 2.89 -11.37
CA LYS A 94 5.95 2.35 -10.54
C LYS A 94 5.33 3.44 -9.71
N THR A 95 6.16 4.39 -9.22
CA THR A 95 5.65 5.45 -8.38
C THR A 95 4.64 6.26 -9.15
N GLU A 96 4.96 6.60 -10.42
CA GLU A 96 4.03 7.38 -11.21
C GLU A 96 2.77 6.59 -11.43
N ALA A 97 2.91 5.28 -11.72
CA ALA A 97 1.75 4.44 -11.96
C ALA A 97 0.92 4.32 -10.72
N LEU A 98 1.58 4.14 -9.56
CA LEU A 98 0.87 4.00 -8.30
C LEU A 98 0.20 5.29 -7.94
N SER A 99 0.84 6.44 -8.23
CA SER A 99 0.25 7.71 -7.89
C SER A 99 -1.06 7.84 -8.63
N GLN A 100 -1.07 7.47 -9.91
CA GLN A 100 -2.28 7.54 -10.70
C GLN A 100 -3.26 6.53 -10.18
N ALA A 101 -2.76 5.33 -9.83
CA ALA A 101 -3.61 4.27 -9.35
C ALA A 101 -4.30 4.68 -8.07
N LEU A 102 -3.57 5.36 -7.16
CA LEU A 102 -4.18 5.76 -5.91
C LEU A 102 -5.32 6.71 -6.16
N LYS A 103 -5.12 7.71 -7.04
CA LYS A 103 -6.16 8.67 -7.33
C LYS A 103 -7.30 7.99 -8.04
N GLN A 104 -7.00 7.11 -9.01
CA GLN A 104 -8.04 6.44 -9.77
C GLN A 104 -8.81 5.50 -8.89
N CYS A 105 -8.10 4.76 -8.01
CA CYS A 105 -8.77 3.81 -7.14
C CYS A 105 -9.66 4.54 -6.17
N PHE A 106 -9.18 5.68 -5.62
CA PHE A 106 -9.98 6.42 -4.66
C PHE A 106 -11.19 6.99 -5.37
N ARG A 107 -10.98 7.52 -6.60
CA ARG A 107 -12.07 8.12 -7.34
C ARG A 107 -13.07 7.06 -7.73
N SER A 108 -12.59 5.85 -8.08
CA SER A 108 -13.48 4.80 -8.54
C SER A 108 -14.20 4.15 -7.38
N THR A 109 -13.82 4.46 -6.12
CA THR A 109 -14.48 3.83 -5.01
C THR A 109 -15.19 4.86 -4.19
N MET A 110 -14.45 5.54 -3.31
CA MET A 110 -15.04 6.54 -2.43
C MET A 110 -15.39 7.77 -3.22
N GLY A 111 -14.63 8.06 -4.30
CA GLY A 111 -14.92 9.22 -5.10
C GLY A 111 -13.98 10.33 -4.73
N THR A 112 -12.75 9.98 -4.26
CA THR A 112 -11.77 10.98 -3.87
C THR A 112 -12.33 11.77 -2.74
N VAL A 113 -12.07 11.30 -1.50
CA VAL A 113 -12.60 11.97 -0.34
C VAL A 113 -11.50 12.71 0.37
N ASN A 114 -10.28 12.14 0.41
CA ASN A 114 -9.21 12.80 1.08
C ASN A 114 -7.94 12.40 0.39
N ARG A 115 -7.22 13.39 -0.16
CA ARG A 115 -5.98 13.11 -0.85
C ARG A 115 -4.87 13.00 0.16
N GLN A 116 -5.18 13.24 1.45
CA GLN A 116 -4.18 13.19 2.49
C GLN A 116 -3.61 11.79 2.59
N PHE A 117 -4.47 10.75 2.55
CA PHE A 117 -3.98 9.39 2.67
C PHE A 117 -3.20 9.06 1.44
N ILE A 118 -3.73 9.48 0.28
CA ILE A 118 -3.10 9.20 -0.98
C ILE A 118 -1.72 9.81 -1.01
N THR A 119 -1.61 11.08 -0.58
CA THR A 119 -0.35 11.78 -0.58
C THR A 119 0.58 11.17 0.44
N GLU A 120 0.07 10.89 1.66
CA GLU A 120 0.92 10.35 2.71
C GLU A 120 1.45 9.00 2.33
N ILE A 121 0.63 8.13 1.71
CA ILE A 121 1.11 6.81 1.35
C ILE A 121 2.24 6.94 0.37
N LYS A 122 2.07 7.78 -0.67
CA LYS A 122 3.11 7.94 -1.67
C LYS A 122 4.34 8.55 -1.04
N HIS A 123 4.13 9.59 -0.19
CA HIS A 123 5.23 10.26 0.45
C HIS A 123 5.99 9.31 1.34
N LEU A 124 5.27 8.54 2.19
CA LEU A 124 5.93 7.64 3.10
C LEU A 124 6.64 6.56 2.34
N MET A 125 6.02 6.04 1.27
CA MET A 125 6.62 4.98 0.49
C MET A 125 7.92 5.47 -0.09
N THR A 126 7.92 6.67 -0.69
CA THR A 126 9.11 7.20 -1.30
C THR A 126 10.12 7.52 -0.22
N MET A 127 9.65 8.10 0.90
CA MET A 127 10.54 8.50 1.97
C MET A 127 11.23 7.30 2.58
N PHE A 128 10.49 6.19 2.82
CA PHE A 128 11.11 5.05 3.45
C PHE A 128 12.11 4.44 2.53
N ALA A 129 11.77 4.35 1.23
CA ALA A 129 12.67 3.76 0.28
C ALA A 129 13.88 4.64 0.11
N ALA A 130 13.69 5.97 0.10
CA ALA A 130 14.81 6.88 -0.07
C ALA A 130 15.75 6.74 1.10
N GLU A 131 15.20 6.64 2.33
CA GLU A 131 16.04 6.51 3.50
C GLU A 131 16.76 5.19 3.46
N ALA A 132 16.06 4.12 3.05
CA ALA A 132 16.67 2.81 2.98
C ALA A 132 17.77 2.82 1.95
N ALA A 133 17.53 3.47 0.80
CA ALA A 133 18.52 3.51 -0.25
C ALA A 133 19.72 4.28 0.22
N GLN A 134 19.50 5.37 0.98
CA GLN A 134 20.62 6.16 1.47
C GLN A 134 21.43 5.30 2.40
N GLU A 135 20.76 4.50 3.25
CA GLU A 135 21.46 3.64 4.17
C GLU A 135 22.20 2.58 3.40
N ALA A 136 21.55 2.03 2.33
CA ALA A 136 22.19 0.99 1.54
C ALA A 136 23.41 1.55 0.87
N ALA A 137 23.30 2.79 0.33
CA ALA A 137 24.40 3.41 -0.36
C ALA A 137 25.52 3.65 0.63
N ALA A 138 25.18 4.09 1.86
CA ALA A 138 26.18 4.35 2.87
C ALA A 138 26.87 3.05 3.21
N GLY A 139 26.09 1.96 3.30
CA GLY A 139 26.66 0.67 3.61
C GLY A 139 26.88 0.60 5.09
N ASP A 140 26.18 1.49 5.85
CA ASP A 140 26.31 1.52 7.29
C ASP A 140 27.75 1.82 7.63
N ASN A 141 28.33 2.83 6.95
CA ASN A 141 29.69 3.21 7.20
C ASN A 141 29.80 4.67 6.94
N GLU A 142 30.71 5.35 7.67
CA GLU A 142 30.88 6.77 7.49
C GLU A 142 32.34 7.12 7.84
N GLY A 1 -10.21 15.09 3.59
CA GLY A 1 -11.27 14.47 4.44
C GLY A 1 -12.51 15.28 4.36
N SER A 2 -13.67 14.62 4.56
CA SER A 2 -14.93 15.32 4.49
C SER A 2 -15.93 14.46 5.20
N MET A 3 -17.18 14.98 5.34
CA MET A 3 -18.24 14.26 6.00
C MET A 3 -17.90 14.17 7.47
N SER A 4 -18.81 13.55 8.26
CA SER A 4 -18.59 13.42 9.68
C SER A 4 -17.42 12.51 9.90
N SER A 5 -17.35 11.40 9.13
CA SER A 5 -16.28 10.47 9.29
C SER A 5 -16.26 9.58 8.08
N LYS A 6 -15.07 9.04 7.74
CA LYS A 6 -14.95 8.16 6.61
C LYS A 6 -14.33 6.89 7.11
N SER A 7 -14.59 5.77 6.41
CA SER A 7 -14.05 4.50 6.82
C SER A 7 -13.24 3.95 5.68
N PRO A 8 -11.96 4.28 5.66
CA PRO A 8 -11.08 3.81 4.60
C PRO A 8 -10.74 2.35 4.75
N TRP A 9 -9.90 2.02 5.76
CA TRP A 9 -9.55 0.63 5.97
C TRP A 9 -10.36 0.11 7.12
N ALA A 10 -11.08 1.04 7.82
CA ALA A 10 -11.88 0.65 8.96
C ALA A 10 -12.99 -0.28 8.51
N ASN A 11 -13.60 0.02 7.34
CA ASN A 11 -14.68 -0.82 6.85
C ASN A 11 -14.04 -1.88 5.98
N PRO A 12 -14.17 -3.13 6.39
CA PRO A 12 -13.57 -4.23 5.65
C PRO A 12 -14.18 -4.49 4.31
N LYS A 13 -15.49 -4.24 4.15
CA LYS A 13 -16.13 -4.48 2.88
C LYS A 13 -15.55 -3.56 1.85
N LYS A 14 -15.45 -2.25 2.18
CA LYS A 14 -14.90 -1.30 1.24
C LYS A 14 -13.42 -1.54 1.12
N ALA A 15 -12.77 -1.90 2.25
CA ALA A 15 -11.34 -2.12 2.24
C ALA A 15 -11.00 -3.25 1.32
N ASN A 16 -11.79 -4.34 1.33
CA ASN A 16 -11.49 -5.48 0.47
C ASN A 16 -11.56 -5.07 -0.98
N ALA A 17 -12.60 -4.30 -1.37
CA ALA A 17 -12.73 -3.90 -2.77
C ALA A 17 -11.61 -2.96 -3.15
N PHE A 18 -11.33 -1.98 -2.27
CA PHE A 18 -10.29 -1.00 -2.53
C PHE A 18 -8.96 -1.70 -2.61
N MET A 19 -8.71 -2.57 -1.64
CA MET A 19 -7.46 -3.30 -1.57
C MET A 19 -7.31 -4.15 -2.80
N LYS A 20 -8.37 -4.87 -3.17
CA LYS A 20 -8.31 -5.78 -4.29
C LYS A 20 -7.95 -5.07 -5.57
N CYS A 21 -8.53 -3.88 -5.86
CA CYS A 21 -8.20 -3.22 -7.11
C CYS A 21 -6.76 -2.79 -7.09
N LEU A 22 -6.21 -2.45 -5.90
CA LEU A 22 -4.82 -2.04 -5.83
C LEU A 22 -3.94 -3.24 -6.09
N ILE A 23 -4.30 -4.42 -5.54
CA ILE A 23 -3.49 -5.60 -5.73
C ILE A 23 -3.60 -6.03 -7.16
N GLN A 24 -4.81 -5.94 -7.72
CA GLN A 24 -5.04 -6.35 -9.09
C GLN A 24 -4.22 -5.50 -10.02
N LYS A 25 -4.10 -4.18 -9.73
CA LYS A 25 -3.33 -3.31 -10.60
C LYS A 25 -1.92 -3.82 -10.65
N ILE A 26 -1.36 -4.17 -9.48
CA ILE A 26 -0.01 -4.67 -9.45
C ILE A 26 0.02 -6.01 -10.15
N SER A 27 -1.04 -6.85 -9.93
CA SER A 27 -1.09 -8.17 -10.52
C SER A 27 -1.13 -8.09 -12.03
N VAL A 28 -1.48 -6.90 -12.59
CA VAL A 28 -1.50 -6.75 -14.02
C VAL A 28 -0.11 -7.01 -14.52
N SER A 29 0.90 -6.59 -13.72
CA SER A 29 2.29 -6.78 -14.09
C SER A 29 2.63 -5.86 -15.24
N PRO A 30 2.51 -4.57 -15.03
CA PRO A 30 2.84 -3.61 -16.05
C PRO A 30 4.31 -3.35 -16.16
N VAL A 31 5.02 -3.43 -15.01
CA VAL A 31 6.44 -3.18 -15.00
C VAL A 31 7.08 -4.12 -14.01
N PHE A 32 6.36 -4.43 -12.91
CA PHE A 32 6.90 -5.30 -11.89
C PHE A 32 6.86 -6.73 -12.41
N PRO A 33 7.77 -7.54 -11.94
CA PRO A 33 7.85 -8.94 -12.36
C PRO A 33 6.79 -9.80 -11.75
N GLN A 34 6.44 -10.91 -12.43
CA GLN A 34 5.41 -11.80 -11.94
C GLN A 34 6.00 -12.69 -10.89
N GLN A 35 7.34 -12.67 -10.73
CA GLN A 35 8.00 -13.48 -9.74
C GLN A 35 7.56 -13.05 -8.37
N GLU A 36 7.41 -11.72 -8.18
CA GLU A 36 7.03 -11.20 -6.88
C GLU A 36 5.53 -11.27 -6.74
N LYS A 37 4.80 -11.64 -7.81
CA LYS A 37 3.36 -11.73 -7.73
C LYS A 37 2.96 -12.75 -6.72
N GLU A 38 3.67 -13.91 -6.69
CA GLU A 38 3.35 -14.96 -5.75
C GLU A 38 3.55 -14.45 -4.36
N ASP A 39 4.67 -13.73 -4.12
CA ASP A 39 4.96 -13.20 -2.81
C ASP A 39 3.90 -12.20 -2.44
N MET A 40 3.47 -11.37 -3.41
CA MET A 40 2.47 -10.36 -3.15
C MET A 40 1.18 -11.01 -2.73
N GLU A 41 0.79 -12.12 -3.39
CA GLU A 41 -0.44 -12.79 -3.06
C GLU A 41 -0.37 -13.29 -1.63
N SER A 42 0.80 -13.81 -1.23
CA SER A 42 0.95 -14.32 0.13
C SER A 42 0.81 -13.18 1.10
N ILE A 43 1.43 -12.02 0.77
CA ILE A 43 1.37 -10.87 1.64
C ILE A 43 -0.05 -10.40 1.76
N VAL A 44 -0.77 -10.32 0.62
CA VAL A 44 -2.14 -9.84 0.62
C VAL A 44 -3.01 -10.76 1.44
N GLU A 45 -2.87 -12.08 1.26
CA GLU A 45 -3.69 -13.02 2.00
C GLU A 45 -3.40 -12.89 3.47
N THR A 46 -2.12 -12.70 3.84
CA THR A 46 -1.76 -12.59 5.24
C THR A 46 -2.31 -11.30 5.80
N MET A 47 -2.19 -10.18 5.05
CA MET A 47 -2.69 -8.91 5.54
C MET A 47 -4.18 -9.00 5.68
N MET A 48 -4.85 -9.65 4.71
CA MET A 48 -6.28 -9.77 4.76
C MET A 48 -6.66 -10.62 5.96
N SER A 49 -5.84 -11.67 6.25
CA SER A 49 -6.11 -12.51 7.39
C SER A 49 -6.01 -11.66 8.63
N ALA A 50 -5.03 -10.73 8.64
CA ALA A 50 -4.83 -9.85 9.77
C ALA A 50 -6.06 -8.99 9.96
N ILE A 51 -6.71 -8.57 8.84
CA ILE A 51 -7.90 -7.74 8.94
C ILE A 51 -8.94 -8.50 9.72
N SER A 52 -9.12 -9.79 9.38
CA SER A 52 -10.11 -10.61 10.06
C SER A 52 -9.72 -10.77 11.51
N GLY A 53 -8.40 -10.94 11.78
CA GLY A 53 -7.94 -11.11 13.13
C GLY A 53 -8.22 -9.88 13.95
N VAL A 54 -7.93 -8.68 13.39
CA VAL A 54 -8.16 -7.45 14.12
C VAL A 54 -9.63 -7.21 14.28
N SER A 55 -10.40 -7.38 13.18
CA SER A 55 -11.83 -7.14 13.24
C SER A 55 -12.52 -8.46 13.15
N THR A 56 -12.96 -9.00 14.32
CA THR A 56 -13.64 -10.26 14.33
C THR A 56 -15.12 -9.99 14.34
N SER A 57 -15.50 -8.69 14.34
CA SER A 57 -16.89 -8.34 14.35
C SER A 57 -16.99 -6.98 13.73
N ARG A 58 -18.18 -6.35 13.81
CA ARG A 58 -18.38 -5.05 13.24
C ARG A 58 -17.92 -4.04 14.26
N GLY A 59 -17.00 -3.14 13.85
CA GLY A 59 -16.51 -2.14 14.76
C GLY A 59 -15.59 -1.26 13.99
N SER A 60 -15.01 -0.26 14.65
CA SER A 60 -14.11 0.65 13.98
C SER A 60 -13.16 1.17 15.02
N SER A 61 -11.89 1.37 14.62
CA SER A 61 -10.91 1.87 15.56
C SER A 61 -9.88 2.60 14.75
N GLU A 62 -9.36 3.70 15.31
CA GLU A 62 -8.35 4.50 14.62
C GLU A 62 -7.10 3.67 14.47
N ALA A 63 -6.76 2.89 15.52
CA ALA A 63 -5.56 2.08 15.49
C ALA A 63 -5.67 1.07 14.37
N THR A 64 -6.87 0.48 14.18
CA THR A 64 -7.04 -0.54 13.18
C THR A 64 -6.78 0.01 11.80
N LEU A 65 -7.32 1.21 11.48
CA LEU A 65 -7.13 1.73 10.15
C LEU A 65 -5.76 2.35 10.00
N GLN A 66 -5.23 3.02 11.04
CA GLN A 66 -3.92 3.63 10.91
C GLN A 66 -2.86 2.58 10.84
N ALA A 67 -2.95 1.52 11.67
CA ALA A 67 -1.94 0.50 11.66
C ALA A 67 -1.94 -0.19 10.32
N MET A 68 -3.15 -0.45 9.77
CA MET A 68 -3.25 -1.13 8.51
C MET A 68 -2.79 -0.21 7.41
N ASN A 69 -3.13 1.09 7.48
CA ASN A 69 -2.74 2.02 6.44
C ASN A 69 -1.24 2.05 6.36
N MET A 70 -0.57 2.10 7.54
CA MET A 70 0.88 2.11 7.57
C MET A 70 1.39 0.78 7.08
N ALA A 71 0.68 -0.32 7.42
CA ALA A 71 1.11 -1.64 7.02
C ALA A 71 1.11 -1.77 5.52
N PHE A 72 0.09 -1.22 4.82
CA PHE A 72 0.03 -1.33 3.38
C PHE A 72 1.17 -0.57 2.80
N ALA A 73 1.42 0.64 3.33
CA ALA A 73 2.50 1.45 2.83
C ALA A 73 3.81 0.76 3.07
N SER A 74 3.96 0.12 4.24
CA SER A 74 5.19 -0.56 4.57
C SER A 74 5.42 -1.71 3.63
N SER A 75 4.36 -2.48 3.29
CA SER A 75 4.52 -3.62 2.40
C SER A 75 4.92 -3.13 1.03
N MET A 76 4.25 -2.07 0.54
CA MET A 76 4.57 -1.54 -0.77
C MET A 76 5.93 -0.91 -0.70
N ALA A 77 6.29 -0.33 0.46
CA ALA A 77 7.58 0.30 0.64
C ALA A 77 8.66 -0.73 0.46
N GLU A 78 8.44 -1.97 0.94
CA GLU A 78 9.44 -3.00 0.80
C GLU A 78 9.68 -3.23 -0.67
N LEU A 79 8.60 -3.29 -1.46
CA LEU A 79 8.73 -3.49 -2.90
C LEU A 79 9.44 -2.29 -3.49
N VAL A 80 9.09 -1.09 -2.98
CA VAL A 80 9.68 0.14 -3.47
C VAL A 80 11.16 0.15 -3.19
N ILE A 81 11.59 -0.34 -2.01
CA ILE A 81 12.99 -0.33 -1.66
C ILE A 81 13.77 -1.15 -2.65
N ALA A 82 13.28 -2.36 -2.97
CA ALA A 82 13.99 -3.20 -3.88
C ALA A 82 14.11 -2.52 -5.22
N GLU A 83 13.02 -1.90 -5.68
CA GLU A 83 13.06 -1.24 -6.97
C GLU A 83 13.96 -0.02 -6.91
N ASP A 84 13.90 0.73 -5.79
CA ASP A 84 14.67 1.96 -5.67
C ASP A 84 16.16 1.68 -5.71
N VAL A 85 16.64 0.71 -4.92
CA VAL A 85 18.06 0.43 -4.87
C VAL A 85 18.50 -0.10 -6.21
N ASN A 86 17.73 -1.01 -6.80
CA ASN A 86 18.11 -1.62 -8.05
C ASN A 86 18.04 -0.61 -9.18
N ASN A 87 17.02 0.27 -9.22
CA ASN A 87 16.94 1.24 -10.28
C ASN A 87 15.94 2.30 -9.87
N PRO A 88 16.43 3.52 -9.64
CA PRO A 88 15.57 4.62 -9.25
C PRO A 88 14.62 5.07 -10.32
N ASP A 89 14.94 4.73 -11.59
CA ASP A 89 14.08 5.12 -12.70
C ASP A 89 12.78 4.38 -12.57
N SER A 90 12.87 3.12 -12.10
CA SER A 90 11.71 2.28 -11.94
C SER A 90 10.76 2.92 -10.95
N ILE A 91 11.32 3.60 -9.93
CA ILE A 91 10.49 4.22 -8.91
C ILE A 91 9.59 5.26 -9.54
N ALA A 92 10.14 6.06 -10.48
CA ALA A 92 9.33 7.08 -11.12
C ALA A 92 8.18 6.42 -11.83
N GLU A 93 8.45 5.30 -12.52
CA GLU A 93 7.40 4.61 -13.23
C GLU A 93 6.43 3.96 -12.27
N LYS A 94 6.96 3.36 -11.18
CA LYS A 94 6.10 2.68 -10.21
C LYS A 94 5.21 3.67 -9.52
N THR A 95 5.73 4.86 -9.15
CA THR A 95 4.93 5.82 -8.44
C THR A 95 3.87 6.36 -9.37
N GLU A 96 4.18 6.50 -10.67
CA GLU A 96 3.21 6.99 -11.61
C GLU A 96 2.07 6.00 -11.70
N ALA A 97 2.41 4.70 -11.81
CA ALA A 97 1.40 3.67 -11.92
C ALA A 97 0.58 3.59 -10.66
N LEU A 98 1.26 3.67 -9.49
CA LEU A 98 0.57 3.58 -8.22
C LEU A 98 -0.32 4.78 -8.04
N SER A 99 0.16 5.96 -8.47
CA SER A 99 -0.63 7.16 -8.31
C SER A 99 -1.90 7.00 -9.09
N GLN A 100 -1.79 6.47 -10.32
CA GLN A 100 -2.96 6.27 -11.16
C GLN A 100 -3.84 5.22 -10.54
N ALA A 101 -3.24 4.15 -9.99
CA ALA A 101 -4.02 3.08 -9.40
C ALA A 101 -4.80 3.61 -8.22
N LEU A 102 -4.16 4.45 -7.38
CA LEU A 102 -4.84 4.98 -6.23
C LEU A 102 -5.97 5.87 -6.65
N LYS A 103 -5.73 6.74 -7.67
CA LYS A 103 -6.76 7.65 -8.10
C LYS A 103 -7.92 6.90 -8.69
N GLN A 104 -7.63 5.85 -9.50
CA GLN A 104 -8.70 5.10 -10.12
C GLN A 104 -9.48 4.37 -9.07
N CYS A 105 -8.78 3.79 -8.08
CA CYS A 105 -9.46 3.05 -7.03
C CYS A 105 -10.28 3.97 -6.17
N PHE A 106 -9.76 5.17 -5.83
CA PHE A 106 -10.52 6.06 -4.97
C PHE A 106 -11.73 6.56 -5.71
N ARG A 107 -11.60 6.86 -7.01
CA ARG A 107 -12.73 7.36 -7.77
C ARG A 107 -13.72 6.25 -8.02
N SER A 108 -13.27 4.97 -7.93
CA SER A 108 -14.17 3.87 -8.20
C SER A 108 -14.77 3.39 -6.90
N THR A 109 -14.41 4.00 -5.75
CA THR A 109 -14.97 3.54 -4.50
C THR A 109 -15.72 4.68 -3.87
N MET A 110 -14.99 5.54 -3.12
CA MET A 110 -15.62 6.66 -2.44
C MET A 110 -16.02 7.68 -3.47
N GLY A 111 -15.28 7.76 -4.59
CA GLY A 111 -15.60 8.72 -5.62
C GLY A 111 -14.97 10.03 -5.27
N THR A 112 -14.20 10.07 -4.16
CA THR A 112 -13.55 11.29 -3.76
C THR A 112 -12.17 11.28 -4.34
N VAL A 113 -11.52 12.47 -4.34
CA VAL A 113 -10.18 12.58 -4.88
C VAL A 113 -9.26 12.97 -3.76
N ASN A 114 -9.60 12.59 -2.50
CA ASN A 114 -8.76 12.92 -1.38
C ASN A 114 -7.39 12.38 -1.64
N ARG A 115 -6.37 13.26 -1.58
CA ARG A 115 -5.02 12.84 -1.85
C ARG A 115 -4.26 12.80 -0.55
N GLN A 116 -4.98 12.89 0.60
CA GLN A 116 -4.31 12.86 1.88
C GLN A 116 -3.70 11.48 2.06
N PHE A 117 -4.44 10.42 1.68
CA PHE A 117 -3.92 9.08 1.83
C PHE A 117 -2.83 8.88 0.83
N ILE A 118 -3.06 9.40 -0.39
CA ILE A 118 -2.09 9.24 -1.47
C ILE A 118 -0.79 9.87 -1.06
N THR A 119 -0.86 11.09 -0.50
CA THR A 119 0.33 11.80 -0.08
C THR A 119 1.02 11.04 1.02
N GLU A 120 0.26 10.57 2.03
CA GLU A 120 0.86 9.87 3.15
C GLU A 120 1.52 8.60 2.67
N ILE A 121 0.85 7.84 1.76
CA ILE A 121 1.42 6.60 1.27
C ILE A 121 2.70 6.90 0.53
N LYS A 122 2.68 7.93 -0.34
CA LYS A 122 3.85 8.27 -1.11
C LYS A 122 4.98 8.68 -0.20
N HIS A 123 4.67 9.52 0.82
CA HIS A 123 5.69 10.00 1.72
C HIS A 123 6.24 8.86 2.54
N LEU A 124 5.37 7.93 3.00
CA LEU A 124 5.85 6.83 3.81
C LEU A 124 6.75 5.94 3.00
N MET A 125 6.37 5.66 1.73
CA MET A 125 7.18 4.79 0.91
C MET A 125 8.52 5.44 0.66
N THR A 126 8.50 6.76 0.39
CA THR A 126 9.74 7.47 0.11
C THR A 126 10.59 7.51 1.35
N MET A 127 9.96 7.79 2.51
CA MET A 127 10.69 7.89 3.76
C MET A 127 11.34 6.59 4.10
N PHE A 128 10.60 5.47 4.00
CA PHE A 128 11.16 4.19 4.37
C PHE A 128 12.21 3.79 3.38
N ALA A 129 11.94 4.03 2.08
CA ALA A 129 12.88 3.66 1.06
C ALA A 129 14.15 4.45 1.20
N ALA A 130 14.04 5.76 1.52
CA ALA A 130 15.21 6.59 1.64
C ALA A 130 16.07 6.09 2.78
N GLU A 131 15.44 5.72 3.91
CA GLU A 131 16.20 5.24 5.04
C GLU A 131 16.83 3.92 4.72
N ALA A 132 16.07 3.03 4.03
CA ALA A 132 16.58 1.72 3.68
C ALA A 132 17.72 1.88 2.71
N ALA A 133 17.58 2.79 1.74
CA ALA A 133 18.61 3.00 0.74
C ALA A 133 19.85 3.50 1.41
N GLN A 134 19.71 4.39 2.40
CA GLN A 134 20.86 4.92 3.09
C GLN A 134 21.58 3.78 3.78
N GLU A 135 20.80 2.88 4.41
CA GLU A 135 21.39 1.75 5.09
C GLU A 135 22.03 0.82 4.09
N ALA A 136 21.37 0.61 2.93
CA ALA A 136 21.92 -0.29 1.92
C ALA A 136 23.21 0.29 1.40
N ALA A 137 23.24 1.62 1.16
CA ALA A 137 24.43 2.25 0.66
C ALA A 137 25.53 2.15 1.67
N ALA A 138 25.19 2.34 2.97
CA ALA A 138 26.18 2.27 4.01
C ALA A 138 26.73 0.86 4.09
N GLY A 139 25.84 -0.14 3.94
CA GLY A 139 26.24 -1.52 4.00
C GLY A 139 27.17 -1.80 2.85
N ASP A 140 26.84 -1.29 1.65
CA ASP A 140 27.68 -1.50 0.50
C ASP A 140 28.73 -0.43 0.48
N ASN A 141 29.63 -0.45 1.49
CA ASN A 141 30.68 0.52 1.55
C ASN A 141 31.86 -0.02 0.81
N GLU A 142 32.11 0.51 -0.41
CA GLU A 142 33.23 0.07 -1.21
C GLU A 142 33.05 -1.43 -1.51
N GLY A 1 -12.22 17.47 -0.99
CA GLY A 1 -13.60 17.30 -1.50
C GLY A 1 -14.56 17.70 -0.44
N SER A 2 -15.86 17.76 -0.80
CA SER A 2 -16.88 18.14 0.16
C SER A 2 -17.98 17.13 0.04
N MET A 3 -18.68 16.87 1.18
CA MET A 3 -19.77 15.92 1.19
C MET A 3 -19.23 14.57 0.78
N SER A 4 -18.09 14.17 1.39
CA SER A 4 -17.49 12.90 1.06
C SER A 4 -17.29 12.17 2.36
N SER A 5 -17.36 10.83 2.31
CA SER A 5 -17.18 10.04 3.51
C SER A 5 -15.85 9.37 3.39
N LYS A 6 -15.04 9.46 4.47
CA LYS A 6 -13.74 8.85 4.45
C LYS A 6 -13.84 7.54 5.16
N SER A 7 -13.98 6.43 4.39
CA SER A 7 -14.07 5.12 5.01
C SER A 7 -13.15 4.20 4.26
N PRO A 8 -11.86 4.40 4.38
CA PRO A 8 -10.89 3.55 3.70
C PRO A 8 -10.69 2.24 4.39
N TRP A 9 -10.21 2.29 5.65
CA TRP A 9 -9.98 1.08 6.40
C TRP A 9 -11.10 0.93 7.39
N ALA A 10 -11.94 1.99 7.52
CA ALA A 10 -13.04 1.96 8.46
C ALA A 10 -14.02 0.88 8.06
N ASN A 11 -14.28 0.75 6.74
CA ASN A 11 -15.21 -0.25 6.27
C ASN A 11 -14.38 -1.34 5.66
N PRO A 12 -14.35 -2.51 6.28
CA PRO A 12 -13.57 -3.63 5.79
C PRO A 12 -14.03 -4.16 4.46
N LYS A 13 -15.34 -4.02 4.17
CA LYS A 13 -15.86 -4.51 2.91
C LYS A 13 -15.33 -3.63 1.82
N LYS A 14 -15.32 -2.30 2.07
CA LYS A 14 -14.82 -1.36 1.11
C LYS A 14 -13.33 -1.51 1.01
N ALA A 15 -12.69 -1.76 2.17
CA ALA A 15 -11.24 -1.93 2.21
C ALA A 15 -10.85 -3.09 1.34
N ASN A 16 -11.65 -4.17 1.34
CA ASN A 16 -11.33 -5.33 0.53
C ASN A 16 -11.29 -4.91 -0.92
N ALA A 17 -12.31 -4.16 -1.37
CA ALA A 17 -12.34 -3.73 -2.76
C ALA A 17 -11.20 -2.79 -3.02
N PHE A 18 -10.91 -1.89 -2.06
CA PHE A 18 -9.83 -0.93 -2.22
C PHE A 18 -8.52 -1.64 -2.38
N MET A 19 -8.22 -2.58 -1.46
CA MET A 19 -6.97 -3.31 -1.52
C MET A 19 -6.89 -4.11 -2.78
N LYS A 20 -7.97 -4.80 -3.16
CA LYS A 20 -7.95 -5.61 -4.35
C LYS A 20 -7.75 -4.75 -5.55
N CYS A 21 -8.34 -3.53 -5.55
CA CYS A 21 -8.20 -2.64 -6.69
C CYS A 21 -6.74 -2.33 -6.89
N LEU A 22 -6.03 -1.96 -5.81
CA LEU A 22 -4.63 -1.61 -5.93
C LEU A 22 -3.84 -2.83 -6.35
N ILE A 23 -4.19 -4.01 -5.78
CA ILE A 23 -3.49 -5.23 -6.11
C ILE A 23 -3.68 -5.53 -7.57
N GLN A 24 -4.92 -5.39 -8.06
CA GLN A 24 -5.22 -5.68 -9.45
C GLN A 24 -4.50 -4.71 -10.35
N LYS A 25 -4.43 -3.42 -9.97
CA LYS A 25 -3.74 -2.46 -10.82
C LYS A 25 -2.30 -2.83 -10.95
N ILE A 26 -1.68 -3.30 -9.86
CA ILE A 26 -0.30 -3.69 -9.93
C ILE A 26 -0.23 -4.92 -10.79
N SER A 27 -1.19 -5.86 -10.61
CA SER A 27 -1.18 -7.10 -11.36
C SER A 27 -1.37 -6.85 -12.83
N VAL A 28 -2.24 -5.90 -13.20
CA VAL A 28 -2.49 -5.65 -14.61
C VAL A 28 -1.36 -4.85 -15.20
N SER A 29 -0.44 -4.32 -14.36
CA SER A 29 0.65 -3.54 -14.91
C SER A 29 1.65 -4.50 -15.51
N PRO A 30 2.32 -4.07 -16.56
CA PRO A 30 3.32 -4.88 -17.21
C PRO A 30 4.72 -4.60 -16.72
N VAL A 31 4.86 -3.51 -15.93
CA VAL A 31 6.15 -3.12 -15.42
C VAL A 31 6.60 -4.09 -14.36
N PHE A 32 5.68 -4.53 -13.48
CA PHE A 32 6.07 -5.41 -12.41
C PHE A 32 6.30 -6.80 -12.97
N PRO A 33 7.21 -7.53 -12.35
CA PRO A 33 7.52 -8.88 -12.75
C PRO A 33 6.53 -9.89 -12.21
N GLN A 34 6.42 -11.07 -12.88
CA GLN A 34 5.49 -12.08 -12.45
C GLN A 34 6.01 -12.71 -11.18
N GLN A 35 7.31 -12.52 -10.87
CA GLN A 35 7.90 -13.10 -9.69
C GLN A 35 7.22 -12.51 -8.46
N GLU A 36 6.92 -11.19 -8.50
CA GLU A 36 6.31 -10.54 -7.36
C GLU A 36 4.85 -10.89 -7.28
N LYS A 37 4.29 -11.56 -8.32
CA LYS A 37 2.88 -11.91 -8.30
C LYS A 37 2.62 -12.84 -7.13
N GLU A 38 3.54 -13.80 -6.89
CA GLU A 38 3.35 -14.74 -5.81
C GLU A 38 3.40 -13.99 -4.50
N ASP A 39 4.33 -13.01 -4.38
CA ASP A 39 4.47 -12.25 -3.16
C ASP A 39 3.20 -11.45 -2.94
N MET A 40 2.62 -10.90 -4.03
CA MET A 40 1.42 -10.10 -3.92
C MET A 40 0.29 -10.95 -3.40
N GLU A 41 0.20 -12.21 -3.85
CA GLU A 41 -0.87 -13.08 -3.39
C GLU A 41 -0.71 -13.31 -1.91
N SER A 42 0.56 -13.49 -1.47
CA SER A 42 0.83 -13.72 -0.07
C SER A 42 0.43 -12.50 0.72
N ILE A 43 0.75 -11.30 0.21
CA ILE A 43 0.42 -10.06 0.90
C ILE A 43 -1.07 -9.96 1.06
N VAL A 44 -1.85 -10.28 0.00
CA VAL A 44 -3.29 -10.17 0.08
C VAL A 44 -3.79 -11.09 1.17
N GLU A 45 -3.28 -12.34 1.21
CA GLU A 45 -3.73 -13.29 2.21
C GLU A 45 -3.35 -12.80 3.58
N THR A 46 -2.14 -12.20 3.70
CA THR A 46 -1.69 -11.70 4.98
C THR A 46 -2.56 -10.56 5.44
N MET A 47 -2.94 -9.65 4.51
CA MET A 47 -3.77 -8.52 4.90
C MET A 47 -5.08 -9.02 5.43
N MET A 48 -5.67 -10.03 4.76
CA MET A 48 -6.93 -10.57 5.21
C MET A 48 -6.72 -11.28 6.52
N SER A 49 -5.57 -11.98 6.65
CA SER A 49 -5.29 -12.71 7.87
C SER A 49 -5.15 -11.74 9.01
N ALA A 50 -4.52 -10.57 8.75
CA ALA A 50 -4.32 -9.57 9.77
C ALA A 50 -5.66 -9.09 10.28
N ILE A 51 -6.64 -8.89 9.36
CA ILE A 51 -7.95 -8.43 9.77
C ILE A 51 -8.56 -9.46 10.68
N SER A 52 -8.45 -10.75 10.29
CA SER A 52 -9.00 -11.82 11.08
C SER A 52 -8.30 -11.86 12.42
N GLY A 53 -6.97 -11.67 12.43
CA GLY A 53 -6.22 -11.72 13.66
C GLY A 53 -6.69 -10.65 14.60
N VAL A 54 -6.91 -9.41 14.10
CA VAL A 54 -7.37 -8.34 14.97
C VAL A 54 -8.76 -8.70 15.42
N SER A 55 -9.60 -9.15 14.46
CA SER A 55 -10.96 -9.54 14.78
C SER A 55 -11.71 -8.34 15.29
N THR A 56 -12.70 -8.58 16.17
CA THR A 56 -13.48 -7.51 16.73
C THR A 56 -13.35 -7.63 18.22
N SER A 57 -12.99 -6.52 18.89
CA SER A 57 -12.85 -6.54 20.32
C SER A 57 -13.15 -5.15 20.80
N ARG A 58 -13.66 -5.04 22.04
CA ARG A 58 -13.98 -3.74 22.59
C ARG A 58 -12.68 -3.08 22.94
N GLY A 59 -12.47 -1.86 22.44
CA GLY A 59 -11.25 -1.15 22.72
C GLY A 59 -11.16 -0.03 21.74
N SER A 60 -9.95 0.51 21.53
CA SER A 60 -9.78 1.59 20.60
C SER A 60 -9.55 0.98 19.25
N SER A 61 -10.40 1.34 18.27
CA SER A 61 -10.27 0.79 16.94
C SER A 61 -9.32 1.67 16.17
N GLU A 62 -8.85 2.77 16.79
CA GLU A 62 -7.93 3.67 16.13
C GLU A 62 -6.66 2.93 15.84
N ALA A 63 -6.22 2.08 16.80
CA ALA A 63 -4.99 1.33 16.62
C ALA A 63 -5.13 0.42 15.44
N THR A 64 -6.31 -0.22 15.30
CA THR A 64 -6.53 -1.15 14.21
C THR A 64 -6.50 -0.39 12.90
N LEU A 65 -7.20 0.76 12.85
CA LEU A 65 -7.26 1.52 11.63
C LEU A 65 -5.90 2.04 11.25
N GLN A 66 -5.14 2.53 12.25
CA GLN A 66 -3.84 3.08 11.98
C GLN A 66 -2.90 1.97 11.56
N ALA A 67 -2.98 0.80 12.25
CA ALA A 67 -2.11 -0.30 11.94
C ALA A 67 -2.34 -0.80 10.55
N MET A 68 -3.61 -0.86 10.10
CA MET A 68 -3.89 -1.36 8.77
C MET A 68 -3.40 -0.39 7.73
N ASN A 69 -3.62 0.93 7.96
CA ASN A 69 -3.18 1.91 6.99
C ASN A 69 -1.67 1.83 6.88
N MET A 70 -0.98 1.73 8.04
CA MET A 70 0.46 1.65 8.03
C MET A 70 0.89 0.35 7.40
N ALA A 71 0.13 -0.74 7.67
CA ALA A 71 0.49 -2.03 7.14
C ALA A 71 0.43 -2.03 5.63
N PHE A 72 -0.58 -1.36 5.04
CA PHE A 72 -0.73 -1.35 3.61
C PHE A 72 0.46 -0.66 2.99
N ALA A 73 0.80 0.54 3.54
CA ALA A 73 1.89 1.30 3.00
C ALA A 73 3.19 0.59 3.26
N SER A 74 3.34 -0.01 4.46
CA SER A 74 4.59 -0.68 4.82
C SER A 74 4.84 -1.85 3.90
N SER A 75 3.80 -2.63 3.56
CA SER A 75 3.99 -3.79 2.71
C SER A 75 4.45 -3.33 1.35
N MET A 76 3.81 -2.27 0.81
CA MET A 76 4.19 -1.78 -0.50
C MET A 76 5.56 -1.17 -0.41
N ALA A 77 5.84 -0.48 0.73
CA ALA A 77 7.12 0.17 0.92
C ALA A 77 8.22 -0.87 0.93
N GLU A 78 7.97 -2.05 1.52
CA GLU A 78 8.99 -3.08 1.58
C GLU A 78 9.35 -3.48 0.17
N LEU A 79 8.33 -3.65 -0.70
CA LEU A 79 8.59 -4.02 -2.08
C LEU A 79 9.32 -2.89 -2.75
N VAL A 80 8.92 -1.64 -2.44
CA VAL A 80 9.52 -0.47 -3.04
C VAL A 80 10.97 -0.39 -2.66
N ILE A 81 11.32 -0.67 -1.38
CA ILE A 81 12.69 -0.58 -0.95
C ILE A 81 13.55 -1.51 -1.74
N ALA A 82 13.12 -2.78 -1.88
CA ALA A 82 13.93 -3.75 -2.58
C ALA A 82 14.11 -3.31 -4.01
N GLU A 83 13.01 -2.85 -4.64
CA GLU A 83 13.10 -2.43 -6.02
C GLU A 83 13.91 -1.18 -6.15
N ASP A 84 13.77 -0.23 -5.19
CA ASP A 84 14.48 1.03 -5.26
C ASP A 84 15.97 0.82 -5.20
N VAL A 85 16.45 0.00 -4.25
CA VAL A 85 17.87 -0.21 -4.11
C VAL A 85 18.40 -0.92 -5.33
N ASN A 86 17.69 -1.97 -5.76
CA ASN A 86 18.13 -2.75 -6.89
C ASN A 86 18.03 -1.98 -8.19
N ASN A 87 16.94 -1.20 -8.37
CA ASN A 87 16.80 -0.44 -9.61
C ASN A 87 15.81 0.66 -9.36
N PRO A 88 16.31 1.86 -9.10
CA PRO A 88 15.45 3.01 -8.84
C PRO A 88 14.71 3.49 -10.05
N ASP A 89 15.15 3.09 -11.26
CA ASP A 89 14.50 3.51 -12.47
C ASP A 89 13.12 2.89 -12.51
N SER A 90 13.04 1.62 -12.08
CA SER A 90 11.78 0.90 -12.07
C SER A 90 10.83 1.60 -11.15
N ILE A 91 11.34 2.11 -10.01
CA ILE A 91 10.51 2.77 -9.03
C ILE A 91 9.87 3.98 -9.65
N ALA A 92 10.64 4.77 -10.44
CA ALA A 92 10.08 5.96 -11.03
C ALA A 92 8.92 5.60 -11.94
N GLU A 93 9.09 4.53 -12.74
CA GLU A 93 8.03 4.13 -13.65
C GLU A 93 6.86 3.59 -12.87
N LYS A 94 7.14 2.78 -11.83
CA LYS A 94 6.09 2.19 -11.03
C LYS A 94 5.36 3.26 -10.27
N THR A 95 6.08 4.29 -9.78
CA THR A 95 5.46 5.35 -9.02
C THR A 95 4.43 6.05 -9.86
N GLU A 96 4.77 6.33 -11.14
CA GLU A 96 3.82 7.01 -12.01
C GLU A 96 2.61 6.14 -12.20
N ALA A 97 2.81 4.82 -12.41
CA ALA A 97 1.70 3.92 -12.61
C ALA A 97 0.87 3.84 -11.35
N LEU A 98 1.54 3.78 -10.19
CA LEU A 98 0.84 3.67 -8.93
C LEU A 98 0.06 4.91 -8.65
N SER A 99 0.60 6.10 -9.00
CA SER A 99 -0.13 7.32 -8.73
C SER A 99 -1.41 7.31 -9.51
N GLN A 100 -1.37 6.79 -10.75
CA GLN A 100 -2.56 6.73 -11.57
C GLN A 100 -3.49 5.70 -10.99
N ALA A 101 -2.93 4.56 -10.52
CA ALA A 101 -3.73 3.50 -9.95
C ALA A 101 -4.44 3.99 -8.72
N LEU A 102 -3.74 4.77 -7.87
CA LEU A 102 -4.33 5.25 -6.66
C LEU A 102 -5.49 6.16 -6.98
N LYS A 103 -5.33 7.05 -7.98
CA LYS A 103 -6.39 7.97 -8.32
C LYS A 103 -7.58 7.21 -8.86
N GLN A 104 -7.33 6.21 -9.72
CA GLN A 104 -8.42 5.46 -10.31
C GLN A 104 -9.11 4.62 -9.27
N CYS A 105 -8.34 3.99 -8.37
CA CYS A 105 -8.93 3.16 -7.34
C CYS A 105 -9.69 4.00 -6.37
N PHE A 106 -9.17 5.19 -6.02
CA PHE A 106 -9.83 6.04 -5.06
C PHE A 106 -11.18 6.49 -5.59
N ARG A 107 -11.24 6.91 -6.88
CA ARG A 107 -12.50 7.39 -7.42
C ARG A 107 -13.43 6.23 -7.71
N SER A 108 -12.87 5.03 -7.94
CA SER A 108 -13.69 3.89 -8.28
C SER A 108 -14.07 3.13 -7.04
N THR A 109 -13.57 3.53 -5.85
CA THR A 109 -13.89 2.79 -4.65
C THR A 109 -14.60 3.71 -3.70
N MET A 110 -13.84 4.60 -3.03
CA MET A 110 -14.44 5.50 -2.06
C MET A 110 -15.24 6.54 -2.80
N GLY A 111 -14.82 6.89 -4.03
CA GLY A 111 -15.53 7.89 -4.78
C GLY A 111 -15.07 9.24 -4.28
N THR A 112 -13.95 9.24 -3.54
CA THR A 112 -13.42 10.46 -2.98
C THR A 112 -12.12 10.69 -3.68
N VAL A 113 -11.93 11.91 -4.25
CA VAL A 113 -10.73 12.22 -4.98
C VAL A 113 -9.74 12.92 -4.06
N ASN A 114 -9.88 12.73 -2.73
CA ASN A 114 -8.96 13.38 -1.82
C ASN A 114 -7.64 12.65 -1.94
N ARG A 115 -6.56 13.42 -2.14
CA ARG A 115 -5.25 12.83 -2.29
C ARG A 115 -4.50 12.97 -1.00
N GLN A 116 -5.20 13.28 0.11
CA GLN A 116 -4.55 13.44 1.39
C GLN A 116 -3.90 12.14 1.79
N PHE A 117 -4.62 11.01 1.64
CA PHE A 117 -4.08 9.72 2.02
C PHE A 117 -2.98 9.36 1.07
N ILE A 118 -3.21 9.64 -0.23
CA ILE A 118 -2.24 9.31 -1.25
C ILE A 118 -0.95 10.04 -0.99
N THR A 119 -1.04 11.34 -0.68
CA THR A 119 0.13 12.14 -0.43
C THR A 119 0.87 11.62 0.78
N GLU A 120 0.15 11.34 1.88
CA GLU A 120 0.79 10.88 3.09
C GLU A 120 1.44 9.54 2.85
N ILE A 121 0.75 8.62 2.15
CA ILE A 121 1.31 7.30 1.89
C ILE A 121 2.54 7.43 1.03
N LYS A 122 2.45 8.23 -0.05
CA LYS A 122 3.56 8.40 -0.96
C LYS A 122 4.72 9.03 -0.24
N HIS A 123 4.45 10.06 0.58
CA HIS A 123 5.50 10.75 1.30
C HIS A 123 6.17 9.80 2.25
N LEU A 124 5.39 9.04 3.04
CA LEU A 124 5.98 8.12 4.00
C LEU A 124 6.73 7.04 3.28
N MET A 125 6.16 6.54 2.17
CA MET A 125 6.78 5.48 1.42
C MET A 125 8.12 5.94 0.89
N THR A 126 8.16 7.17 0.35
CA THR A 126 9.39 7.71 -0.20
C THR A 126 10.41 7.87 0.90
N MET A 127 9.99 8.42 2.06
CA MET A 127 10.93 8.64 3.15
C MET A 127 11.47 7.34 3.68
N PHE A 128 10.61 6.30 3.80
CA PHE A 128 11.08 5.05 4.36
C PHE A 128 12.04 4.41 3.40
N ALA A 129 11.72 4.46 2.10
CA ALA A 129 12.58 3.85 1.12
C ALA A 129 13.88 4.61 1.04
N ALA A 130 13.82 5.96 1.13
CA ALA A 130 15.02 6.75 1.04
C ALA A 130 15.93 6.43 2.21
N GLU A 131 15.35 6.29 3.42
CA GLU A 131 16.16 6.00 4.58
C GLU A 131 16.74 4.62 4.44
N ALA A 132 15.94 3.66 3.93
CA ALA A 132 16.41 2.30 3.78
C ALA A 132 17.53 2.27 2.77
N ALA A 133 17.37 3.03 1.66
CA ALA A 133 18.40 3.07 0.64
C ALA A 133 19.65 3.66 1.19
N GLN A 134 19.52 4.72 2.02
CA GLN A 134 20.69 5.35 2.60
C GLN A 134 21.39 4.35 3.48
N GLU A 135 20.59 3.56 4.24
CA GLU A 135 21.17 2.56 5.12
C GLU A 135 21.84 1.50 4.28
N ALA A 136 21.21 1.09 3.15
CA ALA A 136 21.78 0.08 2.31
C ALA A 136 23.08 0.58 1.73
N ALA A 137 23.11 1.86 1.32
CA ALA A 137 24.30 2.44 0.74
C ALA A 137 25.38 2.47 1.79
N ALA A 138 25.02 2.84 3.04
CA ALA A 138 25.99 2.91 4.11
C ALA A 138 26.54 1.53 4.35
N GLY A 139 25.67 0.51 4.31
CA GLY A 139 26.09 -0.86 4.54
C GLY A 139 26.58 -0.97 5.94
N ASP A 140 27.81 -1.51 6.11
CA ASP A 140 28.36 -1.68 7.43
C ASP A 140 29.23 -0.49 7.73
N ASN A 141 29.30 0.48 6.78
CA ASN A 141 30.10 1.67 6.97
C ASN A 141 31.55 1.28 6.82
N GLU A 142 32.47 2.25 7.04
CA GLU A 142 33.88 1.97 6.92
C GLU A 142 34.59 2.77 8.02
N GLY A 1 -9.52 10.06 18.69
CA GLY A 1 -10.69 10.63 17.95
C GLY A 1 -10.78 10.02 16.59
N SER A 2 -11.68 10.54 15.75
CA SER A 2 -11.84 10.01 14.41
C SER A 2 -11.08 10.92 13.49
N MET A 3 -10.19 10.34 12.67
CA MET A 3 -9.41 11.12 11.74
C MET A 3 -10.32 11.70 10.69
N SER A 4 -11.33 10.92 10.25
CA SER A 4 -12.24 11.40 9.25
C SER A 4 -13.53 10.63 9.40
N SER A 5 -14.61 11.14 8.77
CA SER A 5 -15.89 10.47 8.86
C SER A 5 -15.92 9.35 7.86
N LYS A 6 -14.91 9.30 6.96
CA LYS A 6 -14.85 8.26 5.96
C LYS A 6 -14.28 7.04 6.64
N SER A 7 -14.61 5.84 6.09
CA SER A 7 -14.10 4.62 6.70
C SER A 7 -13.47 3.79 5.63
N PRO A 8 -12.33 4.22 5.12
CA PRO A 8 -11.62 3.48 4.10
C PRO A 8 -10.97 2.23 4.64
N TRP A 9 -10.46 2.30 5.90
CA TRP A 9 -9.81 1.16 6.50
C TRP A 9 -10.74 0.57 7.52
N ALA A 10 -11.61 1.42 8.14
CA ALA A 10 -12.51 0.94 9.16
C ALA A 10 -13.50 -0.03 8.58
N ASN A 11 -14.01 0.27 7.35
CA ASN A 11 -14.96 -0.60 6.73
C ASN A 11 -14.17 -1.65 5.98
N PRO A 12 -14.32 -2.90 6.35
CA PRO A 12 -13.59 -3.98 5.70
C PRO A 12 -13.94 -4.15 4.26
N LYS A 13 -15.19 -3.78 3.89
CA LYS A 13 -15.60 -3.92 2.51
C LYS A 13 -14.79 -2.97 1.68
N LYS A 14 -14.58 -1.74 2.20
CA LYS A 14 -13.82 -0.75 1.48
C LYS A 14 -12.39 -1.17 1.48
N ALA A 15 -11.94 -1.73 2.62
CA ALA A 15 -10.57 -2.17 2.75
C ALA A 15 -10.27 -3.25 1.74
N ASN A 16 -11.20 -4.23 1.59
CA ASN A 16 -10.96 -5.31 0.66
C ASN A 16 -10.89 -4.77 -0.74
N ALA A 17 -11.81 -3.83 -1.09
CA ALA A 17 -11.81 -3.29 -2.43
C ALA A 17 -10.56 -2.48 -2.66
N PHE A 18 -10.16 -1.66 -1.67
CA PHE A 18 -8.99 -0.82 -1.82
C PHE A 18 -7.76 -1.68 -1.96
N MET A 19 -7.59 -2.66 -1.07
CA MET A 19 -6.42 -3.52 -1.15
C MET A 19 -6.43 -4.31 -2.42
N LYS A 20 -7.61 -4.85 -2.81
CA LYS A 20 -7.70 -5.65 -3.99
C LYS A 20 -7.37 -4.84 -5.22
N CYS A 21 -7.85 -3.57 -5.30
CA CYS A 21 -7.57 -2.79 -6.49
C CYS A 21 -6.10 -2.53 -6.57
N LEU A 22 -5.42 -2.38 -5.41
CA LEU A 22 -3.99 -2.13 -5.42
C LEU A 22 -3.30 -3.35 -5.95
N ILE A 23 -3.76 -4.55 -5.54
CA ILE A 23 -3.13 -5.78 -5.98
C ILE A 23 -3.33 -5.91 -7.47
N GLN A 24 -4.56 -5.65 -7.94
CA GLN A 24 -4.85 -5.78 -9.36
C GLN A 24 -4.08 -4.78 -10.15
N LYS A 25 -3.94 -3.53 -9.65
CA LYS A 25 -3.21 -2.51 -10.40
C LYS A 25 -1.79 -2.96 -10.58
N ILE A 26 -1.22 -3.62 -9.55
CA ILE A 26 0.14 -4.08 -9.66
C ILE A 26 0.21 -5.09 -10.78
N SER A 27 -0.77 -6.01 -10.87
CA SER A 27 -0.72 -7.01 -11.93
C SER A 27 -1.12 -6.42 -13.24
N VAL A 28 -1.75 -5.23 -13.24
CA VAL A 28 -2.15 -4.61 -14.48
C VAL A 28 -0.93 -4.21 -15.23
N SER A 29 0.12 -3.70 -14.53
CA SER A 29 1.29 -3.26 -15.25
C SER A 29 2.28 -4.39 -15.28
N PRO A 30 2.78 -4.69 -16.46
CA PRO A 30 3.77 -5.74 -16.64
C PRO A 30 5.15 -5.28 -16.27
N VAL A 31 5.26 -4.00 -15.84
CA VAL A 31 6.53 -3.44 -15.46
C VAL A 31 6.98 -4.08 -14.17
N PHE A 32 6.01 -4.52 -13.36
CA PHE A 32 6.36 -5.15 -12.09
C PHE A 32 6.77 -6.57 -12.40
N PRO A 33 7.68 -7.10 -11.61
CA PRO A 33 8.15 -8.47 -11.79
C PRO A 33 7.06 -9.49 -11.66
N GLN A 34 7.09 -10.53 -12.53
CA GLN A 34 6.07 -11.55 -12.49
C GLN A 34 6.45 -12.55 -11.43
N GLN A 35 7.74 -12.54 -11.01
CA GLN A 35 8.20 -13.45 -10.00
C GLN A 35 7.52 -13.12 -8.70
N GLU A 36 7.30 -11.81 -8.47
CA GLU A 36 6.69 -11.35 -7.24
C GLU A 36 5.21 -11.67 -7.25
N LYS A 37 4.67 -12.18 -8.38
CA LYS A 37 3.25 -12.49 -8.43
C LYS A 37 2.92 -13.51 -7.38
N GLU A 38 3.80 -14.53 -7.20
CA GLU A 38 3.54 -15.55 -6.19
C GLU A 38 3.57 -14.91 -4.84
N ASP A 39 4.52 -13.96 -4.63
CA ASP A 39 4.64 -13.29 -3.36
C ASP A 39 3.39 -12.49 -3.11
N MET A 40 2.83 -11.86 -4.17
CA MET A 40 1.65 -11.04 -4.03
C MET A 40 0.52 -11.88 -3.49
N GLU A 41 0.40 -13.14 -3.96
CA GLU A 41 -0.69 -13.98 -3.50
C GLU A 41 -0.52 -14.25 -2.02
N SER A 42 0.73 -14.50 -1.58
CA SER A 42 0.96 -14.77 -0.16
C SER A 42 0.74 -13.51 0.63
N ILE A 43 1.13 -12.34 0.07
CA ILE A 43 0.96 -11.09 0.78
C ILE A 43 -0.50 -10.83 1.01
N VAL A 44 -1.35 -11.07 -0.02
CA VAL A 44 -2.78 -10.81 0.13
C VAL A 44 -3.32 -11.66 1.24
N GLU A 45 -2.94 -12.96 1.27
CA GLU A 45 -3.43 -13.84 2.30
C GLU A 45 -2.99 -13.35 3.65
N THR A 46 -1.74 -12.84 3.73
CA THR A 46 -1.23 -12.35 4.99
C THR A 46 -1.97 -11.10 5.39
N MET A 47 -2.26 -10.20 4.42
CA MET A 47 -2.97 -8.98 4.74
C MET A 47 -4.34 -9.33 5.24
N MET A 48 -4.99 -10.34 4.61
CA MET A 48 -6.31 -10.74 5.03
C MET A 48 -6.21 -11.29 6.43
N SER A 49 -5.13 -12.06 6.70
CA SER A 49 -4.95 -12.63 8.02
C SER A 49 -4.75 -11.52 9.02
N ALA A 50 -4.00 -10.47 8.64
CA ALA A 50 -3.75 -9.36 9.53
C ALA A 50 -5.04 -8.67 9.86
N ILE A 51 -5.93 -8.50 8.86
CA ILE A 51 -7.21 -7.84 9.09
C ILE A 51 -7.99 -8.63 10.08
N SER A 52 -8.04 -9.97 9.87
CA SER A 52 -8.79 -10.84 10.74
C SER A 52 -8.20 -10.81 12.13
N GLY A 53 -6.85 -10.76 12.23
CA GLY A 53 -6.19 -10.76 13.51
C GLY A 53 -6.59 -9.54 14.30
N VAL A 54 -6.64 -8.36 13.65
CA VAL A 54 -7.00 -7.15 14.37
C VAL A 54 -8.44 -7.24 14.80
N SER A 55 -9.34 -7.66 13.88
CA SER A 55 -10.73 -7.77 14.25
C SER A 55 -11.40 -8.66 13.24
N THR A 56 -12.45 -9.38 13.69
CA THR A 56 -13.15 -10.28 12.79
C THR A 56 -14.31 -9.54 12.20
N SER A 57 -14.51 -8.26 12.59
CA SER A 57 -15.61 -7.49 12.05
C SER A 57 -15.13 -6.09 11.82
N ARG A 58 -15.12 -5.26 12.89
CA ARG A 58 -14.68 -3.91 12.76
C ARG A 58 -13.80 -3.62 13.93
N GLY A 59 -12.61 -3.01 13.69
CA GLY A 59 -11.70 -2.72 14.77
C GLY A 59 -12.33 -1.75 15.72
N SER A 60 -13.01 -0.72 15.17
CA SER A 60 -13.67 0.28 15.99
C SER A 60 -12.65 0.92 16.89
N SER A 61 -11.45 1.21 16.34
CA SER A 61 -10.42 1.81 17.13
C SER A 61 -9.56 2.63 16.22
N GLU A 62 -9.03 3.76 16.75
CA GLU A 62 -8.19 4.64 15.97
C GLU A 62 -6.91 3.90 15.65
N ALA A 63 -6.42 3.07 16.61
CA ALA A 63 -5.19 2.33 16.40
C ALA A 63 -5.37 1.42 15.21
N THR A 64 -6.56 0.82 15.06
CA THR A 64 -6.82 -0.08 13.97
C THR A 64 -6.78 0.68 12.68
N LEU A 65 -7.37 1.90 12.67
CA LEU A 65 -7.42 2.69 11.46
C LEU A 65 -6.02 3.04 11.01
N GLN A 66 -5.14 3.39 11.96
CA GLN A 66 -3.79 3.77 11.59
C GLN A 66 -2.99 2.54 11.26
N ALA A 67 -3.17 1.46 12.03
CA ALA A 67 -2.40 0.25 11.80
C ALA A 67 -2.71 -0.30 10.45
N MET A 68 -4.00 -0.30 10.04
CA MET A 68 -4.35 -0.84 8.74
C MET A 68 -3.89 0.09 7.66
N ASN A 69 -4.03 1.41 7.85
CA ASN A 69 -3.61 2.36 6.84
C ASN A 69 -2.12 2.22 6.64
N MET A 70 -1.35 2.10 7.74
CA MET A 70 0.08 1.95 7.63
C MET A 70 0.40 0.60 7.05
N ALA A 71 -0.39 -0.44 7.44
CA ALA A 71 -0.15 -1.78 6.94
C ALA A 71 -0.32 -1.82 5.45
N PHE A 72 -1.33 -1.11 4.91
CA PHE A 72 -1.59 -1.12 3.49
C PHE A 72 -0.40 -0.51 2.80
N ALA A 73 0.09 0.62 3.34
CA ALA A 73 1.21 1.29 2.75
C ALA A 73 2.44 0.41 2.83
N SER A 74 2.60 -0.30 3.97
CA SER A 74 3.75 -1.16 4.16
C SER A 74 3.76 -2.25 3.12
N SER A 75 2.58 -2.84 2.81
CA SER A 75 2.52 -3.91 1.84
C SER A 75 3.00 -3.42 0.50
N MET A 76 2.49 -2.25 0.05
CA MET A 76 2.89 -1.72 -1.23
C MET A 76 4.34 -1.29 -1.15
N ALA A 77 4.75 -0.76 0.02
CA ALA A 77 6.10 -0.29 0.19
C ALA A 77 7.06 -1.44 0.02
N GLU A 78 6.76 -2.62 0.60
CA GLU A 78 7.68 -3.74 0.49
C GLU A 78 7.85 -4.12 -0.96
N LEU A 79 6.75 -4.09 -1.74
CA LEU A 79 6.82 -4.47 -3.13
C LEU A 79 7.73 -3.53 -3.87
N VAL A 80 7.69 -2.21 -3.56
CA VAL A 80 8.51 -1.29 -4.29
C VAL A 80 9.90 -1.20 -3.67
N ILE A 81 10.08 -1.61 -2.40
CA ILE A 81 11.40 -1.56 -1.79
C ILE A 81 12.34 -2.45 -2.55
N ALA A 82 11.88 -3.66 -2.91
CA ALA A 82 12.74 -4.57 -3.61
C ALA A 82 13.19 -3.93 -4.89
N GLU A 83 12.27 -3.26 -5.60
CA GLU A 83 12.63 -2.63 -6.84
C GLU A 83 13.49 -1.41 -6.57
N ASP A 84 13.18 -0.66 -5.50
CA ASP A 84 13.91 0.57 -5.19
C ASP A 84 15.37 0.32 -4.95
N VAL A 85 15.72 -0.68 -4.12
CA VAL A 85 17.12 -0.93 -3.84
C VAL A 85 17.81 -1.35 -5.10
N ASN A 86 17.18 -2.22 -5.88
CA ASN A 86 17.78 -2.73 -7.09
C ASN A 86 17.85 -1.66 -8.16
N ASN A 87 16.82 -0.81 -8.30
CA ASN A 87 16.86 0.22 -9.32
C ASN A 87 15.85 1.29 -8.93
N PRO A 88 16.34 2.40 -8.42
CA PRO A 88 15.48 3.50 -8.01
C PRO A 88 14.84 4.25 -9.15
N ASP A 89 15.41 4.12 -10.38
CA ASP A 89 14.86 4.83 -11.52
C ASP A 89 13.50 4.23 -11.82
N SER A 90 13.41 2.90 -11.66
CA SER A 90 12.19 2.19 -11.92
C SER A 90 11.12 2.71 -10.99
N ILE A 91 11.50 3.03 -9.74
CA ILE A 91 10.55 3.52 -8.76
C ILE A 91 9.90 4.77 -9.26
N ALA A 92 10.66 5.68 -9.89
CA ALA A 92 10.08 6.91 -10.37
C ALA A 92 9.00 6.59 -11.39
N GLU A 93 9.28 5.63 -12.29
CA GLU A 93 8.30 5.27 -13.30
C GLU A 93 7.12 4.59 -12.65
N LYS A 94 7.39 3.68 -11.68
CA LYS A 94 6.33 2.97 -11.00
C LYS A 94 5.49 3.92 -10.18
N THR A 95 6.13 4.93 -9.56
CA THR A 95 5.41 5.87 -8.73
C THR A 95 4.39 6.59 -9.57
N GLU A 96 4.76 6.98 -10.80
CA GLU A 96 3.83 7.68 -11.66
C GLU A 96 2.64 6.79 -11.94
N ALA A 97 2.90 5.49 -12.27
CA ALA A 97 1.82 4.59 -12.57
C ALA A 97 0.97 4.36 -11.34
N LEU A 98 1.62 4.21 -10.16
CA LEU A 98 0.90 3.97 -8.93
C LEU A 98 0.07 5.16 -8.58
N SER A 99 0.59 6.38 -8.81
CA SER A 99 -0.15 7.58 -8.47
C SER A 99 -1.43 7.58 -9.26
N GLN A 100 -1.36 7.20 -10.54
CA GLN A 100 -2.54 7.18 -11.37
C GLN A 100 -3.46 6.10 -10.88
N ALA A 101 -2.88 4.94 -10.49
CA ALA A 101 -3.69 3.83 -10.03
C ALA A 101 -4.45 4.21 -8.78
N LEU A 102 -3.79 4.95 -7.86
CA LEU A 102 -4.44 5.33 -6.64
C LEU A 102 -5.59 6.24 -6.93
N LYS A 103 -5.40 7.22 -7.85
CA LYS A 103 -6.46 8.15 -8.16
C LYS A 103 -7.61 7.42 -8.79
N GLN A 104 -7.31 6.48 -9.71
CA GLN A 104 -8.37 5.76 -10.39
C GLN A 104 -9.11 4.89 -9.41
N CYS A 105 -8.37 4.25 -8.47
CA CYS A 105 -9.01 3.37 -7.51
C CYS A 105 -9.89 4.18 -6.60
N PHE A 106 -9.40 5.32 -6.07
CA PHE A 106 -10.20 6.11 -5.15
C PHE A 106 -11.41 6.65 -5.84
N ARG A 107 -11.28 7.08 -7.11
CA ARG A 107 -12.41 7.62 -7.83
C ARG A 107 -13.37 6.52 -8.18
N SER A 108 -12.91 5.26 -8.21
CA SER A 108 -13.78 4.16 -8.58
C SER A 108 -14.35 3.53 -7.34
N THR A 109 -13.99 4.01 -6.13
CA THR A 109 -14.52 3.42 -4.93
C THR A 109 -15.34 4.45 -4.21
N MET A 110 -14.69 5.27 -3.35
CA MET A 110 -15.40 6.27 -2.60
C MET A 110 -15.83 7.37 -3.55
N GLY A 111 -15.04 7.59 -4.62
CA GLY A 111 -15.39 8.61 -5.57
C GLY A 111 -14.82 9.92 -5.10
N THR A 112 -14.06 9.89 -3.99
CA THR A 112 -13.47 11.10 -3.47
C THR A 112 -12.21 11.36 -4.23
N VAL A 113 -11.76 12.63 -4.23
CA VAL A 113 -10.55 13.00 -4.93
C VAL A 113 -9.60 13.53 -3.90
N ASN A 114 -9.74 13.07 -2.64
CA ASN A 114 -8.88 13.54 -1.58
C ASN A 114 -7.52 12.92 -1.81
N ARG A 115 -6.49 13.76 -2.01
CA ARG A 115 -5.16 13.27 -2.26
C ARG A 115 -4.42 13.16 -0.95
N GLN A 116 -5.10 13.44 0.18
CA GLN A 116 -4.44 13.35 1.47
C GLN A 116 -4.04 11.92 1.72
N PHE A 117 -4.90 10.94 1.34
CA PHE A 117 -4.59 9.55 1.56
C PHE A 117 -3.45 9.18 0.65
N ILE A 118 -3.49 9.69 -0.60
CA ILE A 118 -2.46 9.39 -1.57
C ILE A 118 -1.14 9.91 -1.05
N THR A 119 -1.16 11.13 -0.50
CA THR A 119 0.06 11.74 0.01
C THR A 119 0.57 10.92 1.16
N GLU A 120 -0.32 10.49 2.08
CA GLU A 120 0.12 9.71 3.22
C GLU A 120 0.72 8.41 2.76
N ILE A 121 0.11 7.75 1.76
CA ILE A 121 0.63 6.48 1.27
C ILE A 121 2.00 6.70 0.69
N LYS A 122 2.15 7.76 -0.13
CA LYS A 122 3.42 8.04 -0.76
C LYS A 122 4.45 8.36 0.31
N HIS A 123 4.07 9.17 1.30
CA HIS A 123 4.99 9.56 2.36
C HIS A 123 5.43 8.33 3.12
N LEU A 124 4.46 7.47 3.53
CA LEU A 124 4.80 6.29 4.28
C LEU A 124 5.65 5.37 3.45
N MET A 125 5.32 5.24 2.14
CA MET A 125 6.06 4.38 1.26
C MET A 125 7.48 4.85 1.18
N THR A 126 7.66 6.18 0.99
CA THR A 126 9.01 6.73 0.88
C THR A 126 9.73 6.56 2.19
N MET A 127 9.03 6.81 3.31
CA MET A 127 9.66 6.71 4.60
C MET A 127 10.10 5.29 4.88
N PHE A 128 9.25 4.30 4.57
CA PHE A 128 9.60 2.92 4.85
C PHE A 128 10.69 2.49 3.91
N ALA A 129 10.58 2.92 2.64
CA ALA A 129 11.57 2.53 1.66
C ALA A 129 12.90 3.11 2.01
N ALA A 130 12.92 4.37 2.49
CA ALA A 130 14.17 5.01 2.84
C ALA A 130 14.81 4.26 3.99
N GLU A 131 14.02 3.86 4.99
CA GLU A 131 14.56 3.15 6.12
C GLU A 131 15.05 1.80 5.68
N ALA A 132 14.28 1.13 4.80
CA ALA A 132 14.66 -0.17 4.32
C ALA A 132 15.94 -0.07 3.53
N ALA A 133 16.07 0.99 2.71
CA ALA A 133 17.27 1.16 1.90
C ALA A 133 18.46 1.35 2.80
N GLN A 134 18.29 2.10 3.92
CA GLN A 134 19.40 2.32 4.82
C GLN A 134 19.81 0.98 5.41
N GLU A 135 18.80 0.14 5.74
CA GLU A 135 19.11 -1.16 6.31
C GLU A 135 19.78 -2.01 5.26
N ALA A 136 19.31 -1.93 3.99
CA ALA A 136 19.90 -2.73 2.94
C ALA A 136 21.33 -2.30 2.73
N ALA A 137 21.58 -0.98 2.75
CA ALA A 137 22.92 -0.46 2.55
C ALA A 137 23.79 -0.90 3.71
N ALA A 138 23.24 -0.87 4.94
CA ALA A 138 24.00 -1.25 6.11
C ALA A 138 24.38 -2.71 6.01
N GLY A 139 23.45 -3.55 5.50
CA GLY A 139 23.73 -4.95 5.36
C GLY A 139 24.68 -5.16 4.23
N ASP A 140 25.31 -6.34 4.17
CA ASP A 140 26.23 -6.64 3.11
C ASP A 140 25.44 -7.17 1.95
N ASN A 141 24.88 -6.25 1.14
CA ASN A 141 24.11 -6.65 0.00
C ASN A 141 25.05 -6.75 -1.17
N GLU A 142 25.40 -7.99 -1.55
CA GLU A 142 26.32 -8.18 -2.65
C GLU A 142 25.84 -9.42 -3.42
N GLY A 1 -12.88 16.44 -0.59
CA GLY A 1 -13.79 15.87 -1.62
C GLY A 1 -14.99 15.28 -0.95
N SER A 2 -15.96 14.79 -1.74
CA SER A 2 -17.15 14.21 -1.18
C SER A 2 -16.81 12.85 -0.64
N MET A 3 -17.64 12.34 0.28
CA MET A 3 -17.39 11.04 0.85
C MET A 3 -18.69 10.56 1.41
N SER A 4 -18.83 9.22 1.55
CA SER A 4 -20.06 8.67 2.08
C SER A 4 -19.84 8.35 3.54
N SER A 5 -18.58 8.04 3.91
CA SER A 5 -18.29 7.72 5.28
C SER A 5 -16.82 7.86 5.47
N LYS A 6 -16.37 7.93 6.75
CA LYS A 6 -14.96 8.05 7.04
C LYS A 6 -14.49 6.71 7.51
N SER A 7 -14.73 5.65 6.70
CA SER A 7 -14.31 4.33 7.08
C SER A 7 -13.58 3.71 5.94
N PRO A 8 -12.36 4.16 5.69
CA PRO A 8 -11.56 3.62 4.60
C PRO A 8 -11.09 2.22 4.86
N TRP A 9 -10.19 2.05 5.85
CA TRP A 9 -9.70 0.73 6.16
C TRP A 9 -10.50 0.18 7.31
N ALA A 10 -11.30 1.05 7.97
CA ALA A 10 -12.11 0.62 9.09
C ALA A 10 -13.16 -0.34 8.60
N ASN A 11 -13.76 -0.06 7.44
CA ASN A 11 -14.77 -0.93 6.90
C ASN A 11 -14.05 -1.98 6.10
N PRO A 12 -14.18 -3.23 6.50
CA PRO A 12 -13.50 -4.32 5.81
C PRO A 12 -13.98 -4.54 4.42
N LYS A 13 -15.26 -4.19 4.14
CA LYS A 13 -15.79 -4.39 2.81
C LYS A 13 -15.13 -3.40 1.88
N LYS A 14 -14.98 -2.14 2.35
CA LYS A 14 -14.36 -1.13 1.54
C LYS A 14 -12.89 -1.41 1.44
N ALA A 15 -12.29 -1.87 2.57
CA ALA A 15 -10.88 -2.15 2.59
C ALA A 15 -10.56 -3.25 1.62
N ASN A 16 -11.38 -4.31 1.59
CA ASN A 16 -11.12 -5.42 0.70
C ASN A 16 -11.19 -4.94 -0.73
N ALA A 17 -12.20 -4.12 -1.08
CA ALA A 17 -12.34 -3.68 -2.45
C ALA A 17 -11.19 -2.77 -2.81
N PHE A 18 -10.83 -1.84 -1.90
CA PHE A 18 -9.75 -0.91 -2.17
C PHE A 18 -8.45 -1.68 -2.31
N MET A 19 -8.21 -2.57 -1.35
CA MET A 19 -6.99 -3.36 -1.33
C MET A 19 -6.89 -4.21 -2.56
N LYS A 20 -7.97 -4.93 -2.92
CA LYS A 20 -7.93 -5.79 -4.09
C LYS A 20 -7.72 -4.95 -5.31
N CYS A 21 -8.32 -3.75 -5.34
CA CYS A 21 -8.18 -2.87 -6.49
C CYS A 21 -6.72 -2.56 -6.70
N LEU A 22 -6.00 -2.19 -5.63
CA LEU A 22 -4.59 -1.87 -5.76
C LEU A 22 -3.83 -3.10 -6.19
N ILE A 23 -4.20 -4.27 -5.63
CA ILE A 23 -3.52 -5.50 -5.96
C ILE A 23 -3.69 -5.81 -7.42
N GLN A 24 -4.93 -5.69 -7.93
CA GLN A 24 -5.20 -5.99 -9.32
C GLN A 24 -4.51 -5.01 -10.21
N LYS A 25 -4.48 -3.71 -9.81
CA LYS A 25 -3.83 -2.71 -10.64
C LYS A 25 -2.39 -3.06 -10.79
N ILE A 26 -1.74 -3.46 -9.67
CA ILE A 26 -0.35 -3.84 -9.71
C ILE A 26 -0.22 -5.10 -10.53
N SER A 27 -1.17 -6.03 -10.36
CA SER A 27 -1.13 -7.30 -11.06
C SER A 27 -1.14 -7.09 -12.55
N VAL A 28 -1.92 -6.11 -13.05
CA VAL A 28 -1.97 -5.90 -14.48
C VAL A 28 -0.86 -4.95 -14.89
N SER A 29 0.12 -4.67 -14.00
CA SER A 29 1.20 -3.78 -14.37
C SER A 29 2.38 -4.62 -14.76
N PRO A 30 3.06 -4.22 -15.81
CA PRO A 30 4.24 -4.94 -16.28
C PRO A 30 5.48 -4.53 -15.54
N VAL A 31 5.35 -3.48 -14.71
CA VAL A 31 6.47 -2.95 -13.95
C VAL A 31 6.94 -3.98 -12.97
N PHE A 32 6.00 -4.65 -12.28
CA PHE A 32 6.38 -5.62 -11.27
C PHE A 32 6.67 -6.93 -11.96
N PRO A 33 7.59 -7.69 -11.40
CA PRO A 33 7.97 -8.99 -11.95
C PRO A 33 6.97 -10.07 -11.63
N GLN A 34 6.88 -11.10 -12.49
CA GLN A 34 5.93 -12.18 -12.29
C GLN A 34 6.34 -13.00 -11.09
N GLN A 35 7.64 -12.94 -10.72
CA GLN A 35 8.11 -13.71 -9.58
C GLN A 35 7.43 -13.23 -8.32
N GLU A 36 7.21 -11.90 -8.21
CA GLU A 36 6.59 -11.35 -7.02
C GLU A 36 5.10 -11.60 -7.04
N LYS A 37 4.56 -12.16 -8.14
CA LYS A 37 3.12 -12.41 -8.22
C LYS A 37 2.73 -13.37 -7.12
N GLU A 38 3.57 -14.40 -6.88
CA GLU A 38 3.29 -15.37 -5.84
C GLU A 38 3.31 -14.67 -4.50
N ASP A 39 4.28 -13.74 -4.32
CA ASP A 39 4.40 -13.03 -3.07
C ASP A 39 3.16 -12.18 -2.87
N MET A 40 2.63 -11.57 -3.97
CA MET A 40 1.46 -10.73 -3.85
C MET A 40 0.30 -11.55 -3.34
N GLU A 41 0.17 -12.81 -3.79
CA GLU A 41 -0.93 -13.63 -3.35
C GLU A 41 -0.81 -13.87 -1.86
N SER A 42 0.43 -14.10 -1.38
CA SER A 42 0.64 -14.36 0.03
C SER A 42 0.33 -13.09 0.80
N ILE A 43 0.75 -11.93 0.27
CA ILE A 43 0.52 -10.67 0.93
C ILE A 43 -0.96 -10.41 1.02
N VAL A 44 -1.71 -10.67 -0.08
CA VAL A 44 -3.14 -10.41 -0.09
C VAL A 44 -3.80 -11.26 0.96
N GLU A 45 -3.46 -12.55 1.02
CA GLU A 45 -4.08 -13.44 1.97
C GLU A 45 -3.76 -13.00 3.38
N THR A 46 -2.50 -12.62 3.63
CA THR A 46 -2.10 -12.22 4.97
C THR A 46 -2.76 -10.93 5.35
N MET A 47 -2.79 -9.94 4.43
CA MET A 47 -3.40 -8.66 4.75
C MET A 47 -4.86 -8.86 4.96
N MET A 48 -5.51 -9.72 4.15
CA MET A 48 -6.92 -9.96 4.30
C MET A 48 -7.15 -10.65 5.61
N SER A 49 -6.24 -11.57 5.99
CA SER A 49 -6.38 -12.27 7.25
C SER A 49 -6.25 -11.28 8.38
N ALA A 50 -5.31 -10.32 8.23
CA ALA A 50 -5.09 -9.32 9.24
C ALA A 50 -6.33 -8.49 9.43
N ILE A 51 -7.03 -8.17 8.32
CA ILE A 51 -8.24 -7.37 8.41
C ILE A 51 -9.25 -8.10 9.25
N SER A 52 -9.45 -9.41 8.97
CA SER A 52 -10.41 -10.19 9.71
C SER A 52 -9.96 -10.35 11.15
N GLY A 53 -8.63 -10.42 11.37
CA GLY A 53 -8.12 -10.57 12.71
C GLY A 53 -8.42 -9.34 13.51
N VAL A 54 -8.24 -8.14 12.90
CA VAL A 54 -8.47 -6.90 13.61
C VAL A 54 -9.95 -6.75 13.85
N SER A 55 -10.78 -6.99 12.82
CA SER A 55 -12.21 -6.84 12.98
C SER A 55 -12.86 -8.10 12.48
N THR A 56 -13.69 -8.74 13.33
CA THR A 56 -14.34 -9.96 12.95
C THR A 56 -15.67 -9.63 12.32
N SER A 57 -16.08 -8.35 12.38
CA SER A 57 -17.33 -7.96 11.79
C SER A 57 -17.26 -6.50 11.45
N ARG A 58 -17.62 -5.63 12.43
CA ARG A 58 -17.57 -4.21 12.19
C ARG A 58 -16.95 -3.57 13.38
N GLY A 59 -16.21 -2.47 13.16
CA GLY A 59 -15.58 -1.78 14.24
C GLY A 59 -14.83 -0.63 13.65
N SER A 60 -14.24 0.22 14.51
CA SER A 60 -13.50 1.35 14.01
C SER A 60 -12.52 1.73 15.08
N SER A 61 -11.28 2.04 14.69
CA SER A 61 -10.27 2.43 15.65
C SER A 61 -9.21 3.15 14.88
N GLU A 62 -8.59 4.16 15.52
CA GLU A 62 -7.55 4.92 14.88
C GLU A 62 -6.38 4.01 14.63
N ALA A 63 -6.10 3.10 15.59
CA ALA A 63 -4.99 2.19 15.47
C ALA A 63 -5.21 1.30 14.28
N THR A 64 -6.46 0.85 14.07
CA THR A 64 -6.77 -0.02 12.96
C THR A 64 -6.57 0.71 11.67
N LEU A 65 -7.04 1.97 11.61
CA LEU A 65 -6.95 2.75 10.39
C LEU A 65 -5.52 2.97 10.01
N GLN A 66 -4.65 3.31 10.97
CA GLN A 66 -3.28 3.60 10.63
C GLN A 66 -2.49 2.32 10.50
N ALA A 67 -2.82 1.27 11.28
CA ALA A 67 -2.06 0.04 11.21
C ALA A 67 -2.23 -0.61 9.88
N MET A 68 -3.49 -0.69 9.37
CA MET A 68 -3.71 -1.33 8.10
C MET A 68 -3.16 -0.48 7.00
N ASN A 69 -3.35 0.85 7.10
CA ASN A 69 -2.86 1.75 6.07
C ASN A 69 -1.35 1.65 6.00
N MET A 70 -0.67 1.66 7.16
CA MET A 70 0.78 1.58 7.15
C MET A 70 1.22 0.18 6.82
N ALA A 71 0.41 -0.85 7.17
CA ALA A 71 0.81 -2.22 6.91
C ALA A 71 0.98 -2.48 5.44
N PHE A 72 0.04 -2.00 4.59
CA PHE A 72 0.16 -2.28 3.18
C PHE A 72 1.21 -1.37 2.59
N ALA A 73 1.28 -0.11 3.09
CA ALA A 73 2.25 0.83 2.57
C ALA A 73 3.65 0.31 2.83
N SER A 74 3.88 -0.23 4.05
CA SER A 74 5.18 -0.73 4.40
C SER A 74 5.53 -1.92 3.53
N SER A 75 4.56 -2.82 3.29
CA SER A 75 4.84 -3.99 2.49
C SER A 75 5.16 -3.59 1.08
N MET A 76 4.40 -2.63 0.52
CA MET A 76 4.64 -2.19 -0.84
C MET A 76 5.96 -1.48 -0.88
N ALA A 77 6.28 -0.69 0.15
CA ALA A 77 7.52 0.05 0.19
C ALA A 77 8.68 -0.90 0.20
N GLU A 78 8.57 -2.02 0.95
CA GLU A 78 9.67 -2.96 1.03
C GLU A 78 9.91 -3.57 -0.33
N LEU A 79 8.84 -3.88 -1.08
CA LEU A 79 9.00 -4.48 -2.39
C LEU A 79 9.66 -3.47 -3.31
N VAL A 80 9.23 -2.20 -3.22
CA VAL A 80 9.78 -1.17 -4.07
C VAL A 80 11.24 -0.96 -3.76
N ILE A 81 11.57 -0.86 -2.45
CA ILE A 81 12.94 -0.61 -2.04
C ILE A 81 13.80 -1.79 -2.39
N ALA A 82 13.29 -3.02 -2.24
CA ALA A 82 14.11 -4.19 -2.48
C ALA A 82 14.68 -4.18 -3.87
N GLU A 83 13.89 -3.80 -4.89
CA GLU A 83 14.41 -3.82 -6.25
C GLU A 83 14.89 -2.45 -6.67
N ASP A 84 14.26 -1.36 -6.16
CA ASP A 84 14.63 -0.02 -6.59
C ASP A 84 15.51 0.67 -5.57
N VAL A 85 16.09 -0.06 -4.61
CA VAL A 85 16.92 0.58 -3.59
C VAL A 85 17.98 1.46 -4.20
N ASN A 86 18.52 1.08 -5.38
CA ASN A 86 19.55 1.89 -6.00
C ASN A 86 19.03 2.45 -7.29
N ASN A 87 17.68 2.46 -7.45
CA ASN A 87 17.10 2.99 -8.67
C ASN A 87 15.99 3.93 -8.27
N PRO A 88 16.36 5.09 -7.77
CA PRO A 88 15.38 6.09 -7.33
C PRO A 88 14.59 6.65 -8.47
N ASP A 89 15.16 6.59 -9.69
CA ASP A 89 14.46 7.10 -10.85
C ASP A 89 13.25 6.25 -11.10
N SER A 90 13.41 4.92 -10.89
CA SER A 90 12.32 4.00 -11.08
C SER A 90 11.25 4.27 -10.07
N ILE A 91 11.66 4.62 -8.83
CA ILE A 91 10.70 4.88 -7.77
C ILE A 91 9.86 6.06 -8.16
N ALA A 92 10.47 7.12 -8.74
CA ALA A 92 9.70 8.30 -9.11
C ALA A 92 8.67 7.90 -10.12
N GLU A 93 9.05 7.06 -11.10
CA GLU A 93 8.12 6.63 -12.13
C GLU A 93 7.06 5.77 -11.48
N LYS A 94 7.47 4.91 -10.53
CA LYS A 94 6.56 4.03 -9.84
C LYS A 94 5.56 4.83 -9.06
N THR A 95 6.00 5.92 -8.39
CA THR A 95 5.08 6.71 -7.60
C THR A 95 4.05 7.36 -8.49
N GLU A 96 4.44 7.72 -9.73
CA GLU A 96 3.48 8.33 -10.63
C GLU A 96 2.42 7.31 -10.98
N ALA A 97 2.84 6.05 -11.23
CA ALA A 97 1.90 5.01 -11.57
C ALA A 97 1.03 4.72 -10.38
N LEU A 98 1.63 4.68 -9.18
CA LEU A 98 0.88 4.40 -7.97
C LEU A 98 -0.10 5.50 -7.71
N SER A 99 0.29 6.75 -7.99
CA SER A 99 -0.61 7.86 -7.75
C SER A 99 -1.83 7.68 -8.59
N GLN A 100 -1.64 7.28 -9.88
CA GLN A 100 -2.76 7.07 -10.76
C GLN A 100 -3.57 5.91 -10.26
N ALA A 101 -2.88 4.84 -9.80
CA ALA A 101 -3.58 3.66 -9.32
C ALA A 101 -4.43 4.02 -8.12
N LEU A 102 -3.87 4.83 -7.20
CA LEU A 102 -4.60 5.19 -6.01
C LEU A 102 -5.81 6.00 -6.38
N LYS A 103 -5.66 6.97 -7.32
CA LYS A 103 -6.77 7.80 -7.69
C LYS A 103 -7.86 6.99 -8.33
N GLN A 104 -7.50 6.04 -9.21
CA GLN A 104 -8.50 5.24 -9.88
C GLN A 104 -9.20 4.36 -8.88
N CYS A 105 -8.43 3.77 -7.95
CA CYS A 105 -9.02 2.88 -6.97
C CYS A 105 -9.89 3.66 -6.01
N PHE A 106 -9.46 4.87 -5.59
CA PHE A 106 -10.26 5.64 -4.66
C PHE A 106 -11.54 6.07 -5.33
N ARG A 107 -11.47 6.46 -6.62
CA ARG A 107 -12.67 6.90 -7.31
C ARG A 107 -13.58 5.73 -7.54
N SER A 108 -13.04 4.51 -7.58
CA SER A 108 -13.85 3.33 -7.84
C SER A 108 -14.34 2.74 -6.54
N THR A 109 -14.00 3.35 -5.38
CA THR A 109 -14.45 2.79 -4.13
C THR A 109 -15.22 3.83 -3.36
N MET A 110 -14.49 4.66 -2.58
CA MET A 110 -15.14 5.66 -1.77
C MET A 110 -15.65 6.77 -2.64
N GLY A 111 -14.98 7.02 -3.79
CA GLY A 111 -15.41 8.08 -4.66
C GLY A 111 -14.86 9.37 -4.11
N THR A 112 -13.85 9.26 -3.22
CA THR A 112 -13.26 10.42 -2.62
C THR A 112 -11.92 10.62 -3.28
N VAL A 113 -11.67 11.85 -3.79
CA VAL A 113 -10.44 12.12 -4.47
C VAL A 113 -9.50 12.86 -3.55
N ASN A 114 -9.65 12.68 -2.22
CA ASN A 114 -8.76 13.37 -1.31
C ASN A 114 -7.39 12.81 -1.53
N ARG A 115 -6.39 13.71 -1.64
CA ARG A 115 -5.03 13.29 -1.88
C ARG A 115 -4.30 13.23 -0.58
N GLN A 116 -5.03 13.32 0.55
CA GLN A 116 -4.39 13.28 1.85
C GLN A 116 -3.78 11.92 2.05
N PHE A 117 -4.50 10.84 1.66
CA PHE A 117 -3.97 9.50 1.84
C PHE A 117 -2.86 9.30 0.86
N ILE A 118 -3.08 9.80 -0.38
CA ILE A 118 -2.11 9.64 -1.44
C ILE A 118 -0.81 10.30 -1.04
N THR A 119 -0.90 11.53 -0.51
CA THR A 119 0.29 12.28 -0.12
C THR A 119 0.98 11.56 1.00
N GLU A 120 0.24 11.09 2.02
CA GLU A 120 0.87 10.43 3.15
C GLU A 120 1.54 9.16 2.71
N ILE A 121 0.89 8.38 1.81
CA ILE A 121 1.48 7.13 1.37
C ILE A 121 2.77 7.42 0.62
N LYS A 122 2.73 8.38 -0.31
CA LYS A 122 3.91 8.71 -1.08
C LYS A 122 4.99 9.25 -0.18
N HIS A 123 4.62 10.13 0.76
CA HIS A 123 5.58 10.73 1.64
C HIS A 123 6.23 9.67 2.50
N LEU A 124 5.41 8.78 3.12
CA LEU A 124 5.97 7.76 3.99
C LEU A 124 6.81 6.81 3.20
N MET A 125 6.36 6.42 1.99
CA MET A 125 7.11 5.48 1.20
C MET A 125 8.43 6.10 0.81
N THR A 126 8.42 7.37 0.38
CA THR A 126 9.64 8.04 -0.03
C THR A 126 10.54 8.20 1.16
N MET A 127 9.98 8.59 2.32
CA MET A 127 10.77 8.81 3.50
C MET A 127 11.43 7.52 3.93
N PHE A 128 10.69 6.41 3.95
CA PHE A 128 11.25 5.15 4.39
C PHE A 128 12.24 4.67 3.36
N ALA A 129 11.91 4.88 2.08
CA ALA A 129 12.79 4.44 1.02
C ALA A 129 14.10 5.16 1.10
N ALA A 130 14.07 6.48 1.37
CA ALA A 130 15.28 7.26 1.45
C ALA A 130 16.11 6.79 2.61
N GLU A 131 15.46 6.53 3.77
CA GLU A 131 16.18 6.09 4.94
C GLU A 131 16.77 4.72 4.70
N ALA A 132 15.97 3.81 4.11
CA ALA A 132 16.43 2.47 3.85
C ALA A 132 17.55 2.49 2.86
N ALA A 133 17.43 3.33 1.81
CA ALA A 133 18.46 3.40 0.80
C ALA A 133 19.73 3.91 1.40
N GLN A 134 19.63 4.91 2.31
CA GLN A 134 20.82 5.45 2.92
C GLN A 134 21.49 4.37 3.72
N GLU A 135 20.69 3.55 4.44
CA GLU A 135 21.25 2.48 5.24
C GLU A 135 21.84 1.43 4.33
N ALA A 136 21.15 1.12 3.20
CA ALA A 136 21.64 0.09 2.30
C ALA A 136 22.94 0.55 1.69
N ALA A 137 23.01 1.84 1.30
CA ALA A 137 24.21 2.37 0.69
C ALA A 137 25.33 2.36 1.70
N ALA A 138 25.02 2.71 2.97
CA ALA A 138 26.02 2.74 4.01
C ALA A 138 26.54 1.34 4.22
N GLY A 139 25.62 0.35 4.21
CA GLY A 139 26.00 -1.02 4.40
C GLY A 139 26.56 -1.17 5.79
N ASP A 140 27.78 -1.75 5.89
CA ASP A 140 28.39 -1.95 7.18
C ASP A 140 29.36 -0.82 7.42
N ASN A 141 29.39 0.18 6.51
CA ASN A 141 30.30 1.29 6.69
C ASN A 141 29.59 2.33 7.49
N GLU A 142 29.91 2.43 8.80
CA GLU A 142 29.28 3.40 9.65
C GLU A 142 30.16 4.65 9.66
N GLY A 1 -12.36 12.72 16.18
CA GLY A 1 -12.04 11.37 15.68
C GLY A 1 -13.15 10.88 14.80
N SER A 2 -12.98 9.68 14.22
CA SER A 2 -14.00 9.13 13.37
C SER A 2 -14.23 7.72 13.80
N MET A 3 -15.50 7.25 13.69
CA MET A 3 -15.81 5.90 14.09
C MET A 3 -16.76 5.36 13.06
N SER A 4 -18.04 5.80 13.11
CA SER A 4 -19.01 5.33 12.16
C SER A 4 -19.32 6.44 11.20
N SER A 5 -18.75 7.65 11.46
CA SER A 5 -18.99 8.77 10.58
C SER A 5 -18.39 8.48 9.23
N LYS A 6 -17.19 7.86 9.24
CA LYS A 6 -16.54 7.55 8.00
C LYS A 6 -15.76 6.29 8.25
N SER A 7 -15.82 5.33 7.32
CA SER A 7 -15.11 4.08 7.50
C SER A 7 -14.28 3.84 6.27
N PRO A 8 -13.11 4.45 6.23
CA PRO A 8 -12.23 4.28 5.09
C PRO A 8 -11.68 2.88 5.00
N TRP A 9 -10.75 2.51 5.91
CA TRP A 9 -10.21 1.18 5.89
C TRP A 9 -10.84 0.38 7.00
N ALA A 10 -11.65 1.06 7.86
CA ALA A 10 -12.30 0.38 8.95
C ALA A 10 -13.22 -0.67 8.40
N ASN A 11 -13.91 -0.34 7.29
CA ASN A 11 -14.83 -1.28 6.69
C ASN A 11 -13.98 -2.24 5.89
N PRO A 12 -14.04 -3.52 6.22
CA PRO A 12 -13.27 -4.56 5.53
C PRO A 12 -13.53 -4.60 4.05
N LYS A 13 -14.79 -4.32 3.65
CA LYS A 13 -15.14 -4.34 2.25
C LYS A 13 -14.36 -3.28 1.52
N LYS A 14 -14.27 -2.06 2.11
CA LYS A 14 -13.56 -0.99 1.46
C LYS A 14 -12.09 -1.30 1.48
N ALA A 15 -11.61 -1.86 2.60
CA ALA A 15 -10.20 -2.18 2.73
C ALA A 15 -9.82 -3.20 1.69
N ASN A 16 -10.66 -4.24 1.53
CA ASN A 16 -10.36 -5.28 0.57
C ASN A 16 -10.38 -4.70 -0.82
N ALA A 17 -11.35 -3.82 -1.12
CA ALA A 17 -11.44 -3.23 -2.44
C ALA A 17 -10.22 -2.38 -2.72
N PHE A 18 -9.79 -1.59 -1.71
CA PHE A 18 -8.65 -0.72 -1.89
C PHE A 18 -7.41 -1.55 -2.15
N MET A 19 -7.18 -2.57 -1.31
CA MET A 19 -6.02 -3.40 -1.47
C MET A 19 -6.11 -4.15 -2.77
N LYS A 20 -7.32 -4.63 -3.12
CA LYS A 20 -7.51 -5.39 -4.32
C LYS A 20 -7.18 -4.56 -5.53
N CYS A 21 -7.60 -3.28 -5.58
CA CYS A 21 -7.35 -2.48 -6.76
C CYS A 21 -5.86 -2.23 -6.91
N LEU A 22 -5.14 -1.97 -5.80
CA LEU A 22 -3.72 -1.70 -5.89
C LEU A 22 -2.98 -2.96 -6.25
N ILE A 23 -3.35 -4.08 -5.61
CA ILE A 23 -2.67 -5.34 -5.85
C ILE A 23 -2.91 -5.77 -7.27
N GLN A 24 -4.17 -5.66 -7.74
CA GLN A 24 -4.49 -6.07 -9.09
C GLN A 24 -3.78 -5.16 -10.06
N LYS A 25 -3.68 -3.85 -9.74
CA LYS A 25 -3.01 -2.92 -10.64
C LYS A 25 -1.58 -3.37 -10.79
N ILE A 26 -0.95 -3.78 -9.68
CA ILE A 26 0.42 -4.24 -9.74
C ILE A 26 0.47 -5.46 -10.61
N SER A 27 -0.51 -6.37 -10.43
CA SER A 27 -0.53 -7.62 -11.18
C SER A 27 -0.64 -7.36 -12.65
N VAL A 28 -1.46 -6.37 -13.06
CA VAL A 28 -1.63 -6.11 -14.48
C VAL A 28 -0.51 -5.20 -14.96
N SER A 29 0.48 -4.88 -14.09
CA SER A 29 1.55 -4.00 -14.53
C SER A 29 2.66 -4.86 -15.07
N PRO A 30 3.04 -4.63 -16.31
CA PRO A 30 4.13 -5.36 -16.90
C PRO A 30 5.45 -4.71 -16.60
N VAL A 31 5.65 -4.39 -15.30
CA VAL A 31 6.85 -3.72 -14.89
C VAL A 31 7.42 -4.48 -13.72
N PHE A 32 6.54 -4.94 -12.80
CA PHE A 32 7.01 -5.64 -11.62
C PHE A 32 7.48 -7.02 -12.04
N PRO A 33 8.49 -7.53 -11.35
CA PRO A 33 9.02 -8.86 -11.64
C PRO A 33 8.01 -9.94 -11.41
N GLN A 34 8.01 -10.98 -12.29
CA GLN A 34 7.07 -12.07 -12.15
C GLN A 34 7.47 -12.90 -10.96
N GLN A 35 8.75 -12.80 -10.53
CA GLN A 35 9.23 -13.55 -9.40
C GLN A 35 8.55 -13.06 -8.15
N GLU A 36 8.30 -11.73 -8.08
CA GLU A 36 7.69 -11.15 -6.90
C GLU A 36 6.21 -11.46 -6.89
N LYS A 37 5.67 -12.05 -7.98
CA LYS A 37 4.25 -12.35 -8.02
C LYS A 37 3.91 -13.32 -6.90
N GLU A 38 4.76 -14.36 -6.71
CA GLU A 38 4.49 -15.34 -5.67
C GLU A 38 4.59 -14.67 -4.32
N ASP A 39 5.59 -13.79 -4.14
CA ASP A 39 5.78 -13.11 -2.88
C ASP A 39 4.59 -12.21 -2.62
N MET A 40 4.08 -11.54 -3.68
CA MET A 40 2.96 -10.64 -3.53
C MET A 40 1.75 -11.40 -3.06
N GLU A 41 1.53 -12.62 -3.60
CA GLU A 41 0.38 -13.40 -3.19
C GLU A 41 0.50 -13.73 -1.72
N SER A 42 1.72 -14.04 -1.25
CA SER A 42 1.93 -14.37 0.14
C SER A 42 1.62 -13.15 0.98
N ILE A 43 2.03 -11.96 0.50
CA ILE A 43 1.79 -10.72 1.21
C ILE A 43 0.30 -10.49 1.31
N VAL A 44 -0.45 -10.75 0.21
CA VAL A 44 -1.88 -10.53 0.20
C VAL A 44 -2.52 -11.39 1.25
N GLU A 45 -2.10 -12.68 1.34
CA GLU A 45 -2.69 -13.58 2.31
C GLU A 45 -2.40 -13.06 3.69
N THR A 46 -1.19 -12.53 3.90
CA THR A 46 -0.81 -12.01 5.21
C THR A 46 -1.65 -10.80 5.51
N MET A 47 -1.85 -9.90 4.52
CA MET A 47 -2.64 -8.71 4.75
C MET A 47 -4.05 -9.11 5.09
N MET A 48 -4.59 -10.14 4.40
CA MET A 48 -5.93 -10.60 4.68
C MET A 48 -5.96 -11.15 6.08
N SER A 49 -4.89 -11.87 6.47
CA SER A 49 -4.83 -12.44 7.80
C SER A 49 -4.81 -11.33 8.82
N ALA A 50 -4.08 -10.24 8.52
CA ALA A 50 -3.99 -9.12 9.43
C ALA A 50 -5.36 -8.51 9.61
N ILE A 51 -6.14 -8.38 8.51
CA ILE A 51 -7.45 -7.80 8.59
C ILE A 51 -8.30 -8.66 9.48
N SER A 52 -8.23 -9.99 9.27
CA SER A 52 -9.03 -10.92 10.04
C SER A 52 -8.62 -10.86 11.49
N GLY A 53 -7.31 -10.74 11.76
CA GLY A 53 -6.83 -10.68 13.12
C GLY A 53 -7.36 -9.45 13.81
N VAL A 54 -7.34 -8.28 13.11
CA VAL A 54 -7.81 -7.05 13.72
C VAL A 54 -9.30 -7.13 13.93
N SER A 55 -10.06 -7.59 12.92
CA SER A 55 -11.48 -7.67 13.06
C SER A 55 -11.93 -8.98 12.51
N THR A 56 -12.79 -9.70 13.27
CA THR A 56 -13.27 -10.98 12.83
C THR A 56 -14.57 -10.79 12.11
N SER A 57 -15.10 -9.55 12.11
CA SER A 57 -16.34 -9.30 11.44
C SER A 57 -16.37 -7.85 11.06
N ARG A 58 -16.90 -6.99 11.96
CA ARG A 58 -16.97 -5.58 11.68
C ARG A 58 -16.58 -4.86 12.92
N GLY A 59 -15.94 -3.68 12.77
CA GLY A 59 -15.54 -2.92 13.92
C GLY A 59 -14.92 -1.66 13.41
N SER A 60 -14.59 -0.73 14.33
CA SER A 60 -13.98 0.51 13.91
C SER A 60 -13.19 1.01 15.08
N SER A 61 -11.97 1.50 14.82
CA SER A 61 -11.14 2.01 15.89
C SER A 61 -10.09 2.85 15.24
N GLU A 62 -9.61 3.89 15.97
CA GLU A 62 -8.59 4.77 15.43
C GLU A 62 -7.34 3.97 15.21
N ALA A 63 -7.04 3.03 16.16
CA ALA A 63 -5.85 2.21 16.05
C ALA A 63 -5.94 1.37 14.80
N THR A 64 -7.15 0.84 14.52
CA THR A 64 -7.36 0.01 13.37
C THR A 64 -7.16 0.81 12.11
N LEU A 65 -7.71 2.04 12.09
CA LEU A 65 -7.60 2.87 10.92
C LEU A 65 -6.16 3.21 10.64
N GLN A 66 -5.40 3.53 11.70
CA GLN A 66 -4.01 3.89 11.51
C GLN A 66 -3.20 2.68 11.17
N ALA A 67 -3.44 1.55 11.87
CA ALA A 67 -2.67 0.36 11.62
C ALA A 67 -2.89 -0.13 10.22
N MET A 68 -4.15 -0.11 9.73
CA MET A 68 -4.42 -0.59 8.39
C MET A 68 -3.88 0.38 7.38
N ASN A 69 -4.05 1.70 7.63
CA ASN A 69 -3.57 2.68 6.68
C ASN A 69 -2.07 2.55 6.56
N MET A 70 -1.38 2.41 7.72
CA MET A 70 0.06 2.27 7.69
C MET A 70 0.42 0.93 7.11
N ALA A 71 -0.38 -0.12 7.39
CA ALA A 71 -0.09 -1.44 6.89
C ALA A 71 -0.14 -1.46 5.39
N PHE A 72 -1.11 -0.74 4.78
CA PHE A 72 -1.22 -0.75 3.34
C PHE A 72 0.00 -0.09 2.77
N ALA A 73 0.42 1.04 3.36
CA ALA A 73 1.58 1.73 2.88
C ALA A 73 2.80 0.87 3.07
N SER A 74 2.88 0.15 4.20
CA SER A 74 4.02 -0.70 4.49
C SER A 74 4.09 -1.81 3.47
N SER A 75 2.94 -2.41 3.10
CA SER A 75 2.94 -3.50 2.14
C SER A 75 3.48 -3.01 0.83
N MET A 76 3.00 -1.85 0.36
CA MET A 76 3.45 -1.31 -0.89
C MET A 76 4.90 -0.92 -0.75
N ALA A 77 5.27 -0.37 0.43
CA ALA A 77 6.63 0.06 0.66
C ALA A 77 7.57 -1.11 0.53
N GLU A 78 7.18 -2.30 1.02
CA GLU A 78 8.07 -3.45 0.93
C GLU A 78 8.33 -3.76 -0.52
N LEU A 79 7.28 -3.68 -1.36
CA LEU A 79 7.45 -3.96 -2.77
C LEU A 79 8.31 -2.89 -3.38
N VAL A 80 8.09 -1.63 -2.94
CA VAL A 80 8.83 -0.50 -3.45
C VAL A 80 10.30 -0.64 -3.08
N ILE A 81 10.60 -1.08 -1.85
CA ILE A 81 11.98 -1.19 -1.44
C ILE A 81 12.71 -2.15 -2.34
N ALA A 82 12.12 -3.33 -2.59
CA ALA A 82 12.78 -4.32 -3.41
C ALA A 82 13.02 -3.76 -4.78
N GLU A 83 12.00 -3.09 -5.36
CA GLU A 83 12.16 -2.55 -6.69
C GLU A 83 13.14 -1.40 -6.68
N ASP A 84 13.09 -0.55 -5.64
CA ASP A 84 13.96 0.61 -5.58
C ASP A 84 15.41 0.22 -5.52
N VAL A 85 15.76 -0.73 -4.63
CA VAL A 85 17.15 -1.12 -4.50
C VAL A 85 17.63 -1.77 -5.77
N ASN A 86 16.79 -2.67 -6.34
CA ASN A 86 17.19 -3.37 -7.54
C ASN A 86 17.24 -2.44 -8.73
N ASN A 87 16.27 -1.50 -8.85
CA ASN A 87 16.29 -0.60 -9.98
C ASN A 87 15.38 0.56 -9.67
N PRO A 88 15.96 1.71 -9.37
CA PRO A 88 15.17 2.90 -9.03
C PRO A 88 14.41 3.46 -10.20
N ASP A 89 14.81 3.11 -11.44
CA ASP A 89 14.13 3.61 -12.62
C ASP A 89 12.74 3.03 -12.62
N SER A 90 12.63 1.76 -12.17
CA SER A 90 11.36 1.07 -12.14
C SER A 90 10.43 1.81 -11.21
N ILE A 91 10.97 2.33 -10.10
CA ILE A 91 10.16 3.03 -9.12
C ILE A 91 9.55 4.27 -9.73
N ALA A 92 10.31 5.00 -10.56
CA ALA A 92 9.76 6.22 -11.14
C ALA A 92 8.57 5.87 -11.99
N GLU A 93 8.68 4.81 -12.81
CA GLU A 93 7.57 4.41 -13.66
C GLU A 93 6.46 3.83 -12.83
N LYS A 94 6.84 3.03 -11.80
CA LYS A 94 5.87 2.36 -10.96
C LYS A 94 5.07 3.37 -10.18
N THR A 95 5.72 4.42 -9.63
CA THR A 95 5.01 5.40 -8.84
C THR A 95 4.07 6.17 -9.72
N GLU A 96 4.43 6.42 -10.99
CA GLU A 96 3.55 7.14 -11.87
C GLU A 96 2.30 6.33 -12.09
N ALA A 97 2.48 4.99 -12.29
CA ALA A 97 1.34 4.13 -12.51
C ALA A 97 0.51 4.05 -11.26
N LEU A 98 1.16 3.95 -10.09
CA LEU A 98 0.45 3.84 -8.83
C LEU A 98 -0.28 5.12 -8.55
N SER A 99 0.32 6.28 -8.89
CA SER A 99 -0.34 7.54 -8.63
C SER A 99 -1.64 7.58 -9.37
N GLN A 100 -1.62 7.14 -10.64
CA GLN A 100 -2.83 7.13 -11.44
C GLN A 100 -3.79 6.12 -10.87
N ALA A 101 -3.26 4.96 -10.43
CA ALA A 101 -4.09 3.91 -9.89
C ALA A 101 -4.80 4.38 -8.66
N LEU A 102 -4.09 5.13 -7.78
CA LEU A 102 -4.70 5.61 -6.56
C LEU A 102 -5.82 6.55 -6.89
N LYS A 103 -5.61 7.46 -7.87
CA LYS A 103 -6.64 8.43 -8.20
C LYS A 103 -7.85 7.72 -8.72
N GLN A 104 -7.66 6.72 -9.60
CA GLN A 104 -8.77 6.01 -10.18
C GLN A 104 -9.43 5.16 -9.13
N CYS A 105 -8.64 4.51 -8.26
CA CYS A 105 -9.19 3.63 -7.26
C CYS A 105 -10.00 4.41 -6.27
N PHE A 106 -9.49 5.55 -5.77
CA PHE A 106 -10.22 6.32 -4.78
C PHE A 106 -11.49 6.86 -5.37
N ARG A 107 -11.46 7.32 -6.64
CA ARG A 107 -12.64 7.87 -7.25
C ARG A 107 -13.64 6.78 -7.54
N SER A 108 -13.17 5.52 -7.71
CA SER A 108 -14.08 4.45 -8.04
C SER A 108 -14.58 3.76 -6.80
N THR A 109 -14.07 4.14 -5.60
CA THR A 109 -14.51 3.49 -4.39
C THR A 109 -15.25 4.47 -3.54
N MET A 110 -14.51 5.21 -2.68
CA MET A 110 -15.13 6.16 -1.79
C MET A 110 -15.62 7.35 -2.57
N GLY A 111 -14.94 7.67 -3.68
CA GLY A 111 -15.34 8.81 -4.47
C GLY A 111 -14.79 10.04 -3.81
N THR A 112 -13.78 9.85 -2.94
CA THR A 112 -13.18 10.96 -2.24
C THR A 112 -11.94 11.34 -2.99
N VAL A 113 -11.85 12.62 -3.41
CA VAL A 113 -10.71 13.08 -4.16
C VAL A 113 -9.73 13.73 -3.21
N ASN A 114 -9.76 13.34 -1.93
CA ASN A 114 -8.86 13.93 -0.97
C ASN A 114 -7.51 13.27 -1.16
N ARG A 115 -6.52 14.07 -1.62
CA ARG A 115 -5.21 13.53 -1.88
C ARG A 115 -4.36 13.64 -0.64
N GLN A 116 -4.97 14.00 0.51
CA GLN A 116 -4.21 14.11 1.74
C GLN A 116 -3.68 12.74 2.10
N PHE A 117 -4.53 11.70 1.92
CA PHE A 117 -4.11 10.35 2.25
C PHE A 117 -3.07 9.91 1.27
N ILE A 118 -3.29 10.24 -0.02
CA ILE A 118 -2.38 9.84 -1.07
C ILE A 118 -1.02 10.45 -0.80
N THR A 119 -1.00 11.75 -0.45
CA THR A 119 0.25 12.44 -0.19
C THR A 119 0.96 11.80 0.97
N GLU A 120 0.23 11.52 2.08
CA GLU A 120 0.85 10.93 3.24
C GLU A 120 1.37 9.55 2.91
N ILE A 121 0.58 8.75 2.15
CA ILE A 121 1.01 7.41 1.80
C ILE A 121 2.26 7.49 0.96
N LYS A 122 2.27 8.38 -0.04
CA LYS A 122 3.40 8.50 -0.93
C LYS A 122 4.63 8.94 -0.15
N HIS A 123 4.46 9.94 0.74
CA HIS A 123 5.61 10.43 1.49
C HIS A 123 6.11 9.37 2.43
N LEU A 124 5.20 8.65 3.12
CA LEU A 124 5.65 7.63 4.06
C LEU A 124 6.28 6.49 3.30
N MET A 125 5.68 6.13 2.16
CA MET A 125 6.18 5.02 1.36
C MET A 125 7.59 5.34 0.92
N THR A 126 7.80 6.57 0.40
CA THR A 126 9.11 6.97 -0.07
C THR A 126 10.05 7.05 1.10
N MET A 127 9.58 7.59 2.24
CA MET A 127 10.40 7.75 3.41
C MET A 127 10.89 6.41 3.91
N PHE A 128 9.99 5.41 3.98
CA PHE A 128 10.38 4.11 4.51
C PHE A 128 11.31 3.45 3.54
N ALA A 129 11.03 3.56 2.24
CA ALA A 129 11.86 2.93 1.24
C ALA A 129 13.23 3.57 1.26
N ALA A 130 13.29 4.90 1.39
CA ALA A 130 14.55 5.60 1.40
C ALA A 130 15.37 5.16 2.59
N GLU A 131 14.71 5.02 3.75
CA GLU A 131 15.41 4.61 4.95
C GLU A 131 15.94 3.21 4.77
N ALA A 132 15.10 2.31 4.22
CA ALA A 132 15.51 0.94 4.01
C ALA A 132 16.65 0.89 3.02
N ALA A 133 16.56 1.71 1.96
CA ALA A 133 17.60 1.73 0.94
C ALA A 133 18.88 2.20 1.55
N GLN A 134 18.82 3.21 2.45
CA GLN A 134 20.01 3.72 3.07
C GLN A 134 20.65 2.61 3.87
N GLU A 135 19.82 1.83 4.59
CA GLU A 135 20.33 0.74 5.38
C GLU A 135 20.90 -0.32 4.47
N ALA A 136 20.22 -0.59 3.33
CA ALA A 136 20.69 -1.60 2.42
C ALA A 136 22.03 -1.18 1.86
N ALA A 137 22.16 0.12 1.51
CA ALA A 137 23.40 0.62 0.96
C ALA A 137 24.49 0.50 1.99
N ALA A 138 24.17 0.82 3.27
CA ALA A 138 25.16 0.74 4.33
C ALA A 138 25.59 -0.70 4.48
N GLY A 139 24.62 -1.63 4.40
CA GLY A 139 24.94 -3.04 4.53
C GLY A 139 25.48 -3.28 5.91
N ASP A 140 26.66 -3.94 5.99
CA ASP A 140 27.25 -4.22 7.27
C ASP A 140 28.37 -3.23 7.51
N ASN A 141 28.41 -2.13 6.72
CA ASN A 141 29.45 -1.15 6.89
C ASN A 141 28.91 -0.06 7.76
N GLU A 142 29.69 0.31 8.80
CA GLU A 142 29.27 1.36 9.71
C GLU A 142 27.97 0.91 10.42
N GLY A 1 -26.69 22.75 8.07
CA GLY A 1 -25.34 22.23 7.75
C GLY A 1 -25.46 20.85 7.18
N SER A 2 -24.32 20.25 6.78
CA SER A 2 -24.34 18.93 6.21
C SER A 2 -23.30 18.13 6.93
N MET A 3 -23.53 16.81 7.04
CA MET A 3 -22.59 15.95 7.72
C MET A 3 -22.12 14.94 6.71
N SER A 4 -20.82 14.59 6.77
CA SER A 4 -20.27 13.64 5.84
C SER A 4 -19.50 12.64 6.65
N SER A 5 -19.47 11.38 6.17
CA SER A 5 -18.76 10.35 6.88
C SER A 5 -18.33 9.34 5.86
N LYS A 6 -17.14 8.75 6.06
CA LYS A 6 -16.64 7.78 5.12
C LYS A 6 -15.74 6.86 5.88
N SER A 7 -15.57 5.61 5.37
CA SER A 7 -14.72 4.66 6.03
C SER A 7 -13.73 4.17 5.01
N PRO A 8 -12.45 4.46 5.23
CA PRO A 8 -11.42 4.02 4.33
C PRO A 8 -10.98 2.60 4.61
N TRP A 9 -10.06 2.43 5.59
CA TRP A 9 -9.60 1.10 5.92
C TRP A 9 -10.44 0.56 7.04
N ALA A 10 -11.32 1.41 7.62
CA ALA A 10 -12.17 1.00 8.71
C ALA A 10 -13.12 -0.07 8.25
N ASN A 11 -13.67 0.07 7.02
CA ASN A 11 -14.60 -0.91 6.52
C ASN A 11 -13.81 -1.92 5.74
N PRO A 12 -13.80 -3.17 6.20
CA PRO A 12 -13.05 -4.22 5.54
C PRO A 12 -13.58 -4.56 4.17
N LYS A 13 -14.90 -4.37 3.95
CA LYS A 13 -15.48 -4.66 2.66
C LYS A 13 -14.89 -3.73 1.64
N LYS A 14 -14.84 -2.42 1.97
CA LYS A 14 -14.30 -1.45 1.05
C LYS A 14 -12.82 -1.64 0.96
N ALA A 15 -12.16 -1.99 2.09
CA ALA A 15 -10.74 -2.19 2.10
C ALA A 15 -10.38 -3.33 1.18
N ASN A 16 -11.18 -4.42 1.20
CA ASN A 16 -10.90 -5.56 0.35
C ASN A 16 -11.01 -5.14 -1.11
N ALA A 17 -12.08 -4.38 -1.45
CA ALA A 17 -12.25 -3.96 -2.84
C ALA A 17 -11.11 -3.05 -3.22
N PHE A 18 -10.71 -2.17 -2.29
CA PHE A 18 -9.62 -1.25 -2.51
C PHE A 18 -8.36 -2.03 -2.75
N MET A 19 -8.16 -3.06 -1.91
CA MET A 19 -6.98 -3.89 -2.01
C MET A 19 -6.97 -4.61 -3.33
N LYS A 20 -8.11 -5.20 -3.72
CA LYS A 20 -8.18 -5.97 -4.96
C LYS A 20 -7.90 -5.11 -6.15
N CYS A 21 -8.43 -3.87 -6.20
CA CYS A 21 -8.21 -3.06 -7.38
C CYS A 21 -6.78 -2.60 -7.43
N LEU A 22 -6.15 -2.29 -6.27
CA LEU A 22 -4.78 -1.83 -6.30
C LEU A 22 -3.88 -2.96 -6.69
N ILE A 23 -4.14 -4.16 -6.12
CA ILE A 23 -3.32 -5.31 -6.40
C ILE A 23 -3.46 -5.68 -7.84
N GLN A 24 -4.71 -5.65 -8.37
CA GLN A 24 -4.94 -6.00 -9.75
C GLN A 24 -4.23 -5.02 -10.64
N LYS A 25 -4.24 -3.72 -10.27
CA LYS A 25 -3.56 -2.73 -11.09
C LYS A 25 -2.10 -3.03 -11.13
N ILE A 26 -1.53 -3.48 -10.01
CA ILE A 26 -0.12 -3.80 -9.98
C ILE A 26 0.11 -4.97 -10.91
N SER A 27 -0.80 -5.97 -10.86
CA SER A 27 -0.64 -7.14 -11.70
C SER A 27 -0.72 -6.76 -13.16
N VAL A 28 -1.68 -5.88 -13.52
CA VAL A 28 -1.84 -5.49 -14.91
C VAL A 28 -1.07 -4.21 -15.16
N SER A 29 -0.05 -3.91 -14.32
CA SER A 29 0.72 -2.71 -14.51
C SER A 29 1.71 -2.97 -15.60
N PRO A 30 2.19 -1.92 -16.24
CA PRO A 30 3.17 -2.03 -17.32
C PRO A 30 4.43 -2.72 -16.89
N VAL A 31 4.78 -2.60 -15.59
CA VAL A 31 5.97 -3.23 -15.08
C VAL A 31 5.82 -4.72 -15.18
N PHE A 32 4.63 -5.24 -14.80
CA PHE A 32 4.36 -6.67 -14.84
C PHE A 32 5.45 -7.44 -14.14
N PRO A 33 5.51 -7.29 -12.84
CA PRO A 33 6.51 -7.98 -12.04
C PRO A 33 6.11 -9.39 -11.73
N GLN A 34 6.47 -10.32 -12.63
CA GLN A 34 6.12 -11.72 -12.46
C GLN A 34 6.77 -12.27 -11.23
N GLN A 35 8.03 -11.84 -10.97
CA GLN A 35 8.76 -12.33 -9.81
C GLN A 35 8.06 -11.92 -8.54
N GLU A 36 7.47 -10.70 -8.51
CA GLU A 36 6.82 -10.22 -7.32
C GLU A 36 5.46 -10.83 -7.17
N LYS A 37 4.96 -11.60 -8.17
CA LYS A 37 3.63 -12.17 -8.06
C LYS A 37 3.55 -13.08 -6.85
N GLU A 38 4.61 -13.86 -6.56
CA GLU A 38 4.55 -14.74 -5.41
C GLU A 38 4.52 -13.90 -4.15
N ASP A 39 5.20 -12.73 -4.17
CA ASP A 39 5.23 -11.86 -3.02
C ASP A 39 3.86 -11.25 -2.87
N MET A 40 3.23 -10.91 -4.01
CA MET A 40 1.92 -10.28 -3.99
C MET A 40 0.92 -11.22 -3.37
N GLU A 41 1.03 -12.53 -3.66
CA GLU A 41 0.10 -13.49 -3.09
C GLU A 41 0.29 -13.52 -1.60
N SER A 42 1.56 -13.45 -1.14
CA SER A 42 1.84 -13.47 0.28
C SER A 42 1.29 -12.20 0.90
N ILE A 43 1.44 -11.06 0.20
CA ILE A 43 0.96 -9.79 0.70
C ILE A 43 -0.55 -9.86 0.86
N VAL A 44 -1.25 -10.44 -0.13
CA VAL A 44 -2.71 -10.51 -0.06
C VAL A 44 -3.09 -11.28 1.17
N GLU A 45 -2.44 -12.44 1.41
CA GLU A 45 -2.76 -13.25 2.55
C GLU A 45 -2.45 -12.50 3.81
N THR A 46 -1.35 -11.75 3.83
CA THR A 46 -0.94 -11.01 5.01
C THR A 46 -1.95 -9.92 5.28
N MET A 47 -2.40 -9.18 4.24
CA MET A 47 -3.36 -8.12 4.46
C MET A 47 -4.64 -8.70 5.01
N MET A 48 -5.06 -9.86 4.47
CA MET A 48 -6.28 -10.49 4.93
C MET A 48 -6.07 -10.97 6.35
N SER A 49 -4.86 -11.50 6.64
CA SER A 49 -4.59 -11.99 7.97
C SER A 49 -4.60 -10.84 8.94
N ALA A 50 -4.04 -9.68 8.52
CA ALA A 50 -3.96 -8.53 9.38
C ALA A 50 -5.34 -8.03 9.73
N ILE A 51 -6.27 -7.96 8.75
CA ILE A 51 -7.59 -7.45 9.04
C ILE A 51 -8.33 -8.45 9.87
N SER A 52 -8.08 -9.75 9.60
CA SER A 52 -8.74 -10.80 10.34
C SER A 52 -8.30 -10.74 11.79
N GLY A 53 -6.98 -10.54 12.02
CA GLY A 53 -6.45 -10.48 13.36
C GLY A 53 -7.03 -9.31 14.09
N VAL A 54 -7.12 -8.13 13.42
CA VAL A 54 -7.65 -6.95 14.07
C VAL A 54 -9.10 -7.19 14.38
N SER A 55 -9.84 -7.73 13.39
CA SER A 55 -11.26 -8.02 13.58
C SER A 55 -11.98 -6.71 13.75
N THR A 56 -12.94 -6.65 14.69
CA THR A 56 -13.68 -5.44 14.92
C THR A 56 -13.45 -5.04 16.34
N SER A 57 -13.09 -3.76 16.56
CA SER A 57 -12.84 -3.28 17.90
C SER A 57 -13.39 -1.89 17.97
N ARG A 58 -13.97 -1.53 19.14
CA ARG A 58 -14.54 -0.22 19.32
C ARG A 58 -13.66 0.54 20.27
N GLY A 59 -13.29 1.77 19.88
CA GLY A 59 -12.45 2.59 20.73
C GLY A 59 -11.05 2.50 20.22
N SER A 60 -10.76 1.47 19.40
CA SER A 60 -9.44 1.32 18.84
C SER A 60 -9.56 1.48 17.37
N SER A 61 -10.63 2.18 16.92
CA SER A 61 -10.86 2.38 15.51
C SER A 61 -9.72 3.16 14.92
N GLU A 62 -9.22 4.18 15.65
CA GLU A 62 -8.13 4.99 15.16
C GLU A 62 -6.91 4.12 15.00
N ALA A 63 -6.69 3.22 15.98
CA ALA A 63 -5.53 2.34 15.92
C ALA A 63 -5.66 1.44 14.72
N THR A 64 -6.89 0.95 14.46
CA THR A 64 -7.12 0.05 13.35
C THR A 64 -6.83 0.77 12.05
N LEU A 65 -7.31 2.03 11.94
CA LEU A 65 -7.10 2.77 10.72
C LEU A 65 -5.63 2.97 10.48
N GLN A 66 -4.88 3.33 11.53
CA GLN A 66 -3.47 3.56 11.38
C GLN A 66 -2.75 2.26 11.12
N ALA A 67 -3.14 1.19 11.81
CA ALA A 67 -2.46 -0.08 11.63
C ALA A 67 -2.64 -0.58 10.23
N MET A 68 -3.85 -0.46 9.66
CA MET A 68 -4.08 -0.94 8.32
C MET A 68 -3.40 -0.05 7.32
N ASN A 69 -3.52 1.28 7.51
CA ASN A 69 -2.90 2.20 6.57
C ASN A 69 -1.40 1.99 6.62
N MET A 70 -0.82 1.84 7.82
CA MET A 70 0.60 1.64 7.95
C MET A 70 0.97 0.29 7.39
N ALA A 71 0.15 -0.76 7.65
CA ALA A 71 0.48 -2.08 7.17
C ALA A 71 0.47 -2.08 5.66
N PHE A 72 -0.54 -1.42 5.06
CA PHE A 72 -0.69 -1.36 3.64
C PHE A 72 0.50 -0.65 3.04
N ALA A 73 0.82 0.53 3.56
CA ALA A 73 1.91 1.30 3.02
C ALA A 73 3.21 0.59 3.26
N SER A 74 3.39 -0.03 4.45
CA SER A 74 4.63 -0.72 4.77
C SER A 74 4.85 -1.85 3.81
N SER A 75 3.79 -2.64 3.49
CA SER A 75 3.95 -3.76 2.60
C SER A 75 4.41 -3.29 1.24
N MET A 76 3.76 -2.23 0.71
CA MET A 76 4.14 -1.73 -0.59
C MET A 76 5.51 -1.12 -0.49
N ALA A 77 5.81 -0.47 0.65
CA ALA A 77 7.10 0.16 0.84
C ALA A 77 8.17 -0.88 0.78
N GLU A 78 7.92 -2.09 1.33
CA GLU A 78 8.92 -3.14 1.32
C GLU A 78 9.25 -3.48 -0.10
N LEU A 79 8.22 -3.60 -0.98
CA LEU A 79 8.46 -3.92 -2.37
C LEU A 79 9.21 -2.78 -3.00
N VAL A 80 8.82 -1.53 -2.63
CA VAL A 80 9.45 -0.35 -3.17
C VAL A 80 10.91 -0.31 -2.80
N ILE A 81 11.26 -0.68 -1.55
CA ILE A 81 12.65 -0.64 -1.14
C ILE A 81 13.47 -1.55 -2.00
N ALA A 82 12.99 -2.80 -2.21
CA ALA A 82 13.75 -3.74 -2.99
C ALA A 82 13.92 -3.23 -4.39
N GLU A 83 12.83 -2.70 -4.98
CA GLU A 83 12.90 -2.22 -6.33
C GLU A 83 13.74 -0.97 -6.40
N ASP A 84 13.63 -0.07 -5.41
CA ASP A 84 14.37 1.18 -5.44
C ASP A 84 15.86 0.94 -5.41
N VAL A 85 16.33 0.07 -4.50
CA VAL A 85 17.76 -0.16 -4.40
C VAL A 85 18.25 -0.85 -5.65
N ASN A 86 17.50 -1.87 -6.11
CA ASN A 86 17.93 -2.61 -7.27
C ASN A 86 17.82 -1.78 -8.54
N ASN A 87 16.75 -0.97 -8.69
CA ASN A 87 16.63 -0.18 -9.89
C ASN A 87 15.59 0.88 -9.62
N PRO A 88 16.02 2.12 -9.44
CA PRO A 88 15.12 3.22 -9.17
C PRO A 88 14.25 3.59 -10.34
N ASP A 89 14.63 3.16 -11.56
CA ASP A 89 13.86 3.48 -12.74
C ASP A 89 12.52 2.80 -12.62
N SER A 90 12.51 1.57 -12.06
CA SER A 90 11.30 0.81 -11.90
C SER A 90 10.37 1.54 -10.98
N ILE A 91 10.94 2.19 -9.95
CA ILE A 91 10.13 2.91 -8.97
C ILE A 91 9.40 4.03 -9.64
N ALA A 92 10.07 4.76 -10.56
CA ALA A 92 9.41 5.88 -11.22
C ALA A 92 8.22 5.37 -12.00
N GLU A 93 8.38 4.24 -12.71
CA GLU A 93 7.29 3.69 -13.50
C GLU A 93 6.23 3.15 -12.58
N LYS A 94 6.65 2.48 -11.48
CA LYS A 94 5.72 1.89 -10.55
C LYS A 94 4.92 2.98 -9.88
N THR A 95 5.58 4.11 -9.53
CA THR A 95 4.90 5.20 -8.87
C THR A 95 3.83 5.74 -9.77
N GLU A 96 4.13 5.88 -11.08
CA GLU A 96 3.15 6.39 -12.01
C GLU A 96 1.97 5.47 -12.06
N ALA A 97 2.23 4.13 -12.12
CA ALA A 97 1.15 3.17 -12.18
C ALA A 97 0.34 3.23 -10.91
N LEU A 98 1.02 3.34 -9.75
CA LEU A 98 0.32 3.38 -8.48
C LEU A 98 -0.49 4.64 -8.38
N SER A 99 0.04 5.76 -8.91
CA SER A 99 -0.67 7.02 -8.82
C SER A 99 -1.98 6.88 -9.53
N GLN A 100 -1.97 6.24 -10.71
CA GLN A 100 -3.18 6.05 -11.48
C GLN A 100 -4.09 5.08 -10.76
N ALA A 101 -3.50 4.01 -10.17
CA ALA A 101 -4.29 3.01 -9.49
C ALA A 101 -4.99 3.62 -8.30
N LEU A 102 -4.26 4.45 -7.51
CA LEU A 102 -4.84 5.04 -6.34
C LEU A 102 -5.97 5.96 -6.73
N LYS A 103 -5.76 6.76 -7.80
CA LYS A 103 -6.76 7.69 -8.24
C LYS A 103 -8.01 6.97 -8.63
N GLN A 104 -7.89 5.90 -9.44
CA GLN A 104 -9.05 5.18 -9.90
C GLN A 104 -9.69 4.45 -8.75
N CYS A 105 -8.89 3.85 -7.87
CA CYS A 105 -9.44 3.10 -6.76
C CYS A 105 -10.17 4.00 -5.79
N PHE A 106 -9.62 5.19 -5.47
CA PHE A 106 -10.30 6.06 -4.53
C PHE A 106 -11.56 6.58 -5.16
N ARG A 107 -11.51 6.87 -6.46
CA ARG A 107 -12.68 7.39 -7.16
C ARG A 107 -13.75 6.34 -7.21
N SER A 108 -13.36 5.05 -7.34
CA SER A 108 -14.34 3.99 -7.47
C SER A 108 -14.77 3.50 -6.11
N THR A 109 -14.18 3.99 -5.00
CA THR A 109 -14.59 3.51 -3.70
C THR A 109 -15.29 4.61 -2.97
N MET A 110 -14.51 5.51 -2.33
CA MET A 110 -15.09 6.60 -1.58
C MET A 110 -15.70 7.60 -2.52
N GLY A 111 -15.15 7.71 -3.75
CA GLY A 111 -15.69 8.66 -4.69
C GLY A 111 -15.23 10.03 -4.29
N THR A 112 -13.95 10.13 -3.87
CA THR A 112 -13.41 11.40 -3.46
C THR A 112 -12.03 11.49 -4.04
N VAL A 113 -11.57 12.74 -4.28
CA VAL A 113 -10.26 12.95 -4.86
C VAL A 113 -9.35 13.41 -3.75
N ASN A 114 -9.65 13.01 -2.50
CA ASN A 114 -8.82 13.40 -1.38
C ASN A 114 -7.48 12.73 -1.56
N ARG A 115 -6.41 13.56 -1.62
CA ARG A 115 -5.08 13.02 -1.83
C ARG A 115 -4.33 13.05 -0.53
N GLN A 116 -5.02 13.26 0.61
CA GLN A 116 -4.33 13.30 1.88
C GLN A 116 -3.72 11.94 2.16
N PHE A 117 -4.47 10.85 1.86
CA PHE A 117 -3.95 9.52 2.11
C PHE A 117 -2.83 9.26 1.16
N ILE A 118 -3.02 9.67 -0.11
CA ILE A 118 -2.03 9.44 -1.13
C ILE A 118 -0.75 10.14 -0.76
N THR A 119 -0.85 11.41 -0.32
CA THR A 119 0.32 12.18 0.03
C THR A 119 1.03 11.55 1.19
N GLU A 120 0.28 11.15 2.24
CA GLU A 120 0.91 10.56 3.40
C GLU A 120 1.55 9.25 3.04
N ILE A 121 0.87 8.42 2.21
CA ILE A 121 1.43 7.13 1.84
C ILE A 121 2.69 7.34 1.06
N LYS A 122 2.68 8.25 0.06
CA LYS A 122 3.87 8.47 -0.74
C LYS A 122 4.99 9.03 0.10
N HIS A 123 4.67 9.95 1.02
CA HIS A 123 5.71 10.54 1.84
C HIS A 123 6.31 9.47 2.73
N LEU A 124 5.47 8.63 3.37
CA LEU A 124 6.01 7.61 4.24
C LEU A 124 6.75 6.59 3.44
N MET A 125 6.24 6.26 2.25
CA MET A 125 6.87 5.28 1.39
C MET A 125 8.24 5.76 1.01
N THR A 126 8.34 7.06 0.62
CA THR A 126 9.60 7.63 0.23
C THR A 126 10.53 7.67 1.42
N MET A 127 10.01 8.06 2.60
CA MET A 127 10.83 8.17 3.78
C MET A 127 11.36 6.82 4.19
N PHE A 128 10.53 5.76 4.12
CA PHE A 128 10.98 4.45 4.53
C PHE A 128 11.99 3.93 3.56
N ALA A 129 11.72 4.13 2.25
CA ALA A 129 12.63 3.64 1.24
C ALA A 129 13.94 4.39 1.31
N ALA A 130 13.88 5.71 1.55
CA ALA A 130 15.09 6.51 1.62
C ALA A 130 15.95 6.04 2.77
N GLU A 131 15.32 5.78 3.94
CA GLU A 131 16.06 5.34 5.09
C GLU A 131 16.63 3.97 4.83
N ALA A 132 15.83 3.09 4.21
CA ALA A 132 16.27 1.75 3.93
C ALA A 132 17.42 1.78 2.96
N ALA A 133 17.36 2.68 1.96
CA ALA A 133 18.41 2.77 0.97
C ALA A 133 19.69 3.20 1.64
N GLN A 134 19.60 4.14 2.60
CA GLN A 134 20.80 4.59 3.29
C GLN A 134 21.38 3.43 4.04
N GLU A 135 20.50 2.62 4.67
CA GLU A 135 20.96 1.47 5.43
C GLU A 135 21.58 0.49 4.48
N ALA A 136 20.95 0.27 3.29
CA ALA A 136 21.49 -0.69 2.35
C ALA A 136 22.83 -0.22 1.86
N ALA A 137 22.96 1.10 1.60
CA ALA A 137 24.22 1.64 1.13
C ALA A 137 25.27 1.47 2.19
N ALA A 138 24.89 1.72 3.47
CA ALA A 138 25.83 1.59 4.56
C ALA A 138 26.26 0.16 4.67
N GLY A 139 25.30 -0.78 4.49
CA GLY A 139 25.62 -2.19 4.57
C GLY A 139 26.04 -2.51 5.97
N ASP A 140 27.22 -3.14 6.12
CA ASP A 140 27.70 -3.49 7.43
C ASP A 140 28.56 -2.36 7.95
N ASN A 141 28.72 -1.30 7.12
CA ASN A 141 29.53 -0.15 7.52
C ASN A 141 30.97 -0.56 7.46
N GLU A 142 31.88 0.37 7.85
CA GLU A 142 33.29 0.06 7.83
C GLU A 142 33.94 0.81 9.00
N GLY A 1 -27.42 20.42 15.20
CA GLY A 1 -25.94 20.35 15.09
C GLY A 1 -25.57 19.65 13.82
N SER A 2 -24.26 19.55 13.53
CA SER A 2 -23.81 18.90 12.34
C SER A 2 -22.79 17.88 12.75
N MET A 3 -22.72 16.76 11.99
CA MET A 3 -21.77 15.73 12.32
C MET A 3 -21.50 14.97 11.06
N SER A 4 -20.39 14.21 11.03
CA SER A 4 -20.06 13.45 9.85
C SER A 4 -19.29 12.25 10.33
N SER A 5 -19.49 11.10 9.66
CA SER A 5 -18.80 9.90 10.04
C SER A 5 -18.69 9.05 8.81
N LYS A 6 -17.57 8.30 8.70
CA LYS A 6 -17.38 7.45 7.55
C LYS A 6 -16.51 6.32 7.98
N SER A 7 -16.52 5.22 7.20
CA SER A 7 -15.71 4.07 7.52
C SER A 7 -14.76 3.86 6.39
N PRO A 8 -13.53 4.29 6.55
CA PRO A 8 -12.53 4.13 5.53
C PRO A 8 -12.00 2.73 5.45
N TRP A 9 -11.01 2.38 6.31
CA TRP A 9 -10.47 1.05 6.29
C TRP A 9 -11.13 0.26 7.38
N ALA A 10 -11.97 0.93 8.20
CA ALA A 10 -12.67 0.27 9.28
C ALA A 10 -13.58 -0.77 8.69
N ASN A 11 -14.22 -0.44 7.56
CA ASN A 11 -15.12 -1.36 6.92
C ASN A 11 -14.25 -2.28 6.10
N PRO A 12 -14.29 -3.57 6.40
CA PRO A 12 -13.48 -4.55 5.69
C PRO A 12 -13.82 -4.67 4.24
N LYS A 13 -15.07 -4.36 3.88
CA LYS A 13 -15.49 -4.44 2.50
C LYS A 13 -14.71 -3.42 1.71
N LYS A 14 -14.60 -2.18 2.25
CA LYS A 14 -13.90 -1.14 1.56
C LYS A 14 -12.43 -1.45 1.59
N ALA A 15 -11.96 -1.97 2.74
CA ALA A 15 -10.55 -2.29 2.88
C ALA A 15 -10.16 -3.35 1.89
N ASN A 16 -11.00 -4.40 1.74
CA ASN A 16 -10.67 -5.47 0.81
C ASN A 16 -10.65 -4.93 -0.60
N ALA A 17 -11.62 -4.06 -0.95
CA ALA A 17 -11.67 -3.51 -2.28
C ALA A 17 -10.45 -2.65 -2.53
N PHE A 18 -10.08 -1.82 -1.53
CA PHE A 18 -8.94 -0.95 -1.66
C PHE A 18 -7.68 -1.77 -1.83
N MET A 19 -7.48 -2.76 -0.94
CA MET A 19 -6.29 -3.57 -1.01
C MET A 19 -6.27 -4.32 -2.31
N LYS A 20 -7.42 -4.89 -2.73
CA LYS A 20 -7.48 -5.65 -3.94
C LYS A 20 -7.17 -4.79 -5.13
N CYS A 21 -7.66 -3.52 -5.17
CA CYS A 21 -7.42 -2.68 -6.32
C CYS A 21 -5.94 -2.39 -6.42
N LEU A 22 -5.25 -2.31 -5.25
CA LEU A 22 -3.83 -2.03 -5.27
C LEU A 22 -3.12 -3.20 -5.88
N ILE A 23 -3.56 -4.43 -5.54
CA ILE A 23 -2.89 -5.62 -6.05
C ILE A 23 -3.19 -5.75 -7.52
N GLN A 24 -4.46 -5.56 -7.90
CA GLN A 24 -4.85 -5.72 -9.29
C GLN A 24 -4.20 -4.68 -10.14
N LYS A 25 -4.12 -3.41 -9.67
CA LYS A 25 -3.50 -2.38 -10.48
C LYS A 25 -2.06 -2.71 -10.72
N ILE A 26 -1.36 -3.25 -9.70
CA ILE A 26 0.02 -3.61 -9.88
C ILE A 26 0.08 -4.72 -10.89
N SER A 27 -0.85 -5.68 -10.79
CA SER A 27 -0.87 -6.81 -11.71
C SER A 27 -1.10 -6.35 -13.12
N VAL A 28 -2.04 -5.40 -13.33
CA VAL A 28 -2.34 -4.96 -14.68
C VAL A 28 -1.55 -3.71 -14.98
N SER A 29 -0.46 -3.46 -14.22
CA SER A 29 0.33 -2.28 -14.46
C SER A 29 1.22 -2.58 -15.63
N PRO A 30 1.70 -1.54 -16.29
CA PRO A 30 2.58 -1.69 -17.45
C PRO A 30 3.84 -2.47 -17.15
N VAL A 31 4.31 -2.40 -15.88
CA VAL A 31 5.51 -3.11 -15.49
C VAL A 31 5.25 -4.58 -15.57
N PHE A 32 4.05 -5.02 -15.08
CA PHE A 32 3.67 -6.42 -15.09
C PHE A 32 4.74 -7.26 -14.43
N PRO A 33 4.87 -7.11 -13.13
CA PRO A 33 5.85 -7.88 -12.37
C PRO A 33 5.33 -9.24 -11.99
N GLN A 34 5.29 -10.16 -12.98
CA GLN A 34 4.78 -11.50 -12.73
C GLN A 34 5.71 -12.22 -11.79
N GLN A 35 6.98 -11.79 -11.71
CA GLN A 35 7.93 -12.42 -10.83
C GLN A 35 7.50 -12.20 -9.40
N GLU A 36 7.00 -10.98 -9.12
CA GLU A 36 6.58 -10.63 -7.78
C GLU A 36 5.15 -11.06 -7.56
N LYS A 37 4.48 -11.61 -8.60
CA LYS A 37 3.09 -12.02 -8.47
C LYS A 37 2.96 -13.04 -7.36
N GLU A 38 3.92 -13.98 -7.24
CA GLU A 38 3.83 -14.98 -6.19
C GLU A 38 3.90 -14.29 -4.85
N ASP A 39 4.78 -13.28 -4.72
CA ASP A 39 4.91 -12.56 -3.48
C ASP A 39 3.64 -11.79 -3.22
N MET A 40 3.04 -11.23 -4.29
CA MET A 40 1.82 -10.44 -4.17
C MET A 40 0.72 -11.30 -3.62
N GLU A 41 0.63 -12.57 -4.07
CA GLU A 41 -0.41 -13.45 -3.58
C GLU A 41 -0.20 -13.68 -2.11
N SER A 42 1.07 -13.84 -1.69
CA SER A 42 1.38 -14.08 -0.29
C SER A 42 1.00 -12.85 0.51
N ILE A 43 1.27 -11.65 -0.06
CA ILE A 43 0.96 -10.42 0.61
C ILE A 43 -0.52 -10.33 0.87
N VAL A 44 -1.36 -10.67 -0.12
CA VAL A 44 -2.80 -10.57 0.05
C VAL A 44 -3.22 -11.47 1.18
N GLU A 45 -2.72 -12.71 1.22
CA GLU A 45 -3.11 -13.64 2.26
C GLU A 45 -2.68 -13.10 3.59
N THR A 46 -1.49 -12.50 3.66
CA THR A 46 -0.98 -11.96 4.90
C THR A 46 -1.82 -10.78 5.33
N MET A 47 -2.18 -9.90 4.38
CA MET A 47 -2.98 -8.74 4.74
C MET A 47 -4.32 -9.20 5.22
N MET A 48 -4.89 -10.24 4.58
CA MET A 48 -6.18 -10.75 5.01
C MET A 48 -6.03 -11.30 6.39
N SER A 49 -4.89 -11.98 6.67
CA SER A 49 -4.66 -12.55 7.96
C SER A 49 -4.58 -11.44 8.98
N ALA A 50 -3.91 -10.33 8.62
CA ALA A 50 -3.76 -9.22 9.53
C ALA A 50 -5.12 -8.63 9.84
N ILE A 51 -5.99 -8.51 8.81
CA ILE A 51 -7.32 -7.96 9.03
C ILE A 51 -8.07 -8.87 9.96
N SER A 52 -7.97 -10.19 9.73
CA SER A 52 -8.67 -11.15 10.55
C SER A 52 -8.14 -11.10 11.96
N GLY A 53 -6.81 -10.96 12.12
CA GLY A 53 -6.21 -10.92 13.45
C GLY A 53 -6.69 -9.72 14.20
N VAL A 54 -6.74 -8.55 13.55
CA VAL A 54 -7.17 -7.34 14.22
C VAL A 54 -8.64 -7.44 14.52
N SER A 55 -9.42 -7.98 13.56
CA SER A 55 -10.86 -8.11 13.75
C SER A 55 -11.13 -9.06 14.87
N THR A 56 -12.22 -8.78 15.63
CA THR A 56 -12.61 -9.63 16.74
C THR A 56 -11.61 -9.45 17.85
N SER A 57 -11.44 -8.20 18.32
CA SER A 57 -10.52 -7.95 19.39
C SER A 57 -10.94 -6.67 20.05
N ARG A 58 -10.43 -6.42 21.27
CA ARG A 58 -10.78 -5.22 21.99
C ARG A 58 -9.58 -4.32 21.91
N GLY A 59 -9.77 -3.09 21.40
CA GLY A 59 -8.67 -2.18 21.30
C GLY A 59 -9.18 -0.89 20.75
N SER A 60 -8.26 0.04 20.43
CA SER A 60 -8.64 1.32 19.90
C SER A 60 -8.96 1.14 18.45
N SER A 61 -10.13 1.68 18.00
CA SER A 61 -10.53 1.56 16.62
C SER A 61 -9.62 2.44 15.79
N GLU A 62 -9.15 3.57 16.37
CA GLU A 62 -8.27 4.46 15.66
C GLU A 62 -6.98 3.74 15.38
N ALA A 63 -6.52 2.91 16.35
CA ALA A 63 -5.29 2.17 16.18
C ALA A 63 -5.41 1.26 15.00
N THR A 64 -6.60 0.63 14.84
CA THR A 64 -6.83 -0.28 13.74
C THR A 64 -6.75 0.47 12.44
N LEU A 65 -7.38 1.66 12.39
CA LEU A 65 -7.38 2.44 11.16
C LEU A 65 -5.99 2.85 10.81
N GLN A 66 -5.21 3.30 11.80
CA GLN A 66 -3.86 3.75 11.54
C GLN A 66 -2.99 2.58 11.19
N ALA A 67 -3.15 1.46 11.93
CA ALA A 67 -2.31 0.30 11.70
C ALA A 67 -2.57 -0.27 10.33
N MET A 68 -3.84 -0.38 9.90
CA MET A 68 -4.12 -0.95 8.59
C MET A 68 -3.67 0.00 7.52
N ASN A 69 -3.89 1.33 7.70
CA ASN A 69 -3.48 2.28 6.69
C ASN A 69 -1.98 2.22 6.56
N MET A 70 -1.27 2.14 7.71
CA MET A 70 0.17 2.07 7.70
C MET A 70 0.58 0.76 7.09
N ALA A 71 -0.16 -0.33 7.39
CA ALA A 71 0.17 -1.63 6.89
C ALA A 71 0.13 -1.65 5.39
N PHE A 72 -0.85 -0.95 4.76
CA PHE A 72 -0.96 -0.95 3.32
C PHE A 72 0.27 -0.32 2.76
N ALA A 73 0.63 0.87 3.30
CA ALA A 73 1.78 1.58 2.81
C ALA A 73 3.03 0.80 3.08
N SER A 74 3.12 0.15 4.26
CA SER A 74 4.31 -0.60 4.64
C SER A 74 4.52 -1.74 3.67
N SER A 75 3.45 -2.45 3.28
CA SER A 75 3.59 -3.57 2.39
C SER A 75 4.12 -3.09 1.05
N MET A 76 3.54 -2.00 0.52
CA MET A 76 3.98 -1.48 -0.76
C MET A 76 5.38 -0.94 -0.60
N ALA A 77 5.67 -0.32 0.57
CA ALA A 77 6.97 0.25 0.83
C ALA A 77 8.01 -0.84 0.80
N GLU A 78 7.68 -2.04 1.32
CA GLU A 78 8.64 -3.13 1.33
C GLU A 78 9.01 -3.46 -0.09
N LEU A 79 8.01 -3.53 -0.98
CA LEU A 79 8.26 -3.84 -2.38
C LEU A 79 9.07 -2.72 -2.98
N VAL A 80 8.74 -1.46 -2.60
CA VAL A 80 9.42 -0.30 -3.12
C VAL A 80 10.86 -0.33 -2.71
N ILE A 81 11.16 -0.70 -1.45
CA ILE A 81 12.54 -0.72 -0.98
C ILE A 81 13.35 -1.67 -1.81
N ALA A 82 12.84 -2.90 -2.02
CA ALA A 82 13.60 -3.88 -2.77
C ALA A 82 13.83 -3.40 -4.16
N GLU A 83 12.80 -2.85 -4.81
CA GLU A 83 12.95 -2.39 -6.17
C GLU A 83 13.82 -1.16 -6.22
N ASP A 84 13.69 -0.24 -5.25
CA ASP A 84 14.44 0.99 -5.27
C ASP A 84 15.92 0.73 -5.19
N VAL A 85 16.36 -0.13 -4.25
CA VAL A 85 17.78 -0.38 -4.09
C VAL A 85 18.30 -1.12 -5.31
N ASN A 86 17.54 -2.13 -5.77
CA ASN A 86 17.99 -2.92 -6.90
C ASN A 86 17.95 -2.12 -8.18
N ASN A 87 16.91 -1.29 -8.40
CA ASN A 87 16.84 -0.52 -9.62
C ASN A 87 15.79 0.56 -9.44
N PRO A 88 16.23 1.79 -9.27
CA PRO A 88 15.32 2.91 -9.07
C PRO A 88 14.49 3.25 -10.28
N ASP A 89 14.90 2.75 -11.47
CA ASP A 89 14.16 3.05 -12.68
C ASP A 89 12.80 2.42 -12.57
N SER A 90 12.75 1.22 -11.96
CA SER A 90 11.50 0.50 -11.80
C SER A 90 10.59 1.31 -10.92
N ILE A 91 11.16 1.95 -9.88
CA ILE A 91 10.36 2.74 -8.96
C ILE A 91 9.74 3.89 -9.68
N ALA A 92 10.47 4.54 -10.60
CA ALA A 92 9.92 5.67 -11.31
C ALA A 92 8.71 5.22 -12.08
N GLU A 93 8.78 4.04 -12.72
CA GLU A 93 7.66 3.56 -13.48
C GLU A 93 6.54 3.14 -12.56
N LYS A 94 6.88 2.48 -11.43
CA LYS A 94 5.87 2.02 -10.50
C LYS A 94 5.17 3.18 -9.85
N THR A 95 5.91 4.26 -9.48
CA THR A 95 5.28 5.38 -8.82
C THR A 95 4.32 6.05 -9.76
N GLU A 96 4.67 6.13 -11.07
CA GLU A 96 3.78 6.76 -12.01
C GLU A 96 2.52 5.94 -12.14
N ALA A 97 2.67 4.59 -12.23
CA ALA A 97 1.51 3.74 -12.38
C ALA A 97 0.70 3.76 -11.11
N LEU A 98 1.36 3.73 -9.94
CA LEU A 98 0.66 3.72 -8.68
C LEU A 98 -0.04 5.02 -8.47
N SER A 99 0.57 6.14 -8.90
CA SER A 99 -0.06 7.44 -8.70
C SER A 99 -1.37 7.44 -9.43
N GLN A 100 -1.38 6.94 -10.68
CA GLN A 100 -2.60 6.90 -11.46
C GLN A 100 -3.55 5.91 -10.86
N ALA A 101 -3.02 4.75 -10.41
CA ALA A 101 -3.86 3.72 -9.84
C ALA A 101 -4.54 4.20 -8.59
N LEU A 102 -3.81 4.92 -7.73
CA LEU A 102 -4.37 5.40 -6.49
C LEU A 102 -5.46 6.38 -6.76
N LYS A 103 -5.26 7.30 -7.74
CA LYS A 103 -6.28 8.29 -8.02
C LYS A 103 -7.53 7.63 -8.50
N GLN A 104 -7.40 6.61 -9.38
CA GLN A 104 -8.57 5.95 -9.90
C GLN A 104 -9.24 5.12 -8.84
N CYS A 105 -8.43 4.44 -7.99
CA CYS A 105 -9.00 3.60 -6.96
C CYS A 105 -9.70 4.44 -5.93
N PHE A 106 -9.06 5.52 -5.44
CA PHE A 106 -9.69 6.35 -4.43
C PHE A 106 -10.90 7.03 -5.00
N ARG A 107 -10.83 7.47 -6.28
CA ARG A 107 -11.94 8.17 -6.89
C ARG A 107 -13.16 7.29 -6.97
N SER A 108 -12.99 6.00 -7.32
CA SER A 108 -14.15 5.14 -7.47
C SER A 108 -14.43 4.34 -6.22
N THR A 109 -13.45 3.55 -5.75
CA THR A 109 -13.67 2.69 -4.60
C THR A 109 -13.96 3.49 -3.35
N MET A 110 -13.15 4.52 -3.07
CA MET A 110 -13.36 5.29 -1.85
C MET A 110 -14.41 6.33 -2.11
N GLY A 111 -14.51 6.83 -3.36
CA GLY A 111 -15.47 7.86 -3.67
C GLY A 111 -14.94 9.16 -3.16
N THR A 112 -13.61 9.21 -2.90
CA THR A 112 -13.00 10.41 -2.40
C THR A 112 -11.95 10.82 -3.40
N VAL A 113 -12.04 12.09 -3.87
CA VAL A 113 -11.09 12.56 -4.85
C VAL A 113 -9.95 13.24 -4.15
N ASN A 114 -10.00 13.35 -2.80
CA ASN A 114 -8.95 14.01 -2.07
C ASN A 114 -7.69 13.20 -2.25
N ARG A 115 -6.57 13.90 -2.53
CA ARG A 115 -5.31 13.23 -2.74
C ARG A 115 -4.49 13.33 -1.49
N GLN A 116 -5.13 13.68 -0.36
CA GLN A 116 -4.41 13.80 0.89
C GLN A 116 -3.88 12.45 1.29
N PHE A 117 -4.70 11.38 1.11
CA PHE A 117 -4.26 10.05 1.47
C PHE A 117 -3.23 9.60 0.48
N ILE A 118 -3.45 9.95 -0.80
CA ILE A 118 -2.56 9.55 -1.86
C ILE A 118 -1.18 10.14 -1.60
N THR A 119 -1.15 11.43 -1.22
CA THR A 119 0.10 12.10 -0.95
C THR A 119 0.79 11.45 0.21
N GLU A 120 0.03 11.14 1.29
CA GLU A 120 0.62 10.53 2.47
C GLU A 120 1.20 9.19 2.11
N ILE A 121 0.49 8.39 1.29
CA ILE A 121 0.99 7.07 0.93
C ILE A 121 2.29 7.22 0.18
N LYS A 122 2.33 8.15 -0.79
CA LYS A 122 3.53 8.35 -1.58
C LYS A 122 4.66 8.80 -0.69
N HIS A 123 4.38 9.72 0.24
CA HIS A 123 5.42 10.23 1.12
C HIS A 123 5.90 9.13 2.03
N LEU A 124 4.98 8.28 2.55
CA LEU A 124 5.40 7.22 3.45
C LEU A 124 6.30 6.26 2.74
N MET A 125 5.97 5.91 1.47
CA MET A 125 6.80 4.96 0.75
C MET A 125 8.15 5.58 0.52
N THR A 126 8.19 6.88 0.17
CA THR A 126 9.44 7.54 -0.11
C THR A 126 10.28 7.63 1.15
N MET A 127 9.66 8.02 2.27
CA MET A 127 10.41 8.18 3.51
C MET A 127 10.90 6.85 4.01
N PHE A 128 10.09 5.79 3.92
CA PHE A 128 10.51 4.50 4.42
C PHE A 128 11.59 3.95 3.55
N ALA A 129 11.42 4.08 2.22
CA ALA A 129 12.41 3.56 1.30
C ALA A 129 13.69 4.32 1.42
N ALA A 130 13.60 5.66 1.60
CA ALA A 130 14.80 6.47 1.71
C ALA A 130 15.60 6.04 2.92
N GLU A 131 14.91 5.82 4.05
CA GLU A 131 15.61 5.43 5.27
C GLU A 131 16.18 4.06 5.09
N ALA A 132 15.43 3.14 4.46
CA ALA A 132 15.89 1.79 4.25
C ALA A 132 17.08 1.80 3.34
N ALA A 133 17.06 2.65 2.30
CA ALA A 133 18.16 2.70 1.35
C ALA A 133 19.41 3.18 2.05
N GLN A 134 19.27 4.17 2.97
CA GLN A 134 20.43 4.67 3.67
C GLN A 134 20.99 3.55 4.52
N GLU A 135 20.09 2.76 5.15
CA GLU A 135 20.53 1.66 5.98
C GLU A 135 21.20 0.63 5.11
N ALA A 136 20.62 0.34 3.92
CA ALA A 136 21.21 -0.66 3.04
C ALA A 136 22.56 -0.20 2.58
N ALA A 137 22.69 1.11 2.25
CA ALA A 137 23.95 1.65 1.79
C ALA A 137 24.96 1.56 2.91
N ALA A 138 24.53 1.86 4.15
CA ALA A 138 25.44 1.82 5.28
C ALA A 138 25.91 0.40 5.47
N GLY A 139 24.98 -0.57 5.32
CA GLY A 139 25.34 -1.96 5.47
C GLY A 139 25.77 -2.19 6.89
N ASP A 140 26.97 -2.78 7.07
CA ASP A 140 27.47 -3.05 8.40
C ASP A 140 28.44 -1.96 8.77
N ASN A 141 28.54 -0.90 7.94
CA ASN A 141 29.46 0.17 8.25
C ASN A 141 28.73 1.14 9.13
N GLU A 142 29.07 1.16 10.43
CA GLU A 142 28.42 2.06 11.34
C GLU A 142 29.42 2.37 12.47
N GLY A 1 -12.81 20.45 11.09
CA GLY A 1 -13.86 19.48 10.72
C GLY A 1 -13.64 19.02 9.31
N SER A 2 -14.52 18.12 8.82
CA SER A 2 -14.38 17.62 7.48
C SER A 2 -15.73 17.73 6.85
N MET A 3 -15.76 17.97 5.51
CA MET A 3 -17.01 18.09 4.81
C MET A 3 -17.72 16.75 4.86
N SER A 4 -16.95 15.66 4.67
CA SER A 4 -17.54 14.34 4.71
C SER A 4 -16.45 13.38 5.06
N SER A 5 -16.82 12.18 5.52
CA SER A 5 -15.83 11.19 5.89
C SER A 5 -16.45 9.86 5.60
N LYS A 6 -15.63 8.91 5.11
CA LYS A 6 -16.12 7.59 4.80
C LYS A 6 -15.16 6.61 5.38
N SER A 7 -15.65 5.39 5.68
CA SER A 7 -14.81 4.36 6.26
C SER A 7 -13.85 3.90 5.19
N PRO A 8 -12.55 3.93 5.49
CA PRO A 8 -11.56 3.47 4.56
C PRO A 8 -11.26 2.00 4.70
N TRP A 9 -10.41 1.65 5.68
CA TRP A 9 -10.07 0.26 5.90
C TRP A 9 -10.93 -0.26 7.02
N ALA A 10 -11.69 0.63 7.68
CA ALA A 10 -12.55 0.24 8.77
C ALA A 10 -13.60 -0.72 8.27
N ASN A 11 -14.14 -0.47 7.06
CA ASN A 11 -15.16 -1.34 6.52
C ASN A 11 -14.42 -2.40 5.73
N PRO A 12 -14.51 -3.65 6.16
CA PRO A 12 -13.82 -4.74 5.48
C PRO A 12 -14.33 -5.02 4.11
N LYS A 13 -15.63 -4.78 3.87
CA LYS A 13 -16.20 -5.02 2.56
C LYS A 13 -15.58 -4.06 1.60
N LYS A 14 -15.49 -2.77 1.99
CA LYS A 14 -14.91 -1.76 1.14
C LYS A 14 -13.43 -2.01 1.04
N ALA A 15 -12.83 -2.46 2.16
CA ALA A 15 -11.39 -2.70 2.19
C ALA A 15 -11.02 -3.72 1.15
N ASN A 16 -11.80 -4.81 1.02
CA ASN A 16 -11.48 -5.82 0.04
C ASN A 16 -11.57 -5.24 -1.36
N ALA A 17 -12.62 -4.44 -1.63
CA ALA A 17 -12.77 -3.87 -2.96
C ALA A 17 -11.64 -2.90 -3.25
N PHE A 18 -11.33 -2.03 -2.27
CA PHE A 18 -10.28 -1.04 -2.46
C PHE A 18 -8.97 -1.76 -2.60
N MET A 19 -8.72 -2.73 -1.71
CA MET A 19 -7.49 -3.49 -1.73
C MET A 19 -7.34 -4.20 -3.04
N LYS A 20 -8.39 -4.92 -3.47
CA LYS A 20 -8.33 -5.68 -4.69
C LYS A 20 -8.11 -4.75 -5.85
N CYS A 21 -8.71 -3.53 -5.80
CA CYS A 21 -8.55 -2.58 -6.89
C CYS A 21 -7.09 -2.27 -7.04
N LEU A 22 -6.40 -1.94 -5.93
CA LEU A 22 -5.00 -1.61 -6.01
C LEU A 22 -4.20 -2.82 -6.41
N ILE A 23 -4.56 -3.99 -5.86
CA ILE A 23 -3.82 -5.20 -6.15
C ILE A 23 -3.92 -5.53 -7.63
N GLN A 24 -5.13 -5.50 -8.20
CA GLN A 24 -5.29 -5.84 -9.59
C GLN A 24 -4.65 -4.80 -10.48
N LYS A 25 -4.77 -3.50 -10.13
CA LYS A 25 -4.20 -2.47 -10.96
C LYS A 25 -2.71 -2.67 -11.03
N ILE A 26 -2.10 -3.03 -9.89
CA ILE A 26 -0.67 -3.26 -9.86
C ILE A 26 -0.35 -4.43 -10.77
N SER A 27 -1.13 -5.52 -10.70
CA SER A 27 -0.83 -6.69 -11.52
C SER A 27 -1.13 -6.42 -12.97
N VAL A 28 -1.89 -5.35 -13.26
CA VAL A 28 -2.21 -5.02 -14.63
C VAL A 28 -0.95 -4.59 -15.32
N SER A 29 -0.05 -3.88 -14.60
CA SER A 29 1.14 -3.38 -15.23
C SER A 29 2.09 -4.54 -15.46
N PRO A 30 2.47 -4.74 -16.72
CA PRO A 30 3.39 -5.80 -17.09
C PRO A 30 4.81 -5.45 -16.78
N VAL A 31 5.02 -4.19 -16.37
CA VAL A 31 6.34 -3.70 -16.04
C VAL A 31 6.84 -4.47 -14.85
N PHE A 32 5.93 -4.73 -13.89
CA PHE A 32 6.31 -5.44 -12.69
C PHE A 32 6.32 -6.91 -13.00
N PRO A 33 7.21 -7.63 -12.35
CA PRO A 33 7.35 -9.06 -12.54
C PRO A 33 6.23 -9.85 -11.91
N GLN A 34 5.97 -11.07 -12.46
CA GLN A 34 4.92 -11.91 -11.94
C GLN A 34 5.34 -12.46 -10.60
N GLN A 35 6.65 -12.40 -10.29
CA GLN A 35 7.14 -12.90 -9.02
C GLN A 35 6.57 -12.04 -7.93
N GLU A 36 6.48 -10.71 -8.19
CA GLU A 36 5.95 -9.79 -7.21
C GLU A 36 4.51 -10.11 -6.95
N LYS A 37 3.78 -10.54 -8.01
CA LYS A 37 2.38 -10.85 -7.88
C LYS A 37 2.19 -11.94 -6.85
N GLU A 38 3.10 -12.94 -6.82
CA GLU A 38 2.97 -14.03 -5.85
C GLU A 38 3.07 -13.45 -4.46
N ASP A 39 4.02 -12.50 -4.26
CA ASP A 39 4.17 -11.89 -2.95
C ASP A 39 2.94 -11.10 -2.62
N MET A 40 2.36 -10.42 -3.65
CA MET A 40 1.18 -9.61 -3.45
C MET A 40 0.04 -10.46 -2.97
N GLU A 41 -0.10 -11.69 -3.52
CA GLU A 41 -1.18 -12.56 -3.10
C GLU A 41 -1.00 -12.92 -1.65
N SER A 42 0.26 -13.16 -1.24
CA SER A 42 0.54 -13.51 0.14
C SER A 42 0.19 -12.34 1.02
N ILE A 43 0.52 -11.11 0.57
CA ILE A 43 0.23 -9.91 1.33
C ILE A 43 -1.26 -9.78 1.51
N VAL A 44 -2.04 -10.03 0.43
CA VAL A 44 -3.48 -9.88 0.51
C VAL A 44 -4.03 -10.80 1.56
N GLU A 45 -3.59 -12.08 1.56
CA GLU A 45 -4.10 -13.03 2.52
C GLU A 45 -3.69 -12.60 3.92
N THR A 46 -2.47 -12.08 4.06
CA THR A 46 -1.98 -11.65 5.36
C THR A 46 -2.76 -10.47 5.85
N MET A 47 -3.06 -9.50 4.96
CA MET A 47 -3.78 -8.32 5.38
C MET A 47 -5.15 -8.72 5.87
N MET A 48 -5.81 -9.66 5.16
CA MET A 48 -7.12 -10.11 5.57
C MET A 48 -6.99 -10.86 6.87
N SER A 49 -5.90 -11.64 7.02
CA SER A 49 -5.71 -12.40 8.24
C SER A 49 -5.55 -11.44 9.38
N ALA A 50 -4.82 -10.33 9.15
CA ALA A 50 -4.60 -9.34 10.19
C ALA A 50 -5.93 -8.72 10.55
N ILE A 51 -6.80 -8.45 9.55
CA ILE A 51 -8.10 -7.85 9.84
C ILE A 51 -8.88 -8.78 10.71
N SER A 52 -8.86 -10.10 10.37
CA SER A 52 -9.60 -11.07 11.13
C SER A 52 -9.04 -11.15 12.54
N GLY A 53 -7.70 -11.12 12.67
CA GLY A 53 -7.08 -11.21 13.97
C GLY A 53 -7.43 -10.00 14.82
N VAL A 54 -7.41 -8.79 14.21
CA VAL A 54 -7.71 -7.58 14.95
C VAL A 54 -9.18 -7.60 15.31
N SER A 55 -10.03 -8.05 14.37
CA SER A 55 -11.47 -8.08 14.62
C SER A 55 -11.73 -9.03 15.76
N THR A 56 -12.74 -8.68 16.59
CA THR A 56 -13.12 -9.50 17.74
C THR A 56 -12.17 -9.22 18.86
N SER A 57 -10.85 -9.37 18.62
CA SER A 57 -9.87 -9.12 19.65
C SER A 57 -9.94 -7.67 20.07
N ARG A 58 -9.97 -6.75 19.08
CA ARG A 58 -10.04 -5.34 19.38
C ARG A 58 -11.30 -4.80 18.78
N GLY A 59 -11.69 -5.32 17.59
CA GLY A 59 -12.88 -4.85 16.95
C GLY A 59 -12.52 -3.66 16.13
N SER A 60 -13.55 -2.86 15.74
CA SER A 60 -13.31 -1.67 14.96
C SER A 60 -12.69 -0.64 15.84
N SER A 61 -11.62 0.02 15.35
CA SER A 61 -10.97 1.03 16.14
C SER A 61 -10.16 1.86 15.19
N GLU A 62 -9.84 3.11 15.59
CA GLU A 62 -9.04 3.99 14.76
C GLU A 62 -7.68 3.36 14.60
N ALA A 63 -7.18 2.73 15.68
CA ALA A 63 -5.89 2.09 15.65
C ALA A 63 -5.90 0.99 14.64
N THR A 64 -7.03 0.28 14.53
CA THR A 64 -7.15 -0.84 13.62
C THR A 64 -6.96 -0.40 12.19
N LEU A 65 -7.59 0.71 11.78
CA LEU A 65 -7.47 1.13 10.40
C LEU A 65 -6.17 1.84 10.18
N GLN A 66 -5.68 2.65 11.15
CA GLN A 66 -4.44 3.35 10.96
C GLN A 66 -3.28 2.38 10.93
N ALA A 67 -3.29 1.38 11.82
CA ALA A 67 -2.21 0.42 11.86
C ALA A 67 -2.21 -0.36 10.58
N MET A 68 -3.42 -0.72 10.08
CA MET A 68 -3.51 -1.49 8.87
C MET A 68 -3.10 -0.63 7.70
N ASN A 69 -3.49 0.66 7.69
CA ASN A 69 -3.12 1.54 6.58
C ASN A 69 -1.63 1.63 6.54
N MET A 70 -0.99 1.76 7.73
CA MET A 70 0.45 1.84 7.81
C MET A 70 1.02 0.54 7.31
N ALA A 71 0.38 -0.59 7.66
CA ALA A 71 0.86 -1.89 7.26
C ALA A 71 0.85 -2.02 5.76
N PHE A 72 -0.21 -1.49 5.08
CA PHE A 72 -0.28 -1.60 3.63
C PHE A 72 0.86 -0.86 3.01
N ALA A 73 1.10 0.38 3.50
CA ALA A 73 2.16 1.18 2.96
C ALA A 73 3.49 0.54 3.26
N SER A 74 3.64 -0.02 4.48
CA SER A 74 4.90 -0.62 4.87
C SER A 74 5.19 -1.82 4.01
N SER A 75 4.16 -2.66 3.71
CA SER A 75 4.38 -3.84 2.91
C SER A 75 4.79 -3.44 1.53
N MET A 76 4.09 -2.44 0.95
CA MET A 76 4.42 -2.00 -0.39
C MET A 76 5.78 -1.35 -0.37
N ALA A 77 6.08 -0.61 0.71
CA ALA A 77 7.36 0.07 0.82
C ALA A 77 8.47 -0.95 0.82
N GLU A 78 8.28 -2.10 1.51
CA GLU A 78 9.34 -3.09 1.56
C GLU A 78 9.62 -3.60 0.17
N LEU A 79 8.55 -3.81 -0.64
CA LEU A 79 8.73 -4.29 -1.99
C LEU A 79 9.43 -3.21 -2.79
N VAL A 80 9.05 -1.94 -2.55
CA VAL A 80 9.62 -0.82 -3.27
C VAL A 80 11.10 -0.72 -2.94
N ILE A 81 11.47 -0.87 -1.65
CA ILE A 81 12.85 -0.74 -1.24
C ILE A 81 13.70 -1.76 -1.92
N ALA A 82 13.20 -2.99 -2.05
CA ALA A 82 13.98 -4.05 -2.64
C ALA A 82 14.40 -3.69 -4.03
N GLU A 83 13.53 -3.04 -4.82
CA GLU A 83 13.90 -2.70 -6.18
C GLU A 83 14.40 -1.29 -6.24
N ASP A 84 14.21 -0.48 -5.17
CA ASP A 84 14.64 0.91 -5.20
C ASP A 84 16.13 1.01 -5.31
N VAL A 85 16.88 0.31 -4.44
CA VAL A 85 18.32 0.41 -4.48
C VAL A 85 18.84 -0.26 -5.72
N ASN A 86 18.27 -1.44 -6.04
CA ASN A 86 18.73 -2.21 -7.18
C ASN A 86 18.44 -1.49 -8.48
N ASN A 87 17.26 -0.82 -8.61
CA ASN A 87 16.96 -0.15 -9.85
C ASN A 87 15.97 0.95 -9.55
N PRO A 88 16.47 2.14 -9.30
CA PRO A 88 15.61 3.29 -9.00
C PRO A 88 14.79 3.76 -10.17
N ASP A 89 15.21 3.39 -11.41
CA ASP A 89 14.48 3.80 -12.59
C ASP A 89 13.14 3.13 -12.58
N SER A 90 13.11 1.86 -12.13
CA SER A 90 11.88 1.11 -12.07
C SER A 90 10.93 1.78 -11.13
N ILE A 91 11.48 2.34 -10.02
CA ILE A 91 10.64 2.98 -9.02
C ILE A 91 9.93 4.15 -9.64
N ALA A 92 10.61 4.93 -10.50
CA ALA A 92 9.97 6.07 -11.12
C ALA A 92 8.79 5.59 -11.93
N GLU A 93 8.97 4.46 -12.65
CA GLU A 93 7.89 3.92 -13.45
C GLU A 93 6.80 3.42 -12.55
N LYS A 94 7.18 2.77 -11.42
CA LYS A 94 6.20 2.24 -10.48
C LYS A 94 5.41 3.37 -9.89
N THR A 95 6.08 4.50 -9.60
CA THR A 95 5.42 5.63 -8.99
C THR A 95 4.35 6.14 -9.91
N GLU A 96 4.66 6.25 -11.22
CA GLU A 96 3.68 6.75 -12.16
C GLU A 96 2.49 5.81 -12.20
N ALA A 97 2.74 4.49 -12.28
CA ALA A 97 1.67 3.53 -12.34
C ALA A 97 0.85 3.55 -11.06
N LEU A 98 1.55 3.64 -9.90
CA LEU A 98 0.86 3.63 -8.62
C LEU A 98 0.05 4.89 -8.46
N SER A 99 0.58 6.03 -8.95
CA SER A 99 -0.14 7.28 -8.83
C SER A 99 -1.46 7.15 -9.55
N GLN A 100 -1.42 6.57 -10.76
CA GLN A 100 -2.64 6.40 -11.53
C GLN A 100 -3.53 5.40 -10.83
N ALA A 101 -2.94 4.34 -10.26
CA ALA A 101 -3.72 3.32 -9.58
C ALA A 101 -4.46 3.92 -8.43
N LEU A 102 -3.79 4.76 -7.63
CA LEU A 102 -4.42 5.35 -6.48
C LEU A 102 -5.55 6.25 -6.91
N LYS A 103 -5.32 7.06 -7.96
CA LYS A 103 -6.35 7.99 -8.41
C LYS A 103 -7.54 7.23 -8.94
N GLN A 104 -7.30 6.17 -9.73
CA GLN A 104 -8.41 5.43 -10.31
C GLN A 104 -9.15 4.66 -9.25
N CYS A 105 -8.42 4.03 -8.31
CA CYS A 105 -9.07 3.25 -7.29
C CYS A 105 -9.84 4.15 -6.35
N PHE A 106 -9.28 5.33 -6.00
CA PHE A 106 -9.98 6.22 -5.08
C PHE A 106 -11.25 6.71 -5.70
N ARG A 107 -11.21 7.08 -7.00
CA ARG A 107 -12.39 7.62 -7.66
C ARG A 107 -13.42 6.53 -7.86
N SER A 108 -12.99 5.25 -7.95
CA SER A 108 -13.94 4.19 -8.21
C SER A 108 -14.41 3.57 -6.92
N THR A 109 -13.93 4.04 -5.74
CA THR A 109 -14.36 3.45 -4.50
C THR A 109 -15.07 4.50 -3.69
N MET A 110 -14.29 5.30 -2.94
CA MET A 110 -14.88 6.32 -2.10
C MET A 110 -15.41 7.42 -2.97
N GLY A 111 -14.78 7.64 -4.14
CA GLY A 111 -15.24 8.68 -5.04
C GLY A 111 -14.71 10.00 -4.54
N THR A 112 -13.65 9.95 -3.71
CA THR A 112 -13.07 11.15 -3.17
C THR A 112 -11.69 11.27 -3.72
N VAL A 113 -11.14 12.50 -3.73
CA VAL A 113 -9.82 12.73 -4.24
C VAL A 113 -8.93 13.11 -3.10
N ASN A 114 -9.25 12.62 -1.88
CA ASN A 114 -8.44 12.93 -0.73
C ASN A 114 -7.05 12.42 -1.00
N ARG A 115 -6.06 13.34 -0.94
CA ARG A 115 -4.69 12.98 -1.23
C ARG A 115 -3.95 12.77 0.06
N GLN A 116 -4.66 12.79 1.21
CA GLN A 116 -3.98 12.62 2.48
C GLN A 116 -3.34 11.25 2.53
N PHE A 117 -4.07 10.19 2.13
CA PHE A 117 -3.53 8.86 2.19
C PHE A 117 -2.47 8.71 1.14
N ILE A 118 -2.75 9.26 -0.06
CA ILE A 118 -1.84 9.17 -1.16
C ILE A 118 -0.53 9.84 -0.82
N THR A 119 -0.61 11.05 -0.22
CA THR A 119 0.59 11.79 0.12
C THR A 119 1.35 11.06 1.19
N GLU A 120 0.64 10.54 2.22
CA GLU A 120 1.32 9.85 3.30
C GLU A 120 2.00 8.61 2.78
N ILE A 121 1.32 7.86 1.90
CA ILE A 121 1.91 6.63 1.38
C ILE A 121 3.15 6.96 0.60
N LYS A 122 3.06 7.97 -0.29
CA LYS A 122 4.20 8.34 -1.11
C LYS A 122 5.32 8.84 -0.24
N HIS A 123 4.98 9.69 0.75
CA HIS A 123 5.98 10.24 1.63
C HIS A 123 6.66 9.15 2.41
N LEU A 124 5.87 8.22 2.99
CA LEU A 124 6.46 7.15 3.78
C LEU A 124 7.29 6.26 2.91
N MET A 125 6.80 5.96 1.69
CA MET A 125 7.53 5.09 0.80
C MET A 125 8.86 5.73 0.46
N THR A 126 8.84 7.03 0.12
CA THR A 126 10.06 7.72 -0.24
C THR A 126 10.97 7.79 0.95
N MET A 127 10.41 8.12 2.14
CA MET A 127 11.21 8.26 3.34
C MET A 127 11.85 6.94 3.70
N PHE A 128 11.11 5.83 3.64
CA PHE A 128 11.65 4.54 4.03
C PHE A 128 12.69 4.13 3.03
N ALA A 129 12.40 4.31 1.73
CA ALA A 129 13.32 3.91 0.70
C ALA A 129 14.57 4.75 0.79
N ALA A 130 14.42 6.07 1.05
CA ALA A 130 15.57 6.94 1.14
C ALA A 130 16.44 6.51 2.29
N GLU A 131 15.82 6.16 3.44
CA GLU A 131 16.57 5.76 4.60
C GLU A 131 17.26 4.46 4.30
N ALA A 132 16.55 3.52 3.66
CA ALA A 132 17.12 2.22 3.34
C ALA A 132 18.27 2.41 2.38
N ALA A 133 18.10 3.30 1.37
CA ALA A 133 19.15 3.54 0.40
C ALA A 133 20.34 4.13 1.08
N GLN A 134 20.11 5.05 2.05
CA GLN A 134 21.21 5.67 2.76
C GLN A 134 21.95 4.59 3.51
N GLU A 135 21.21 3.65 4.12
CA GLU A 135 21.81 2.59 4.88
C GLU A 135 22.58 1.70 3.93
N ALA A 136 22.00 1.40 2.75
CA ALA A 136 22.66 0.53 1.79
C ALA A 136 23.94 1.20 1.32
N ALA A 137 23.88 2.52 1.06
CA ALA A 137 25.04 3.24 0.60
C ALA A 137 26.09 3.23 1.68
N ALA A 138 25.67 3.41 2.95
CA ALA A 138 26.61 3.42 4.05
C ALA A 138 27.26 2.07 4.15
N GLY A 139 26.47 0.99 3.95
CA GLY A 139 27.02 -0.34 4.01
C GLY A 139 27.52 -0.57 5.40
N ASP A 140 28.79 -1.02 5.50
CA ASP A 140 29.38 -1.27 6.79
C ASP A 140 30.59 -0.39 6.90
N ASN A 141 30.51 0.83 6.31
CA ASN A 141 31.60 1.77 6.35
C ASN A 141 32.67 1.29 5.40
N GLU A 142 33.79 2.02 5.33
CA GLU A 142 34.87 1.64 4.44
C GLU A 142 35.76 0.64 5.19
#